data_7RZ7
#
_entry.id   7RZ7
#
_cell.length_a   1.00
_cell.length_b   1.00
_cell.length_c   1.00
_cell.angle_alpha   90.00
_cell.angle_beta   90.00
_cell.angle_gamma   90.00
#
_symmetry.space_group_name_H-M   'P 1'
#
loop_
_entity.id
_entity.type
_entity.pdbx_description
1 polymer 'Glutamate receptor 2'
2 non-polymer '(S)-2-AMINO-3-(3,5-DIOXO-[1,2,4]OXADIAZOLIDIN-2-YL)-PROPIONIC ACID'
#
_entity_poly.entity_id   1
_entity_poly.type   'polypeptide(L)'
_entity_poly.pdbx_seq_one_letter_code
;NSIQIGGLFPRGADQEYSAFRVGMVQFSTSEFRLTPHIDNLEVANSFAVTNAFCSQFSRGVYAIFGFYDKKSVNTITSFC
GTLHVSFITPSFPTDGTHPFVIQMRPDLKGALLSLIEYYQWDKFAYLYDSDRGLSTLQAVLDSAAEKKWQVTAINVGNIN
NDKKDETYRSLFQDLELKKERRVILDCERDKVNDIVDQVITIGKHVKGYHYIIANLGFTDGDLLKIQFGGAEVSGFQIVD
YDDSLVSKFIERWSTLEEKEYPGAHTATIKYTSALTYDAVQVMTEAFRNLRKQRIEISRRGNAGDCLANPAVPWGQGVEI
ERALKQVQVEGLSGNIKFDQNGKRINYTINIMELKTNGPRKIGYWSEVDKMVLTEDDTSGLEQKTVVVTTILESPYVMMK
KNHEMLEGNERYEGYCVDLAAEIAKHCGFKYKLTIVGDGKYGARDADTKIWNGMVGELVYGKADIAIAPLTITLVREEVI
DFSKPFMSLGISIMIKKPQKSKPGVFSFLDPLAYEIWMCIVFAYIGVSVVLFLVSRFSPYEWHTEEFEDGRETQSSESTN
EFGIFNSLWFSLGAFMQQGCDISPRSLSGRIVGGVWWFFTLIIISSYTANLAAFLTVERMVSPIESAEDLSKQTEIAYGT
LDSGSTKEFFRRSKIAVFDKMWTYMRSAEPSVFVRTTAEGVARVRKSKGKYAYLLESTMNEYIEQRKPCDTMKVGGNLDS
KGYGIATPKGSSLGTPVNLAVLKLSEQGVLDKLKNKWWYDKGECGAKDSGSKEKTSALSLSNVAGVFYILVGGLGLAMLV
ALIEFCYKSRAEAKRMKGTGSACGRKALTLLSSVFAVCGLGLLGIAVSTDYWLYLEEGIILPQNQSTEVKMSLHSGLWRV
CFLAGEERGRCFTIEYVMPMNSQMTSESTVNVLKMIRSATPFPLVSLFFMFIGFILSNIGHIRPHRTILAFVSGIFFILS
GLSLVVGLVLYISSINDEMLNRTKDAETYFNYKYGWSFAFAAISFLLTESAGVMSVYLFMKRYTAETGGLVPRGSAAA
;
_entity_poly.pdbx_strand_id   A,B,C,D
#
loop_
_chem_comp.id
_chem_comp.type
_chem_comp.name
_chem_comp.formula
QUS non-polymer '(S)-2-AMINO-3-(3,5-DIOXO-[1,2,4]OXADIAZOLIDIN-2-YL)-PROPIONIC ACID' 'C5 H7 N3 O5'
#
# COMPACT_ATOMS: atom_id res chain seq x y z
N ASN A 1 -46.89 -42.33 69.52
CA ASN A 1 -45.53 -42.61 69.95
C ASN A 1 -44.64 -41.37 69.90
N SER A 2 -43.42 -41.50 70.43
CA SER A 2 -42.47 -40.38 70.51
C SER A 2 -41.20 -40.77 69.78
N ILE A 3 -40.85 -39.98 68.76
CA ILE A 3 -39.66 -40.29 67.98
C ILE A 3 -38.58 -39.26 68.27
N GLN A 4 -37.33 -39.66 68.04
CA GLN A 4 -36.16 -38.93 68.49
C GLN A 4 -35.37 -38.43 67.29
N ILE A 5 -35.08 -37.13 67.28
CA ILE A 5 -34.23 -36.53 66.26
C ILE A 5 -33.11 -35.76 66.94
N GLY A 6 -32.08 -35.45 66.16
CA GLY A 6 -30.90 -34.77 66.67
C GLY A 6 -30.72 -33.42 66.00
N GLY A 7 -30.28 -32.44 66.80
CA GLY A 7 -30.13 -31.09 66.33
C GLY A 7 -28.73 -30.54 66.46
N LEU A 8 -28.21 -29.93 65.40
CA LEU A 8 -26.86 -29.36 65.39
C LEU A 8 -26.96 -27.89 65.03
N PHE A 9 -26.70 -27.05 66.00
CA PHE A 9 -26.92 -25.63 65.85
C PHE A 9 -25.67 -24.84 66.16
N PRO A 10 -25.35 -23.85 65.36
CA PRO A 10 -24.17 -23.02 65.62
C PRO A 10 -24.41 -22.08 66.79
N ARG A 11 -23.32 -21.75 67.45
CA ARG A 11 -23.36 -20.70 68.46
C ARG A 11 -23.44 -19.36 67.75
N GLY A 12 -24.38 -18.53 68.17
CA GLY A 12 -24.72 -17.33 67.43
C GLY A 12 -25.91 -17.48 66.52
N ALA A 13 -26.43 -18.70 66.36
CA ALA A 13 -27.61 -18.93 65.54
C ALA A 13 -28.85 -18.92 66.44
N ASP A 14 -29.19 -17.72 66.90
CA ASP A 14 -30.29 -17.57 67.84
C ASP A 14 -31.63 -17.75 67.15
N GLN A 15 -31.86 -17.04 66.05
CA GLN A 15 -33.17 -16.98 65.41
C GLN A 15 -33.60 -18.33 64.86
N GLU A 16 -32.67 -19.11 64.34
CA GLU A 16 -33.03 -20.39 63.73
C GLU A 16 -33.48 -21.38 64.79
N TYR A 17 -32.82 -21.38 65.94
CA TYR A 17 -33.28 -22.20 67.05
C TYR A 17 -34.60 -21.70 67.59
N SER A 18 -34.81 -20.38 67.57
CA SER A 18 -36.11 -19.83 67.89
C SER A 18 -37.13 -20.24 66.84
N ALA A 19 -36.72 -20.23 65.58
CA ALA A 19 -37.59 -20.75 64.52
C ALA A 19 -37.77 -22.25 64.61
N PHE A 20 -36.88 -22.95 65.31
CA PHE A 20 -37.05 -24.38 65.46
C PHE A 20 -38.15 -24.70 66.46
N ARG A 21 -38.27 -23.91 67.52
CA ARG A 21 -39.29 -24.18 68.53
C ARG A 21 -40.68 -23.83 68.02
N VAL A 22 -40.78 -22.77 67.22
CA VAL A 22 -42.06 -22.35 66.66
C VAL A 22 -42.58 -23.40 65.70
N GLY A 23 -41.67 -24.05 64.97
CA GLY A 23 -42.08 -25.13 64.09
C GLY A 23 -42.55 -26.36 64.83
N MET A 24 -41.95 -26.66 65.98
CA MET A 24 -42.32 -27.87 66.70
C MET A 24 -43.70 -27.73 67.34
N VAL A 25 -43.98 -26.56 67.91
CA VAL A 25 -45.25 -26.35 68.61
C VAL A 25 -46.40 -26.35 67.60
N GLN A 26 -46.19 -25.73 66.44
CA GLN A 26 -47.25 -25.66 65.45
C GLN A 26 -47.46 -27.00 64.74
N PHE A 27 -46.40 -27.66 64.30
CA PHE A 27 -46.57 -28.90 63.55
C PHE A 27 -46.69 -30.11 64.45
N SER A 28 -46.86 -29.92 65.75
CA SER A 28 -47.10 -31.04 66.64
C SER A 28 -48.48 -31.64 66.41
N THR A 29 -48.58 -32.94 66.61
CA THR A 29 -49.85 -33.65 66.59
C THR A 29 -50.11 -34.24 67.95
N SER A 30 -51.32 -34.75 68.15
CA SER A 30 -51.63 -35.47 69.37
C SER A 30 -51.19 -36.93 69.28
N GLU A 31 -51.23 -37.51 68.08
CA GLU A 31 -50.95 -38.93 67.95
C GLU A 31 -49.46 -39.21 68.04
N PHE A 32 -48.69 -38.70 67.09
CA PHE A 32 -47.25 -38.93 67.04
C PHE A 32 -46.53 -37.62 67.34
N ARG A 33 -45.47 -37.70 68.13
CA ARG A 33 -44.73 -36.54 68.56
C ARG A 33 -43.25 -36.73 68.28
N LEU A 34 -42.57 -35.62 67.99
CA LEU A 34 -41.15 -35.63 67.72
C LEU A 34 -40.41 -35.06 68.92
N THR A 35 -39.32 -35.72 69.32
CA THR A 35 -38.51 -35.27 70.45
C THR A 35 -37.15 -34.85 69.94
N PRO A 36 -36.77 -33.58 70.11
CA PRO A 36 -35.44 -33.16 69.67
C PRO A 36 -34.39 -33.44 70.73
N HIS A 37 -33.15 -33.60 70.29
CA HIS A 37 -31.99 -33.42 71.15
C HIS A 37 -31.12 -32.35 70.51
N ILE A 38 -31.02 -31.21 71.18
CA ILE A 38 -30.36 -30.03 70.65
C ILE A 38 -28.91 -30.04 71.12
N ASP A 39 -28.00 -29.71 70.22
CA ASP A 39 -26.61 -29.48 70.59
C ASP A 39 -26.15 -28.16 70.00
N ASN A 40 -25.38 -27.42 70.78
CA ASN A 40 -24.80 -26.16 70.34
C ASN A 40 -23.30 -26.37 70.15
N LEU A 41 -22.78 -25.89 69.03
CA LEU A 41 -21.40 -26.14 68.69
C LEU A 41 -20.84 -25.04 67.81
N GLU A 42 -19.52 -24.97 67.75
CA GLU A 42 -18.91 -24.34 66.60
C GLU A 42 -19.05 -25.27 65.40
N VAL A 43 -19.33 -24.68 64.24
CA VAL A 43 -19.60 -25.47 63.05
C VAL A 43 -18.36 -25.61 62.15
N ALA A 44 -17.36 -24.77 62.33
CA ALA A 44 -16.13 -24.93 61.54
C ALA A 44 -15.22 -26.00 62.12
N ASN A 45 -15.33 -26.28 63.41
CA ASN A 45 -14.53 -27.33 64.02
C ASN A 45 -15.10 -28.68 63.64
N SER A 46 -14.42 -29.37 62.73
CA SER A 46 -14.93 -30.65 62.25
C SER A 46 -14.75 -31.76 63.27
N PHE A 47 -13.90 -31.57 64.28
CA PHE A 47 -13.93 -32.48 65.42
C PHE A 47 -15.26 -32.39 66.14
N ALA A 48 -15.69 -31.16 66.43
CA ALA A 48 -16.94 -30.96 67.17
C ALA A 48 -18.14 -31.37 66.34
N VAL A 49 -18.06 -31.19 65.02
CA VAL A 49 -19.10 -31.70 64.14
C VAL A 49 -19.12 -33.22 64.19
N THR A 50 -17.94 -33.84 64.21
CA THR A 50 -17.87 -35.28 64.37
C THR A 50 -18.31 -35.71 65.76
N ASN A 51 -17.91 -34.94 66.77
CA ASN A 51 -18.24 -35.29 68.15
C ASN A 51 -19.73 -35.18 68.40
N ALA A 52 -20.37 -34.15 67.83
CA ALA A 52 -21.81 -34.05 67.96
C ALA A 52 -22.53 -35.12 67.15
N PHE A 53 -21.92 -35.58 66.05
CA PHE A 53 -22.59 -36.56 65.21
C PHE A 53 -22.62 -37.92 65.89
N CYS A 54 -21.47 -38.39 66.37
CA CYS A 54 -21.39 -39.72 66.94
C CYS A 54 -22.08 -39.80 68.30
N SER A 55 -22.18 -38.67 69.00
CA SER A 55 -22.94 -38.63 70.24
C SER A 55 -24.41 -38.88 69.97
N GLN A 56 -24.92 -38.38 68.86
CA GLN A 56 -26.34 -38.56 68.57
C GLN A 56 -26.61 -39.86 67.84
N PHE A 57 -25.58 -40.46 67.24
CA PHE A 57 -25.78 -41.82 66.75
C PHE A 57 -25.77 -42.82 67.89
N SER A 58 -25.13 -42.46 69.00
CA SER A 58 -25.23 -43.28 70.21
C SER A 58 -26.62 -43.19 70.82
N ARG A 59 -27.30 -42.06 70.64
CA ARG A 59 -28.66 -41.92 71.16
C ARG A 59 -29.66 -42.77 70.40
N GLY A 60 -29.37 -43.08 69.15
CA GLY A 60 -30.31 -43.81 68.31
C GLY A 60 -31.40 -42.92 67.77
N VAL A 61 -31.02 -41.82 67.14
CA VAL A 61 -31.98 -40.90 66.56
C VAL A 61 -32.44 -41.46 65.24
N TYR A 62 -33.55 -40.94 64.74
CA TYR A 62 -34.12 -41.45 63.50
C TYR A 62 -33.68 -40.60 62.31
N ALA A 63 -33.61 -39.30 62.50
CA ALA A 63 -33.02 -38.41 61.52
C ALA A 63 -32.35 -37.26 62.27
N ILE A 64 -31.53 -36.51 61.55
CA ILE A 64 -30.72 -35.46 62.15
C ILE A 64 -31.00 -34.15 61.42
N PHE A 65 -31.25 -33.10 62.18
CA PHE A 65 -31.27 -31.74 61.66
C PHE A 65 -29.97 -31.06 62.04
N GLY A 66 -29.43 -30.26 61.13
CA GLY A 66 -28.23 -29.55 61.46
C GLY A 66 -27.78 -28.69 60.31
N PHE A 67 -26.75 -27.91 60.57
CA PHE A 67 -26.15 -27.05 59.56
C PHE A 67 -24.77 -27.59 59.24
N TYR A 68 -24.15 -27.03 58.21
CA TYR A 68 -22.74 -27.28 57.96
C TYR A 68 -22.13 -26.07 57.28
N ASP A 69 -20.81 -25.99 57.36
CA ASP A 69 -20.03 -24.95 56.70
C ASP A 69 -19.18 -25.62 55.63
N LYS A 70 -18.31 -24.84 54.99
CA LYS A 70 -17.33 -25.40 54.07
C LYS A 70 -16.41 -26.39 54.76
N LYS A 71 -16.08 -26.14 56.02
CA LYS A 71 -15.15 -27.00 56.73
C LYS A 71 -15.76 -28.35 57.05
N SER A 72 -17.07 -28.41 57.20
CA SER A 72 -17.71 -29.60 57.72
C SER A 72 -18.60 -30.30 56.72
N VAL A 73 -18.69 -29.79 55.50
CA VAL A 73 -19.63 -30.35 54.54
C VAL A 73 -19.20 -31.75 54.11
N ASN A 74 -17.91 -31.99 54.00
CA ASN A 74 -17.45 -33.32 53.65
C ASN A 74 -17.56 -34.27 54.82
N THR A 75 -17.56 -33.75 56.04
CA THR A 75 -17.66 -34.59 57.22
C THR A 75 -19.04 -35.22 57.33
N ILE A 76 -20.08 -34.47 56.99
CA ILE A 76 -21.43 -34.97 57.11
C ILE A 76 -21.73 -35.97 56.01
N THR A 77 -21.40 -35.61 54.77
CA THR A 77 -21.77 -36.44 53.62
C THR A 77 -21.03 -37.77 53.61
N SER A 78 -19.82 -37.80 54.16
CA SER A 78 -19.14 -39.08 54.29
C SER A 78 -19.75 -39.92 55.40
N PHE A 79 -20.33 -39.28 56.41
CA PHE A 79 -20.95 -40.02 57.50
C PHE A 79 -22.34 -40.53 57.13
N CYS A 80 -23.16 -39.67 56.55
CA CYS A 80 -24.53 -40.04 56.25
C CYS A 80 -24.62 -41.03 55.11
N GLY A 81 -23.64 -40.99 54.20
CA GLY A 81 -23.56 -42.03 53.18
C GLY A 81 -23.12 -43.36 53.75
N THR A 82 -22.28 -43.33 54.79
CA THR A 82 -21.86 -44.57 55.41
C THR A 82 -22.87 -45.06 56.42
N LEU A 83 -23.19 -44.26 57.43
CA LEU A 83 -24.03 -44.73 58.51
C LEU A 83 -25.52 -44.69 58.19
N HIS A 84 -25.89 -44.31 56.96
CA HIS A 84 -27.23 -44.49 56.40
C HIS A 84 -28.30 -43.73 57.19
N VAL A 85 -27.90 -42.62 57.81
CA VAL A 85 -28.84 -41.79 58.55
C VAL A 85 -29.11 -40.54 57.73
N SER A 86 -30.33 -40.05 57.82
CA SER A 86 -30.74 -38.93 56.97
C SER A 86 -30.42 -37.61 57.65
N PHE A 87 -30.05 -36.63 56.85
CA PHE A 87 -29.63 -35.33 57.35
C PHE A 87 -30.37 -34.26 56.55
N ILE A 88 -31.08 -33.38 57.24
CA ILE A 88 -31.87 -32.34 56.63
C ILE A 88 -31.24 -31.00 56.98
N THR A 89 -31.02 -30.16 55.97
CA THR A 89 -30.22 -28.98 56.21
C THR A 89 -30.59 -27.73 55.41
N PRO A 90 -30.56 -26.57 56.06
CA PRO A 90 -30.68 -25.29 55.36
C PRO A 90 -29.37 -24.70 54.86
N SER A 91 -28.28 -25.45 54.87
CA SER A 91 -27.00 -24.92 54.44
C SER A 91 -26.96 -24.86 52.92
N PHE A 92 -25.86 -24.37 52.38
CA PHE A 92 -25.67 -24.31 50.95
C PHE A 92 -25.58 -25.73 50.39
N PRO A 93 -26.11 -25.95 49.18
CA PRO A 93 -26.20 -27.32 48.66
C PRO A 93 -24.83 -27.86 48.29
N THR A 94 -24.70 -29.17 48.42
CA THR A 94 -23.48 -29.81 48.01
C THR A 94 -23.45 -29.92 46.49
N ASP A 95 -22.30 -29.60 45.91
CA ASP A 95 -22.07 -29.88 44.51
C ASP A 95 -21.88 -31.38 44.32
N GLY A 96 -22.44 -31.90 43.24
CA GLY A 96 -22.53 -33.34 43.08
C GLY A 96 -23.71 -33.89 43.84
N THR A 97 -23.82 -35.22 43.81
CA THR A 97 -24.92 -35.91 44.46
C THR A 97 -24.41 -36.68 45.66
N HIS A 98 -25.16 -36.63 46.75
CA HIS A 98 -24.80 -37.33 47.96
C HIS A 98 -26.08 -37.96 48.52
N PRO A 99 -26.07 -39.24 48.83
CA PRO A 99 -27.24 -39.86 49.45
C PRO A 99 -27.40 -39.38 50.88
N PHE A 100 -28.62 -39.57 51.39
CA PHE A 100 -28.98 -39.36 52.80
C PHE A 100 -28.85 -37.92 53.24
N VAL A 101 -28.79 -36.96 52.31
CA VAL A 101 -28.66 -35.56 52.65
C VAL A 101 -29.77 -34.79 51.97
N ILE A 102 -30.54 -34.06 52.77
CA ILE A 102 -31.71 -33.34 52.28
C ILE A 102 -31.41 -31.86 52.33
N GLN A 103 -31.08 -31.29 51.18
CA GLN A 103 -30.84 -29.87 51.08
C GLN A 103 -32.18 -29.15 51.09
N MET A 104 -32.36 -28.26 52.05
CA MET A 104 -33.57 -27.46 52.10
C MET A 104 -33.40 -26.14 51.37
N ARG A 105 -32.19 -25.63 51.27
CA ARG A 105 -31.93 -24.42 50.50
C ARG A 105 -31.92 -24.74 49.03
N PRO A 106 -32.69 -24.05 48.21
CA PRO A 106 -32.71 -24.36 46.78
C PRO A 106 -31.47 -23.83 46.09
N ASP A 107 -31.33 -24.22 44.83
CA ASP A 107 -30.20 -23.85 44.01
C ASP A 107 -30.24 -22.36 43.70
N LEU A 108 -29.12 -21.83 43.27
CA LEU A 108 -28.99 -20.40 43.01
C LEU A 108 -28.41 -20.07 41.66
N LYS A 109 -27.73 -21.01 41.00
CA LYS A 109 -26.87 -20.68 39.86
C LYS A 109 -27.69 -20.23 38.65
N GLY A 110 -28.78 -20.95 38.36
CA GLY A 110 -29.58 -20.63 37.20
C GLY A 110 -30.31 -19.30 37.30
N ALA A 111 -30.60 -18.87 38.52
CA ALA A 111 -31.23 -17.57 38.68
C ALA A 111 -30.23 -16.44 38.43
N LEU A 112 -28.97 -16.63 38.81
CA LEU A 112 -27.95 -15.64 38.52
C LEU A 112 -27.68 -15.53 37.04
N LEU A 113 -27.63 -16.66 36.34
CA LEU A 113 -27.38 -16.64 34.91
C LEU A 113 -28.55 -16.04 34.15
N SER A 114 -29.77 -16.14 34.68
CA SER A 114 -30.90 -15.49 34.05
C SER A 114 -30.83 -13.98 34.20
N LEU A 115 -30.50 -13.52 35.40
CA LEU A 115 -30.54 -12.09 35.68
C LEU A 115 -29.46 -11.32 34.94
N ILE A 116 -28.27 -11.91 34.82
CA ILE A 116 -27.20 -11.28 34.04
C ILE A 116 -27.59 -11.21 32.57
N GLU A 117 -28.20 -12.29 32.07
CA GLU A 117 -28.67 -12.32 30.68
C GLU A 117 -29.83 -11.35 30.48
N TYR A 118 -30.70 -11.23 31.48
CA TYR A 118 -31.80 -10.27 31.37
C TYR A 118 -31.30 -8.84 31.40
N TYR A 119 -30.29 -8.55 32.23
CA TYR A 119 -29.73 -7.22 32.21
C TYR A 119 -28.71 -7.02 31.10
N GLN A 120 -28.37 -8.09 30.38
CA GLN A 120 -27.52 -8.06 29.19
C GLN A 120 -26.14 -7.49 29.49
N TRP A 121 -25.41 -8.23 30.32
CA TRP A 121 -24.09 -7.81 30.74
C TRP A 121 -23.02 -8.65 30.07
N ASP A 122 -21.86 -8.03 29.85
CA ASP A 122 -20.65 -8.72 29.44
C ASP A 122 -19.41 -8.25 30.18
N LYS A 123 -19.45 -7.07 30.78
CA LYS A 123 -18.32 -6.54 31.53
C LYS A 123 -18.79 -6.21 32.93
N PHE A 124 -18.35 -7.00 33.90
CA PHE A 124 -18.75 -6.76 35.28
C PHE A 124 -17.71 -7.36 36.20
N ALA A 125 -17.92 -7.15 37.50
CA ALA A 125 -17.06 -7.67 38.54
C ALA A 125 -17.86 -8.66 39.37
N TYR A 126 -17.16 -9.45 40.17
CA TYR A 126 -17.77 -10.48 41.00
C TYR A 126 -17.02 -10.54 42.31
N LEU A 127 -17.70 -10.33 43.42
CA LEU A 127 -17.07 -10.34 44.73
C LEU A 127 -17.65 -11.49 45.52
N TYR A 128 -16.81 -12.40 45.95
CA TYR A 128 -17.28 -13.62 46.57
C TYR A 128 -16.69 -13.79 47.96
N ASP A 129 -17.36 -14.58 48.77
CA ASP A 129 -16.84 -15.02 50.05
C ASP A 129 -16.36 -16.46 49.91
N SER A 130 -15.27 -16.77 50.59
CA SER A 130 -14.68 -18.09 50.55
C SER A 130 -15.32 -19.07 51.53
N ASP A 131 -16.51 -18.77 52.04
CA ASP A 131 -17.01 -19.55 53.17
C ASP A 131 -18.14 -20.50 52.77
N ARG A 132 -18.87 -20.20 51.71
CA ARG A 132 -19.96 -21.07 51.28
C ARG A 132 -19.53 -21.96 50.13
N GLY A 133 -18.24 -22.23 50.00
CA GLY A 133 -17.74 -22.94 48.86
C GLY A 133 -17.65 -22.01 47.66
N LEU A 134 -17.23 -22.59 46.54
CA LEU A 134 -16.97 -21.81 45.34
C LEU A 134 -17.80 -22.29 44.17
N SER A 135 -18.90 -22.98 44.44
CA SER A 135 -19.70 -23.60 43.38
C SER A 135 -20.37 -22.56 42.50
N THR A 136 -20.74 -21.41 43.07
CA THR A 136 -21.31 -20.37 42.26
C THR A 136 -20.26 -19.73 41.37
N LEU A 137 -19.03 -19.59 41.89
CA LEU A 137 -17.96 -18.98 41.11
C LEU A 137 -17.55 -19.85 39.94
N GLN A 138 -17.50 -21.16 40.14
CA GLN A 138 -17.16 -22.06 39.06
C GLN A 138 -18.22 -22.10 37.99
N ALA A 139 -19.48 -21.81 38.33
CA ALA A 139 -20.51 -21.80 37.33
C ALA A 139 -20.41 -20.55 36.45
N VAL A 140 -20.26 -19.39 37.07
CA VAL A 140 -20.25 -18.15 36.29
C VAL A 140 -18.97 -17.96 35.52
N LEU A 141 -17.85 -18.52 35.97
CA LEU A 141 -16.65 -18.49 35.15
C LEU A 141 -16.76 -19.41 33.96
N ASP A 142 -17.49 -20.50 34.11
CA ASP A 142 -17.73 -21.39 32.99
C ASP A 142 -18.62 -20.76 31.95
N SER A 143 -19.73 -20.15 32.40
CA SER A 143 -20.65 -19.53 31.45
C SER A 143 -20.11 -18.24 30.86
N ALA A 144 -19.14 -17.61 31.52
CA ALA A 144 -18.49 -16.44 30.93
C ALA A 144 -17.67 -16.82 29.71
N ALA A 145 -17.11 -18.02 29.71
CA ALA A 145 -16.39 -18.50 28.54
C ALA A 145 -17.33 -18.74 27.37
N GLU A 146 -18.49 -19.32 27.65
CA GLU A 146 -19.40 -19.68 26.57
C GLU A 146 -20.11 -18.46 26.01
N LYS A 147 -20.41 -17.49 26.85
CA LYS A 147 -21.20 -16.34 26.43
C LYS A 147 -20.38 -15.05 26.37
N LYS A 148 -19.05 -15.16 26.38
CA LYS A 148 -18.10 -14.06 26.17
C LYS A 148 -18.29 -12.92 27.16
N TRP A 149 -18.08 -13.19 28.44
CA TRP A 149 -18.19 -12.19 29.48
C TRP A 149 -16.82 -11.90 30.05
N GLN A 150 -16.60 -10.66 30.45
CA GLN A 150 -15.33 -10.24 31.04
C GLN A 150 -15.53 -10.12 32.54
N VAL A 151 -15.28 -11.21 33.25
CA VAL A 151 -15.54 -11.30 34.68
C VAL A 151 -14.26 -10.93 35.41
N THR A 152 -14.38 -10.04 36.38
CA THR A 152 -13.32 -9.82 37.35
C THR A 152 -13.78 -10.38 38.69
N ALA A 153 -13.24 -11.54 39.06
CA ALA A 153 -13.61 -12.22 40.29
C ALA A 153 -12.56 -11.92 41.35
N ILE A 154 -12.99 -11.42 42.50
CA ILE A 154 -12.09 -10.98 43.55
C ILE A 154 -12.55 -11.55 44.87
N ASN A 155 -11.66 -12.26 45.55
CA ASN A 155 -11.94 -12.77 46.89
C ASN A 155 -11.96 -11.60 47.86
N VAL A 156 -13.10 -11.40 48.52
CA VAL A 156 -13.19 -10.48 49.62
C VAL A 156 -13.32 -11.24 50.95
N GLY A 157 -13.14 -12.56 50.93
CA GLY A 157 -13.40 -13.35 52.12
C GLY A 157 -12.33 -13.22 53.19
N ASN A 158 -11.06 -13.11 52.80
CA ASN A 158 -9.96 -13.11 53.75
C ASN A 158 -9.69 -11.75 54.37
N ILE A 159 -10.64 -10.81 54.29
CA ILE A 159 -10.39 -9.50 54.83
C ILE A 159 -10.68 -9.51 56.33
N ASN A 160 -9.76 -8.96 57.11
CA ASN A 160 -9.86 -8.98 58.56
C ASN A 160 -10.19 -7.59 59.08
N ASN A 161 -10.55 -7.54 60.36
CA ASN A 161 -11.25 -6.40 60.93
C ASN A 161 -10.35 -5.20 61.12
N ASP A 162 -9.03 -5.42 61.19
CA ASP A 162 -8.12 -4.29 61.41
C ASP A 162 -7.97 -3.43 60.16
N LYS A 163 -7.97 -4.05 58.99
CA LYS A 163 -7.53 -3.36 57.79
C LYS A 163 -8.66 -3.16 56.79
N LYS A 164 -9.89 -3.01 57.29
CA LYS A 164 -11.06 -2.95 56.42
C LYS A 164 -11.10 -1.68 55.60
N ASP A 165 -10.96 -0.51 56.23
CA ASP A 165 -11.10 0.74 55.51
C ASP A 165 -9.93 1.05 54.60
N GLU A 166 -8.82 0.32 54.72
CA GLU A 166 -7.73 0.48 53.75
C GLU A 166 -7.78 -0.58 52.66
N THR A 167 -8.49 -1.68 52.87
CA THR A 167 -8.54 -2.73 51.85
C THR A 167 -9.82 -2.64 51.03
N TYR A 168 -10.95 -2.32 51.68
CA TYR A 168 -12.16 -2.03 50.93
C TYR A 168 -12.03 -0.76 50.10
N ARG A 169 -11.18 0.17 50.53
CA ARG A 169 -10.84 1.29 49.67
C ARG A 169 -9.84 0.89 48.59
N SER A 170 -9.09 -0.20 48.82
CA SER A 170 -8.05 -0.58 47.88
C SER A 170 -8.61 -1.17 46.59
N LEU A 171 -9.65 -2.00 46.69
CA LEU A 171 -10.11 -2.67 45.48
C LEU A 171 -11.04 -1.80 44.65
N PHE A 172 -11.81 -0.91 45.28
CA PHE A 172 -12.75 -0.11 44.52
C PHE A 172 -12.05 0.95 43.69
N GLN A 173 -10.94 1.48 44.18
CA GLN A 173 -10.15 2.35 43.33
C GLN A 173 -9.52 1.57 42.19
N ASP A 174 -9.15 0.31 42.45
CA ASP A 174 -8.68 -0.55 41.37
C ASP A 174 -9.80 -0.88 40.40
N LEU A 175 -11.03 -0.95 40.90
CA LEU A 175 -12.17 -0.96 40.00
C LEU A 175 -12.33 0.38 39.32
N GLU A 176 -12.05 1.47 40.04
CA GLU A 176 -12.24 2.80 39.47
C GLU A 176 -11.11 3.16 38.53
N LEU A 177 -9.94 2.54 38.71
CA LEU A 177 -8.88 2.66 37.71
C LEU A 177 -9.23 1.94 36.41
N LYS A 178 -10.21 1.01 36.46
CA LYS A 178 -10.73 0.38 35.25
C LYS A 178 -12.12 0.90 34.88
N LYS A 179 -12.79 1.60 35.81
CA LYS A 179 -14.20 2.00 35.71
C LYS A 179 -15.09 0.79 35.45
N GLU A 180 -15.09 -0.09 36.46
CA GLU A 180 -16.06 -1.16 36.55
C GLU A 180 -17.37 -0.60 37.09
N ARG A 181 -18.47 -0.95 36.45
CA ARG A 181 -19.75 -0.33 36.71
C ARG A 181 -20.80 -1.28 37.26
N ARG A 182 -20.54 -2.57 37.30
CA ARG A 182 -21.55 -3.59 37.57
C ARG A 182 -20.95 -4.61 38.51
N VAL A 183 -21.56 -4.78 39.69
CA VAL A 183 -20.97 -5.60 40.75
C VAL A 183 -21.99 -6.65 41.17
N ILE A 184 -21.55 -7.90 41.24
CA ILE A 184 -22.31 -8.98 41.87
C ILE A 184 -21.70 -9.23 43.22
N LEU A 185 -22.53 -9.34 44.25
CA LEU A 185 -22.07 -9.68 45.58
C LEU A 185 -22.56 -11.09 45.91
N ASP A 186 -21.62 -11.99 46.19
CA ASP A 186 -21.92 -13.36 46.58
C ASP A 186 -21.38 -13.51 48.00
N CYS A 187 -22.16 -13.07 48.97
CA CYS A 187 -21.71 -13.08 50.35
C CYS A 187 -22.87 -13.47 51.25
N GLU A 188 -22.57 -13.57 52.54
CA GLU A 188 -23.61 -13.62 53.54
C GLU A 188 -23.88 -12.22 54.06
N ARG A 189 -25.00 -12.07 54.77
CA ARG A 189 -25.54 -10.74 55.10
C ARG A 189 -24.61 -9.96 56.02
N ASP A 190 -23.78 -10.66 56.79
CA ASP A 190 -22.79 -10.00 57.61
C ASP A 190 -21.73 -9.33 56.75
N LYS A 191 -21.32 -10.03 55.69
CA LYS A 191 -20.35 -9.43 54.77
C LYS A 191 -21.04 -8.45 53.84
N VAL A 192 -22.32 -8.67 53.53
CA VAL A 192 -23.05 -7.77 52.62
C VAL A 192 -23.21 -6.39 53.24
N ASN A 193 -23.72 -6.33 54.47
CA ASN A 193 -23.87 -5.05 55.15
C ASN A 193 -22.53 -4.43 55.49
N ASP A 194 -21.47 -5.22 55.62
CA ASP A 194 -20.14 -4.67 55.74
C ASP A 194 -19.72 -3.98 54.44
N ILE A 195 -20.07 -4.56 53.30
CA ILE A 195 -19.66 -3.99 52.03
C ILE A 195 -20.48 -2.74 51.71
N VAL A 196 -21.80 -2.80 51.94
CA VAL A 196 -22.69 -1.69 51.63
C VAL A 196 -22.34 -0.46 52.47
N ASP A 197 -21.88 -0.68 53.70
CA ASP A 197 -21.35 0.42 54.50
C ASP A 197 -20.08 0.99 53.89
N GLN A 198 -19.22 0.14 53.33
CA GLN A 198 -18.03 0.63 52.66
C GLN A 198 -18.32 1.29 51.33
N VAL A 199 -19.48 1.02 50.72
CA VAL A 199 -19.82 1.64 49.45
C VAL A 199 -20.17 3.11 49.65
N ILE A 200 -21.08 3.38 50.59
CA ILE A 200 -21.54 4.74 50.83
C ILE A 200 -20.45 5.57 51.49
N THR A 201 -19.54 4.92 52.22
CA THR A 201 -18.40 5.59 52.83
C THR A 201 -17.49 6.19 51.76
N ILE A 202 -17.31 5.50 50.65
CA ILE A 202 -16.56 6.06 49.54
C ILE A 202 -17.52 6.57 48.50
N GLY A 203 -18.81 6.53 48.82
CA GLY A 203 -19.84 7.23 48.07
C GLY A 203 -20.07 6.72 46.67
N LYS A 204 -19.97 5.41 46.47
CA LYS A 204 -20.21 4.81 45.18
C LYS A 204 -21.60 4.19 45.10
N HIS A 205 -22.58 4.88 45.69
CA HIS A 205 -23.97 4.45 45.67
C HIS A 205 -24.83 5.30 44.74
N VAL A 206 -24.20 6.10 43.88
CA VAL A 206 -24.92 7.01 42.99
C VAL A 206 -25.48 6.25 41.80
N LYS A 207 -26.30 6.92 41.00
CA LYS A 207 -26.72 6.39 39.73
C LYS A 207 -25.50 6.20 38.81
N GLY A 208 -25.53 5.10 38.06
CA GLY A 208 -24.41 4.70 37.23
C GLY A 208 -23.68 3.48 37.73
N TYR A 209 -23.99 3.03 38.93
CA TYR A 209 -23.44 1.80 39.49
C TYR A 209 -24.59 0.84 39.70
N HIS A 210 -24.32 -0.44 39.55
CA HIS A 210 -25.35 -1.44 39.69
C HIS A 210 -24.86 -2.48 40.68
N TYR A 211 -25.76 -3.06 41.45
CA TYR A 211 -25.42 -4.06 42.44
C TYR A 211 -26.42 -5.21 42.40
N ILE A 212 -25.91 -6.42 42.51
CA ILE A 212 -26.75 -7.60 42.67
C ILE A 212 -26.24 -8.35 43.88
N ILE A 213 -27.11 -8.58 44.85
CA ILE A 213 -26.76 -9.29 46.06
C ILE A 213 -27.24 -10.72 45.90
N ALA A 214 -26.32 -11.63 45.61
CA ALA A 214 -26.68 -12.98 45.20
C ALA A 214 -26.83 -13.88 46.44
N ASN A 215 -27.97 -13.71 47.10
CA ASN A 215 -28.40 -14.63 48.13
C ASN A 215 -29.90 -14.64 48.16
N LEU A 216 -30.46 -15.51 48.99
CA LEU A 216 -31.90 -15.71 48.96
C LEU A 216 -32.62 -14.88 50.01
N GLY A 217 -31.92 -13.92 50.62
CA GLY A 217 -32.50 -13.10 51.67
C GLY A 217 -32.39 -11.61 51.43
N PHE A 218 -32.70 -11.18 50.20
CA PHE A 218 -32.39 -9.82 49.73
C PHE A 218 -33.08 -8.74 50.57
N THR A 219 -34.24 -9.03 51.12
CA THR A 219 -34.92 -8.06 51.96
C THR A 219 -34.30 -7.91 53.34
N ASP A 220 -33.44 -8.84 53.76
CA ASP A 220 -33.01 -8.85 55.15
C ASP A 220 -31.89 -7.85 55.40
N GLY A 221 -31.19 -7.42 54.37
CA GLY A 221 -30.13 -6.47 54.55
C GLY A 221 -30.65 -5.07 54.83
N ASP A 222 -29.76 -4.21 55.29
CA ASP A 222 -30.11 -2.82 55.54
C ASP A 222 -30.08 -2.09 54.21
N LEU A 223 -31.18 -2.19 53.46
CA LEU A 223 -31.27 -1.60 52.15
C LEU A 223 -31.74 -0.16 52.21
N LEU A 224 -32.08 0.34 53.40
CA LEU A 224 -32.49 1.72 53.56
C LEU A 224 -31.34 2.68 53.34
N LYS A 225 -30.12 2.23 53.55
CA LYS A 225 -28.96 3.10 53.38
C LYS A 225 -28.70 3.37 51.91
N ILE A 226 -28.79 2.34 51.08
CA ILE A 226 -28.44 2.48 49.67
C ILE A 226 -29.64 2.89 48.83
N GLN A 227 -30.83 2.96 49.44
CA GLN A 227 -32.06 3.23 48.70
C GLN A 227 -32.08 4.63 48.11
N PHE A 228 -31.43 5.58 48.76
CA PHE A 228 -31.56 6.99 48.41
C PHE A 228 -30.35 7.52 47.66
N GLY A 229 -29.68 6.65 46.90
CA GLY A 229 -28.47 7.05 46.20
C GLY A 229 -28.61 7.04 44.70
N GLY A 230 -29.46 6.16 44.18
CA GLY A 230 -29.68 6.07 42.75
C GLY A 230 -29.07 4.83 42.11
N ALA A 231 -28.22 4.09 42.82
CA ALA A 231 -27.72 2.84 42.30
C ALA A 231 -28.82 1.78 42.33
N GLU A 232 -28.90 1.00 41.24
CA GLU A 232 -29.92 -0.01 41.10
C GLU A 232 -29.46 -1.30 41.75
N VAL A 233 -30.10 -1.68 42.84
CA VAL A 233 -29.73 -2.85 43.62
C VAL A 233 -30.82 -3.89 43.49
N SER A 234 -30.53 -4.97 42.77
CA SER A 234 -31.47 -6.05 42.60
C SER A 234 -31.16 -7.14 43.60
N GLY A 235 -31.93 -8.20 43.56
CA GLY A 235 -31.70 -9.30 44.47
C GLY A 235 -32.69 -10.41 44.27
N PHE A 236 -32.50 -11.48 45.02
CA PHE A 236 -33.32 -12.67 44.91
C PHE A 236 -34.04 -12.91 46.23
N GLN A 237 -35.26 -13.39 46.13
CA GLN A 237 -36.09 -13.57 47.32
C GLN A 237 -36.88 -14.85 47.21
N ILE A 238 -36.94 -15.58 48.31
CA ILE A 238 -37.58 -16.89 48.32
C ILE A 238 -38.90 -16.90 49.08
N VAL A 239 -39.03 -16.16 50.17
CA VAL A 239 -40.28 -16.07 50.91
C VAL A 239 -40.96 -14.76 50.52
N ASP A 240 -42.26 -14.84 50.26
CA ASP A 240 -43.01 -13.71 49.76
C ASP A 240 -43.96 -13.24 50.83
N TYR A 241 -43.73 -12.04 51.37
CA TYR A 241 -44.54 -11.50 52.46
C TYR A 241 -45.96 -11.18 52.02
N ASP A 242 -46.22 -11.09 50.72
CA ASP A 242 -47.55 -10.79 50.23
C ASP A 242 -48.47 -12.01 50.32
N ASP A 243 -47.91 -13.21 50.52
CA ASP A 243 -48.75 -14.40 50.58
C ASP A 243 -49.33 -14.58 51.98
N SER A 244 -50.44 -15.31 52.01
CA SER A 244 -51.26 -15.41 53.21
C SER A 244 -50.58 -16.26 54.29
N LEU A 245 -50.09 -17.44 53.91
CA LEU A 245 -49.45 -18.36 54.85
C LEU A 245 -48.21 -17.75 55.46
N VAL A 246 -47.53 -16.89 54.72
CA VAL A 246 -46.45 -16.09 55.29
C VAL A 246 -47.02 -15.10 56.29
N SER A 247 -48.10 -14.41 55.91
CA SER A 247 -48.68 -13.41 56.81
C SER A 247 -49.40 -14.06 57.97
N LYS A 248 -49.77 -15.34 57.84
CA LYS A 248 -50.19 -16.10 59.00
C LYS A 248 -49.04 -16.28 59.98
N PHE A 249 -47.83 -16.46 59.45
CA PHE A 249 -46.68 -16.65 60.32
C PHE A 249 -46.25 -15.33 60.96
N ILE A 250 -46.20 -14.25 60.16
CA ILE A 250 -45.65 -12.97 60.61
C ILE A 250 -46.52 -12.34 61.69
N GLU A 251 -47.84 -12.53 61.61
CA GLU A 251 -48.70 -12.15 62.70
C GLU A 251 -48.36 -12.92 63.97
N ARG A 252 -48.13 -14.23 63.83
CA ARG A 252 -47.73 -15.02 64.99
C ARG A 252 -46.31 -14.69 65.41
N TRP A 253 -45.45 -14.41 64.45
CA TRP A 253 -44.05 -14.09 64.74
C TRP A 253 -43.91 -12.78 65.48
N SER A 254 -44.70 -11.77 65.11
CA SER A 254 -44.66 -10.49 65.80
C SER A 254 -45.38 -10.54 67.15
N THR A 255 -46.18 -11.57 67.40
CA THR A 255 -46.76 -11.71 68.73
C THR A 255 -45.91 -12.56 69.67
N LEU A 256 -44.67 -12.87 69.29
CA LEU A 256 -43.80 -13.59 70.20
C LEU A 256 -42.97 -12.60 71.00
N GLU A 257 -42.53 -13.04 72.18
CA GLU A 257 -41.84 -12.17 73.11
C GLU A 257 -40.36 -12.50 73.13
N GLU A 258 -39.54 -11.46 73.29
CA GLU A 258 -38.11 -11.54 72.97
C GLU A 258 -37.33 -12.40 73.95
N LYS A 259 -37.82 -12.58 75.18
CA LYS A 259 -37.01 -13.25 76.19
C LYS A 259 -36.96 -14.76 75.96
N GLU A 260 -38.12 -15.42 75.94
CA GLU A 260 -38.13 -16.86 75.72
C GLU A 260 -37.79 -17.19 74.27
N TYR A 261 -38.21 -16.33 73.35
CA TYR A 261 -37.91 -16.52 71.93
C TYR A 261 -37.02 -15.38 71.47
N PRO A 262 -35.71 -15.51 71.51
CA PRO A 262 -34.84 -14.41 71.06
C PRO A 262 -34.83 -14.31 69.55
N GLY A 263 -34.62 -13.09 69.08
CA GLY A 263 -34.63 -12.80 67.64
C GLY A 263 -35.95 -13.09 66.97
N ALA A 264 -37.06 -12.96 67.68
CA ALA A 264 -38.35 -13.36 67.16
C ALA A 264 -39.32 -12.22 66.94
N HIS A 265 -39.17 -11.11 67.63
CA HIS A 265 -40.19 -10.06 67.61
C HIS A 265 -39.81 -8.99 66.60
N THR A 266 -39.90 -9.38 65.32
CA THR A 266 -39.83 -8.45 64.21
C THR A 266 -40.98 -8.77 63.26
N ALA A 267 -40.94 -8.14 62.09
CA ALA A 267 -41.84 -8.45 61.00
C ALA A 267 -41.14 -9.26 59.92
N THR A 268 -39.83 -9.41 60.00
CA THR A 268 -39.05 -10.09 59.00
C THR A 268 -38.40 -11.33 59.61
N ILE A 269 -37.94 -12.21 58.73
CA ILE A 269 -37.33 -13.48 59.10
C ILE A 269 -36.19 -13.74 58.14
N LYS A 270 -35.09 -14.32 58.65
CA LYS A 270 -34.02 -14.68 57.74
C LYS A 270 -34.41 -15.94 56.99
N TYR A 271 -33.90 -16.05 55.76
CA TYR A 271 -34.30 -17.16 54.88
C TYR A 271 -33.77 -18.48 55.39
N THR A 272 -32.64 -18.44 56.11
CA THR A 272 -32.18 -19.62 56.81
C THR A 272 -33.16 -20.00 57.91
N SER A 273 -33.64 -19.01 58.66
CA SER A 273 -34.61 -19.27 59.71
C SER A 273 -35.95 -19.70 59.13
N ALA A 274 -36.27 -19.24 57.92
CA ALA A 274 -37.54 -19.63 57.32
C ALA A 274 -37.54 -21.10 56.92
N LEU A 275 -36.43 -21.59 56.40
CA LEU A 275 -36.36 -22.99 56.01
C LEU A 275 -36.31 -23.91 57.22
N THR A 276 -35.92 -23.37 58.36
CA THR A 276 -35.99 -24.14 59.60
C THR A 276 -37.43 -24.49 59.93
N TYR A 277 -38.34 -23.52 59.80
CA TYR A 277 -39.76 -23.77 59.99
C TYR A 277 -40.28 -24.76 58.95
N ASP A 278 -39.78 -24.66 57.73
CA ASP A 278 -40.22 -25.57 56.69
C ASP A 278 -39.65 -26.96 56.90
N ALA A 279 -38.52 -27.07 57.58
CA ALA A 279 -37.90 -28.36 57.78
C ALA A 279 -38.69 -29.22 58.75
N VAL A 280 -39.31 -28.60 59.74
CA VAL A 280 -40.06 -29.34 60.75
C VAL A 280 -41.31 -29.94 60.11
N GLN A 281 -41.89 -29.23 59.15
CA GLN A 281 -43.01 -29.75 58.38
C GLN A 281 -42.61 -30.99 57.59
N VAL A 282 -41.37 -31.02 57.10
CA VAL A 282 -40.90 -32.19 56.36
C VAL A 282 -40.72 -33.37 57.30
N MET A 283 -40.14 -33.13 58.47
CA MET A 283 -39.92 -34.22 59.43
C MET A 283 -41.23 -34.70 60.03
N THR A 284 -42.21 -33.81 60.12
CA THR A 284 -43.54 -34.23 60.55
C THR A 284 -44.18 -35.12 59.49
N GLU A 285 -44.05 -34.73 58.22
CA GLU A 285 -44.77 -35.39 57.14
C GLU A 285 -44.23 -36.79 56.86
N ALA A 286 -42.94 -37.02 57.11
CA ALA A 286 -42.36 -38.32 56.79
C ALA A 286 -42.78 -39.39 57.77
N PHE A 287 -42.71 -39.10 59.07
CA PHE A 287 -43.15 -40.06 60.06
C PHE A 287 -44.66 -40.16 60.12
N ARG A 288 -45.36 -39.15 59.59
CA ARG A 288 -46.78 -39.30 59.33
C ARG A 288 -47.02 -40.33 58.25
N ASN A 289 -46.19 -40.32 57.21
CA ASN A 289 -46.45 -41.18 56.07
C ASN A 289 -45.75 -42.53 56.18
N LEU A 290 -44.68 -42.62 56.96
CA LEU A 290 -44.00 -43.90 57.10
C LEU A 290 -44.83 -44.90 57.89
N ARG A 291 -45.47 -44.44 58.96
CA ARG A 291 -46.35 -45.31 59.72
C ARG A 291 -47.64 -45.59 58.95
N LYS A 292 -48.06 -44.66 58.09
CA LYS A 292 -49.32 -44.78 57.36
C LYS A 292 -49.30 -45.93 56.35
N GLN A 293 -48.15 -46.23 55.75
CA GLN A 293 -48.07 -47.41 54.88
C GLN A 293 -47.86 -48.71 55.64
N ARG A 294 -48.05 -48.71 56.96
CA ARG A 294 -48.02 -49.88 57.85
C ARG A 294 -46.70 -50.62 57.87
N ILE A 295 -45.65 -50.02 57.33
CA ILE A 295 -44.30 -50.46 57.60
C ILE A 295 -43.76 -49.70 58.81
N GLU A 296 -44.10 -50.18 60.00
CA GLU A 296 -43.60 -49.57 61.23
C GLU A 296 -42.23 -50.16 61.54
N ILE A 297 -41.24 -49.70 60.76
CA ILE A 297 -39.86 -49.86 61.17
C ILE A 297 -39.65 -49.04 62.44
N SER A 298 -38.74 -49.51 63.28
CA SER A 298 -38.77 -49.07 64.66
C SER A 298 -37.38 -48.96 65.27
N ARG A 299 -37.33 -48.98 66.59
CA ARG A 299 -36.09 -48.88 67.33
C ARG A 299 -35.13 -50.00 66.96
N ARG A 300 -34.02 -49.64 66.33
CA ARG A 300 -32.93 -50.55 66.05
C ARG A 300 -31.99 -50.73 67.22
N GLY A 301 -32.37 -50.26 68.41
CA GLY A 301 -31.57 -50.41 69.59
C GLY A 301 -30.45 -49.40 69.62
N ASN A 302 -29.57 -49.57 70.59
CA ASN A 302 -28.31 -48.83 70.59
C ASN A 302 -27.31 -49.59 69.73
N ALA A 303 -27.13 -49.11 68.50
CA ALA A 303 -26.25 -49.79 67.55
C ALA A 303 -24.80 -49.73 67.99
N GLY A 304 -24.44 -48.68 68.73
CA GLY A 304 -23.12 -48.64 69.33
C GLY A 304 -22.31 -47.45 68.89
N ASP A 305 -21.04 -47.70 68.59
CA ASP A 305 -20.14 -46.63 68.19
C ASP A 305 -20.29 -46.34 66.70
N CYS A 306 -20.03 -45.08 66.33
CA CYS A 306 -19.92 -44.72 64.93
C CYS A 306 -18.61 -45.22 64.34
N LEU A 307 -17.65 -45.51 65.19
CA LEU A 307 -16.35 -46.02 64.78
C LEU A 307 -16.35 -47.55 64.77
N ALA A 308 -17.54 -48.13 64.64
CA ALA A 308 -17.67 -49.59 64.60
C ALA A 308 -17.05 -50.15 63.34
N ASN A 309 -16.16 -51.12 63.52
CA ASN A 309 -15.38 -51.68 62.42
C ASN A 309 -15.73 -53.15 62.29
N PRO A 310 -16.35 -53.59 61.18
CA PRO A 310 -16.81 -52.84 60.01
C PRO A 310 -18.06 -52.02 60.27
N ALA A 311 -18.29 -51.02 59.42
CA ALA A 311 -19.46 -50.16 59.57
C ALA A 311 -20.72 -50.94 59.25
N VAL A 312 -21.56 -51.11 60.26
CA VAL A 312 -22.79 -51.90 60.15
C VAL A 312 -23.97 -50.95 59.93
N PRO A 313 -24.67 -51.08 58.81
CA PRO A 313 -25.87 -50.26 58.62
C PRO A 313 -27.11 -50.92 59.20
N TRP A 314 -27.94 -50.15 59.89
CA TRP A 314 -29.24 -50.68 60.28
C TRP A 314 -30.22 -50.55 59.13
N GLY A 315 -30.66 -51.69 58.62
CA GLY A 315 -31.39 -51.74 57.35
C GLY A 315 -32.83 -51.27 57.42
N GLN A 316 -33.03 -50.04 57.89
CA GLN A 316 -34.32 -49.40 57.88
C GLN A 316 -34.24 -47.95 57.43
N GLY A 317 -33.06 -47.34 57.44
CA GLY A 317 -32.95 -45.93 57.13
C GLY A 317 -33.16 -45.62 55.67
N VAL A 318 -33.04 -46.63 54.80
CA VAL A 318 -33.30 -46.43 53.38
C VAL A 318 -34.76 -46.09 53.16
N GLU A 319 -35.65 -46.68 53.96
CA GLU A 319 -37.07 -46.35 53.89
C GLU A 319 -37.34 -44.95 54.42
N ILE A 320 -36.52 -44.47 55.36
CA ILE A 320 -36.77 -43.17 55.94
C ILE A 320 -36.49 -42.07 54.93
N GLU A 321 -35.35 -42.15 54.23
CA GLU A 321 -35.07 -41.16 53.21
C GLU A 321 -35.99 -41.32 52.01
N ARG A 322 -36.53 -42.52 51.80
CA ARG A 322 -37.52 -42.73 50.75
C ARG A 322 -38.78 -41.93 51.03
N ALA A 323 -39.20 -41.89 52.29
CA ALA A 323 -40.34 -41.08 52.68
C ALA A 323 -40.00 -39.60 52.60
N LEU A 324 -38.78 -39.24 52.99
CA LEU A 324 -38.35 -37.84 53.00
C LEU A 324 -38.26 -37.27 51.60
N LYS A 325 -37.79 -38.05 50.64
CA LYS A 325 -37.73 -37.58 49.27
C LYS A 325 -39.10 -37.55 48.61
N GLN A 326 -40.08 -38.25 49.18
CA GLN A 326 -41.45 -38.22 48.67
C GLN A 326 -42.31 -37.15 49.33
N VAL A 327 -41.72 -36.25 50.11
CA VAL A 327 -42.53 -35.24 50.78
C VAL A 327 -42.93 -34.18 49.78
N GLN A 328 -44.24 -33.96 49.65
CA GLN A 328 -44.80 -32.90 48.82
C GLN A 328 -45.67 -32.04 49.73
N VAL A 329 -45.14 -30.91 50.18
CA VAL A 329 -45.85 -30.01 51.06
C VAL A 329 -45.69 -28.59 50.53
N GLU A 330 -46.26 -27.63 51.27
CA GLU A 330 -46.07 -26.22 51.02
C GLU A 330 -45.54 -25.56 52.28
N GLY A 331 -44.65 -24.60 52.12
CA GLY A 331 -44.06 -23.95 53.26
C GLY A 331 -43.96 -22.45 53.09
N LEU A 332 -43.17 -21.81 53.95
CA LEU A 332 -42.96 -20.37 53.83
C LEU A 332 -42.22 -20.04 52.54
N SER A 333 -41.26 -20.87 52.16
CA SER A 333 -40.62 -20.72 50.87
C SER A 333 -41.55 -21.18 49.75
N GLY A 334 -42.45 -22.11 50.03
CA GLY A 334 -43.42 -22.53 49.03
C GLY A 334 -43.37 -24.00 48.71
N ASN A 335 -43.39 -24.31 47.42
CA ASN A 335 -43.47 -25.69 46.94
C ASN A 335 -42.18 -26.43 47.25
N ILE A 336 -42.31 -27.56 47.91
CA ILE A 336 -41.17 -28.37 48.33
C ILE A 336 -41.31 -29.75 47.69
N LYS A 337 -40.39 -30.06 46.78
CA LYS A 337 -40.36 -31.35 46.11
C LYS A 337 -38.91 -31.76 45.92
N PHE A 338 -38.64 -33.06 46.08
CA PHE A 338 -37.28 -33.57 46.15
C PHE A 338 -37.05 -34.61 45.06
N ASP A 339 -35.84 -34.62 44.52
CA ASP A 339 -35.44 -35.64 43.56
C ASP A 339 -34.83 -36.80 44.32
N GLN A 340 -34.36 -37.83 43.60
CA GLN A 340 -33.64 -38.92 44.25
C GLN A 340 -32.30 -38.46 44.78
N ASN A 341 -31.73 -37.42 44.19
CA ASN A 341 -30.48 -36.88 44.71
C ASN A 341 -30.66 -36.20 46.05
N GLY A 342 -31.81 -35.56 46.27
CA GLY A 342 -32.08 -34.83 47.48
C GLY A 342 -32.13 -33.34 47.29
N LYS A 343 -31.79 -32.84 46.10
CA LYS A 343 -31.87 -31.42 45.85
C LYS A 343 -33.31 -31.01 45.60
N ARG A 344 -33.68 -29.87 46.18
CA ARG A 344 -35.05 -29.38 46.11
C ARG A 344 -35.38 -28.93 44.71
N ILE A 345 -36.49 -29.45 44.15
CA ILE A 345 -36.90 -29.18 42.79
C ILE A 345 -38.29 -28.56 42.81
N ASN A 346 -38.67 -28.01 41.65
CA ASN A 346 -40.00 -27.45 41.38
C ASN A 346 -40.35 -26.33 42.35
N TYR A 347 -39.58 -25.26 42.28
CA TYR A 347 -39.71 -24.13 43.19
C TYR A 347 -39.69 -22.84 42.39
N THR A 348 -39.70 -21.73 43.11
CA THR A 348 -39.77 -20.41 42.50
C THR A 348 -38.95 -19.43 43.31
N ILE A 349 -38.13 -18.64 42.64
CA ILE A 349 -37.36 -17.58 43.27
C ILE A 349 -37.86 -16.25 42.74
N ASN A 350 -38.25 -15.36 43.63
CA ASN A 350 -38.86 -14.10 43.25
C ASN A 350 -37.77 -13.04 43.17
N ILE A 351 -37.46 -12.61 41.94
CA ILE A 351 -36.46 -11.58 41.74
C ILE A 351 -37.00 -10.25 42.23
N MET A 352 -36.25 -9.58 43.09
CA MET A 352 -36.67 -8.29 43.59
C MET A 352 -35.70 -7.20 43.18
N GLU A 353 -36.11 -5.96 43.42
CA GLU A 353 -35.34 -4.80 43.02
C GLU A 353 -35.71 -3.63 43.93
N LEU A 354 -34.70 -2.91 44.37
CA LEU A 354 -34.90 -1.83 45.32
C LEU A 354 -35.27 -0.56 44.56
N LYS A 355 -36.35 0.08 45.00
CA LYS A 355 -36.85 1.32 44.45
C LYS A 355 -36.94 2.39 45.54
N THR A 356 -37.36 3.59 45.13
CA THR A 356 -37.42 4.73 46.04
C THR A 356 -38.47 4.53 47.12
N ASN A 357 -39.57 3.83 46.80
CA ASN A 357 -40.49 3.43 47.86
C ASN A 357 -39.95 2.27 48.66
N GLY A 358 -39.16 1.39 48.03
CA GLY A 358 -38.60 0.25 48.71
C GLY A 358 -38.47 -0.94 47.77
N PRO A 359 -38.24 -2.12 48.34
CA PRO A 359 -38.10 -3.32 47.50
C PRO A 359 -39.43 -3.76 46.94
N ARG A 360 -39.40 -4.27 45.71
CA ARG A 360 -40.60 -4.76 45.05
C ARG A 360 -40.22 -5.90 44.12
N LYS A 361 -41.18 -6.76 43.85
CA LYS A 361 -40.99 -7.89 42.94
C LYS A 361 -41.05 -7.40 41.51
N ILE A 362 -40.17 -7.94 40.65
CA ILE A 362 -40.15 -7.58 39.24
C ILE A 362 -40.27 -8.83 38.38
N GLY A 363 -40.65 -9.94 38.98
CA GLY A 363 -40.76 -11.19 38.25
C GLY A 363 -40.26 -12.34 39.10
N TYR A 364 -40.30 -13.52 38.49
CA TYR A 364 -39.99 -14.75 39.21
C TYR A 364 -39.09 -15.64 38.37
N TRP A 365 -38.28 -16.44 39.04
CA TRP A 365 -37.41 -17.41 38.41
C TRP A 365 -37.99 -18.80 38.62
N SER A 366 -37.76 -19.69 37.66
CA SER A 366 -38.11 -21.08 37.82
C SER A 366 -37.12 -21.93 37.07
N GLU A 367 -37.29 -23.25 37.16
CA GLU A 367 -36.42 -24.15 36.43
C GLU A 367 -36.88 -24.36 35.00
N VAL A 368 -38.15 -24.76 34.83
CA VAL A 368 -38.66 -25.01 33.48
C VAL A 368 -39.11 -23.71 32.83
N ASP A 369 -39.34 -22.68 33.64
CA ASP A 369 -40.01 -21.47 33.18
C ASP A 369 -39.12 -20.24 33.26
N LYS A 370 -37.89 -20.33 32.73
CA LYS A 370 -36.59 -19.80 33.21
C LYS A 370 -36.78 -18.47 33.94
N MET A 371 -37.24 -17.43 33.27
CA MET A 371 -37.34 -16.14 33.92
C MET A 371 -38.46 -15.32 33.29
N VAL A 372 -39.55 -15.19 34.04
CA VAL A 372 -40.78 -14.57 33.57
C VAL A 372 -41.10 -13.41 34.50
N LEU A 373 -41.41 -12.27 33.90
CA LEU A 373 -41.69 -11.06 34.65
C LEU A 373 -43.16 -11.05 35.04
N THR A 374 -43.46 -10.41 36.16
CA THR A 374 -44.81 -9.98 36.46
C THR A 374 -45.03 -8.69 35.68
N GLU A 375 -46.30 -8.27 35.55
CA GLU A 375 -46.60 -7.13 34.68
C GLU A 375 -45.99 -5.83 35.19
N ASP A 376 -46.65 -5.20 36.17
CA ASP A 376 -46.14 -4.34 37.25
C ASP A 376 -47.40 -3.80 37.92
N ASP A 377 -47.25 -3.00 38.97
CA ASP A 377 -48.29 -2.06 39.38
C ASP A 377 -47.99 -0.68 38.80
N THR A 378 -49.02 0.03 38.37
CA THR A 378 -48.84 1.24 37.57
C THR A 378 -48.26 2.38 38.39
N SER A 379 -48.89 2.72 39.51
CA SER A 379 -48.38 3.81 40.34
C SER A 379 -47.40 3.34 41.42
N GLY A 380 -47.06 2.05 41.45
CA GLY A 380 -45.95 1.62 42.28
C GLY A 380 -44.62 2.13 41.77
N LEU A 381 -44.53 2.38 40.45
CA LEU A 381 -43.43 3.12 39.82
C LEU A 381 -44.10 3.79 38.60
N GLU A 382 -44.47 5.07 38.77
CA GLU A 382 -45.11 5.81 37.68
C GLU A 382 -44.16 5.99 36.52
N GLN A 383 -43.10 6.76 36.72
CA GLN A 383 -41.94 6.80 35.82
C GLN A 383 -40.75 7.35 36.59
N LYS A 384 -39.55 6.88 36.25
CA LYS A 384 -38.33 7.46 36.77
C LYS A 384 -37.87 8.53 35.79
N THR A 385 -37.47 9.69 36.32
CA THR A 385 -36.96 10.78 35.50
C THR A 385 -35.69 10.39 34.75
N VAL A 386 -35.76 10.42 33.42
CA VAL A 386 -34.62 10.05 32.60
C VAL A 386 -33.62 11.20 32.64
N VAL A 387 -32.34 10.89 32.46
CA VAL A 387 -31.28 11.88 32.55
C VAL A 387 -30.65 12.04 31.18
N VAL A 388 -30.81 13.22 30.61
CA VAL A 388 -30.29 13.54 29.29
C VAL A 388 -29.14 14.51 29.47
N THR A 389 -27.97 14.13 28.97
CA THR A 389 -26.84 15.04 28.89
C THR A 389 -26.79 15.66 27.50
N THR A 390 -26.21 16.85 27.43
CA THR A 390 -26.05 17.58 26.17
C THR A 390 -24.66 18.19 26.14
N ILE A 391 -24.38 18.86 25.04
CA ILE A 391 -23.15 19.64 24.88
C ILE A 391 -23.53 21.02 24.36
N LEU A 392 -22.84 22.05 24.88
CA LEU A 392 -23.15 23.44 24.55
C LEU A 392 -22.64 23.74 23.15
N GLU A 393 -23.52 23.56 22.17
CA GLU A 393 -23.18 23.79 20.78
C GLU A 393 -24.31 24.52 20.08
N SER A 394 -23.99 25.64 19.45
CA SER A 394 -24.95 26.32 18.60
C SER A 394 -25.16 25.51 17.33
N PRO A 395 -26.39 25.45 16.82
CA PRO A 395 -27.63 25.98 17.38
C PRO A 395 -28.38 24.94 18.18
N TYR A 396 -27.68 23.86 18.52
CA TYR A 396 -28.37 22.70 19.10
C TYR A 396 -28.73 22.94 20.56
N VAL A 397 -27.78 23.46 21.35
CA VAL A 397 -28.02 23.80 22.75
C VAL A 397 -27.40 25.18 23.00
N MET A 398 -28.24 26.11 23.46
CA MET A 398 -27.82 27.48 23.74
C MET A 398 -28.24 27.89 25.14
N MET A 399 -27.74 29.05 25.56
CA MET A 399 -28.01 29.60 26.88
C MET A 399 -29.37 30.30 26.91
N LYS A 400 -29.59 31.06 27.98
CA LYS A 400 -30.81 31.81 28.19
C LYS A 400 -30.44 33.21 28.68
N LYS A 401 -31.30 34.18 28.33
CA LYS A 401 -31.20 35.53 28.90
C LYS A 401 -31.27 35.49 30.41
N ASN A 402 -32.23 34.74 30.96
CA ASN A 402 -32.20 34.33 32.37
C ASN A 402 -31.20 33.18 32.50
N HIS A 403 -29.92 33.56 32.52
CA HIS A 403 -28.86 32.57 32.58
C HIS A 403 -28.81 31.85 33.92
N GLU A 404 -29.22 32.55 34.98
CA GLU A 404 -29.25 31.98 36.31
C GLU A 404 -30.62 32.07 36.97
N MET A 405 -31.51 32.95 36.48
CA MET A 405 -32.83 33.09 37.06
C MET A 405 -33.74 31.91 36.74
N LEU A 406 -33.87 31.56 35.47
CA LEU A 406 -34.79 30.49 35.09
C LEU A 406 -34.18 29.14 35.43
N GLU A 407 -35.05 28.21 35.81
CA GLU A 407 -34.65 27.00 36.52
C GLU A 407 -34.94 25.77 35.65
N GLY A 408 -34.12 24.75 35.81
CA GLY A 408 -34.39 23.44 35.28
C GLY A 408 -34.15 23.33 33.79
N ASN A 409 -35.05 22.62 33.12
CA ASN A 409 -34.88 22.30 31.71
C ASN A 409 -35.02 23.51 30.80
N GLU A 410 -35.67 24.58 31.28
CA GLU A 410 -35.81 25.78 30.49
C GLU A 410 -34.61 26.71 30.57
N ARG A 411 -33.59 26.33 31.35
CA ARG A 411 -32.36 27.12 31.41
C ARG A 411 -31.61 27.08 30.09
N TYR A 412 -31.79 26.02 29.31
CA TYR A 412 -31.18 25.90 28.01
C TYR A 412 -32.25 25.88 26.93
N GLU A 413 -31.83 26.19 25.70
CA GLU A 413 -32.76 26.28 24.58
C GLU A 413 -31.97 25.98 23.32
N GLY A 414 -32.67 25.49 22.30
CA GLY A 414 -32.00 25.25 21.04
C GLY A 414 -32.78 24.24 20.21
N TYR A 415 -32.10 23.76 19.17
CA TYR A 415 -32.67 22.74 18.30
C TYR A 415 -32.93 21.45 19.07
N CYS A 416 -31.92 20.97 19.79
CA CYS A 416 -32.06 19.73 20.52
C CYS A 416 -32.97 19.89 21.74
N VAL A 417 -32.96 21.06 22.36
CA VAL A 417 -33.81 21.30 23.53
C VAL A 417 -35.27 21.28 23.13
N ASP A 418 -35.59 21.92 22.01
CA ASP A 418 -36.95 21.85 21.48
C ASP A 418 -37.26 20.46 20.95
N LEU A 419 -36.23 19.74 20.51
CA LEU A 419 -36.44 18.35 20.12
C LEU A 419 -36.70 17.47 21.34
N ALA A 420 -36.05 17.79 22.47
CA ALA A 420 -36.19 16.99 23.68
C ALA A 420 -37.60 17.06 24.26
N ALA A 421 -38.28 18.19 24.08
CA ALA A 421 -39.70 18.25 24.41
C ALA A 421 -40.52 17.41 23.46
N GLU A 422 -40.16 17.40 22.17
CA GLU A 422 -40.92 16.66 21.17
C GLU A 422 -40.80 15.15 21.37
N ILE A 423 -39.63 14.68 21.77
CA ILE A 423 -39.46 13.27 22.07
C ILE A 423 -40.23 12.89 23.33
N ALA A 424 -40.35 13.84 24.27
CA ALA A 424 -41.04 13.57 25.53
C ALA A 424 -42.54 13.41 25.33
N LYS A 425 -43.13 14.22 24.45
CA LYS A 425 -44.57 14.20 24.29
C LYS A 425 -45.05 12.96 23.56
N HIS A 426 -44.35 12.56 22.50
CA HIS A 426 -44.84 11.48 21.66
C HIS A 426 -44.58 10.11 22.29
N CYS A 427 -43.56 9.99 23.12
CA CYS A 427 -43.36 8.75 23.86
C CYS A 427 -44.12 8.77 25.18
N GLY A 428 -44.08 9.90 25.90
CA GLY A 428 -44.90 10.01 27.10
C GLY A 428 -44.14 9.99 28.40
N PHE A 429 -42.97 10.61 28.43
CA PHE A 429 -42.10 10.57 29.60
C PHE A 429 -41.68 11.98 30.00
N LYS A 430 -41.28 12.12 31.26
CA LYS A 430 -40.67 13.37 31.74
C LYS A 430 -39.16 13.26 31.63
N TYR A 431 -38.54 14.32 31.13
CA TYR A 431 -37.09 14.36 30.93
C TYR A 431 -36.46 15.32 31.92
N LYS A 432 -35.14 15.26 32.01
CA LYS A 432 -34.35 16.19 32.79
C LYS A 432 -33.03 16.43 32.06
N LEU A 433 -32.73 17.69 31.79
CA LEU A 433 -31.54 18.00 31.01
C LEU A 433 -30.33 18.22 31.90
N THR A 434 -29.21 17.64 31.50
CA THR A 434 -27.94 17.81 32.18
C THR A 434 -26.87 18.16 31.16
N ILE A 435 -25.69 18.48 31.67
CA ILE A 435 -24.53 18.83 30.85
C ILE A 435 -23.44 17.81 31.14
N VAL A 436 -22.73 17.39 30.10
CA VAL A 436 -21.55 16.55 30.28
C VAL A 436 -20.49 17.33 31.05
N GLY A 437 -19.78 16.63 31.93
CA GLY A 437 -18.86 17.30 32.82
C GLY A 437 -17.59 17.76 32.12
N ASP A 438 -17.16 17.03 31.10
CA ASP A 438 -15.93 17.40 30.41
C ASP A 438 -16.19 18.45 29.34
N GLY A 439 -17.19 18.23 28.51
CA GLY A 439 -17.44 19.08 27.36
C GLY A 439 -16.94 18.53 26.05
N LYS A 440 -16.68 17.23 25.97
CA LYS A 440 -16.18 16.59 24.77
C LYS A 440 -17.17 15.53 24.32
N TYR A 441 -17.19 15.26 23.02
CA TYR A 441 -18.22 14.38 22.45
C TYR A 441 -17.99 12.93 22.85
N GLY A 442 -16.90 12.34 22.40
CA GLY A 442 -16.59 10.98 22.80
C GLY A 442 -15.43 10.39 22.04
N ALA A 443 -14.53 9.71 22.75
CA ALA A 443 -13.35 9.16 22.12
C ALA A 443 -12.93 7.91 22.89
N ARG A 444 -13.02 6.77 22.23
CA ARG A 444 -12.37 5.56 22.72
C ARG A 444 -10.86 5.80 22.78
N ASP A 445 -10.26 5.46 23.91
CA ASP A 445 -8.82 5.54 24.08
C ASP A 445 -8.23 4.15 23.93
N ALA A 446 -7.11 4.05 23.22
CA ALA A 446 -6.41 2.77 23.11
C ALA A 446 -5.74 2.41 24.43
N ASP A 447 -5.46 3.41 25.26
CA ASP A 447 -4.86 3.16 26.57
C ASP A 447 -5.87 2.51 27.52
N THR A 448 -7.11 2.98 27.50
CA THR A 448 -8.07 2.61 28.54
C THR A 448 -9.32 1.89 28.06
N LYS A 449 -9.65 1.96 26.78
CA LYS A 449 -10.97 1.57 26.23
C LYS A 449 -12.09 2.27 27.02
N ILE A 450 -11.93 3.59 27.20
CA ILE A 450 -12.89 4.43 27.90
C ILE A 450 -13.21 5.62 27.00
N TRP A 451 -14.50 5.90 26.88
CA TRP A 451 -15.02 6.99 26.06
C TRP A 451 -15.10 8.25 26.91
N ASN A 452 -14.05 9.06 26.88
CA ASN A 452 -14.03 10.29 27.65
C ASN A 452 -14.97 11.29 27.00
N GLY A 453 -16.04 11.62 27.70
CA GLY A 453 -16.92 12.67 27.25
C GLY A 453 -18.37 12.23 27.37
N MET A 454 -19.17 12.69 26.41
CA MET A 454 -20.60 12.44 26.45
C MET A 454 -20.94 10.98 26.19
N VAL A 455 -20.16 10.30 25.34
CA VAL A 455 -20.47 8.93 24.97
C VAL A 455 -20.31 7.99 26.16
N GLY A 456 -19.23 8.15 26.93
CA GLY A 456 -19.07 7.36 28.14
C GLY A 456 -20.08 7.70 29.22
N GLU A 457 -20.60 8.93 29.21
CA GLU A 457 -21.75 9.25 30.05
C GLU A 457 -22.98 8.50 29.58
N LEU A 458 -23.04 8.13 28.31
CA LEU A 458 -24.15 7.35 27.80
C LEU A 458 -23.86 5.86 27.87
N VAL A 459 -22.59 5.47 27.81
CA VAL A 459 -22.23 4.05 27.91
C VAL A 459 -22.33 3.58 29.36
N TYR A 460 -21.64 4.28 30.26
CA TYR A 460 -21.44 3.80 31.62
C TYR A 460 -22.65 4.01 32.52
N GLY A 461 -23.74 4.54 32.00
CA GLY A 461 -25.00 4.58 32.69
C GLY A 461 -25.33 5.83 33.47
N LYS A 462 -24.47 6.85 33.45
CA LYS A 462 -24.76 8.05 34.21
C LYS A 462 -25.82 8.91 33.52
N ALA A 463 -26.09 8.65 32.25
CA ALA A 463 -27.18 9.28 31.53
C ALA A 463 -28.10 8.18 31.02
N ASP A 464 -29.19 8.59 30.35
CA ASP A 464 -30.12 7.64 29.76
C ASP A 464 -30.26 7.86 28.25
N ILE A 465 -30.53 9.08 27.82
CA ILE A 465 -30.81 9.38 26.42
C ILE A 465 -29.89 10.50 25.98
N ALA A 466 -29.27 10.31 24.82
CA ALA A 466 -28.35 11.29 24.23
C ALA A 466 -29.10 12.16 23.24
N ILE A 467 -29.18 13.45 23.53
CA ILE A 467 -29.85 14.41 22.66
C ILE A 467 -28.79 15.46 22.32
N ALA A 468 -28.15 15.31 21.16
CA ALA A 468 -27.01 16.13 20.78
C ALA A 468 -26.77 15.95 19.29
N PRO A 469 -25.92 16.79 18.67
CA PRO A 469 -25.38 16.43 17.35
C PRO A 469 -24.39 15.28 17.46
N LEU A 470 -24.92 14.06 17.56
CA LEU A 470 -24.13 12.89 17.89
C LEU A 470 -23.99 12.00 16.65
N THR A 471 -22.77 11.87 16.16
CA THR A 471 -22.55 11.25 14.86
C THR A 471 -22.65 9.74 14.93
N ILE A 472 -23.46 9.17 14.04
CA ILE A 472 -23.55 7.73 13.89
C ILE A 472 -22.31 7.27 13.11
N THR A 473 -21.42 6.54 13.78
CA THR A 473 -20.26 5.94 13.15
C THR A 473 -20.14 4.50 13.60
N LEU A 474 -19.30 3.74 12.89
CA LEU A 474 -19.23 2.30 13.10
C LEU A 474 -18.58 1.93 14.42
N VAL A 475 -17.69 2.79 14.92
CA VAL A 475 -17.09 2.56 16.23
C VAL A 475 -18.12 2.78 17.32
N ARG A 476 -18.93 3.83 17.19
CA ARG A 476 -20.03 4.06 18.11
C ARG A 476 -21.21 3.11 17.85
N GLU A 477 -21.25 2.47 16.69
CA GLU A 477 -22.34 1.56 16.37
C GLU A 477 -22.31 0.32 17.25
N GLU A 478 -21.13 -0.18 17.60
CA GLU A 478 -21.04 -1.45 18.29
C GLU A 478 -21.12 -1.32 19.80
N VAL A 479 -21.05 -0.11 20.35
CA VAL A 479 -20.96 0.02 21.80
C VAL A 479 -22.26 0.57 22.37
N ILE A 480 -23.05 1.25 21.56
CA ILE A 480 -24.39 1.73 21.94
C ILE A 480 -25.32 1.53 20.75
N ASP A 481 -26.57 1.95 20.94
CA ASP A 481 -27.59 1.85 19.91
C ASP A 481 -27.98 3.25 19.46
N PHE A 482 -28.35 3.37 18.19
CA PHE A 482 -28.72 4.65 17.61
C PHE A 482 -30.12 4.59 17.02
N SER A 483 -30.70 5.77 16.84
CA SER A 483 -31.93 5.92 16.08
C SER A 483 -31.62 5.93 14.59
N LYS A 484 -32.65 6.12 13.77
CA LYS A 484 -32.44 6.39 12.37
C LYS A 484 -31.86 7.79 12.20
N PRO A 485 -31.05 8.02 11.17
CA PRO A 485 -30.47 9.35 10.97
C PRO A 485 -31.52 10.38 10.59
N PHE A 486 -31.70 11.36 11.46
CA PHE A 486 -32.69 12.41 11.26
C PHE A 486 -32.10 13.61 10.53
N MET A 487 -30.79 13.64 10.33
CA MET A 487 -30.15 14.79 9.73
C MET A 487 -28.89 14.33 9.02
N SER A 488 -28.84 14.60 7.73
CA SER A 488 -27.70 14.25 6.89
C SER A 488 -26.69 15.38 6.94
N LEU A 489 -25.42 15.04 6.76
CA LEU A 489 -24.35 15.99 7.03
C LEU A 489 -23.10 15.55 6.28
N GLY A 490 -21.99 16.21 6.60
CA GLY A 490 -20.72 15.86 6.00
C GLY A 490 -19.61 16.67 6.60
N ILE A 491 -18.39 16.16 6.45
CA ILE A 491 -17.20 16.94 6.74
C ILE A 491 -17.14 18.10 5.76
N SER A 492 -16.96 19.31 6.28
CA SER A 492 -16.85 20.48 5.45
C SER A 492 -15.69 21.32 5.93
N ILE A 493 -15.17 22.17 5.04
CA ILE A 493 -14.03 23.01 5.37
C ILE A 493 -14.54 24.40 5.73
N MET A 494 -13.96 25.00 6.76
CA MET A 494 -14.24 26.38 7.09
C MET A 494 -12.94 27.17 7.06
N ILE A 495 -12.97 28.31 6.38
CA ILE A 495 -11.86 29.24 6.33
C ILE A 495 -12.37 30.63 6.68
N LYS A 496 -11.42 31.52 6.93
CA LYS A 496 -11.71 32.95 7.00
C LYS A 496 -12.11 33.41 5.61
N LYS A 497 -13.23 34.09 5.50
CA LYS A 497 -13.68 34.54 4.19
C LYS A 497 -12.81 35.70 3.73
N PRO A 498 -12.09 35.56 2.62
CA PRO A 498 -11.07 36.56 2.28
C PRO A 498 -11.67 37.82 1.65
N GLN A 499 -12.14 38.75 2.48
CA GLN A 499 -12.53 40.05 1.95
C GLN A 499 -11.28 40.79 1.50
N LYS A 500 -11.40 41.58 0.44
CA LYS A 500 -10.22 42.19 -0.16
C LYS A 500 -9.73 43.34 0.71
N SER A 501 -8.42 43.44 0.85
CA SER A 501 -7.83 44.59 1.52
C SER A 501 -7.90 45.78 0.58
N LYS A 502 -8.46 46.89 1.07
CA LYS A 502 -8.54 48.09 0.26
C LYS A 502 -7.15 48.70 0.11
N PRO A 503 -6.74 49.05 -1.10
CA PRO A 503 -5.44 49.69 -1.29
C PRO A 503 -5.45 51.12 -0.78
N GLY A 504 -4.24 51.68 -0.70
CA GLY A 504 -4.11 53.10 -0.44
C GLY A 504 -4.52 53.91 -1.66
N VAL A 505 -4.72 55.21 -1.45
CA VAL A 505 -5.04 56.08 -2.57
C VAL A 505 -3.80 56.32 -3.42
N PHE A 506 -2.62 56.14 -2.85
CA PHE A 506 -1.36 56.23 -3.58
C PHE A 506 -0.83 54.87 -3.97
N SER A 507 -1.72 53.94 -4.30
CA SER A 507 -1.33 52.58 -4.67
C SER A 507 -1.24 52.38 -6.18
N PHE A 508 -1.61 53.38 -6.98
CA PHE A 508 -1.47 53.26 -8.43
C PHE A 508 -0.01 53.22 -8.85
N LEU A 509 0.86 53.87 -8.10
CA LEU A 509 2.28 53.95 -8.43
C LEU A 509 3.07 52.78 -7.87
N ASP A 510 2.38 51.79 -7.32
CA ASP A 510 3.05 50.58 -6.84
C ASP A 510 3.84 49.74 -7.85
N PRO A 511 3.57 49.74 -9.17
CA PRO A 511 4.50 49.04 -10.07
C PRO A 511 5.91 49.58 -10.06
N LEU A 512 6.09 50.88 -9.96
CA LEU A 512 7.44 51.36 -9.73
C LEU A 512 7.70 51.43 -8.23
N ALA A 513 8.97 51.56 -7.87
CA ALA A 513 9.33 51.87 -6.50
C ALA A 513 9.29 53.39 -6.32
N TYR A 514 9.03 53.82 -5.09
CA TYR A 514 9.00 55.25 -4.82
C TYR A 514 10.39 55.87 -4.82
N GLU A 515 11.43 55.04 -4.83
CA GLU A 515 12.77 55.55 -5.10
C GLU A 515 12.96 55.88 -6.57
N ILE A 516 12.21 55.21 -7.46
CA ILE A 516 12.28 55.55 -8.88
C ILE A 516 11.62 56.89 -9.13
N TRP A 517 10.41 57.08 -8.59
CA TRP A 517 9.61 58.29 -8.82
C TRP A 517 10.32 59.56 -8.38
N MET A 518 11.06 59.51 -7.27
CA MET A 518 11.85 60.66 -6.84
C MET A 518 13.00 60.91 -7.80
N CYS A 519 13.57 59.86 -8.38
CA CYS A 519 14.61 60.04 -9.38
C CYS A 519 14.05 60.50 -10.72
N ILE A 520 12.77 60.26 -10.98
CA ILE A 520 12.14 60.78 -12.18
C ILE A 520 12.02 62.30 -12.09
N VAL A 521 11.60 62.79 -10.92
CA VAL A 521 11.38 64.23 -10.73
C VAL A 521 12.71 64.97 -10.76
N PHE A 522 13.74 64.41 -10.15
CA PHE A 522 15.08 65.00 -10.20
C PHE A 522 15.62 65.02 -11.63
N ALA A 523 15.24 64.02 -12.43
CA ALA A 523 15.63 64.02 -13.84
C ALA A 523 14.83 65.04 -14.64
N TYR A 524 13.54 65.19 -14.32
CA TYR A 524 12.70 66.17 -15.02
C TYR A 524 13.18 67.59 -14.75
N ILE A 525 13.70 67.85 -13.55
CA ILE A 525 14.23 69.17 -13.24
C ILE A 525 15.51 69.42 -14.02
N GLY A 526 16.43 68.47 -14.00
CA GLY A 526 17.75 68.70 -14.59
C GLY A 526 17.72 68.82 -16.10
N VAL A 527 16.86 68.03 -16.75
CA VAL A 527 16.77 68.04 -18.21
C VAL A 527 16.24 69.38 -18.72
N SER A 528 15.29 69.98 -18.00
CA SER A 528 14.77 71.28 -18.42
C SER A 528 15.82 72.38 -18.26
N VAL A 529 16.66 72.29 -17.23
CA VAL A 529 17.65 73.31 -16.97
C VAL A 529 18.83 73.19 -17.94
N VAL A 530 19.19 71.96 -18.30
CA VAL A 530 20.25 71.75 -19.29
C VAL A 530 19.80 72.29 -20.65
N LEU A 531 18.54 72.04 -21.02
CA LEU A 531 18.00 72.63 -22.23
C LEU A 531 17.89 74.15 -22.10
N PHE A 532 17.67 74.65 -20.89
CA PHE A 532 17.60 76.10 -20.66
C PHE A 532 18.95 76.76 -20.93
N LEU A 533 20.04 76.14 -20.48
CA LEU A 533 21.37 76.69 -20.73
C LEU A 533 21.78 76.55 -22.19
N VAL A 534 21.36 75.47 -22.84
CA VAL A 534 21.62 75.30 -24.27
C VAL A 534 20.86 76.34 -25.07
N SER A 535 19.58 76.55 -24.73
CA SER A 535 18.76 77.48 -25.47
C SER A 535 19.18 78.92 -25.22
N ARG A 536 19.24 79.33 -23.95
CA ARG A 536 19.61 80.69 -23.59
C ARG A 536 21.12 80.81 -23.57
N PHE A 537 21.68 80.85 -24.77
CA PHE A 537 23.12 80.98 -24.96
C PHE A 537 23.41 82.41 -25.42
N SER A 538 24.66 82.84 -25.36
CA SER A 538 24.95 84.27 -25.45
C SER A 538 24.82 84.84 -26.87
N PRO A 539 25.23 84.16 -27.94
CA PRO A 539 24.69 84.53 -29.26
C PRO A 539 23.43 83.79 -29.66
N TYR A 540 22.89 82.94 -28.78
CA TYR A 540 21.70 82.11 -29.01
C TYR A 540 21.82 81.24 -30.25
N SER A 558 19.13 83.13 -33.56
CA SER A 558 17.99 84.02 -33.41
C SER A 558 16.70 83.26 -33.15
N THR A 559 15.75 83.95 -32.48
CA THR A 559 14.39 83.46 -32.22
C THR A 559 14.41 82.12 -31.48
N ASN A 560 14.90 82.15 -30.25
CA ASN A 560 15.02 80.94 -29.44
C ASN A 560 14.12 81.11 -28.22
N GLU A 561 12.92 80.56 -28.32
CA GLU A 561 11.85 80.86 -27.38
C GLU A 561 11.91 80.02 -26.11
N PHE A 562 12.86 79.11 -25.98
CA PHE A 562 12.85 78.14 -24.89
C PHE A 562 13.38 78.78 -23.62
N GLY A 563 12.51 79.49 -22.92
CA GLY A 563 12.82 80.02 -21.62
C GLY A 563 12.60 78.99 -20.54
N ILE A 564 12.72 79.46 -19.29
CA ILE A 564 12.52 78.57 -18.15
C ILE A 564 11.05 78.24 -17.99
N PHE A 565 10.16 79.04 -18.59
CA PHE A 565 8.74 78.73 -18.59
C PHE A 565 8.39 77.77 -19.73
N ASN A 566 9.18 77.79 -20.80
CA ASN A 566 8.93 76.90 -21.93
C ASN A 566 9.63 75.56 -21.74
N SER A 567 10.90 75.58 -21.30
CA SER A 567 11.65 74.33 -21.19
C SER A 567 11.14 73.47 -20.03
N LEU A 568 10.54 74.10 -19.01
CA LEU A 568 9.82 73.33 -18.02
C LEU A 568 8.56 72.72 -18.62
N TRP A 569 7.95 73.40 -19.58
CA TRP A 569 6.72 72.89 -20.17
C TRP A 569 6.98 71.93 -21.31
N PHE A 570 8.07 72.12 -22.05
CA PHE A 570 8.38 71.22 -23.16
C PHE A 570 8.75 69.83 -22.68
N SER A 571 9.51 69.75 -21.58
CA SER A 571 9.91 68.46 -21.05
C SER A 571 8.72 67.72 -20.44
N LEU A 572 7.74 68.46 -19.91
CA LEU A 572 6.55 67.83 -19.38
C LEU A 572 5.72 67.22 -20.49
N GLY A 573 5.56 67.95 -21.59
CA GLY A 573 4.82 67.42 -22.72
C GLY A 573 5.52 66.28 -23.41
N ALA A 574 6.84 66.27 -23.37
CA ALA A 574 7.59 65.16 -23.92
C ALA A 574 7.51 63.94 -23.01
N PHE A 575 7.47 64.16 -21.70
CA PHE A 575 7.38 63.04 -20.77
C PHE A 575 6.01 62.39 -20.78
N MET A 576 4.96 63.16 -21.04
CA MET A 576 3.64 62.57 -21.04
C MET A 576 3.22 62.06 -22.41
N GLN A 577 4.11 62.13 -23.40
CA GLN A 577 3.92 61.65 -24.78
C GLN A 577 2.75 62.32 -25.49
N GLN A 578 2.35 63.50 -25.06
CA GLN A 578 1.26 64.22 -25.69
C GLN A 578 1.74 65.31 -26.62
N GLY A 579 2.89 65.12 -27.25
CA GLY A 579 3.41 66.08 -28.17
C GLY A 579 3.99 67.28 -27.46
N CYS A 580 4.04 68.38 -28.19
CA CYS A 580 4.59 69.64 -27.69
C CYS A 580 4.03 70.77 -28.53
N ASP A 581 4.33 71.99 -28.10
CA ASP A 581 4.05 73.14 -28.96
C ASP A 581 5.11 73.26 -30.03
N ILE A 582 6.38 73.38 -29.64
CA ILE A 582 7.49 73.49 -30.58
C ILE A 582 8.61 72.57 -30.15
N SER A 583 9.49 72.26 -31.10
CA SER A 583 10.66 71.42 -30.96
C SER A 583 11.91 72.28 -30.97
N PRO A 584 13.00 71.84 -30.32
CA PRO A 584 14.24 72.64 -30.31
C PRO A 584 14.92 72.65 -31.67
N ARG A 585 15.12 73.85 -32.22
CA ARG A 585 15.74 74.02 -33.53
C ARG A 585 17.25 74.26 -33.40
N SER A 586 17.90 73.38 -32.64
CA SER A 586 19.33 73.47 -32.41
C SER A 586 19.85 72.08 -32.09
N LEU A 587 21.08 71.80 -32.53
CA LEU A 587 21.61 70.44 -32.48
C LEU A 587 21.78 69.96 -31.05
N SER A 588 22.34 70.81 -30.19
CA SER A 588 22.45 70.45 -28.78
C SER A 588 21.09 70.41 -28.12
N GLY A 589 20.12 71.17 -28.63
CA GLY A 589 18.76 71.05 -28.14
C GLY A 589 18.09 69.77 -28.60
N ARG A 590 18.46 69.28 -29.77
CA ARG A 590 17.92 68.02 -30.24
C ARG A 590 18.51 66.82 -29.53
N ILE A 591 19.73 66.96 -28.99
CA ILE A 591 20.35 65.88 -28.22
C ILE A 591 19.60 65.66 -26.91
N VAL A 592 19.39 66.73 -26.16
CA VAL A 592 18.63 66.63 -24.91
C VAL A 592 17.16 66.33 -25.19
N GLY A 593 16.64 66.80 -26.31
CA GLY A 593 15.32 66.37 -26.73
C GLY A 593 15.31 64.92 -27.18
N GLY A 594 16.46 64.43 -27.66
CA GLY A 594 16.52 63.04 -28.06
C GLY A 594 16.57 62.09 -26.87
N VAL A 595 17.48 62.36 -25.93
CA VAL A 595 17.69 61.40 -24.85
C VAL A 595 16.56 61.43 -23.85
N TRP A 596 15.85 62.55 -23.74
CA TRP A 596 14.66 62.57 -22.91
C TRP A 596 13.55 61.76 -23.53
N TRP A 597 13.49 61.73 -24.85
CA TRP A 597 12.50 60.90 -25.53
C TRP A 597 12.78 59.42 -25.34
N PHE A 598 14.05 59.02 -25.40
CA PHE A 598 14.38 57.62 -25.12
C PHE A 598 14.27 57.31 -23.64
N PHE A 599 14.41 58.33 -22.80
CA PHE A 599 14.09 58.16 -21.39
C PHE A 599 12.61 57.87 -21.19
N THR A 600 11.75 58.76 -21.68
CA THR A 600 10.33 58.61 -21.41
C THR A 600 9.69 57.51 -22.23
N LEU A 601 10.40 56.97 -23.23
CA LEU A 601 9.91 55.77 -23.89
C LEU A 601 9.99 54.57 -22.98
N ILE A 602 11.09 54.45 -22.24
CA ILE A 602 11.31 53.25 -21.45
C ILE A 602 10.48 53.28 -20.17
N ILE A 603 10.44 54.44 -19.50
CA ILE A 603 9.84 54.54 -18.18
C ILE A 603 8.33 54.32 -18.27
N ILE A 604 7.70 54.82 -19.33
CA ILE A 604 6.29 54.58 -19.53
C ILE A 604 6.05 53.12 -19.88
N SER A 605 6.90 52.56 -20.74
CA SER A 605 6.71 51.17 -21.15
C SER A 605 7.02 50.21 -20.02
N SER A 606 7.98 50.55 -19.17
CA SER A 606 8.28 49.67 -18.04
C SER A 606 7.16 49.71 -17.02
N TYR A 607 6.47 50.84 -16.91
CA TYR A 607 5.34 50.94 -16.00
C TYR A 607 4.18 50.08 -16.48
N THR A 608 4.00 49.99 -17.80
CA THR A 608 2.90 49.21 -18.35
C THR A 608 3.12 47.72 -18.11
N ALA A 609 4.38 47.29 -18.14
CA ALA A 609 4.66 45.87 -17.98
C ALA A 609 4.47 45.43 -16.53
N ASN A 610 5.00 46.20 -15.58
CA ASN A 610 4.89 45.78 -14.18
C ASN A 610 3.47 45.92 -13.67
N LEU A 611 2.71 46.88 -14.21
CA LEU A 611 1.30 46.95 -13.85
C LEU A 611 0.53 45.77 -14.46
N ALA A 612 0.94 45.32 -15.64
CA ALA A 612 0.41 44.06 -16.14
C ALA A 612 0.95 42.89 -15.32
N ALA A 613 2.15 43.02 -14.79
CA ALA A 613 2.72 41.92 -14.02
C ALA A 613 2.01 41.73 -12.69
N PHE A 614 1.56 42.82 -12.06
CA PHE A 614 0.75 42.69 -10.84
C PHE A 614 -0.56 41.98 -11.13
N LEU A 615 -1.20 42.32 -12.24
CA LEU A 615 -2.54 41.82 -12.47
C LEU A 615 -2.55 40.41 -13.02
N THR A 616 -1.50 40.00 -13.73
CA THR A 616 -1.43 38.62 -14.20
C THR A 616 -1.12 37.67 -13.05
N VAL A 617 -0.34 38.12 -12.07
CA VAL A 617 -0.11 37.31 -10.89
C VAL A 617 -1.37 37.21 -10.05
N GLU A 618 -2.14 38.31 -9.98
CA GLU A 618 -3.28 38.37 -9.08
C GLU A 618 -4.41 37.45 -9.52
N ARG A 619 -4.57 37.24 -10.82
CA ARG A 619 -5.59 36.32 -11.28
C ARG A 619 -5.13 34.87 -11.18
N MET A 620 -3.82 34.64 -11.13
CA MET A 620 -3.34 33.28 -10.85
C MET A 620 -3.52 32.91 -9.39
N VAL A 621 -3.77 33.88 -8.51
CA VAL A 621 -4.03 33.58 -7.10
C VAL A 621 -5.38 32.89 -7.00
N SER A 622 -5.36 31.60 -6.71
CA SER A 622 -6.58 30.81 -6.64
C SER A 622 -6.90 30.44 -5.20
N PRO A 623 -8.15 30.52 -4.79
CA PRO A 623 -8.50 30.10 -3.43
C PRO A 623 -8.54 28.59 -3.31
N ILE A 624 -7.98 28.11 -2.21
CA ILE A 624 -7.92 26.68 -1.94
C ILE A 624 -9.31 26.18 -1.56
N GLU A 625 -9.87 25.30 -2.40
CA GLU A 625 -11.27 24.94 -2.19
C GLU A 625 -11.60 23.45 -2.29
N SER A 626 -10.82 22.64 -2.99
CA SER A 626 -11.26 21.28 -3.31
C SER A 626 -10.75 20.23 -2.34
N ALA A 627 -9.97 20.65 -1.33
CA ALA A 627 -9.34 19.87 -0.26
C ALA A 627 -8.18 19.02 -0.74
N GLU A 628 -7.99 18.92 -2.06
CA GLU A 628 -6.69 18.54 -2.57
C GLU A 628 -5.74 19.71 -2.48
N ASP A 629 -6.23 20.91 -2.80
CA ASP A 629 -5.47 22.13 -2.60
C ASP A 629 -5.13 22.33 -1.14
N LEU A 630 -6.05 21.98 -0.24
CA LEU A 630 -5.77 22.01 1.18
C LEU A 630 -4.75 20.95 1.55
N SER A 631 -4.67 19.86 0.80
CA SER A 631 -3.68 18.82 1.10
C SER A 631 -2.30 19.22 0.61
N LYS A 632 -2.22 20.27 -0.21
CA LYS A 632 -0.93 20.68 -0.75
C LYS A 632 -0.44 22.02 -0.21
N GLN A 633 -1.30 22.79 0.43
CA GLN A 633 -0.96 24.15 0.82
C GLN A 633 -0.48 24.14 2.27
N THR A 634 0.83 24.02 2.44
CA THR A 634 1.41 24.02 3.78
C THR A 634 1.45 25.41 4.40
N GLU A 635 1.21 26.46 3.63
CA GLU A 635 1.18 27.81 4.19
C GLU A 635 -0.02 27.99 5.11
N ILE A 636 -1.19 27.50 4.70
CA ILE A 636 -2.34 27.53 5.58
C ILE A 636 -2.38 26.23 6.37
N ALA A 637 -2.26 26.33 7.69
CA ALA A 637 -2.36 25.18 8.57
C ALA A 637 -3.83 24.81 8.74
N TYR A 638 -4.08 23.55 9.01
CA TYR A 638 -5.44 23.04 9.12
C TYR A 638 -5.52 22.03 10.27
N GLY A 639 -6.60 22.14 11.05
CA GLY A 639 -6.81 21.23 12.15
C GLY A 639 -8.29 20.93 12.30
N THR A 640 -8.58 20.00 13.21
CA THR A 640 -9.94 19.53 13.44
C THR A 640 -10.29 19.62 14.92
N LEU A 641 -11.57 19.39 15.20
CA LEU A 641 -12.02 19.17 16.56
C LEU A 641 -11.58 17.79 17.02
N ASP A 642 -10.69 17.72 18.01
CA ASP A 642 -10.25 16.43 18.51
C ASP A 642 -11.33 15.80 19.38
N SER A 643 -11.24 14.47 19.52
CA SER A 643 -12.19 13.64 20.25
C SER A 643 -13.62 13.78 19.71
N GLY A 644 -13.75 13.68 18.39
CA GLY A 644 -15.07 13.71 17.80
C GLY A 644 -15.24 12.60 16.79
N SER A 645 -15.89 12.89 15.67
CA SER A 645 -15.96 11.97 14.56
C SER A 645 -15.10 12.38 13.39
N THR A 646 -14.69 13.63 13.31
CA THR A 646 -13.81 14.07 12.24
C THR A 646 -12.42 13.47 12.38
N LYS A 647 -11.86 13.54 13.59
CA LYS A 647 -10.50 13.08 13.82
C LYS A 647 -10.39 11.57 13.64
N GLU A 648 -11.45 10.84 13.98
CA GLU A 648 -11.44 9.40 13.76
C GLU A 648 -11.65 9.07 12.30
N PHE A 649 -12.33 9.94 11.56
CA PHE A 649 -12.56 9.69 10.14
C PHE A 649 -11.25 9.79 9.36
N PHE A 650 -10.36 10.67 9.78
CA PHE A 650 -9.03 10.70 9.17
C PHE A 650 -8.11 9.65 9.75
N ARG A 651 -8.43 9.08 10.91
CA ARG A 651 -7.59 8.03 11.48
C ARG A 651 -7.63 6.77 10.64
N ARG A 652 -8.82 6.25 10.38
CA ARG A 652 -8.98 5.09 9.52
C ARG A 652 -9.28 5.53 8.09
N SER A 653 -8.33 6.27 7.54
CA SER A 653 -8.48 6.85 6.21
C SER A 653 -7.88 5.92 5.16
N LYS A 654 -8.58 5.84 4.03
CA LYS A 654 -8.20 4.96 2.93
C LYS A 654 -8.01 5.72 1.63
N ILE A 655 -8.04 7.04 1.66
CA ILE A 655 -7.84 7.86 0.48
C ILE A 655 -6.54 8.63 0.69
N ALA A 656 -5.70 8.68 -0.33
CA ALA A 656 -4.36 9.24 -0.20
C ALA A 656 -4.38 10.74 0.08
N VAL A 657 -5.36 11.46 -0.47
CA VAL A 657 -5.49 12.88 -0.15
C VAL A 657 -5.95 13.06 1.30
N PHE A 658 -6.71 12.09 1.83
CA PHE A 658 -7.01 12.09 3.25
C PHE A 658 -5.83 11.59 4.07
N ASP A 659 -5.04 10.68 3.49
CA ASP A 659 -3.90 10.12 4.20
C ASP A 659 -2.82 11.16 4.45
N LYS A 660 -2.67 12.12 3.53
CA LYS A 660 -1.67 13.16 3.69
C LYS A 660 -2.02 14.09 4.84
N MET A 661 -3.32 14.35 5.03
CA MET A 661 -3.77 15.19 6.13
C MET A 661 -3.49 14.53 7.47
N TRP A 662 -3.84 13.25 7.59
CA TRP A 662 -3.61 12.53 8.83
C TRP A 662 -2.12 12.28 9.06
N THR A 663 -1.34 12.28 7.99
CA THR A 663 0.11 12.36 8.15
C THR A 663 0.50 13.72 8.70
N TYR A 664 -0.14 14.77 8.23
CA TYR A 664 0.22 16.12 8.64
C TYR A 664 -0.34 16.48 10.00
N MET A 665 -1.63 16.20 10.22
CA MET A 665 -2.31 16.64 11.44
C MET A 665 -1.76 15.99 12.69
N ARG A 666 -1.20 14.79 12.58
CA ARG A 666 -0.49 14.21 13.69
C ARG A 666 0.89 14.81 13.88
N SER A 667 1.45 15.39 12.82
CA SER A 667 2.84 15.81 12.80
C SER A 667 3.02 17.32 12.75
N ALA A 668 1.93 18.09 12.74
CA ALA A 668 2.06 19.53 12.68
C ALA A 668 2.39 20.10 14.06
N GLU A 669 3.17 21.18 14.07
CA GLU A 669 3.58 21.80 15.31
C GLU A 669 3.12 23.26 15.32
N PRO A 670 2.46 23.72 16.39
CA PRO A 670 1.95 22.95 17.53
C PRO A 670 0.66 22.21 17.21
N SER A 671 -0.11 21.87 18.25
CA SER A 671 -1.33 21.10 18.11
C SER A 671 -2.38 21.81 17.26
N VAL A 672 -2.63 21.29 16.07
CA VAL A 672 -3.71 21.81 15.24
C VAL A 672 -5.06 21.32 15.70
N PHE A 673 -5.11 20.32 16.57
CA PHE A 673 -6.37 19.88 17.13
C PHE A 673 -6.82 20.85 18.21
N VAL A 674 -8.11 21.19 18.20
CA VAL A 674 -8.66 22.20 19.08
C VAL A 674 -9.76 21.55 19.91
N ARG A 675 -9.75 21.82 21.23
CA ARG A 675 -10.62 21.11 22.16
C ARG A 675 -12.09 21.42 21.96
N THR A 676 -12.44 22.69 21.71
CA THR A 676 -13.82 23.08 21.52
C THR A 676 -13.97 23.78 20.18
N THR A 677 -15.20 23.81 19.69
CA THR A 677 -15.45 24.40 18.37
C THR A 677 -15.38 25.92 18.43
N ALA A 678 -15.68 26.52 19.57
CA ALA A 678 -15.63 27.97 19.69
C ALA A 678 -14.19 28.48 19.60
N GLU A 679 -13.25 27.74 20.18
CA GLU A 679 -11.85 28.04 19.94
C GLU A 679 -11.43 27.60 18.55
N GLY A 680 -12.09 26.59 17.99
CA GLY A 680 -11.82 26.18 16.63
C GLY A 680 -12.23 27.23 15.61
N VAL A 681 -13.30 27.97 15.90
CA VAL A 681 -13.62 29.14 15.09
C VAL A 681 -12.63 30.27 15.38
N ALA A 682 -12.15 30.34 16.62
CA ALA A 682 -11.28 31.44 17.03
C ALA A 682 -9.90 31.36 16.39
N ARG A 683 -9.37 30.15 16.16
CA ARG A 683 -8.07 30.06 15.51
C ARG A 683 -8.17 30.34 14.01
N VAL A 684 -9.37 30.29 13.45
CA VAL A 684 -9.60 30.87 12.13
C VAL A 684 -9.60 32.38 12.21
N ARG A 685 -10.32 32.94 13.19
CA ARG A 685 -10.48 34.38 13.30
C ARG A 685 -9.17 35.06 13.69
N LYS A 686 -8.34 34.39 14.50
CA LYS A 686 -7.09 34.99 14.92
C LYS A 686 -6.07 35.01 13.78
N SER A 687 -6.03 33.94 12.99
CA SER A 687 -5.00 33.83 11.95
C SER A 687 -5.34 34.61 10.69
N LYS A 688 -6.60 35.03 10.54
CA LYS A 688 -7.08 35.87 9.44
C LYS A 688 -6.85 35.21 8.08
N GLY A 689 -7.01 33.90 8.03
CA GLY A 689 -6.79 33.15 6.82
C GLY A 689 -5.49 32.36 6.77
N LYS A 690 -4.67 32.44 7.82
CA LYS A 690 -3.49 31.58 7.88
C LYS A 690 -3.82 30.18 8.37
N TYR A 691 -5.01 29.99 8.92
CA TYR A 691 -5.41 28.72 9.52
C TYR A 691 -6.71 28.24 8.90
N ALA A 692 -6.83 26.93 8.76
CA ALA A 692 -8.05 26.30 8.28
C ALA A 692 -8.59 25.38 9.37
N TYR A 693 -9.88 25.10 9.28
CA TYR A 693 -10.56 24.32 10.30
C TYR A 693 -11.62 23.45 9.66
N LEU A 694 -11.72 22.22 10.13
CA LEU A 694 -12.69 21.26 9.62
C LEU A 694 -13.78 21.05 10.64
N LEU A 695 -15.02 20.97 10.18
CA LEU A 695 -16.16 20.70 11.04
C LEU A 695 -17.28 20.17 10.17
N GLU A 696 -18.41 19.88 10.81
CA GLU A 696 -19.52 19.30 10.10
C GLU A 696 -20.22 20.34 9.26
N SER A 697 -21.08 19.86 8.36
CA SER A 697 -21.71 20.73 7.37
C SER A 697 -22.67 21.72 8.01
N THR A 698 -23.53 21.22 8.89
CA THR A 698 -24.58 22.06 9.45
C THR A 698 -24.01 23.05 10.46
N MET A 699 -22.97 22.64 11.18
CA MET A 699 -22.26 23.56 12.07
C MET A 699 -21.55 24.65 11.28
N ASN A 700 -21.08 24.34 10.07
CA ASN A 700 -20.39 25.34 9.28
C ASN A 700 -21.37 26.36 8.73
N GLU A 701 -22.63 25.96 8.51
CA GLU A 701 -23.61 26.90 7.98
C GLU A 701 -24.04 27.91 9.03
N TYR A 702 -24.28 27.44 10.26
CA TYR A 702 -24.90 28.29 11.28
C TYR A 702 -23.94 29.38 11.75
N ILE A 703 -22.64 29.09 11.77
CA ILE A 703 -21.66 30.13 12.08
C ILE A 703 -21.60 31.14 10.96
N GLU A 704 -21.79 30.69 9.72
CA GLU A 704 -21.81 31.59 8.58
C GLU A 704 -23.07 32.45 8.59
N GLN A 705 -24.15 31.94 9.18
CA GLN A 705 -25.39 32.70 9.21
C GLN A 705 -25.40 33.74 10.33
N ARG A 706 -24.55 33.58 11.34
CA ARG A 706 -24.42 34.61 12.36
C ARG A 706 -23.69 35.82 11.78
N LYS A 707 -23.69 36.92 12.53
CA LYS A 707 -23.23 38.13 11.88
C LYS A 707 -21.90 38.68 12.40
N PRO A 708 -20.80 37.90 12.32
CA PRO A 708 -19.58 38.63 12.00
C PRO A 708 -19.30 38.50 10.51
N CYS A 709 -19.91 37.48 9.90
CA CYS A 709 -19.98 37.29 8.44
C CYS A 709 -18.59 37.16 7.81
N ASP A 710 -17.69 36.43 8.45
CA ASP A 710 -16.29 36.38 8.03
C ASP A 710 -15.80 34.97 7.74
N THR A 711 -16.68 33.98 7.78
CA THR A 711 -16.31 32.59 7.56
C THR A 711 -17.08 32.04 6.38
N MET A 712 -16.38 31.38 5.46
CA MET A 712 -17.03 30.78 4.31
C MET A 712 -16.65 29.31 4.20
N LYS A 713 -17.57 28.55 3.63
CA LYS A 713 -17.37 27.13 3.37
C LYS A 713 -16.86 26.94 1.96
N VAL A 714 -15.81 26.14 1.80
CA VAL A 714 -15.32 25.78 0.49
C VAL A 714 -15.53 24.28 0.29
N GLY A 715 -15.62 23.89 -0.97
CA GLY A 715 -15.83 22.50 -1.30
C GLY A 715 -17.25 22.05 -0.97
N GLY A 716 -17.40 20.73 -0.96
CA GLY A 716 -18.67 20.11 -0.62
C GLY A 716 -18.54 19.17 0.56
N ASN A 717 -19.49 18.27 0.70
CA ASN A 717 -19.41 17.26 1.74
C ASN A 717 -18.32 16.25 1.40
N LEU A 718 -17.37 16.07 2.31
CA LEU A 718 -16.34 15.08 2.09
C LEU A 718 -16.88 13.66 2.23
N ASP A 719 -17.92 13.49 3.05
CA ASP A 719 -18.60 12.21 3.23
C ASP A 719 -20.04 12.50 3.64
N SER A 720 -20.75 11.48 4.10
CA SER A 720 -22.11 11.68 4.61
C SER A 720 -22.31 10.76 5.82
N LYS A 721 -22.09 11.32 7.00
CA LYS A 721 -22.43 10.64 8.23
C LYS A 721 -23.83 11.09 8.66
N GLY A 722 -24.25 10.72 9.85
CA GLY A 722 -25.60 11.04 10.30
C GLY A 722 -25.66 11.23 11.79
N TYR A 723 -26.58 12.10 12.20
CA TYR A 723 -26.88 12.32 13.60
C TYR A 723 -28.04 11.43 14.01
N GLY A 724 -27.96 10.91 15.24
CA GLY A 724 -29.01 10.05 15.75
C GLY A 724 -29.13 10.12 17.26
N ILE A 725 -30.35 9.96 17.77
CA ILE A 725 -30.56 9.90 19.21
C ILE A 725 -30.10 8.55 19.71
N ALA A 726 -29.22 8.55 20.71
CA ALA A 726 -28.55 7.35 21.14
C ALA A 726 -28.96 6.96 22.56
N THR A 727 -29.17 5.66 22.75
CA THR A 727 -29.48 5.02 24.01
C THR A 727 -28.50 3.86 24.18
N PRO A 728 -28.11 3.53 25.40
CA PRO A 728 -27.12 2.46 25.60
C PRO A 728 -27.70 1.09 25.31
N LYS A 729 -26.82 0.09 25.42
CA LYS A 729 -27.25 -1.29 25.27
C LYS A 729 -28.15 -1.70 26.42
N GLY A 730 -29.23 -2.38 26.10
CA GLY A 730 -30.20 -2.78 27.10
C GLY A 730 -31.23 -1.72 27.44
N SER A 731 -31.14 -0.53 26.85
CA SER A 731 -32.14 0.50 27.10
C SER A 731 -33.42 0.15 26.37
N SER A 732 -34.50 -0.06 27.13
CA SER A 732 -35.77 -0.42 26.54
C SER A 732 -36.45 0.76 25.86
N LEU A 733 -36.00 1.98 26.13
CA LEU A 733 -36.53 3.15 25.46
C LEU A 733 -36.03 3.32 24.04
N GLY A 734 -35.04 2.52 23.61
CA GLY A 734 -34.39 2.77 22.34
C GLY A 734 -35.30 2.52 21.14
N THR A 735 -36.03 1.41 21.15
CA THR A 735 -36.94 1.08 20.07
C THR A 735 -38.19 1.98 19.98
N PRO A 736 -38.87 2.39 21.09
CA PRO A 736 -39.96 3.36 20.90
C PRO A 736 -39.51 4.72 20.42
N VAL A 737 -38.35 5.20 20.89
CA VAL A 737 -37.84 6.49 20.44
C VAL A 737 -37.37 6.42 18.99
N ASN A 738 -36.86 5.26 18.58
CA ASN A 738 -36.48 5.04 17.18
C ASN A 738 -37.68 5.15 16.26
N LEU A 739 -38.82 4.62 16.69
CA LEU A 739 -40.05 4.85 15.93
C LEU A 739 -40.60 6.25 16.14
N ALA A 740 -40.28 6.89 17.27
CA ALA A 740 -40.72 8.26 17.49
C ALA A 740 -39.97 9.24 16.60
N VAL A 741 -38.70 8.97 16.31
CA VAL A 741 -37.97 9.78 15.34
C VAL A 741 -38.57 9.63 13.96
N LEU A 742 -38.87 8.39 13.57
CA LEU A 742 -39.53 8.12 12.30
C LEU A 742 -40.97 8.61 12.29
N LYS A 743 -41.58 8.77 13.46
CA LYS A 743 -42.89 9.42 13.55
C LYS A 743 -42.78 10.90 13.19
N LEU A 744 -41.77 11.58 13.72
CA LEU A 744 -41.62 13.00 13.46
C LEU A 744 -41.07 13.27 12.06
N SER A 745 -40.49 12.26 11.42
CA SER A 745 -39.96 12.45 10.07
C SER A 745 -41.08 12.54 9.04
N GLU A 746 -42.09 11.67 9.16
CA GLU A 746 -43.21 11.64 8.23
C GLU A 746 -44.24 12.72 8.51
N GLN A 747 -44.01 13.56 9.51
CA GLN A 747 -44.87 14.73 9.72
C GLN A 747 -44.04 16.00 9.53
N GLY A 748 -42.73 15.86 9.41
CA GLY A 748 -41.87 17.00 9.22
C GLY A 748 -41.71 17.84 10.48
N VAL A 749 -41.98 17.24 11.64
CA VAL A 749 -41.78 17.90 12.91
C VAL A 749 -40.29 18.11 13.15
N LEU A 750 -39.47 17.14 12.72
CA LEU A 750 -38.02 17.34 12.64
C LEU A 750 -37.69 18.44 11.65
N ASP A 751 -38.24 18.35 10.44
CA ASP A 751 -37.85 19.22 9.35
C ASP A 751 -38.43 20.62 9.49
N LYS A 752 -39.46 20.79 10.31
CA LYS A 752 -39.88 22.14 10.69
C LYS A 752 -38.84 22.80 11.58
N LEU A 753 -38.37 22.07 12.59
CA LEU A 753 -37.32 22.58 13.46
C LEU A 753 -36.00 22.69 12.72
N LYS A 754 -35.71 21.72 11.84
CA LYS A 754 -34.52 21.78 11.00
C LYS A 754 -34.60 22.95 10.03
N ASN A 755 -35.80 23.38 9.68
CA ASN A 755 -35.91 24.66 9.01
C ASN A 755 -35.68 25.81 9.99
N LYS A 756 -36.28 25.72 11.18
CA LYS A 756 -36.62 26.91 11.98
C LYS A 756 -35.39 27.68 12.46
N TRP A 757 -34.39 26.98 13.01
CA TRP A 757 -33.28 27.69 13.62
C TRP A 757 -32.21 28.16 12.63
N TRP A 758 -32.48 28.10 11.32
CA TRP A 758 -31.47 28.44 10.33
C TRP A 758 -31.82 29.67 9.50
N TYR A 759 -33.03 29.76 8.95
CA TYR A 759 -33.42 30.96 8.22
C TYR A 759 -33.75 32.11 9.14
N ASP A 760 -34.13 31.81 10.39
CA ASP A 760 -34.39 32.84 11.39
C ASP A 760 -33.13 33.64 11.69
N LYS A 761 -31.98 32.98 11.65
CA LYS A 761 -30.70 33.67 11.78
C LYS A 761 -30.21 34.07 10.39
N GLY A 762 -30.96 34.99 9.79
CA GLY A 762 -30.53 35.63 8.56
C GLY A 762 -29.90 36.97 8.87
N GLU A 763 -29.31 37.07 10.06
CA GLU A 763 -28.81 38.33 10.59
C GLU A 763 -27.51 38.75 9.94
N CYS A 764 -26.89 37.89 9.13
CA CYS A 764 -25.69 38.27 8.39
C CYS A 764 -26.01 39.27 7.29
N GLY A 765 -27.26 39.31 6.81
CA GLY A 765 -27.63 40.24 5.77
C GLY A 765 -27.48 39.72 4.37
N ALA A 766 -27.34 38.40 4.21
CA ALA A 766 -27.10 37.72 2.93
C ALA A 766 -25.89 38.31 2.20
N LYS A 767 -24.74 38.29 2.89
CA LYS A 767 -23.52 38.85 2.33
C LYS A 767 -22.98 37.99 1.20
N ASP A 768 -23.28 36.69 1.21
CA ASP A 768 -22.84 35.84 0.11
C ASP A 768 -23.61 36.13 -1.17
N SER A 769 -24.82 36.67 -1.06
CA SER A 769 -25.59 37.03 -2.24
C SER A 769 -25.07 38.31 -2.90
N GLY A 770 -24.24 39.07 -2.18
CA GLY A 770 -23.78 40.35 -2.68
C GLY A 770 -22.27 40.50 -2.83
N SER A 771 -21.51 39.44 -2.57
CA SER A 771 -20.05 39.53 -2.65
C SER A 771 -19.44 38.33 -3.36
N LYS A 772 -20.18 37.68 -4.26
CA LYS A 772 -19.64 36.55 -5.03
C LYS A 772 -19.71 36.81 -6.53
N GLU A 773 -20.10 38.01 -6.94
CA GLU A 773 -20.07 38.39 -8.36
C GLU A 773 -18.62 38.59 -8.75
N LYS A 774 -18.03 37.54 -9.33
CA LYS A 774 -16.59 37.45 -9.55
C LYS A 774 -16.17 38.42 -10.63
N THR A 775 -15.52 39.50 -10.24
CA THR A 775 -15.05 40.50 -11.18
C THR A 775 -13.67 40.95 -10.76
N SER A 776 -12.70 40.81 -11.67
CA SER A 776 -11.34 41.23 -11.41
C SER A 776 -10.99 42.52 -12.11
N ALA A 777 -11.97 43.20 -12.69
CA ALA A 777 -11.77 44.55 -13.24
C ALA A 777 -11.42 45.51 -12.11
N LEU A 778 -10.69 46.56 -12.48
CA LEU A 778 -10.23 47.51 -11.48
C LEU A 778 -11.37 48.33 -10.90
N SER A 779 -11.26 48.64 -9.62
CA SER A 779 -12.20 49.49 -8.93
C SER A 779 -11.71 50.92 -8.97
N LEU A 780 -12.54 51.83 -8.48
CA LEU A 780 -12.09 53.19 -8.26
C LEU A 780 -11.04 53.25 -7.16
N SER A 781 -11.07 52.30 -6.21
CA SER A 781 -10.05 52.19 -5.19
C SER A 781 -8.67 51.91 -5.78
N ASN A 782 -8.61 51.27 -6.95
CA ASN A 782 -7.34 51.02 -7.60
C ASN A 782 -6.75 52.31 -8.17
N VAL A 783 -7.62 53.26 -8.52
CA VAL A 783 -7.21 54.46 -9.23
C VAL A 783 -7.66 55.71 -8.49
N ALA A 784 -7.65 55.64 -7.16
CA ALA A 784 -8.28 56.70 -6.37
C ALA A 784 -7.49 57.99 -6.41
N GLY A 785 -6.21 57.94 -6.05
CA GLY A 785 -5.39 59.14 -5.99
C GLY A 785 -5.09 59.75 -7.34
N VAL A 786 -5.31 59.01 -8.42
CA VAL A 786 -5.16 59.57 -9.76
C VAL A 786 -6.18 60.67 -9.99
N PHE A 787 -7.42 60.43 -9.56
CA PHE A 787 -8.41 61.50 -9.54
C PHE A 787 -8.04 62.57 -8.53
N TYR A 788 -7.46 62.17 -7.40
CA TYR A 788 -7.20 63.13 -6.33
C TYR A 788 -6.03 64.03 -6.69
N ILE A 789 -5.08 63.53 -7.48
CA ILE A 789 -4.07 64.41 -8.07
C ILE A 789 -4.70 65.25 -9.18
N LEU A 790 -5.68 64.67 -9.89
CA LEU A 790 -6.38 65.41 -10.94
C LEU A 790 -7.23 66.52 -10.35
N VAL A 791 -8.04 66.21 -9.34
CA VAL A 791 -8.82 67.26 -8.66
C VAL A 791 -7.90 68.17 -7.88
N GLY A 792 -6.88 67.60 -7.25
CA GLY A 792 -5.88 68.41 -6.56
C GLY A 792 -5.03 69.23 -7.50
N GLY A 793 -4.95 68.84 -8.77
CA GLY A 793 -4.35 69.70 -9.76
C GLY A 793 -5.25 70.88 -10.10
N LEU A 794 -6.57 70.64 -10.15
CA LEU A 794 -7.49 71.70 -10.51
C LEU A 794 -7.61 72.75 -9.41
N GLY A 795 -7.64 72.31 -8.15
CA GLY A 795 -7.68 73.24 -7.05
C GLY A 795 -6.40 74.03 -6.91
N LEU A 796 -5.26 73.43 -7.26
CA LEU A 796 -4.02 74.19 -7.29
C LEU A 796 -3.97 75.11 -8.49
N ALA A 797 -4.69 74.76 -9.56
CA ALA A 797 -4.74 75.63 -10.73
C ALA A 797 -5.63 76.83 -10.50
N MET A 798 -6.70 76.69 -9.70
CA MET A 798 -7.59 77.81 -9.44
C MET A 798 -6.91 78.89 -8.62
N LEU A 799 -6.01 78.49 -7.70
CA LEU A 799 -5.32 79.47 -6.87
C LEU A 799 -4.33 80.29 -7.68
N VAL A 800 -3.73 79.70 -8.71
CA VAL A 800 -2.82 80.46 -9.57
C VAL A 800 -3.58 81.48 -10.39
N ALA A 801 -4.83 81.16 -10.75
CA ALA A 801 -5.68 82.07 -11.51
C ALA A 801 -6.01 83.32 -10.69
N LEU A 802 -6.15 83.18 -9.38
CA LEU A 802 -6.48 84.33 -8.55
C LEU A 802 -5.25 85.15 -8.21
N ILE A 803 -4.09 84.50 -7.99
CA ILE A 803 -2.91 85.28 -7.61
C ILE A 803 -2.30 85.97 -8.83
N GLU A 804 -2.50 85.41 -10.03
CA GLU A 804 -2.04 86.08 -11.23
C GLU A 804 -2.93 87.29 -11.54
N PHE A 805 -4.24 87.14 -11.36
CA PHE A 805 -5.17 88.24 -11.63
C PHE A 805 -4.99 89.39 -10.65
N CYS A 806 -4.60 89.08 -9.41
CA CYS A 806 -4.29 90.14 -8.47
C CYS A 806 -2.94 90.80 -8.79
N TYR A 807 -1.97 90.00 -9.24
CA TYR A 807 -0.65 90.56 -9.55
C TYR A 807 -0.64 91.32 -10.86
N LYS A 808 -1.54 90.96 -11.79
CA LYS A 808 -1.51 91.60 -13.10
C LYS A 808 -2.07 93.02 -13.07
N SER A 809 -3.16 93.23 -12.34
CA SER A 809 -3.75 94.56 -12.28
C SER A 809 -2.94 95.53 -11.43
N ARG A 810 -2.01 95.03 -10.62
CA ARG A 810 -1.13 95.91 -9.86
C ARG A 810 0.18 96.20 -10.56
N ALA A 811 0.58 95.35 -11.51
CA ALA A 811 1.77 95.64 -12.30
C ALA A 811 1.44 96.55 -13.48
N GLU A 812 0.25 96.40 -14.05
CA GLU A 812 -0.19 97.28 -15.13
C GLU A 812 -0.54 98.66 -14.60
N ALA A 813 -0.91 98.77 -13.33
CA ALA A 813 -1.20 100.06 -12.72
C ALA A 813 0.08 100.82 -12.45
N ALA A 822 14.90 97.43 -12.13
CA ALA A 822 15.52 97.80 -10.87
C ALA A 822 15.21 96.78 -9.78
N CYS A 823 13.91 96.53 -9.56
CA CYS A 823 13.50 95.51 -8.62
C CYS A 823 13.81 94.11 -9.14
N GLY A 824 13.78 93.92 -10.46
CA GLY A 824 14.09 92.63 -11.03
C GLY A 824 15.56 92.29 -10.97
N ARG A 825 16.42 93.31 -10.92
CA ARG A 825 17.86 93.05 -10.82
C ARG A 825 18.28 92.79 -9.38
N LYS A 826 17.68 93.50 -8.42
CA LYS A 826 18.16 93.45 -7.05
C LYS A 826 17.68 92.19 -6.34
N ALA A 827 16.39 91.87 -6.47
CA ALA A 827 15.83 90.72 -5.76
C ALA A 827 16.30 89.41 -6.34
N LEU A 828 16.53 89.37 -7.66
CA LEU A 828 17.07 88.17 -8.28
C LEU A 828 18.53 87.94 -7.90
N THR A 829 19.26 89.01 -7.59
CA THR A 829 20.67 88.87 -7.24
C THR A 829 20.83 88.27 -5.84
N LEU A 830 20.12 88.82 -4.85
CA LEU A 830 20.39 88.45 -3.47
C LEU A 830 19.68 87.17 -3.06
N LEU A 831 18.48 86.92 -3.58
CA LEU A 831 17.74 85.72 -3.19
C LEU A 831 18.37 84.46 -3.78
N SER A 832 18.97 84.57 -4.96
CA SER A 832 19.78 83.47 -5.48
C SER A 832 21.03 83.27 -4.65
N SER A 833 21.58 84.35 -4.10
CA SER A 833 22.76 84.24 -3.26
C SER A 833 22.42 83.58 -1.93
N VAL A 834 21.20 83.79 -1.43
CA VAL A 834 20.72 83.04 -0.28
C VAL A 834 20.55 81.57 -0.66
N PHE A 835 20.14 81.30 -1.90
CA PHE A 835 19.95 79.94 -2.36
C PHE A 835 21.29 79.24 -2.56
N ALA A 836 22.34 79.97 -2.93
CA ALA A 836 23.65 79.37 -3.10
C ALA A 836 24.30 79.05 -1.77
N VAL A 837 24.08 79.90 -0.76
CA VAL A 837 24.57 79.60 0.59
C VAL A 837 23.79 78.43 1.18
N CYS A 838 22.46 78.42 1.00
CA CYS A 838 21.65 77.29 1.41
C CYS A 838 21.98 76.04 0.59
N GLY A 839 22.48 76.21 -0.63
CA GLY A 839 22.92 75.07 -1.41
C GLY A 839 24.19 74.44 -0.86
N LEU A 840 25.22 75.26 -0.65
CA LEU A 840 26.50 74.74 -0.15
C LEU A 840 26.38 74.33 1.32
N GLY A 841 25.53 75.03 2.08
CA GLY A 841 25.43 74.76 3.50
C GLY A 841 24.74 73.44 3.81
N LEU A 842 23.69 73.10 3.05
CA LEU A 842 22.96 71.88 3.33
C LEU A 842 23.74 70.64 2.94
N LEU A 843 24.58 70.72 1.91
CA LEU A 843 25.42 69.56 1.60
C LEU A 843 26.62 69.50 2.52
N GLY A 844 27.09 70.66 3.01
CA GLY A 844 28.13 70.69 4.00
C GLY A 844 27.72 70.08 5.33
N ILE A 845 26.44 70.21 5.69
CA ILE A 845 25.94 69.57 6.90
C ILE A 845 25.72 68.08 6.66
N ALA A 846 25.31 67.71 5.44
CA ALA A 846 24.87 66.34 5.17
C ALA A 846 26.04 65.36 5.13
N VAL A 847 27.19 65.79 4.59
CA VAL A 847 28.31 64.87 4.42
C VAL A 847 28.95 64.52 5.75
N SER A 848 29.11 65.51 6.64
CA SER A 848 29.65 65.24 7.96
C SER A 848 28.64 64.51 8.83
N THR A 849 27.35 64.63 8.51
CA THR A 849 26.33 63.86 9.22
C THR A 849 26.38 62.40 8.78
N ASP A 850 26.37 61.50 9.76
CA ASP A 850 26.38 60.06 9.51
C ASP A 850 25.01 59.45 9.84
N TYR A 851 23.96 60.17 9.48
CA TYR A 851 22.57 59.73 9.61
C TYR A 851 21.92 59.62 8.23
N TRP A 852 22.63 59.01 7.30
CA TRP A 852 22.14 58.88 5.93
C TRP A 852 20.99 57.88 5.84
N LEU A 853 21.16 56.71 6.45
CA LEU A 853 20.22 55.61 6.25
C LEU A 853 20.16 54.76 7.51
N TYR A 854 18.96 54.27 7.82
CA TYR A 854 18.73 53.41 8.97
C TYR A 854 18.60 51.97 8.53
N LEU A 855 18.98 51.05 9.42
CA LEU A 855 18.75 49.63 9.20
C LEU A 855 18.25 49.02 10.49
N GLU A 856 17.33 48.06 10.37
CA GLU A 856 16.75 47.33 11.49
C GLU A 856 16.74 45.85 11.15
N GLU A 857 17.85 45.17 11.44
CA GLU A 857 17.89 43.73 11.27
C GLU A 857 17.10 43.06 12.38
N GLY A 858 16.13 42.22 11.99
CA GLY A 858 15.24 41.67 12.99
C GLY A 858 14.69 40.33 12.56
N ILE A 859 14.12 39.64 13.53
CA ILE A 859 13.56 38.30 13.35
C ILE A 859 12.08 38.34 13.71
N ILE A 860 11.25 37.69 12.89
CA ILE A 860 9.81 37.76 13.09
C ILE A 860 9.43 36.87 14.25
N LEU A 861 8.18 37.00 14.69
CA LEU A 861 7.63 36.13 15.71
C LEU A 861 6.28 35.67 15.18
N PRO A 862 5.99 34.36 15.24
CA PRO A 862 4.87 33.82 14.46
C PRO A 862 3.45 34.19 14.89
N GLN A 863 3.06 33.93 16.15
CA GLN A 863 1.65 34.00 16.51
C GLN A 863 1.50 34.24 18.00
N ASN A 864 0.61 35.17 18.35
CA ASN A 864 0.48 35.79 19.69
C ASN A 864 1.80 36.38 20.15
N GLN A 865 2.61 36.80 19.17
CA GLN A 865 3.99 37.23 19.22
C GLN A 865 4.20 37.85 17.84
N SER A 866 4.72 39.07 17.73
CA SER A 866 4.71 39.72 16.41
C SER A 866 6.10 39.95 15.85
N THR A 867 6.95 40.75 16.52
CA THR A 867 8.24 41.12 15.95
C THR A 867 9.28 41.15 17.05
N GLU A 868 10.54 41.04 16.64
CA GLU A 868 11.66 41.17 17.58
C GLU A 868 12.88 41.65 16.82
N VAL A 869 13.37 42.85 17.15
CA VAL A 869 14.56 43.37 16.51
C VAL A 869 15.79 42.62 16.99
N LYS A 870 16.83 42.64 16.15
CA LYS A 870 18.10 42.01 16.49
C LYS A 870 19.30 42.92 16.30
N MET A 871 19.29 43.82 15.33
CA MET A 871 20.43 44.70 15.11
C MET A 871 19.90 46.01 14.53
N SER A 872 20.61 47.10 14.82
CA SER A 872 20.25 48.41 14.32
C SER A 872 21.48 49.29 14.21
N LEU A 873 21.55 50.08 13.14
CA LEU A 873 22.62 51.06 12.97
C LEU A 873 22.17 52.12 12.00
N HIS A 874 22.58 53.36 12.25
CA HIS A 874 22.49 54.38 11.22
C HIS A 874 23.85 54.54 10.54
N SER A 875 23.82 54.79 9.23
CA SER A 875 25.02 54.64 8.42
C SER A 875 25.49 56.00 7.93
N GLY A 876 26.78 56.04 7.55
CA GLY A 876 27.37 57.24 7.03
C GLY A 876 28.24 56.94 5.81
N LEU A 877 28.52 57.98 5.04
CA LEU A 877 29.31 57.81 3.83
C LEU A 877 30.80 57.74 4.14
N TRP A 878 31.28 58.59 5.04
CA TRP A 878 32.66 58.48 5.51
C TRP A 878 32.82 57.29 6.44
N ARG A 879 32.08 57.28 7.55
CA ARG A 879 32.26 56.30 8.60
C ARG A 879 30.89 55.97 9.18
N VAL A 880 30.77 54.78 9.73
CA VAL A 880 29.55 54.35 10.38
C VAL A 880 29.58 54.81 11.83
N CYS A 881 28.46 55.35 12.32
CA CYS A 881 28.28 55.44 13.78
C CYS A 881 27.18 54.45 14.15
N PHE A 882 27.60 53.32 14.71
CA PHE A 882 26.76 52.19 15.04
C PHE A 882 25.80 52.57 16.18
N LEU A 883 24.74 51.81 16.34
CA LEU A 883 23.59 52.23 17.14
C LEU A 883 23.22 51.05 18.04
N ALA A 884 22.04 51.11 18.66
CA ALA A 884 21.65 50.37 19.85
C ALA A 884 21.54 48.84 19.67
N GLY A 885 22.01 48.28 18.55
CA GLY A 885 22.29 46.87 18.48
C GLY A 885 23.30 46.49 19.54
N GLU A 886 22.84 45.73 20.54
CA GLU A 886 23.52 45.36 21.80
C GLU A 886 24.14 46.56 22.55
N GLU A 887 23.62 47.77 22.32
CA GLU A 887 23.97 49.01 23.04
C GLU A 887 25.47 49.32 22.98
N ARG A 888 26.07 49.13 21.81
CA ARG A 888 27.48 49.43 21.59
C ARG A 888 27.59 50.64 20.69
N GLY A 889 28.01 51.77 21.24
CA GLY A 889 28.13 53.00 20.48
C GLY A 889 29.43 53.16 19.72
N ARG A 890 29.55 52.47 18.59
CA ARG A 890 30.75 52.53 17.76
C ARG A 890 30.58 53.55 16.64
N CYS A 891 31.28 54.68 16.74
CA CYS A 891 31.52 55.49 15.55
C CYS A 891 32.69 54.86 14.79
N PHE A 892 32.33 53.90 13.95
CA PHE A 892 33.23 52.90 13.43
C PHE A 892 33.57 53.19 11.97
N THR A 893 34.86 53.24 11.65
CA THR A 893 35.29 53.51 10.28
C THR A 893 34.98 52.31 9.37
N ILE A 894 34.53 52.62 8.15
CA ILE A 894 34.18 51.59 7.17
C ILE A 894 35.41 50.80 6.74
N GLU A 895 36.58 51.46 6.70
CA GLU A 895 37.81 50.80 6.27
C GLU A 895 38.28 49.73 7.27
N TYR A 896 37.77 49.73 8.49
CA TYR A 896 37.99 48.64 9.43
C TYR A 896 36.79 47.70 9.34
N VAL A 897 37.02 46.41 9.59
CA VAL A 897 35.98 45.41 9.43
C VAL A 897 35.20 45.24 10.73
N MET A 898 33.87 45.16 10.62
CA MET A 898 32.92 44.80 11.70
C MET A 898 32.93 45.74 12.90
N GLU A 907 29.36 40.27 7.65
CA GLU A 907 28.11 39.69 7.22
C GLU A 907 27.51 40.47 6.05
N SER A 908 26.23 40.23 5.77
CA SER A 908 25.57 40.87 4.63
C SER A 908 25.29 42.35 4.90
N THR A 909 25.05 42.72 6.16
CA THR A 909 24.87 44.14 6.47
C THR A 909 26.19 44.89 6.44
N VAL A 910 27.31 44.18 6.67
CA VAL A 910 28.62 44.77 6.43
C VAL A 910 28.85 44.86 4.92
N ASN A 911 28.31 43.91 4.16
CA ASN A 911 28.38 43.96 2.70
C ASN A 911 27.54 45.10 2.14
N VAL A 912 26.49 45.50 2.87
CA VAL A 912 25.81 46.76 2.57
C VAL A 912 26.78 47.92 2.74
N LEU A 913 27.54 47.91 3.84
CA LEU A 913 28.33 49.07 4.25
C LEU A 913 29.53 49.29 3.33
N LYS A 914 30.10 48.21 2.80
CA LYS A 914 31.24 48.34 1.90
C LYS A 914 30.83 48.89 0.55
N MET A 915 29.63 48.54 0.09
CA MET A 915 29.15 49.00 -1.21
C MET A 915 28.73 50.47 -1.20
N ILE A 916 28.59 51.08 -0.03
CA ILE A 916 28.27 52.50 0.06
C ILE A 916 29.46 53.34 -0.40
N ARG A 917 30.68 52.80 -0.23
CA ARG A 917 31.89 53.49 -0.63
C ARG A 917 31.99 53.68 -2.14
N SER A 918 31.30 52.84 -2.92
CA SER A 918 31.30 52.99 -4.38
C SER A 918 30.57 54.26 -4.81
N ALA A 919 29.71 54.83 -3.95
CA ALA A 919 29.04 56.08 -4.24
C ALA A 919 29.57 57.24 -3.39
N THR A 920 30.74 57.06 -2.75
CA THR A 920 31.38 58.16 -2.03
C THR A 920 31.84 59.33 -2.91
N PRO A 921 32.58 59.17 -4.04
CA PRO A 921 33.24 60.35 -4.63
C PRO A 921 32.30 61.39 -5.23
N PHE A 922 31.16 60.98 -5.76
CA PHE A 922 30.30 61.93 -6.47
C PHE A 922 29.67 63.02 -5.60
N PRO A 923 29.21 62.78 -4.35
CA PRO A 923 28.87 63.94 -3.51
C PRO A 923 30.07 64.77 -3.11
N LEU A 924 31.25 64.16 -2.98
CA LEU A 924 32.47 64.94 -2.78
C LEU A 924 32.83 65.73 -4.03
N VAL A 925 32.53 65.18 -5.21
CA VAL A 925 32.61 65.96 -6.43
C VAL A 925 31.54 67.05 -6.42
N SER A 926 30.35 66.74 -5.90
CA SER A 926 29.23 67.68 -5.90
C SER A 926 29.45 68.84 -4.94
N LEU A 927 30.12 68.59 -3.81
CA LEU A 927 30.31 69.65 -2.83
C LEU A 927 31.36 70.66 -3.31
N PHE A 928 32.32 70.22 -4.11
CA PHE A 928 33.35 71.11 -4.61
C PHE A 928 32.81 72.04 -5.70
N PHE A 929 31.76 71.61 -6.40
CA PHE A 929 31.28 72.41 -7.53
C PHE A 929 30.37 73.55 -7.08
N MET A 930 29.79 73.46 -5.89
CA MET A 930 29.19 74.65 -5.29
C MET A 930 30.25 75.50 -4.59
N PHE A 931 31.39 74.90 -4.23
CA PHE A 931 32.49 75.68 -3.68
C PHE A 931 33.12 76.56 -4.76
N ILE A 932 33.24 76.04 -5.98
CA ILE A 932 33.74 76.87 -7.07
C ILE A 932 32.62 77.72 -7.66
N GLY A 933 31.36 77.35 -7.44
CA GLY A 933 30.25 78.10 -7.98
C GLY A 933 29.92 79.36 -7.21
N PHE A 934 30.04 79.28 -5.87
CA PHE A 934 29.63 80.40 -5.04
C PHE A 934 30.72 81.46 -4.91
N ILE A 935 31.99 81.07 -4.93
CA ILE A 935 33.06 82.05 -4.78
C ILE A 935 33.16 82.94 -6.01
N LEU A 936 32.89 82.38 -7.20
CA LEU A 936 32.82 83.22 -8.39
C LEU A 936 31.51 84.01 -8.45
N SER A 937 30.52 83.64 -7.63
CA SER A 937 29.33 84.47 -7.50
C SER A 937 29.58 85.70 -6.64
N ASN A 938 30.54 85.60 -5.70
CA ASN A 938 30.90 86.75 -4.89
C ASN A 938 31.65 87.80 -5.72
N ILE A 939 32.27 87.39 -6.82
CA ILE A 939 33.05 88.32 -7.64
C ILE A 939 32.11 89.25 -8.39
N GLY A 940 30.95 88.75 -8.81
CA GLY A 940 30.00 89.55 -9.54
C GLY A 940 29.26 90.58 -8.70
N HIS A 941 29.36 90.47 -7.37
CA HIS A 941 28.66 91.40 -6.49
C HIS A 941 29.47 92.68 -6.27
N ILE A 942 30.78 92.55 -6.05
CA ILE A 942 31.63 93.73 -5.88
C ILE A 942 31.89 94.40 -7.21
N ARG A 943 32.36 93.63 -8.19
CA ARG A 943 32.65 94.16 -9.52
C ARG A 943 31.64 93.60 -10.51
N PRO A 944 30.59 94.36 -10.86
CA PRO A 944 29.57 93.83 -11.78
C PRO A 944 30.01 93.84 -13.23
N HIS A 945 30.92 94.72 -13.63
CA HIS A 945 31.32 94.83 -15.03
C HIS A 945 32.25 93.69 -15.41
N ARG A 946 32.46 93.55 -16.73
CA ARG A 946 33.13 92.41 -17.37
C ARG A 946 32.45 91.10 -16.96
N THR A 947 31.20 90.99 -17.41
CA THR A 947 30.17 90.12 -16.86
C THR A 947 30.31 88.66 -17.27
N ILE A 948 31.45 88.25 -17.82
CA ILE A 948 31.60 86.91 -18.37
C ILE A 948 31.69 85.88 -17.25
N LEU A 949 32.17 86.29 -16.08
CA LEU A 949 32.39 85.38 -14.95
C LEU A 949 31.09 84.81 -14.38
N ALA A 950 29.98 85.53 -14.54
CA ALA A 950 28.70 85.04 -14.03
C ALA A 950 28.16 83.91 -14.89
N PHE A 951 28.22 84.07 -16.22
CA PHE A 951 27.70 83.07 -17.14
C PHE A 951 28.50 81.77 -17.12
N VAL A 952 29.79 81.86 -16.75
CA VAL A 952 30.58 80.65 -16.60
C VAL A 952 30.28 79.98 -15.25
N SER A 953 30.10 80.78 -14.20
CA SER A 953 29.87 80.24 -12.86
C SER A 953 28.49 79.63 -12.74
N GLY A 954 27.53 80.08 -13.56
CA GLY A 954 26.21 79.48 -13.55
C GLY A 954 26.19 78.07 -14.11
N ILE A 955 27.15 77.76 -14.99
CA ILE A 955 27.32 76.39 -15.48
C ILE A 955 27.71 75.47 -14.33
N PHE A 956 28.56 75.96 -13.43
CA PHE A 956 29.02 75.15 -12.31
C PHE A 956 27.94 75.01 -11.23
N PHE A 957 26.87 75.80 -11.30
CA PHE A 957 25.68 75.49 -10.51
C PHE A 957 24.89 74.36 -11.15
N ILE A 958 24.77 74.37 -12.47
CA ILE A 958 24.01 73.35 -13.17
C ILE A 958 24.75 72.03 -13.17
N LEU A 959 26.07 72.07 -13.39
CA LEU A 959 26.85 70.85 -13.44
C LEU A 959 27.09 70.27 -12.05
N SER A 960 26.79 71.03 -10.99
CA SER A 960 26.95 70.54 -9.63
C SER A 960 25.91 69.48 -9.29
N GLY A 961 24.64 69.76 -9.55
CA GLY A 961 23.59 68.82 -9.20
C GLY A 961 23.51 67.63 -10.15
N LEU A 962 24.16 67.72 -11.31
CA LEU A 962 24.23 66.58 -12.21
C LEU A 962 25.00 65.43 -11.59
N SER A 963 26.08 65.75 -10.87
CA SER A 963 26.81 64.72 -10.15
C SER A 963 26.02 64.23 -8.95
N LEU A 964 25.12 65.06 -8.42
CA LEU A 964 24.29 64.64 -7.30
C LEU A 964 23.24 63.62 -7.72
N VAL A 965 22.68 63.78 -8.93
CA VAL A 965 21.77 62.77 -9.46
C VAL A 965 22.53 61.47 -9.74
N VAL A 966 23.74 61.60 -10.31
CA VAL A 966 24.65 60.47 -10.42
C VAL A 966 25.03 59.96 -9.03
N GLY A 967 25.14 60.88 -8.06
CA GLY A 967 25.43 60.47 -6.70
C GLY A 967 24.32 59.68 -6.06
N LEU A 968 23.06 60.03 -6.34
CA LEU A 968 21.96 59.30 -5.73
C LEU A 968 21.67 58.00 -6.47
N VAL A 969 21.88 57.98 -7.79
CA VAL A 969 21.67 56.75 -8.56
C VAL A 969 22.70 55.70 -8.18
N LEU A 970 23.96 56.10 -7.99
CA LEU A 970 24.96 55.16 -7.49
C LEU A 970 24.69 54.77 -6.04
N TYR A 971 24.03 55.65 -5.27
CA TYR A 971 23.78 55.36 -3.86
C TYR A 971 22.58 54.42 -3.70
N ILE A 972 21.44 54.79 -4.28
CA ILE A 972 20.20 54.06 -4.04
C ILE A 972 20.24 52.69 -4.69
N SER A 973 20.89 52.57 -5.85
CA SER A 973 21.09 51.26 -6.46
C SER A 973 22.05 50.40 -5.66
N SER A 974 22.96 51.03 -4.91
CA SER A 974 23.83 50.27 -4.02
C SER A 974 23.11 49.80 -2.77
N ILE A 975 21.98 50.40 -2.44
CA ILE A 975 21.18 49.93 -1.33
C ILE A 975 20.27 48.78 -1.74
N ASN A 976 19.63 48.91 -2.91
CA ASN A 976 18.55 48.01 -3.26
C ASN A 976 19.06 46.65 -3.74
N ASP A 977 20.26 46.61 -4.32
CA ASP A 977 20.80 45.32 -4.72
C ASP A 977 21.25 44.51 -3.51
N GLU A 978 21.76 45.17 -2.47
CA GLU A 978 22.08 44.49 -1.24
C GLU A 978 20.83 44.18 -0.44
N MET A 979 19.77 44.97 -0.64
CA MET A 979 18.43 44.55 -0.22
C MET A 979 18.01 43.27 -0.93
N LEU A 980 18.35 43.16 -2.22
CA LEU A 980 18.09 41.91 -2.94
C LEU A 980 19.06 40.82 -2.52
N ASN A 981 20.28 41.19 -2.11
CA ASN A 981 21.33 40.19 -1.98
C ASN A 981 21.24 39.39 -0.68
N ARG A 982 20.34 39.75 0.22
CA ARG A 982 20.08 38.87 1.37
C ARG A 982 19.35 37.63 0.90
N THR A 983 19.71 36.49 1.49
CA THR A 983 18.99 35.25 1.21
C THR A 983 17.64 35.31 1.91
N LYS A 984 16.57 35.19 1.12
CA LYS A 984 15.21 35.48 1.59
C LYS A 984 14.75 34.35 2.51
N ASP A 985 14.88 34.57 3.81
CA ASP A 985 14.37 33.64 4.81
C ASP A 985 13.12 34.25 5.44
N ALA A 986 12.11 33.40 5.67
CA ALA A 986 10.82 33.92 6.11
C ALA A 986 10.85 34.39 7.55
N GLU A 987 11.77 33.89 8.36
CA GLU A 987 11.77 34.22 9.78
C GLU A 987 12.46 35.55 10.07
N THR A 988 13.26 36.07 9.15
CA THR A 988 13.99 37.31 9.38
C THR A 988 13.34 38.42 8.54
N TYR A 989 12.70 39.37 9.21
CA TYR A 989 12.22 40.55 8.50
C TYR A 989 13.34 41.57 8.38
N PHE A 990 13.06 42.66 7.68
CA PHE A 990 14.09 43.64 7.37
C PHE A 990 13.43 44.99 7.21
N ASN A 991 14.08 46.03 7.76
CA ASN A 991 13.63 47.40 7.59
C ASN A 991 14.81 48.27 7.17
N TYR A 992 14.57 49.14 6.21
CA TYR A 992 15.55 50.13 5.83
C TYR A 992 14.82 51.44 5.57
N LYS A 993 15.52 52.54 5.84
CA LYS A 993 14.90 53.86 5.82
C LYS A 993 16.00 54.90 5.65
N TYR A 994 15.79 55.83 4.72
CA TYR A 994 16.72 56.91 4.54
C TYR A 994 16.59 57.90 5.69
N GLY A 995 17.59 58.77 5.81
CA GLY A 995 17.64 59.65 6.96
C GLY A 995 17.46 61.12 6.63
N TRP A 996 17.86 61.98 7.56
CA TRP A 996 17.70 63.41 7.40
C TRP A 996 18.72 63.96 6.42
N SER A 997 19.96 63.47 6.48
CA SER A 997 21.01 64.00 5.60
C SER A 997 20.79 63.58 4.15
N PHE A 998 20.11 62.46 3.93
CA PHE A 998 19.65 62.14 2.59
C PHE A 998 18.63 63.15 2.10
N ALA A 999 17.70 63.54 2.97
CA ALA A 999 16.75 64.59 2.65
C ALA A 999 17.42 65.95 2.59
N PHE A 1000 18.51 66.13 3.34
CA PHE A 1000 19.27 67.37 3.25
C PHE A 1000 20.03 67.45 1.94
N ALA A 1001 20.57 66.31 1.47
CA ALA A 1001 21.23 66.28 0.17
C ALA A 1001 20.21 66.36 -0.96
N ALA A 1002 18.98 65.93 -0.71
CA ALA A 1002 17.94 66.02 -1.73
C ALA A 1002 17.54 67.47 -1.99
N ILE A 1003 17.30 68.24 -0.92
CA ILE A 1003 16.86 69.62 -1.08
C ILE A 1003 18.01 70.50 -1.54
N SER A 1004 19.25 70.11 -1.21
CA SER A 1004 20.44 70.82 -1.67
C SER A 1004 20.59 70.78 -3.19
N PHE A 1005 20.04 69.76 -3.85
CA PHE A 1005 19.92 69.78 -5.30
C PHE A 1005 19.01 70.90 -5.76
N LEU A 1006 17.92 71.15 -5.02
CA LEU A 1006 16.86 72.02 -5.50
C LEU A 1006 17.26 73.48 -5.46
N LEU A 1007 18.06 73.87 -4.47
CA LEU A 1007 18.49 75.26 -4.37
C LEU A 1007 19.67 75.53 -5.29
N THR A 1008 20.44 74.51 -5.63
CA THR A 1008 21.62 74.70 -6.47
C THR A 1008 21.22 74.96 -7.92
N GLU A 1009 20.27 74.18 -8.44
CA GLU A 1009 19.87 74.33 -9.83
C GLU A 1009 19.00 75.55 -10.03
N SER A 1010 18.25 75.94 -9.00
CA SER A 1010 17.39 77.12 -9.11
C SER A 1010 18.23 78.40 -9.12
N ALA A 1011 19.38 78.38 -8.46
CA ALA A 1011 20.26 79.56 -8.51
C ALA A 1011 20.96 79.68 -9.86
N GLY A 1012 21.26 78.55 -10.50
CA GLY A 1012 21.90 78.60 -11.81
C GLY A 1012 20.99 79.13 -12.89
N VAL A 1013 19.68 78.95 -12.72
CA VAL A 1013 18.71 79.64 -13.56
C VAL A 1013 18.80 81.14 -13.31
N MET A 1014 18.90 81.54 -12.05
CA MET A 1014 19.03 82.94 -11.70
C MET A 1014 20.43 83.45 -11.97
N SER A 1015 21.43 82.56 -12.03
CA SER A 1015 22.78 82.96 -12.40
C SER A 1015 22.89 83.34 -13.87
N VAL A 1016 22.15 82.66 -14.74
CA VAL A 1016 22.08 83.10 -16.13
C VAL A 1016 21.21 84.34 -16.24
N TYR A 1017 20.12 84.39 -15.47
CA TYR A 1017 19.28 85.59 -15.41
C TYR A 1017 20.03 86.79 -14.85
N LEU A 1018 21.00 86.57 -13.95
CA LEU A 1018 21.87 87.66 -13.55
C LEU A 1018 22.78 88.07 -14.69
N PHE A 1019 23.18 87.10 -15.52
CA PHE A 1019 23.94 87.43 -16.71
C PHE A 1019 23.05 88.03 -17.79
N MET A 1020 21.85 87.47 -17.98
CA MET A 1020 20.97 87.89 -19.08
C MET A 1020 20.45 89.31 -18.89
N LYS A 1021 20.40 89.79 -17.65
CA LYS A 1021 20.02 91.18 -17.44
C LYS A 1021 21.23 92.11 -17.53
N ARG A 1022 22.41 91.63 -17.15
CA ARG A 1022 23.58 92.49 -17.10
C ARG A 1022 24.39 92.46 -18.40
N TYR A 1023 24.26 91.41 -19.21
CA TYR A 1023 24.80 91.46 -20.56
C TYR A 1023 24.05 92.46 -21.43
N THR A 1024 22.77 92.69 -21.13
CA THR A 1024 22.05 93.78 -21.75
C THR A 1024 22.52 95.13 -21.20
N ALA A 1025 22.98 95.15 -19.94
CA ALA A 1025 23.34 96.41 -19.28
C ALA A 1025 24.65 96.99 -19.81
N GLU A 1026 25.46 96.19 -20.49
CA GLU A 1026 26.70 96.69 -21.07
C GLU A 1026 26.47 97.27 -22.45
N ASN B 1 15.04 -48.36 71.19
CA ASN B 1 14.05 -47.30 71.32
C ASN B 1 13.11 -47.35 70.11
N SER B 2 12.04 -48.12 70.22
CA SER B 2 11.10 -48.31 69.12
C SER B 2 9.97 -47.28 69.21
N ILE B 3 10.17 -46.16 68.52
CA ILE B 3 9.16 -45.12 68.40
C ILE B 3 8.06 -45.59 67.46
N GLN B 4 6.81 -45.59 67.94
CA GLN B 4 5.71 -46.08 67.12
C GLN B 4 4.96 -44.90 66.51
N ILE B 5 4.84 -44.91 65.19
CA ILE B 5 4.09 -43.89 64.46
C ILE B 5 2.99 -44.59 63.67
N GLY B 6 2.25 -43.83 62.86
CA GLY B 6 1.15 -44.42 62.11
C GLY B 6 1.14 -44.05 60.63
N GLY B 7 0.52 -44.91 59.82
CA GLY B 7 0.50 -44.70 58.38
C GLY B 7 -0.89 -44.77 57.77
N LEU B 8 -1.25 -43.74 57.01
CA LEU B 8 -2.54 -43.69 56.31
C LEU B 8 -2.27 -43.56 54.83
N PHE B 9 -2.25 -44.69 54.13
CA PHE B 9 -1.90 -44.64 52.72
C PHE B 9 -3.09 -44.91 51.83
N PRO B 10 -3.19 -44.23 50.70
CA PRO B 10 -4.29 -44.45 49.77
C PRO B 10 -4.17 -45.81 49.09
N ARG B 11 -5.31 -46.31 48.66
CA ARG B 11 -5.33 -47.55 47.90
C ARG B 11 -4.83 -47.28 46.50
N GLY B 12 -3.84 -48.06 46.06
CA GLY B 12 -3.25 -47.82 44.76
C GLY B 12 -2.15 -46.79 44.76
N ALA B 13 -1.70 -46.34 45.92
CA ALA B 13 -0.56 -45.43 46.02
C ALA B 13 0.73 -46.25 46.19
N ASP B 14 1.10 -46.92 45.11
CA ASP B 14 2.10 -47.99 45.21
C ASP B 14 3.51 -47.44 45.33
N GLN B 15 3.88 -46.49 44.47
CA GLN B 15 5.24 -45.98 44.44
C GLN B 15 5.57 -45.18 45.68
N GLU B 16 4.58 -44.50 46.25
CA GLU B 16 4.81 -43.82 47.52
C GLU B 16 5.03 -44.80 48.65
N TYR B 17 4.36 -45.95 48.60
CA TYR B 17 4.53 -46.97 49.63
C TYR B 17 5.90 -47.61 49.55
N SER B 18 6.40 -47.83 48.32
CA SER B 18 7.76 -48.31 48.17
C SER B 18 8.78 -47.27 48.61
N ALA B 19 8.57 -46.01 48.21
CA ALA B 19 9.46 -44.93 48.63
C ALA B 19 9.34 -44.65 50.13
N PHE B 20 8.28 -45.13 50.78
CA PHE B 20 8.26 -45.10 52.23
C PHE B 20 9.26 -46.08 52.82
N ARG B 21 9.31 -47.30 52.29
CA ARG B 21 10.16 -48.33 52.89
C ARG B 21 11.64 -48.09 52.60
N VAL B 22 11.94 -47.33 51.54
CA VAL B 22 13.32 -47.05 51.20
C VAL B 22 13.99 -46.20 52.27
N GLY B 23 13.30 -45.15 52.72
CA GLY B 23 13.81 -44.38 53.84
C GLY B 23 13.81 -45.12 55.15
N MET B 24 12.88 -46.07 55.32
CA MET B 24 12.84 -46.85 56.54
C MET B 24 14.04 -47.78 56.66
N VAL B 25 14.62 -48.18 55.52
CA VAL B 25 15.82 -49.00 55.56
C VAL B 25 17.06 -48.11 55.67
N GLN B 26 17.14 -47.06 54.85
CA GLN B 26 18.35 -46.22 54.85
C GLN B 26 18.44 -45.37 56.10
N PHE B 27 17.41 -44.60 56.41
CA PHE B 27 17.47 -43.71 57.55
C PHE B 27 17.18 -44.41 58.87
N SER B 28 17.09 -45.73 58.88
CA SER B 28 17.14 -46.45 60.14
C SER B 28 18.52 -46.30 60.76
N THR B 29 18.55 -45.96 62.03
CA THR B 29 19.79 -45.76 62.77
C THR B 29 19.90 -46.81 63.86
N SER B 30 21.11 -46.95 64.39
CA SER B 30 21.36 -47.97 65.40
C SER B 30 20.74 -47.62 66.75
N GLU B 31 20.48 -46.33 67.00
CA GLU B 31 20.17 -45.89 68.35
C GLU B 31 18.67 -45.85 68.61
N PHE B 32 17.84 -45.80 67.56
CA PHE B 32 16.40 -45.93 67.74
C PHE B 32 15.76 -46.50 66.48
N ARG B 33 14.50 -46.90 66.62
CA ARG B 33 13.73 -47.60 65.60
C ARG B 33 12.37 -46.92 65.44
N LEU B 34 11.89 -46.84 64.20
CA LEU B 34 10.59 -46.25 63.89
C LEU B 34 9.63 -47.36 63.52
N THR B 35 8.50 -47.44 64.23
CA THR B 35 7.53 -48.49 63.97
C THR B 35 6.41 -47.94 63.09
N PRO B 36 6.29 -48.40 61.84
CA PRO B 36 5.34 -47.77 60.90
C PRO B 36 3.86 -47.98 61.20
N HIS B 37 3.41 -49.24 61.33
CA HIS B 37 2.00 -49.62 61.52
C HIS B 37 1.09 -48.97 60.46
N ILE B 38 1.29 -49.42 59.23
CA ILE B 38 0.71 -48.79 58.06
C ILE B 38 -0.69 -49.35 57.85
N ASP B 39 -1.65 -48.47 57.55
CA ASP B 39 -3.00 -48.84 57.20
C ASP B 39 -3.31 -48.39 55.78
N ASN B 40 -4.24 -49.10 55.15
CA ASN B 40 -4.65 -48.82 53.78
C ASN B 40 -6.11 -48.40 53.75
N LEU B 41 -6.41 -47.44 52.87
CA LEU B 41 -7.71 -46.79 52.89
C LEU B 41 -7.97 -46.10 51.57
N GLU B 42 -9.17 -45.56 51.44
CA GLU B 42 -9.54 -44.68 50.33
C GLU B 42 -9.64 -43.27 50.87
N VAL B 43 -8.79 -42.38 50.35
CA VAL B 43 -8.50 -41.14 51.06
C VAL B 43 -9.59 -40.10 50.92
N ALA B 44 -10.50 -40.24 49.97
CA ALA B 44 -11.55 -39.24 49.80
C ALA B 44 -12.76 -39.49 50.69
N ASN B 45 -12.81 -40.61 51.37
CA ASN B 45 -13.96 -40.94 52.22
C ASN B 45 -13.65 -40.51 53.64
N SER B 46 -14.27 -39.41 54.09
CA SER B 46 -13.91 -38.83 55.37
C SER B 46 -14.36 -39.67 56.55
N PHE B 47 -15.34 -40.56 56.36
CA PHE B 47 -15.56 -41.63 57.34
C PHE B 47 -14.34 -42.51 57.44
N ALA B 48 -13.80 -42.92 56.28
CA ALA B 48 -12.71 -43.88 56.27
C ALA B 48 -11.42 -43.25 56.76
N VAL B 49 -11.29 -41.94 56.61
CA VAL B 49 -10.16 -41.26 57.22
C VAL B 49 -10.34 -41.21 58.73
N THR B 50 -11.58 -41.07 59.18
CA THR B 50 -11.84 -40.84 60.60
C THR B 50 -11.56 -42.07 61.44
N ASN B 51 -12.15 -43.21 61.09
CA ASN B 51 -11.96 -44.41 61.89
C ASN B 51 -10.57 -45.00 61.74
N ALA B 52 -9.88 -44.69 60.64
CA ALA B 52 -8.48 -45.01 60.58
C ALA B 52 -7.63 -44.04 61.39
N PHE B 53 -8.13 -42.82 61.62
CA PHE B 53 -7.43 -41.92 62.52
C PHE B 53 -7.61 -42.34 63.96
N CYS B 54 -8.85 -42.64 64.34
CA CYS B 54 -9.13 -43.00 65.73
C CYS B 54 -8.61 -44.39 66.08
N SER B 55 -8.36 -45.25 65.09
CA SER B 55 -7.74 -46.53 65.38
C SER B 55 -6.31 -46.34 65.87
N GLN B 56 -5.52 -45.56 65.12
CA GLN B 56 -4.14 -45.34 65.50
C GLN B 56 -4.02 -44.47 66.74
N PHE B 57 -4.99 -43.59 66.98
CA PHE B 57 -4.95 -42.83 68.22
C PHE B 57 -5.37 -43.69 69.39
N SER B 58 -6.14 -44.75 69.15
CA SER B 58 -6.39 -45.73 70.19
C SER B 58 -5.16 -46.58 70.44
N ARG B 59 -4.36 -46.84 69.40
CA ARG B 59 -3.09 -47.53 69.60
C ARG B 59 -2.07 -46.67 70.31
N GLY B 60 -2.10 -45.36 70.08
CA GLY B 60 -1.13 -44.47 70.67
C GLY B 60 0.04 -44.32 69.74
N VAL B 61 0.22 -43.13 69.17
CA VAL B 61 1.32 -42.82 68.27
C VAL B 61 1.88 -41.47 68.67
N TYR B 62 3.08 -41.17 68.17
CA TYR B 62 3.69 -39.89 68.43
C TYR B 62 3.54 -38.93 67.27
N ALA B 63 3.45 -39.47 66.05
CA ALA B 63 3.17 -38.69 64.86
C ALA B 63 2.52 -39.61 63.84
N ILE B 64 1.87 -39.02 62.85
CA ILE B 64 1.24 -39.78 61.79
C ILE B 64 1.65 -39.21 60.45
N PHE B 65 2.18 -40.07 59.60
CA PHE B 65 2.42 -39.77 58.20
C PHE B 65 1.28 -40.35 57.39
N GLY B 66 0.86 -39.62 56.37
CA GLY B 66 -0.26 -40.06 55.57
C GLY B 66 -0.62 -38.99 54.56
N PHE B 67 -1.56 -39.32 53.70
CA PHE B 67 -2.01 -38.38 52.68
C PHE B 67 -3.41 -37.90 53.03
N TYR B 68 -3.77 -36.72 52.55
CA TYR B 68 -5.17 -36.32 52.54
C TYR B 68 -5.54 -35.95 51.12
N ASP B 69 -6.78 -35.51 50.96
CA ASP B 69 -7.31 -35.10 49.68
C ASP B 69 -8.14 -33.84 49.92
N LYS B 70 -8.79 -33.33 48.88
CA LYS B 70 -9.64 -32.17 49.09
C LYS B 70 -10.88 -32.49 49.91
N LYS B 71 -11.47 -33.66 49.72
CA LYS B 71 -12.68 -34.03 50.43
C LYS B 71 -12.41 -34.58 51.83
N SER B 72 -11.18 -34.44 52.33
CA SER B 72 -10.89 -34.97 53.66
C SER B 72 -9.94 -34.07 54.43
N VAL B 73 -9.56 -32.94 53.86
CA VAL B 73 -8.50 -32.13 54.45
C VAL B 73 -8.96 -31.48 55.74
N ASN B 74 -10.23 -31.10 55.84
CA ASN B 74 -10.67 -30.45 57.06
C ASN B 74 -10.96 -31.46 58.15
N THR B 75 -11.12 -32.73 57.80
CA THR B 75 -11.18 -33.76 58.82
C THR B 75 -9.83 -33.92 59.50
N ILE B 76 -8.75 -33.72 58.74
CA ILE B 76 -7.41 -33.85 59.30
C ILE B 76 -7.07 -32.64 60.14
N THR B 77 -7.21 -31.43 59.56
CA THR B 77 -6.76 -30.23 60.24
C THR B 77 -7.59 -29.88 61.47
N SER B 78 -8.79 -30.45 61.60
CA SER B 78 -9.53 -30.29 62.84
C SER B 78 -9.02 -31.22 63.91
N PHE B 79 -8.74 -32.48 63.56
CA PHE B 79 -8.34 -33.45 64.57
C PHE B 79 -6.95 -33.16 65.12
N CYS B 80 -6.04 -32.73 64.25
CA CYS B 80 -4.68 -32.44 64.70
C CYS B 80 -4.62 -31.16 65.51
N GLY B 81 -5.56 -30.24 65.29
CA GLY B 81 -5.71 -29.14 66.21
C GLY B 81 -6.28 -29.57 67.55
N THR B 82 -7.15 -30.56 67.54
CA THR B 82 -7.82 -30.99 68.76
C THR B 82 -6.93 -31.90 69.59
N LEU B 83 -6.56 -33.06 69.05
CA LEU B 83 -5.82 -34.04 69.82
C LEU B 83 -4.33 -33.77 69.83
N HIS B 84 -3.88 -32.69 69.16
CA HIS B 84 -2.50 -32.19 69.22
C HIS B 84 -1.50 -33.23 68.71
N VAL B 85 -1.93 -34.05 67.77
CA VAL B 85 -1.08 -35.06 67.16
C VAL B 85 -0.54 -34.48 65.87
N SER B 86 0.77 -34.42 65.73
CA SER B 86 1.35 -33.81 64.55
C SER B 86 1.17 -34.72 63.34
N PHE B 87 1.17 -34.09 62.16
CA PHE B 87 0.80 -34.78 60.92
C PHE B 87 1.73 -34.28 59.83
N ILE B 88 2.55 -35.17 59.31
CA ILE B 88 3.50 -34.85 58.25
C ILE B 88 2.93 -35.42 56.97
N THR B 89 2.92 -34.62 55.91
CA THR B 89 2.23 -35.04 54.71
C THR B 89 2.82 -34.38 53.48
N PRO B 90 2.82 -35.08 52.34
CA PRO B 90 3.26 -34.50 51.08
C PRO B 90 2.16 -33.87 50.23
N SER B 91 0.93 -33.79 50.72
CA SER B 91 -0.18 -33.38 49.87
C SER B 91 -0.16 -31.87 49.65
N PHE B 92 -1.21 -31.36 49.02
CA PHE B 92 -1.29 -29.97 48.67
C PHE B 92 -1.37 -29.09 49.92
N PRO B 93 -0.83 -27.87 49.88
CA PRO B 93 -0.76 -27.05 51.09
C PRO B 93 -2.12 -26.54 51.50
N THR B 94 -2.43 -26.68 52.78
CA THR B 94 -3.62 -26.07 53.31
C THR B 94 -3.44 -24.56 53.39
N ASP B 95 -4.53 -23.84 53.12
CA ASP B 95 -4.50 -22.39 53.20
C ASP B 95 -4.93 -21.97 54.60
N GLY B 96 -4.14 -21.12 55.22
CA GLY B 96 -4.38 -20.74 56.60
C GLY B 96 -3.20 -21.08 57.46
N THR B 97 -3.36 -20.98 58.77
CA THR B 97 -2.29 -21.20 59.73
C THR B 97 -2.70 -22.39 60.59
N HIS B 98 -2.33 -23.55 60.18
CA HIS B 98 -2.81 -24.72 60.89
C HIS B 98 -1.71 -25.29 61.77
N PRO B 99 -1.96 -25.50 63.05
CA PRO B 99 -0.98 -26.17 63.90
C PRO B 99 -0.95 -27.66 63.60
N PHE B 100 0.18 -28.27 63.96
CA PHE B 100 0.41 -29.71 63.96
C PHE B 100 0.35 -30.33 62.57
N VAL B 101 0.54 -29.54 61.52
CA VAL B 101 0.50 -30.05 60.15
C VAL B 101 1.79 -29.66 59.45
N ILE B 102 2.53 -30.67 59.00
CA ILE B 102 3.77 -30.46 58.26
C ILE B 102 3.49 -30.75 56.79
N GLN B 103 3.43 -29.70 55.99
CA GLN B 103 3.31 -29.83 54.55
C GLN B 103 4.70 -30.07 53.98
N MET B 104 4.89 -31.25 53.41
CA MET B 104 6.16 -31.54 52.74
C MET B 104 6.19 -30.99 51.32
N ARG B 105 5.06 -30.58 50.78
CA ARG B 105 5.03 -30.04 49.44
C ARG B 105 5.29 -28.55 49.49
N PRO B 106 6.14 -28.00 48.64
CA PRO B 106 6.31 -26.56 48.59
C PRO B 106 5.10 -25.91 47.95
N ASP B 107 4.93 -24.63 48.24
CA ASP B 107 3.94 -23.84 47.53
C ASP B 107 4.40 -23.64 46.10
N LEU B 108 3.43 -23.33 45.24
CA LEU B 108 3.69 -23.17 43.82
C LEU B 108 3.32 -21.81 43.28
N LYS B 109 2.36 -21.13 43.92
CA LYS B 109 1.61 -20.05 43.28
C LYS B 109 2.47 -18.83 42.96
N GLY B 110 3.53 -18.61 43.72
CA GLY B 110 4.44 -17.51 43.39
C GLY B 110 5.25 -17.81 42.15
N ALA B 111 5.76 -19.03 42.05
CA ALA B 111 6.54 -19.44 40.89
C ALA B 111 5.70 -19.46 39.62
N LEU B 112 4.44 -19.86 39.74
CA LEU B 112 3.56 -19.89 38.58
C LEU B 112 3.23 -18.49 38.12
N LEU B 113 3.01 -17.57 39.06
CA LEU B 113 2.76 -16.19 38.69
C LEU B 113 4.01 -15.54 38.12
N SER B 114 5.18 -15.86 38.67
CA SER B 114 6.44 -15.29 38.19
C SER B 114 6.75 -15.73 36.78
N LEU B 115 6.26 -16.91 36.38
CA LEU B 115 6.59 -17.42 35.07
C LEU B 115 5.83 -16.68 33.97
N ILE B 116 4.63 -16.21 34.28
CA ILE B 116 3.73 -15.71 33.23
C ILE B 116 4.20 -14.37 32.70
N GLU B 117 4.71 -13.51 33.59
CA GLU B 117 5.26 -12.25 33.10
C GLU B 117 6.58 -12.46 32.38
N TYR B 118 7.28 -13.56 32.68
CA TYR B 118 8.51 -13.86 31.97
C TYR B 118 8.22 -14.14 30.51
N TYR B 119 7.10 -14.80 30.23
CA TYR B 119 6.64 -14.96 28.85
C TYR B 119 5.83 -13.76 28.37
N GLN B 120 5.52 -12.82 29.27
CA GLN B 120 4.77 -11.59 28.98
C GLN B 120 3.41 -11.89 28.36
N TRP B 121 2.60 -12.64 29.09
CA TRP B 121 1.29 -13.02 28.61
C TRP B 121 0.23 -12.01 29.03
N ASP B 122 -0.75 -11.81 28.16
CA ASP B 122 -1.87 -10.93 28.40
C ASP B 122 -3.22 -11.62 28.32
N LYS B 123 -3.33 -12.66 27.50
CA LYS B 123 -4.59 -13.36 27.29
C LYS B 123 -4.31 -14.85 27.21
N PHE B 124 -4.84 -15.61 28.15
CA PHE B 124 -4.62 -17.05 28.15
C PHE B 124 -5.81 -17.73 28.82
N ALA B 125 -5.86 -19.05 28.67
CA ALA B 125 -6.86 -19.87 29.34
C ALA B 125 -6.19 -20.59 30.48
N TYR B 126 -6.99 -21.20 31.34
CA TYR B 126 -6.48 -21.82 32.56
C TYR B 126 -7.34 -23.04 32.87
N LEU B 127 -6.92 -24.20 32.42
CA LEU B 127 -7.67 -25.42 32.64
C LEU B 127 -7.29 -25.97 34.00
N TYR B 128 -8.24 -25.95 34.94
CA TYR B 128 -7.94 -26.33 36.30
C TYR B 128 -8.76 -27.54 36.70
N ASP B 129 -8.34 -28.14 37.80
CA ASP B 129 -8.99 -29.32 38.35
C ASP B 129 -9.34 -29.05 39.80
N SER B 130 -10.45 -29.63 40.24
CA SER B 130 -10.97 -29.40 41.58
C SER B 130 -10.32 -30.28 42.63
N ASP B 131 -9.44 -31.18 42.22
CA ASP B 131 -9.02 -32.25 43.12
C ASP B 131 -8.02 -31.78 44.15
N ARG B 132 -7.28 -30.72 43.84
CA ARG B 132 -6.24 -30.20 44.72
C ARG B 132 -6.63 -28.87 45.35
N GLY B 133 -7.92 -28.64 45.56
CA GLY B 133 -8.34 -27.35 46.05
C GLY B 133 -8.44 -26.36 44.92
N LEU B 134 -8.79 -25.12 45.25
CA LEU B 134 -8.91 -24.06 44.24
C LEU B 134 -7.94 -22.94 44.50
N SER B 135 -6.89 -23.21 45.29
CA SER B 135 -5.97 -22.17 45.76
C SER B 135 -5.21 -21.53 44.63
N THR B 136 -4.74 -22.34 43.68
CA THR B 136 -3.99 -21.82 42.56
C THR B 136 -4.87 -21.00 41.65
N LEU B 137 -6.15 -21.40 41.54
CA LEU B 137 -7.10 -20.61 40.77
C LEU B 137 -7.38 -19.27 41.43
N GLN B 138 -7.55 -19.26 42.75
CA GLN B 138 -7.87 -18.03 43.45
C GLN B 138 -6.73 -17.04 43.44
N ALA B 139 -5.48 -17.52 43.39
CA ALA B 139 -4.36 -16.59 43.32
C ALA B 139 -4.30 -15.90 41.98
N VAL B 140 -4.45 -16.65 40.90
CA VAL B 140 -4.32 -16.03 39.59
C VAL B 140 -5.55 -15.22 39.25
N LEU B 141 -6.69 -15.50 39.88
CA LEU B 141 -7.82 -14.61 39.71
C LEU B 141 -7.66 -13.34 40.52
N ASP B 142 -6.91 -13.40 41.63
CA ASP B 142 -6.52 -12.17 42.30
C ASP B 142 -5.50 -11.41 41.47
N SER B 143 -4.61 -12.13 40.82
CA SER B 143 -3.53 -11.46 40.09
C SER B 143 -3.99 -10.93 38.75
N ALA B 144 -5.07 -11.46 38.18
CA ALA B 144 -5.46 -11.07 36.83
C ALA B 144 -6.11 -9.70 36.78
N ALA B 145 -6.65 -9.24 37.91
CA ALA B 145 -7.26 -7.91 37.94
C ALA B 145 -6.20 -6.82 37.86
N GLU B 146 -5.22 -6.86 38.77
CA GLU B 146 -4.31 -5.75 38.91
C GLU B 146 -3.22 -5.72 37.83
N LYS B 147 -2.98 -6.84 37.16
CA LYS B 147 -1.93 -6.87 36.13
C LYS B 147 -2.49 -7.13 34.75
N LYS B 148 -3.78 -6.84 34.53
CA LYS B 148 -4.41 -6.72 33.21
C LYS B 148 -4.30 -8.01 32.40
N TRP B 149 -4.97 -9.07 32.85
CA TRP B 149 -5.02 -10.33 32.13
C TRP B 149 -6.43 -10.59 31.66
N GLN B 150 -6.59 -11.58 30.80
CA GLN B 150 -7.91 -12.05 30.38
C GLN B 150 -7.90 -13.56 30.56
N VAL B 151 -8.19 -14.02 31.77
CA VAL B 151 -8.08 -15.42 32.13
C VAL B 151 -9.41 -16.10 31.87
N THR B 152 -9.41 -17.07 30.99
CA THR B 152 -10.58 -17.87 30.70
C THR B 152 -10.42 -19.19 31.42
N ALA B 153 -10.84 -19.24 32.68
CA ALA B 153 -10.60 -20.39 33.53
C ALA B 153 -11.75 -21.36 33.35
N ILE B 154 -11.43 -22.61 33.06
CA ILE B 154 -12.43 -23.63 32.76
C ILE B 154 -12.16 -24.84 33.64
N ASN B 155 -13.17 -25.24 34.41
CA ASN B 155 -13.06 -26.45 35.20
C ASN B 155 -13.14 -27.65 34.27
N VAL B 156 -12.43 -28.71 34.61
CA VAL B 156 -12.32 -29.87 33.74
C VAL B 156 -12.44 -31.17 34.51
N GLY B 157 -12.46 -31.13 35.83
CA GLY B 157 -12.48 -32.33 36.64
C GLY B 157 -13.73 -33.17 36.55
N ASN B 158 -14.88 -32.52 36.52
CA ASN B 158 -16.15 -33.23 36.48
C ASN B 158 -16.47 -33.77 35.09
N ILE B 159 -15.71 -34.76 34.62
CA ILE B 159 -15.92 -35.41 33.34
C ILE B 159 -15.85 -36.92 33.55
N ASN B 160 -16.87 -37.63 33.08
CA ASN B 160 -16.92 -39.07 33.21
C ASN B 160 -16.31 -39.74 31.99
N ASN B 161 -15.70 -40.91 32.19
CA ASN B 161 -14.87 -41.56 31.19
C ASN B 161 -15.66 -42.05 29.98
N ASP B 162 -16.97 -42.21 30.10
CA ASP B 162 -17.78 -42.61 28.96
C ASP B 162 -17.84 -41.52 27.90
N LYS B 163 -17.67 -40.26 28.32
CA LYS B 163 -17.83 -39.14 27.40
C LYS B 163 -16.68 -38.15 27.46
N LYS B 164 -15.45 -38.65 27.66
CA LYS B 164 -14.28 -37.77 27.66
C LYS B 164 -14.07 -37.13 26.30
N ASP B 165 -13.99 -37.95 25.25
CA ASP B 165 -13.57 -37.50 23.93
C ASP B 165 -14.57 -36.53 23.32
N GLU B 166 -15.86 -36.67 23.64
CA GLU B 166 -16.83 -35.72 23.14
C GLU B 166 -16.70 -34.36 23.82
N THR B 167 -16.22 -34.34 25.07
CA THR B 167 -16.14 -33.08 25.81
C THR B 167 -14.91 -32.27 25.44
N TYR B 168 -13.75 -32.92 25.28
CA TYR B 168 -12.53 -32.17 25.08
C TYR B 168 -12.48 -31.53 23.70
N ARG B 169 -13.09 -32.16 22.71
CA ARG B 169 -13.31 -31.47 21.43
C ARG B 169 -14.16 -30.24 21.64
N SER B 170 -15.27 -30.40 22.36
CA SER B 170 -16.16 -29.29 22.67
C SER B 170 -15.49 -28.28 23.57
N LEU B 171 -14.49 -28.71 24.34
CA LEU B 171 -13.68 -27.77 25.11
C LEU B 171 -12.82 -26.92 24.20
N PHE B 172 -12.00 -27.56 23.38
CA PHE B 172 -11.03 -26.79 22.60
C PHE B 172 -11.62 -26.16 21.35
N GLN B 173 -12.78 -26.61 20.88
CA GLN B 173 -13.46 -25.86 19.81
C GLN B 173 -13.93 -24.50 20.32
N ASP B 174 -14.22 -24.40 21.62
CA ASP B 174 -14.54 -23.11 22.20
C ASP B 174 -13.33 -22.19 22.21
N LEU B 175 -12.14 -22.74 22.49
CA LEU B 175 -10.95 -21.92 22.59
C LEU B 175 -10.49 -21.42 21.22
N GLU B 176 -10.81 -22.16 20.15
CA GLU B 176 -10.48 -21.67 18.82
C GLU B 176 -11.36 -20.49 18.43
N LEU B 177 -12.62 -20.49 18.87
CA LEU B 177 -13.48 -19.33 18.64
C LEU B 177 -13.01 -18.13 19.45
N LYS B 178 -12.31 -18.37 20.54
CA LYS B 178 -11.63 -17.33 21.30
C LYS B 178 -10.23 -17.09 20.75
N LYS B 179 -9.75 -17.97 19.88
CA LYS B 179 -8.39 -17.96 19.32
C LYS B 179 -7.35 -17.96 20.43
N GLU B 180 -7.46 -18.93 21.33
CA GLU B 180 -6.53 -19.04 22.44
C GLU B 180 -5.31 -19.85 22.01
N ARG B 181 -4.15 -19.24 22.16
CA ARG B 181 -2.88 -19.89 21.86
C ARG B 181 -2.18 -20.38 23.12
N ARG B 182 -2.53 -19.84 24.27
CA ARG B 182 -1.81 -20.08 25.50
C ARG B 182 -2.71 -20.77 26.51
N VAL B 183 -2.19 -21.80 27.16
CA VAL B 183 -2.97 -22.64 28.06
C VAL B 183 -2.10 -22.99 29.25
N ILE B 184 -2.64 -22.84 30.47
CA ILE B 184 -2.04 -23.40 31.65
C ILE B 184 -2.83 -24.62 32.06
N LEU B 185 -2.18 -25.77 32.13
CA LEU B 185 -2.78 -26.97 32.68
C LEU B 185 -2.42 -27.03 34.15
N ASP B 186 -3.40 -27.30 34.99
CA ASP B 186 -3.21 -27.30 36.43
C ASP B 186 -3.87 -28.57 36.95
N CYS B 187 -3.14 -29.67 36.90
CA CYS B 187 -3.71 -30.96 37.27
C CYS B 187 -2.65 -31.84 37.89
N GLU B 188 -3.06 -33.04 38.26
CA GLU B 188 -2.14 -34.11 38.66
C GLU B 188 -1.62 -34.82 37.43
N ARG B 189 -1.01 -36.00 37.59
CA ARG B 189 -0.47 -36.74 36.46
C ARG B 189 -1.54 -37.14 35.47
N ASP B 190 -2.63 -37.74 35.96
CA ASP B 190 -3.54 -38.47 35.08
C ASP B 190 -4.34 -37.52 34.22
N LYS B 191 -4.73 -36.37 34.76
CA LYS B 191 -5.49 -35.42 33.96
C LYS B 191 -4.58 -34.66 33.01
N VAL B 192 -3.28 -34.65 33.27
CA VAL B 192 -2.37 -34.12 32.25
C VAL B 192 -2.26 -35.09 31.09
N ASN B 193 -2.06 -36.37 31.40
CA ASN B 193 -1.92 -37.38 30.35
C ASN B 193 -3.21 -37.58 29.56
N ASP B 194 -4.35 -37.31 30.18
CA ASP B 194 -5.60 -37.37 29.41
C ASP B 194 -5.70 -36.19 28.46
N ILE B 195 -5.41 -34.98 28.94
CA ILE B 195 -5.59 -33.79 28.14
C ILE B 195 -4.57 -33.73 27.01
N VAL B 196 -3.32 -34.08 27.31
CA VAL B 196 -2.28 -34.08 26.29
C VAL B 196 -2.58 -35.09 25.20
N ASP B 197 -3.16 -36.24 25.57
CA ASP B 197 -3.64 -37.18 24.56
C ASP B 197 -4.80 -36.63 23.77
N GLN B 198 -5.58 -35.71 24.34
CA GLN B 198 -6.64 -35.08 23.57
C GLN B 198 -6.17 -33.84 22.82
N VAL B 199 -5.08 -33.22 23.28
CA VAL B 199 -4.50 -32.13 22.52
C VAL B 199 -3.92 -32.65 21.21
N ILE B 200 -3.26 -33.80 21.28
CA ILE B 200 -2.60 -34.37 20.11
C ILE B 200 -3.61 -34.83 19.09
N THR B 201 -4.69 -35.47 19.55
CA THR B 201 -5.66 -36.09 18.66
C THR B 201 -6.40 -35.04 17.84
N ILE B 202 -6.72 -33.88 18.44
CA ILE B 202 -7.26 -32.78 17.66
C ILE B 202 -6.16 -31.96 17.01
N GLY B 203 -4.90 -32.24 17.30
CA GLY B 203 -3.81 -31.54 16.66
C GLY B 203 -3.69 -30.10 17.10
N LYS B 204 -3.41 -29.90 18.37
CA LYS B 204 -3.29 -28.56 18.92
C LYS B 204 -1.97 -28.43 19.69
N HIS B 205 -0.92 -29.02 19.15
CA HIS B 205 0.42 -28.92 19.73
C HIS B 205 1.46 -28.54 18.70
N VAL B 206 1.05 -27.94 17.59
CA VAL B 206 1.97 -27.42 16.60
C VAL B 206 2.50 -26.07 17.06
N LYS B 207 3.49 -25.56 16.34
CA LYS B 207 4.08 -24.25 16.62
C LYS B 207 3.02 -23.16 16.53
N GLY B 208 3.10 -22.23 17.50
CA GLY B 208 2.07 -21.24 17.72
C GLY B 208 1.35 -21.40 19.04
N TYR B 209 1.44 -22.57 19.67
CA TYR B 209 0.78 -22.86 20.93
C TYR B 209 1.81 -22.91 22.04
N HIS B 210 1.34 -22.81 23.28
CA HIS B 210 2.24 -22.85 24.42
C HIS B 210 1.49 -23.40 25.61
N TYR B 211 2.17 -24.23 26.39
CA TYR B 211 1.55 -24.92 27.51
C TYR B 211 2.41 -24.73 28.73
N ILE B 212 1.79 -24.72 29.91
CA ILE B 212 2.50 -24.71 31.19
C ILE B 212 1.84 -25.74 32.08
N ILE B 213 2.54 -26.82 32.36
CA ILE B 213 2.00 -27.88 33.19
C ILE B 213 2.28 -27.51 34.64
N ALA B 214 1.28 -27.00 35.33
CA ALA B 214 1.49 -26.35 36.62
C ALA B 214 1.34 -27.35 37.76
N ASN B 215 2.36 -28.18 37.88
CA ASN B 215 2.56 -28.99 39.08
C ASN B 215 4.04 -29.29 39.22
N LEU B 216 4.38 -30.04 40.26
CA LEU B 216 5.78 -30.17 40.59
C LEU B 216 6.48 -31.29 39.85
N GLY B 217 5.75 -32.13 39.12
CA GLY B 217 6.43 -33.07 38.25
C GLY B 217 6.29 -32.73 36.79
N PHE B 218 7.32 -32.14 36.20
CA PHE B 218 7.25 -31.83 34.78
C PHE B 218 7.74 -32.99 33.92
N THR B 219 8.79 -33.65 34.34
CA THR B 219 9.24 -34.86 33.67
C THR B 219 8.55 -36.10 34.18
N ASP B 220 7.57 -35.94 35.07
CA ASP B 220 6.93 -37.10 35.68
C ASP B 220 6.02 -37.82 34.70
N GLY B 221 5.12 -37.08 34.04
CA GLY B 221 4.23 -37.66 33.06
C GLY B 221 4.93 -37.94 31.75
N ASP B 222 4.21 -38.64 30.87
CA ASP B 222 4.73 -38.92 29.54
C ASP B 222 4.80 -37.63 28.75
N LEU B 223 5.95 -37.37 28.16
CA LEU B 223 6.22 -36.09 27.56
C LEU B 223 6.82 -36.24 26.18
N LEU B 224 7.21 -37.46 25.79
CA LEU B 224 7.74 -37.72 24.47
C LEU B 224 6.73 -37.42 23.38
N LYS B 225 5.45 -37.65 23.65
CA LYS B 225 4.41 -37.50 22.65
C LYS B 225 4.12 -36.04 22.29
N ILE B 226 4.64 -35.08 23.04
CA ILE B 226 4.63 -33.69 22.61
C ILE B 226 6.00 -33.09 22.55
N GLN B 227 7.05 -33.90 22.56
CA GLN B 227 8.40 -33.36 22.50
C GLN B 227 8.69 -32.78 21.13
N PHE B 228 8.13 -33.36 20.09
CA PHE B 228 8.52 -33.03 18.73
C PHE B 228 7.44 -32.28 17.98
N GLY B 229 6.46 -31.72 18.67
CA GLY B 229 5.33 -31.12 18.01
C GLY B 229 5.63 -29.78 17.37
N GLY B 230 6.03 -28.81 18.18
CA GLY B 230 6.29 -27.48 17.70
C GLY B 230 5.85 -26.46 18.72
N ALA B 231 4.92 -26.85 19.59
CA ALA B 231 4.45 -25.99 20.65
C ALA B 231 5.41 -26.07 21.83
N GLU B 232 5.75 -24.92 22.38
CA GLU B 232 6.67 -24.87 23.49
C GLU B 232 5.96 -25.22 24.78
N VAL B 233 6.54 -26.14 25.54
CA VAL B 233 5.92 -26.61 26.77
C VAL B 233 6.86 -26.30 27.92
N SER B 234 6.37 -25.53 28.88
CA SER B 234 7.15 -25.15 30.05
C SER B 234 6.63 -25.89 31.26
N GLY B 235 7.39 -25.84 32.35
CA GLY B 235 6.94 -26.58 33.52
C GLY B 235 7.84 -26.37 34.71
N PHE B 236 7.52 -27.09 35.78
CA PHE B 236 8.06 -26.88 37.11
C PHE B 236 8.52 -28.22 37.68
N GLN B 237 9.71 -28.25 38.26
CA GLN B 237 10.19 -29.48 38.87
C GLN B 237 11.08 -29.16 40.05
N ILE B 238 10.89 -29.92 41.14
CA ILE B 238 11.70 -29.75 42.33
C ILE B 238 12.80 -30.80 42.46
N VAL B 239 12.68 -31.94 41.79
CA VAL B 239 13.66 -33.00 41.92
C VAL B 239 14.63 -32.91 40.75
N ASP B 240 15.76 -32.24 40.98
CA ASP B 240 16.76 -32.15 39.92
C ASP B 240 17.71 -33.35 39.99
N TYR B 241 17.79 -34.07 38.88
CA TYR B 241 18.61 -35.26 38.82
C TYR B 241 20.09 -34.94 38.63
N ASP B 242 20.41 -33.67 38.32
CA ASP B 242 21.81 -33.26 38.22
C ASP B 242 22.49 -33.18 39.57
N ASP B 243 21.72 -33.17 40.66
CA ASP B 243 22.31 -33.18 41.98
C ASP B 243 22.85 -34.57 42.30
N SER B 244 23.97 -34.59 43.03
CA SER B 244 24.64 -35.85 43.35
C SER B 244 23.81 -36.70 44.30
N LEU B 245 23.22 -36.08 45.32
CA LEU B 245 22.44 -36.81 46.31
C LEU B 245 21.19 -37.43 45.68
N VAL B 246 20.65 -36.79 44.65
CA VAL B 246 19.59 -37.40 43.87
C VAL B 246 20.15 -38.54 43.05
N SER B 247 21.32 -38.34 42.46
CA SER B 247 21.93 -39.34 41.59
C SER B 247 22.34 -40.58 42.38
N LYS B 248 22.77 -40.38 43.62
CA LYS B 248 23.04 -41.50 44.51
C LYS B 248 21.76 -42.26 44.83
N PHE B 249 20.62 -41.56 44.87
CA PHE B 249 19.37 -42.24 45.14
C PHE B 249 18.90 -43.03 43.92
N ILE B 250 18.96 -42.41 42.73
CA ILE B 250 18.43 -43.02 41.50
C ILE B 250 19.16 -44.30 41.16
N GLU B 251 20.49 -44.30 41.28
CA GLU B 251 21.26 -45.52 41.07
C GLU B 251 20.90 -46.58 42.10
N ARG B 252 20.56 -46.19 43.32
CA ARG B 252 19.96 -47.16 44.23
C ARG B 252 18.52 -47.47 43.84
N TRP B 253 17.80 -46.47 43.31
CA TRP B 253 16.38 -46.65 43.04
C TRP B 253 16.14 -47.54 41.83
N SER B 254 16.98 -47.40 40.80
CA SER B 254 16.77 -48.15 39.57
C SER B 254 17.05 -49.64 39.74
N THR B 255 17.93 -49.98 40.67
CA THR B 255 18.39 -51.35 40.84
C THR B 255 17.41 -52.24 41.60
N LEU B 256 16.29 -51.72 42.07
CA LEU B 256 15.49 -52.49 42.99
C LEU B 256 14.60 -53.49 42.27
N GLU B 257 13.91 -54.31 43.06
CA GLU B 257 13.08 -55.39 42.56
C GLU B 257 11.62 -54.96 42.43
N GLU B 258 10.97 -55.42 41.37
CA GLU B 258 9.58 -55.04 41.11
C GLU B 258 8.62 -55.66 42.12
N LYS B 259 8.73 -56.97 42.37
CA LYS B 259 7.80 -57.58 43.29
C LYS B 259 8.14 -57.25 44.74
N GLU B 260 9.37 -56.83 44.99
CA GLU B 260 9.72 -56.35 46.32
C GLU B 260 9.32 -54.89 46.50
N TYR B 261 9.51 -54.08 45.47
CA TYR B 261 9.12 -52.66 45.49
C TYR B 261 8.48 -52.32 44.15
N PRO B 262 7.14 -52.32 44.07
CA PRO B 262 6.46 -52.00 42.81
C PRO B 262 6.67 -50.58 42.32
N GLY B 263 7.17 -50.45 41.09
CA GLY B 263 7.47 -49.15 40.52
C GLY B 263 8.84 -48.62 40.83
N ALA B 264 9.71 -49.43 41.45
CA ALA B 264 11.01 -48.91 41.84
C ALA B 264 12.00 -48.92 40.68
N HIS B 265 12.08 -50.01 39.92
CA HIS B 265 13.03 -50.13 38.82
C HIS B 265 12.55 -49.25 37.67
N THR B 266 12.83 -47.96 37.81
CA THR B 266 12.57 -46.96 36.78
C THR B 266 13.80 -46.07 36.68
N ALA B 267 13.74 -45.12 35.75
CA ALA B 267 14.79 -44.12 35.64
C ALA B 267 14.46 -42.85 36.40
N THR B 268 13.19 -42.49 36.51
CA THR B 268 12.78 -41.30 37.23
C THR B 268 11.88 -41.70 38.40
N ILE B 269 11.70 -40.75 39.31
CA ILE B 269 10.81 -40.93 40.44
C ILE B 269 9.89 -39.73 40.51
N LYS B 270 8.64 -39.97 40.89
CA LYS B 270 7.63 -38.93 40.92
C LYS B 270 7.77 -38.09 42.18
N TYR B 271 7.40 -36.81 42.08
CA TYR B 271 7.65 -35.85 43.16
C TYR B 271 6.85 -36.19 44.41
N THR B 272 5.67 -36.80 44.23
CA THR B 272 4.89 -37.25 45.36
C THR B 272 5.62 -38.34 46.14
N SER B 273 6.18 -39.32 45.43
CA SER B 273 6.98 -40.32 46.12
C SER B 273 8.32 -39.75 46.56
N ALA B 274 8.77 -38.67 45.92
CA ALA B 274 10.04 -38.07 46.30
C ALA B 274 9.96 -37.42 47.66
N LEU B 275 8.86 -36.72 47.93
CA LEU B 275 8.68 -36.13 49.24
C LEU B 275 8.35 -37.19 50.29
N THR B 276 7.80 -38.32 49.85
CA THR B 276 7.57 -39.43 50.76
C THR B 276 8.89 -39.96 51.31
N TYR B 277 9.91 -40.03 50.46
CA TYR B 277 11.24 -40.38 50.94
C TYR B 277 11.85 -39.26 51.75
N ASP B 278 11.51 -38.01 51.41
CA ASP B 278 12.12 -36.88 52.10
C ASP B 278 11.60 -36.73 53.52
N ALA B 279 10.36 -37.15 53.77
CA ALA B 279 9.79 -36.92 55.08
C ALA B 279 10.32 -37.91 56.12
N VAL B 280 10.70 -39.11 55.67
CA VAL B 280 11.21 -40.12 56.59
C VAL B 280 12.58 -39.69 57.14
N GLN B 281 13.33 -38.94 56.34
CA GLN B 281 14.49 -38.23 56.87
C GLN B 281 14.09 -37.22 57.93
N VAL B 282 12.99 -36.50 57.70
CA VAL B 282 12.57 -35.47 58.64
C VAL B 282 11.97 -36.10 59.89
N MET B 283 11.24 -37.20 59.73
CA MET B 283 10.69 -37.92 60.89
C MET B 283 11.79 -38.53 61.74
N THR B 284 12.87 -38.99 61.09
CA THR B 284 13.98 -39.56 61.84
C THR B 284 14.78 -38.47 62.55
N GLU B 285 14.92 -37.31 61.89
CA GLU B 285 15.71 -36.20 62.41
C GLU B 285 15.14 -35.64 63.71
N ALA B 286 13.82 -35.74 63.88
CA ALA B 286 13.19 -35.24 65.10
C ALA B 286 13.61 -36.05 66.32
N PHE B 287 13.53 -37.37 66.22
CA PHE B 287 13.82 -38.19 67.39
C PHE B 287 15.32 -38.32 67.63
N ARG B 288 16.15 -37.96 66.66
CA ARG B 288 17.54 -37.66 66.97
C ARG B 288 17.64 -36.40 67.81
N ASN B 289 16.95 -35.33 67.39
CA ASN B 289 17.04 -34.05 68.08
C ASN B 289 16.29 -34.09 69.40
N LEU B 290 15.32 -34.98 69.55
CA LEU B 290 14.51 -35.00 70.76
C LEU B 290 15.27 -35.56 71.94
N ARG B 291 15.96 -36.69 71.75
CA ARG B 291 16.72 -37.28 72.85
C ARG B 291 18.04 -36.54 73.05
N LYS B 292 18.52 -35.84 72.02
CA LYS B 292 19.68 -34.98 72.17
C LYS B 292 19.39 -33.84 73.15
N GLN B 293 18.15 -33.35 73.16
CA GLN B 293 17.72 -32.39 74.17
C GLN B 293 17.26 -33.07 75.45
N ARG B 294 17.23 -34.41 75.44
CA ARG B 294 16.85 -35.27 76.55
C ARG B 294 15.45 -34.94 77.09
N ILE B 295 14.51 -34.69 76.19
CA ILE B 295 13.13 -34.48 76.61
C ILE B 295 12.38 -35.79 76.43
N GLU B 296 12.39 -36.61 77.48
CA GLU B 296 11.71 -37.89 77.42
C GLU B 296 10.20 -37.67 77.45
N ILE B 297 9.55 -38.06 76.36
CA ILE B 297 8.14 -37.77 76.15
C ILE B 297 7.36 -39.07 76.05
N SER B 298 7.87 -40.11 76.70
CA SER B 298 7.28 -41.44 76.61
C SER B 298 6.00 -41.44 77.41
N ARG B 299 4.89 -41.09 76.74
CA ARG B 299 3.57 -41.09 77.37
C ARG B 299 2.97 -42.50 77.34
N ARG B 300 3.50 -43.34 78.24
CA ARG B 300 3.04 -44.71 78.36
C ARG B 300 1.65 -44.80 78.96
N GLY B 301 1.12 -43.70 79.52
CA GLY B 301 -0.28 -43.67 79.86
C GLY B 301 -1.16 -43.86 78.63
N ASN B 302 -2.20 -44.67 78.80
CA ASN B 302 -3.02 -45.11 77.67
C ASN B 302 -3.80 -43.96 77.07
N ALA B 303 -3.70 -43.83 75.75
CA ALA B 303 -4.26 -42.67 75.05
C ALA B 303 -5.78 -42.69 75.09
N GLY B 304 -6.38 -43.87 75.13
CA GLY B 304 -7.82 -43.97 75.07
C GLY B 304 -8.35 -43.67 73.70
N ASP B 305 -9.66 -43.44 73.64
CA ASP B 305 -10.32 -43.18 72.37
C ASP B 305 -10.12 -41.73 71.94
N CYS B 306 -10.67 -41.42 70.77
CA CYS B 306 -10.74 -40.05 70.26
C CYS B 306 -12.03 -39.36 70.65
N LEU B 307 -13.05 -40.11 71.05
CA LEU B 307 -14.33 -39.54 71.46
C LEU B 307 -14.38 -39.43 72.98
N ALA B 308 -13.59 -38.50 73.50
CA ALA B 308 -13.57 -38.20 74.92
C ALA B 308 -14.40 -36.95 75.17
N ASN B 309 -15.15 -36.94 76.27
CA ASN B 309 -16.01 -35.80 76.59
C ASN B 309 -15.61 -35.27 77.96
N PRO B 310 -14.86 -34.15 78.05
CA PRO B 310 -14.26 -33.40 76.94
C PRO B 310 -13.01 -34.07 76.40
N ALA B 311 -12.72 -33.86 75.13
CA ALA B 311 -11.47 -34.35 74.58
C ALA B 311 -10.30 -33.57 75.15
N VAL B 312 -9.30 -34.30 75.63
CA VAL B 312 -8.18 -33.71 76.35
C VAL B 312 -6.92 -33.93 75.52
N PRO B 313 -6.06 -32.93 75.35
CA PRO B 313 -4.76 -33.15 74.74
C PRO B 313 -3.79 -33.83 75.70
N TRP B 314 -2.54 -33.92 75.24
CA TRP B 314 -1.42 -34.34 76.10
C TRP B 314 -0.22 -33.47 75.75
N GLY B 315 0.28 -32.74 76.75
CA GLY B 315 1.20 -31.63 76.59
C GLY B 315 2.56 -32.01 76.04
N GLN B 316 2.91 -33.29 76.00
CA GLN B 316 4.13 -33.69 75.32
C GLN B 316 3.95 -33.67 73.81
N GLY B 317 2.71 -33.54 73.32
CA GLY B 317 2.51 -33.31 71.91
C GLY B 317 2.97 -31.92 71.49
N VAL B 318 2.98 -30.97 72.42
CA VAL B 318 3.50 -29.65 72.11
C VAL B 318 5.01 -29.72 71.92
N GLU B 319 5.65 -30.65 72.62
CA GLU B 319 7.09 -30.85 72.49
C GLU B 319 7.47 -31.37 71.12
N ILE B 320 6.58 -32.13 70.48
CA ILE B 320 6.95 -32.84 69.26
C ILE B 320 7.03 -31.89 68.08
N GLU B 321 6.03 -31.04 67.90
CA GLU B 321 5.97 -30.21 66.70
C GLU B 321 7.04 -29.12 66.70
N ARG B 322 7.48 -28.69 67.88
CA ARG B 322 8.56 -27.71 67.94
C ARG B 322 9.86 -28.33 67.47
N ALA B 323 10.06 -29.61 67.75
CA ALA B 323 11.16 -30.33 67.14
C ALA B 323 10.96 -30.49 65.65
N LEU B 324 9.71 -30.68 65.21
CA LEU B 324 9.45 -30.92 63.80
C LEU B 324 9.63 -29.66 62.97
N LYS B 325 9.32 -28.50 63.53
CA LYS B 325 9.51 -27.26 62.79
C LYS B 325 10.95 -26.82 62.80
N GLN B 326 11.70 -27.16 63.84
CA GLN B 326 13.11 -26.77 63.95
C GLN B 326 14.02 -27.86 63.37
N VAL B 327 13.73 -28.23 62.13
CA VAL B 327 14.56 -29.18 61.39
C VAL B 327 14.93 -28.54 60.07
N GLN B 328 16.23 -28.44 59.80
CA GLN B 328 16.73 -28.02 58.50
C GLN B 328 17.75 -29.05 58.04
N VAL B 329 17.31 -29.94 57.16
CA VAL B 329 18.16 -30.98 56.60
C VAL B 329 18.13 -30.82 55.08
N GLU B 330 18.85 -31.70 54.40
CA GLU B 330 18.89 -31.72 52.95
C GLU B 330 18.32 -33.03 52.45
N GLY B 331 17.50 -32.95 51.41
CA GLY B 331 16.87 -34.11 50.84
C GLY B 331 16.85 -34.04 49.33
N LEU B 332 15.88 -34.74 48.72
CA LEU B 332 15.83 -34.81 47.27
C LEU B 332 15.41 -33.50 46.65
N SER B 333 14.52 -32.76 47.31
CA SER B 333 14.05 -31.52 46.73
C SER B 333 15.03 -30.37 46.98
N GLY B 334 15.76 -30.43 48.08
CA GLY B 334 16.71 -29.38 48.38
C GLY B 334 16.73 -28.99 49.84
N ASN B 335 16.76 -27.69 50.11
CA ASN B 335 16.78 -27.22 51.48
C ASN B 335 15.38 -27.32 52.06
N ILE B 336 15.23 -28.09 53.13
CA ILE B 336 13.95 -28.27 53.80
C ILE B 336 13.93 -27.36 55.01
N LYS B 337 13.36 -26.16 54.84
CA LYS B 337 13.26 -25.19 55.92
C LYS B 337 11.80 -24.85 56.14
N PHE B 338 11.38 -24.88 57.40
CA PHE B 338 9.97 -24.77 57.75
C PHE B 338 9.67 -23.41 58.33
N ASP B 339 8.38 -23.17 58.56
CA ASP B 339 7.91 -21.96 59.20
C ASP B 339 7.35 -22.35 60.57
N GLN B 340 6.78 -21.37 61.28
CA GLN B 340 6.03 -21.70 62.50
C GLN B 340 4.71 -22.37 62.13
N ASN B 341 4.26 -22.18 60.89
CA ASN B 341 2.98 -22.73 60.49
C ASN B 341 3.05 -24.22 60.19
N GLY B 342 4.13 -24.64 59.54
CA GLY B 342 4.24 -25.97 58.99
C GLY B 342 4.50 -26.00 57.50
N LYS B 343 4.50 -24.85 56.86
CA LYS B 343 4.79 -24.71 55.45
C LYS B 343 6.29 -24.60 55.24
N ARG B 344 6.72 -24.86 54.01
CA ARG B 344 8.14 -24.85 53.69
C ARG B 344 8.59 -23.48 53.22
N ILE B 345 9.81 -23.11 53.59
CA ILE B 345 10.47 -21.91 53.10
C ILE B 345 11.90 -22.26 52.73
N ASN B 346 12.60 -21.28 52.14
CA ASN B 346 13.96 -21.37 51.61
C ASN B 346 14.13 -22.62 50.73
N TYR B 347 13.35 -22.66 49.66
CA TYR B 347 13.39 -23.78 48.73
C TYR B 347 13.58 -23.27 47.30
N THR B 348 13.88 -24.22 46.41
CA THR B 348 14.17 -23.94 45.02
C THR B 348 13.25 -24.76 44.13
N ILE B 349 12.75 -24.15 43.07
CA ILE B 349 11.89 -24.82 42.09
C ILE B 349 12.46 -24.56 40.71
N ASN B 350 12.80 -25.63 39.99
CA ASN B 350 13.52 -25.51 38.74
C ASN B 350 12.55 -25.25 37.62
N ILE B 351 12.59 -24.05 37.05
CA ILE B 351 11.79 -23.75 35.88
C ILE B 351 12.41 -24.48 34.69
N MET B 352 11.71 -25.47 34.18
CA MET B 352 12.21 -26.28 33.09
C MET B 352 11.36 -26.05 31.86
N GLU B 353 12.00 -26.18 30.70
CA GLU B 353 11.33 -25.97 29.43
C GLU B 353 11.72 -27.11 28.49
N LEU B 354 10.80 -27.48 27.61
CA LEU B 354 10.93 -28.68 26.80
C LEU B 354 11.45 -28.34 25.41
N LYS B 355 12.70 -28.73 25.14
CA LYS B 355 13.27 -28.67 23.81
C LYS B 355 13.28 -30.06 23.20
N THR B 356 13.64 -30.10 21.92
CA THR B 356 13.57 -31.34 21.15
C THR B 356 14.52 -32.41 21.67
N ASN B 357 15.62 -32.00 22.32
CA ASN B 357 16.50 -32.96 22.94
C ASN B 357 15.91 -33.47 24.25
N GLY B 358 14.98 -32.72 24.84
CA GLY B 358 14.33 -33.13 26.05
C GLY B 358 14.12 -31.98 27.02
N PRO B 359 13.92 -32.33 28.29
CA PRO B 359 13.77 -31.29 29.32
C PRO B 359 15.10 -30.60 29.60
N ARG B 360 15.10 -29.28 29.49
CA ARG B 360 16.27 -28.50 29.84
C ARG B 360 15.97 -27.72 31.10
N LYS B 361 16.91 -26.89 31.56
CA LYS B 361 16.66 -26.13 32.78
C LYS B 361 17.02 -24.69 32.51
N ILE B 362 16.03 -23.82 32.52
CA ILE B 362 16.28 -22.41 32.26
C ILE B 362 16.32 -21.59 33.55
N GLY B 363 16.38 -22.24 34.70
CA GLY B 363 16.65 -21.52 35.92
C GLY B 363 15.86 -22.09 37.09
N TYR B 364 15.91 -21.34 38.20
CA TYR B 364 15.28 -21.74 39.44
C TYR B 364 14.56 -20.55 40.06
N TRP B 365 13.71 -20.85 41.05
CA TRP B 365 12.85 -19.87 41.70
C TRP B 365 13.06 -19.97 43.21
N SER B 366 12.82 -18.85 43.90
CA SER B 366 12.96 -18.85 45.34
C SER B 366 11.90 -17.95 45.95
N GLU B 367 11.98 -17.79 47.27
CA GLU B 367 11.12 -16.82 47.94
C GLU B 367 11.77 -15.46 47.91
N VAL B 368 13.07 -15.43 48.21
CA VAL B 368 13.82 -14.18 48.34
C VAL B 368 13.93 -13.50 46.99
N ASP B 369 14.13 -14.29 45.95
CA ASP B 369 14.22 -13.79 44.60
C ASP B 369 13.22 -14.54 43.73
N LYS B 370 12.85 -13.93 42.61
CA LYS B 370 11.94 -14.53 41.65
C LYS B 370 12.64 -15.55 40.77
N MET B 371 12.05 -15.83 39.62
CA MET B 371 12.65 -16.69 38.60
C MET B 371 14.05 -16.19 38.26
N VAL B 372 15.06 -16.96 38.65
CA VAL B 372 16.44 -16.65 38.36
C VAL B 372 16.80 -17.36 37.07
N LEU B 373 16.85 -16.60 35.97
CA LEU B 373 17.00 -17.17 34.62
C LEU B 373 18.44 -17.64 34.38
N THR B 374 18.75 -18.79 35.00
CA THR B 374 20.09 -19.37 34.92
C THR B 374 20.29 -20.04 33.56
N GLU B 375 20.78 -19.26 32.59
CA GLU B 375 21.09 -19.80 31.28
C GLU B 375 22.53 -20.31 31.24
N ASP B 376 22.87 -20.98 30.13
CA ASP B 376 24.19 -21.52 29.83
C ASP B 376 24.72 -22.48 30.90
N THR B 385 26.88 -8.90 22.06
CA THR B 385 27.11 -9.76 20.91
C THR B 385 27.90 -9.03 19.83
N VAL B 386 27.19 -8.30 18.98
CA VAL B 386 27.82 -7.46 17.95
C VAL B 386 27.99 -6.06 18.53
N VAL B 387 28.99 -5.35 18.02
CA VAL B 387 29.24 -3.96 18.38
C VAL B 387 29.18 -3.16 17.09
N VAL B 388 28.22 -2.24 17.01
CA VAL B 388 28.01 -1.45 15.79
C VAL B 388 28.90 -0.22 15.86
N THR B 389 29.86 -0.14 14.95
CA THR B 389 30.58 1.12 14.73
C THR B 389 29.93 1.84 13.55
N THR B 390 29.60 3.10 13.77
CA THR B 390 28.89 3.91 12.78
C THR B 390 29.15 5.38 13.12
N ILE B 391 28.47 6.26 12.40
CA ILE B 391 28.54 7.70 12.65
C ILE B 391 27.15 8.28 12.41
N LEU B 392 26.82 9.34 13.13
CA LEU B 392 25.50 9.93 13.04
C LEU B 392 25.45 10.88 11.86
N GLU B 393 24.60 10.55 10.88
CA GLU B 393 24.39 11.38 9.70
C GLU B 393 22.90 11.41 9.41
N SER B 394 22.41 12.54 8.98
CA SER B 394 20.99 12.65 8.66
C SER B 394 20.74 12.14 7.24
N PRO B 395 19.70 11.31 7.04
CA PRO B 395 18.82 10.73 8.06
C PRO B 395 19.20 9.30 8.39
N TYR B 396 20.49 8.97 8.30
CA TYR B 396 20.94 7.62 8.62
C TYR B 396 20.85 7.35 10.12
N VAL B 397 21.63 8.08 10.91
CA VAL B 397 21.60 7.99 12.36
C VAL B 397 21.48 9.40 12.90
N MET B 398 20.49 9.63 13.75
CA MET B 398 20.20 10.97 14.23
C MET B 398 20.04 10.96 15.75
N MET B 399 20.54 12.02 16.37
CA MET B 399 20.49 12.20 17.82
C MET B 399 19.11 12.76 18.19
N LYS B 400 18.40 12.04 19.03
CA LYS B 400 17.03 12.38 19.37
C LYS B 400 16.98 13.59 20.29
N LYS B 401 15.90 14.37 20.16
CA LYS B 401 15.55 15.40 21.13
C LYS B 401 15.29 14.84 22.52
N ASN B 402 14.96 13.56 22.62
CA ASN B 402 14.83 12.87 23.90
C ASN B 402 16.14 12.15 24.24
N HIS B 403 17.22 12.93 24.25
CA HIS B 403 18.54 12.40 24.55
C HIS B 403 18.68 12.03 26.02
N GLU B 404 18.49 13.01 26.91
CA GLU B 404 18.47 12.74 28.34
C GLU B 404 17.14 12.17 28.80
N MET B 405 16.07 12.38 28.04
CA MET B 405 14.77 11.86 28.44
C MET B 405 14.66 10.37 28.17
N LEU B 406 14.79 9.98 26.90
CA LEU B 406 14.69 8.57 26.53
C LEU B 406 16.07 7.93 26.65
N GLU B 407 16.19 6.96 27.56
CA GLU B 407 17.42 6.24 27.76
C GLU B 407 17.36 4.89 27.04
N GLY B 408 18.52 4.25 26.94
CA GLY B 408 18.64 3.00 26.23
C GLY B 408 19.25 3.16 24.85
N ASN B 409 18.88 2.23 23.96
CA ASN B 409 19.44 2.18 22.63
C ASN B 409 18.48 2.69 21.55
N GLU B 410 17.34 3.26 21.95
CA GLU B 410 16.52 4.04 21.03
C GLU B 410 16.85 5.53 21.16
N ARG B 411 18.00 5.85 21.75
CA ARG B 411 18.47 7.22 21.83
C ARG B 411 18.99 7.74 20.51
N TYR B 412 19.18 6.86 19.53
CA TYR B 412 19.48 7.26 18.16
C TYR B 412 18.47 6.61 17.23
N GLU B 413 18.08 7.34 16.18
CA GLU B 413 17.07 6.90 15.24
C GLU B 413 17.44 7.41 13.85
N GLY B 414 16.79 6.85 12.85
CA GLY B 414 17.08 7.22 11.47
C GLY B 414 16.90 6.04 10.55
N TYR B 415 17.18 6.29 9.27
CA TYR B 415 17.03 5.26 8.24
C TYR B 415 17.99 4.11 8.46
N CYS B 416 19.26 4.41 8.73
CA CYS B 416 20.24 3.38 9.03
C CYS B 416 19.90 2.65 10.33
N VAL B 417 19.26 3.35 11.27
CA VAL B 417 18.98 2.78 12.58
C VAL B 417 17.87 1.74 12.47
N ASP B 418 16.86 1.97 11.61
CA ASP B 418 15.88 0.94 11.32
C ASP B 418 16.53 -0.24 10.62
N LEU B 419 17.39 0.04 9.63
CA LEU B 419 17.99 -1.03 8.84
C LEU B 419 19.03 -1.80 9.64
N ALA B 420 19.68 -1.14 10.62
CA ALA B 420 20.55 -1.88 11.54
C ALA B 420 19.73 -2.79 12.45
N ALA B 421 18.55 -2.34 12.86
CA ALA B 421 17.67 -3.17 13.69
C ALA B 421 17.00 -4.26 12.87
N GLU B 422 16.78 -4.01 11.58
CA GLU B 422 16.27 -5.07 10.71
C GLU B 422 17.32 -6.14 10.48
N ILE B 423 18.60 -5.75 10.39
CA ILE B 423 19.63 -6.69 9.97
C ILE B 423 20.17 -7.47 11.17
N ALA B 424 19.96 -6.98 12.39
CA ALA B 424 20.43 -7.73 13.55
C ALA B 424 19.45 -8.81 13.97
N LYS B 425 18.15 -8.52 13.87
CA LYS B 425 17.15 -9.45 14.37
C LYS B 425 16.79 -10.55 13.38
N HIS B 426 16.81 -10.26 12.07
CA HIS B 426 16.60 -11.33 11.10
C HIS B 426 17.78 -12.29 11.07
N CYS B 427 18.97 -11.81 11.43
CA CYS B 427 20.11 -12.69 11.61
C CYS B 427 20.13 -13.34 12.98
N GLY B 428 19.72 -12.62 14.02
CA GLY B 428 19.59 -13.15 15.36
C GLY B 428 20.22 -12.29 16.43
N PHE B 429 21.12 -11.38 16.06
CA PHE B 429 21.85 -10.61 17.04
C PHE B 429 21.00 -9.49 17.63
N LYS B 430 21.57 -8.78 18.59
CA LYS B 430 21.06 -7.49 19.04
C LYS B 430 22.18 -6.46 18.93
N TYR B 431 21.82 -5.28 18.47
CA TYR B 431 22.78 -4.26 18.06
C TYR B 431 23.38 -3.55 19.28
N LYS B 432 24.56 -2.98 19.10
CA LYS B 432 25.18 -2.10 20.09
C LYS B 432 25.81 -0.93 19.33
N LEU B 433 25.01 0.11 19.08
CA LEU B 433 25.53 1.27 18.38
C LEU B 433 26.40 2.12 19.29
N THR B 434 27.65 2.32 18.87
CA THR B 434 28.57 3.23 19.55
C THR B 434 29.31 3.99 18.46
N ILE B 435 29.16 5.31 18.47
CA ILE B 435 29.66 6.16 17.40
C ILE B 435 31.00 6.76 17.84
N VAL B 436 32.04 6.48 17.07
CA VAL B 436 33.31 7.18 17.24
C VAL B 436 33.17 8.56 16.58
N GLY B 437 33.18 9.61 17.38
CA GLY B 437 32.93 10.95 16.89
C GLY B 437 34.13 11.69 16.34
N ASP B 438 35.07 10.97 15.72
CA ASP B 438 36.21 11.63 15.09
C ASP B 438 35.82 12.31 13.78
N GLY B 439 34.72 11.88 13.16
CA GLY B 439 34.20 12.53 11.97
C GLY B 439 34.73 11.99 10.66
N LYS B 440 35.88 11.33 10.66
CA LYS B 440 36.48 10.85 9.44
C LYS B 440 35.85 9.53 9.03
N TYR B 441 35.48 9.42 7.75
CA TYR B 441 34.88 8.19 7.25
C TYR B 441 35.91 7.07 7.20
N GLY B 442 37.17 7.41 6.98
CA GLY B 442 38.23 6.43 7.13
C GLY B 442 38.66 5.75 5.86
N ALA B 443 39.96 5.76 5.61
CA ALA B 443 40.57 5.06 4.49
C ALA B 443 41.99 4.71 4.86
N ARG B 444 42.64 3.92 4.00
CA ARG B 444 44.02 3.55 4.23
C ARG B 444 44.91 4.76 3.91
N ASP B 445 45.51 5.34 4.93
CA ASP B 445 46.18 6.63 4.81
C ASP B 445 47.46 6.51 3.98
N ALA B 446 47.91 7.66 3.49
CA ALA B 446 49.20 7.73 2.82
C ALA B 446 50.30 7.70 3.87
N ASP B 447 51.37 6.96 3.55
CA ASP B 447 52.68 6.96 4.24
C ASP B 447 52.64 6.30 5.60
N THR B 448 51.44 6.00 6.12
CA THR B 448 51.29 5.32 7.40
C THR B 448 50.28 4.18 7.34
N LYS B 449 49.25 4.28 6.49
CA LYS B 449 48.26 3.23 6.21
C LYS B 449 47.50 2.83 7.48
N ILE B 450 46.88 3.83 8.11
CA ILE B 450 46.02 3.64 9.27
C ILE B 450 44.59 3.88 8.86
N TRP B 451 43.73 2.90 9.10
CA TRP B 451 42.30 3.07 8.92
C TRP B 451 41.77 3.99 10.02
N ASN B 452 41.11 5.08 9.61
CA ASN B 452 40.94 6.22 10.51
C ASN B 452 39.71 6.09 11.39
N GLY B 453 38.53 6.03 10.78
CA GLY B 453 37.31 6.24 11.52
C GLY B 453 36.52 4.98 11.83
N MET B 454 35.47 4.75 11.05
CA MET B 454 34.65 3.56 11.25
C MET B 454 35.40 2.30 10.86
N VAL B 455 36.29 2.39 9.87
CA VAL B 455 37.15 1.26 9.53
C VAL B 455 38.27 1.09 10.54
N GLY B 456 38.56 2.13 11.32
CA GLY B 456 39.53 1.99 12.40
C GLY B 456 39.02 1.11 13.52
N GLU B 457 37.69 1.09 13.72
CA GLU B 457 37.09 0.16 14.65
C GLU B 457 36.92 -1.23 14.04
N LEU B 458 36.74 -1.29 12.72
CA LEU B 458 36.30 -2.53 12.09
C LEU B 458 37.47 -3.39 11.64
N VAL B 459 38.48 -2.80 11.00
CA VAL B 459 39.65 -3.55 10.54
C VAL B 459 40.50 -3.98 11.73
N TYR B 460 40.67 -3.09 12.70
CA TYR B 460 41.46 -3.37 13.89
C TYR B 460 40.72 -4.21 14.92
N GLY B 461 39.49 -4.63 14.64
CA GLY B 461 38.78 -5.59 15.46
C GLY B 461 38.15 -5.04 16.72
N LYS B 462 38.05 -3.71 16.85
CA LYS B 462 37.39 -3.14 18.02
C LYS B 462 35.88 -3.10 17.89
N ALA B 463 35.34 -3.49 16.74
CA ALA B 463 33.91 -3.69 16.57
C ALA B 463 33.70 -4.85 15.61
N ASP B 464 32.46 -5.37 15.60
CA ASP B 464 32.13 -6.53 14.79
C ASP B 464 31.36 -6.14 13.54
N ILE B 465 30.22 -5.48 13.67
CA ILE B 465 29.41 -5.11 12.53
C ILE B 465 29.46 -3.58 12.38
N ALA B 466 29.30 -3.10 11.16
CA ALA B 466 29.29 -1.66 10.87
C ALA B 466 28.17 -1.39 9.89
N ILE B 467 27.01 -0.97 10.40
CA ILE B 467 25.89 -0.55 9.58
C ILE B 467 26.04 0.95 9.39
N ALA B 468 26.42 1.37 8.18
CA ALA B 468 26.77 2.76 7.94
C ALA B 468 26.69 3.03 6.44
N PRO B 469 26.49 4.29 6.03
CA PRO B 469 26.65 4.61 4.60
C PRO B 469 28.11 4.63 4.20
N LEU B 470 28.69 3.45 4.00
CA LEU B 470 30.11 3.30 3.73
C LEU B 470 30.29 2.77 2.32
N THR B 471 31.34 3.23 1.65
CA THR B 471 31.58 2.90 0.25
C THR B 471 32.51 1.71 0.13
N ILE B 472 32.06 0.70 -0.62
CA ILE B 472 32.88 -0.45 -0.96
C ILE B 472 33.79 -0.06 -2.11
N THR B 473 35.10 -0.03 -1.85
CA THR B 473 36.09 0.32 -2.85
C THR B 473 37.07 -0.86 -2.90
N LEU B 474 38.02 -0.82 -3.84
CA LEU B 474 38.95 -1.93 -4.05
C LEU B 474 39.86 -2.13 -2.83
N VAL B 475 40.48 -1.06 -2.33
CA VAL B 475 41.32 -1.19 -1.15
C VAL B 475 40.48 -1.36 0.11
N ARG B 476 39.19 -1.02 0.06
CA ARG B 476 38.27 -1.36 1.13
C ARG B 476 37.94 -2.84 1.14
N GLU B 477 37.82 -3.44 -0.05
CA GLU B 477 37.39 -4.83 -0.18
C GLU B 477 38.45 -5.80 0.32
N GLU B 478 39.72 -5.40 0.19
CA GLU B 478 40.82 -6.31 0.49
C GLU B 478 40.95 -6.59 1.98
N VAL B 479 40.77 -5.58 2.82
CA VAL B 479 41.07 -5.74 4.24
C VAL B 479 39.95 -6.44 4.98
N ILE B 480 38.69 -6.13 4.65
CA ILE B 480 37.54 -6.65 5.37
C ILE B 480 36.41 -6.91 4.39
N ASP B 481 35.57 -7.87 4.74
CA ASP B 481 34.45 -8.29 3.89
C ASP B 481 33.35 -7.24 3.92
N PHE B 482 32.48 -7.27 2.91
CA PHE B 482 31.35 -6.37 2.87
C PHE B 482 30.06 -7.13 2.61
N SER B 483 28.96 -6.41 2.71
CA SER B 483 27.66 -6.92 2.34
C SER B 483 27.30 -6.45 0.94
N LYS B 484 26.06 -6.67 0.55
CA LYS B 484 25.53 -6.14 -0.69
C LYS B 484 25.26 -4.65 -0.53
N PRO B 485 25.23 -3.88 -1.63
CA PRO B 485 24.90 -2.45 -1.51
C PRO B 485 23.46 -2.22 -1.10
N PHE B 486 23.26 -1.26 -0.21
CA PHE B 486 21.92 -0.82 0.18
C PHE B 486 21.20 -0.24 -1.03
N MET B 487 21.76 0.82 -1.61
CA MET B 487 21.16 1.51 -2.74
C MET B 487 22.26 1.85 -3.72
N SER B 488 21.85 2.20 -4.93
CA SER B 488 22.76 2.61 -5.98
C SER B 488 22.81 4.12 -6.01
N LEU B 489 24.02 4.68 -6.09
CA LEU B 489 24.20 6.11 -5.90
C LEU B 489 25.32 6.59 -6.82
N GLY B 490 25.73 7.85 -6.62
CA GLY B 490 26.84 8.40 -7.38
C GLY B 490 27.34 9.68 -6.76
N ILE B 491 28.39 10.22 -7.36
CA ILE B 491 28.92 11.50 -6.91
C ILE B 491 28.05 12.61 -7.50
N SER B 492 27.59 13.51 -6.65
CA SER B 492 26.64 14.55 -7.02
C SER B 492 27.14 15.93 -6.60
N ILE B 493 26.86 16.92 -7.45
CA ILE B 493 27.31 18.29 -7.23
C ILE B 493 26.24 19.03 -6.41
N MET B 494 26.68 19.77 -5.41
CA MET B 494 25.79 20.55 -4.54
C MET B 494 26.18 22.00 -4.59
N ILE B 495 25.25 22.85 -5.03
CA ILE B 495 25.46 24.29 -5.12
C ILE B 495 24.33 25.02 -4.44
N LYS B 496 24.49 26.34 -4.36
CA LYS B 496 23.44 27.22 -3.90
C LYS B 496 22.26 27.14 -4.86
N LYS B 497 21.05 27.19 -4.32
CA LYS B 497 19.88 27.36 -5.16
C LYS B 497 19.95 28.76 -5.79
N PRO B 498 19.94 28.86 -7.12
CA PRO B 498 20.11 30.18 -7.74
C PRO B 498 18.90 31.07 -7.53
N GLN B 499 19.18 32.30 -7.16
CA GLN B 499 18.19 33.29 -6.81
C GLN B 499 17.94 34.19 -8.01
N LYS B 500 17.17 35.26 -7.79
CA LYS B 500 17.14 36.33 -8.78
C LYS B 500 18.51 36.95 -8.90
N SER B 501 19.05 36.95 -10.11
CA SER B 501 20.39 37.44 -10.38
C SER B 501 20.47 38.95 -10.18
N LYS B 502 21.69 39.43 -10.05
CA LYS B 502 21.92 40.87 -10.04
C LYS B 502 21.59 41.45 -11.40
N PRO B 503 20.71 42.44 -11.49
CA PRO B 503 20.37 43.02 -12.80
C PRO B 503 21.55 43.81 -13.35
N GLY B 504 21.83 43.60 -14.62
CA GLY B 504 22.88 44.34 -15.28
C GLY B 504 22.52 45.80 -15.48
N VAL B 505 23.54 46.59 -15.80
CA VAL B 505 23.33 48.00 -16.05
C VAL B 505 22.63 48.22 -17.38
N PHE B 506 22.75 47.26 -18.30
CA PHE B 506 22.03 47.31 -19.56
C PHE B 506 20.88 46.31 -19.61
N SER B 507 20.22 46.09 -18.48
CA SER B 507 19.15 45.09 -18.41
C SER B 507 17.84 45.55 -19.02
N PHE B 508 17.73 46.82 -19.42
CA PHE B 508 16.49 47.29 -20.01
C PHE B 508 16.37 46.89 -21.47
N LEU B 509 17.48 46.77 -22.18
CA LEU B 509 17.47 46.35 -23.57
C LEU B 509 17.48 44.82 -23.71
N ASP B 510 17.28 44.12 -22.60
CA ASP B 510 17.16 42.66 -22.62
C ASP B 510 16.06 42.09 -23.52
N PRO B 511 14.81 42.60 -23.57
CA PRO B 511 13.78 41.86 -24.33
C PRO B 511 13.94 41.91 -25.85
N LEU B 512 14.85 42.71 -26.37
CA LEU B 512 15.15 42.70 -27.79
C LEU B 512 16.61 42.32 -27.99
N ALA B 513 16.84 41.34 -28.86
CA ALA B 513 18.16 40.77 -29.03
C ALA B 513 19.08 41.76 -29.75
N TYR B 514 20.37 41.42 -29.74
CA TYR B 514 21.41 42.34 -30.21
C TYR B 514 21.27 42.66 -31.69
N GLU B 515 20.82 41.69 -32.49
CA GLU B 515 20.75 41.91 -33.93
C GLU B 515 19.58 42.81 -34.29
N ILE B 516 18.57 42.90 -33.42
CA ILE B 516 17.46 43.80 -33.72
C ILE B 516 17.86 45.25 -33.49
N TRP B 517 18.54 45.51 -32.36
CA TRP B 517 18.93 46.88 -32.01
C TRP B 517 19.89 47.47 -33.04
N MET B 518 20.69 46.63 -33.70
CA MET B 518 21.46 47.12 -34.84
C MET B 518 20.55 47.39 -36.03
N CYS B 519 19.61 46.47 -36.30
CA CYS B 519 18.76 46.63 -37.49
C CYS B 519 17.73 47.74 -37.32
N ILE B 520 17.47 48.18 -36.10
CA ILE B 520 16.63 49.37 -35.91
C ILE B 520 17.40 50.61 -36.33
N VAL B 521 18.62 50.77 -35.80
CA VAL B 521 19.41 51.99 -36.03
C VAL B 521 19.86 52.06 -37.47
N PHE B 522 20.19 50.92 -38.06
CA PHE B 522 20.56 50.89 -39.47
C PHE B 522 19.38 51.23 -40.36
N ALA B 523 18.17 50.86 -39.93
CA ALA B 523 16.98 51.31 -40.63
C ALA B 523 16.54 52.69 -40.19
N TYR B 524 16.96 53.13 -39.00
CA TYR B 524 16.75 54.53 -38.62
C TYR B 524 17.53 55.46 -39.53
N ILE B 525 18.75 55.09 -39.87
CA ILE B 525 19.54 55.87 -40.82
C ILE B 525 18.97 55.74 -42.22
N GLY B 526 18.65 54.51 -42.62
CA GLY B 526 18.30 54.26 -44.02
C GLY B 526 16.99 54.91 -44.43
N VAL B 527 16.00 54.92 -43.53
CA VAL B 527 14.78 55.66 -43.82
C VAL B 527 15.05 57.15 -43.81
N SER B 528 15.91 57.62 -42.90
CA SER B 528 16.22 59.04 -42.82
C SER B 528 16.99 59.52 -44.04
N VAL B 529 17.82 58.67 -44.63
CA VAL B 529 18.53 59.04 -45.84
C VAL B 529 17.58 59.15 -47.02
N VAL B 530 16.71 58.16 -47.18
CA VAL B 530 15.81 58.13 -48.34
C VAL B 530 14.77 59.23 -48.24
N LEU B 531 14.32 59.53 -47.02
CA LEU B 531 13.39 60.64 -46.81
C LEU B 531 14.02 61.98 -47.17
N PHE B 532 15.33 62.11 -46.98
CA PHE B 532 16.03 63.29 -47.46
C PHE B 532 16.03 63.37 -48.98
N LEU B 533 16.37 62.26 -49.66
CA LEU B 533 16.53 62.28 -51.11
C LEU B 533 15.18 62.38 -51.83
N VAL B 534 14.09 62.04 -51.17
CA VAL B 534 12.77 62.20 -51.79
C VAL B 534 12.43 63.67 -51.95
N SER B 535 12.65 64.45 -50.90
CA SER B 535 12.24 65.86 -50.91
C SER B 535 13.12 66.74 -51.77
N ARG B 536 14.27 66.25 -52.25
CA ARG B 536 15.10 67.05 -53.13
C ARG B 536 14.46 67.22 -54.50
N PHE B 537 13.98 66.13 -55.09
CA PHE B 537 13.49 66.19 -56.46
C PHE B 537 12.15 66.87 -56.59
N SER B 538 11.40 66.99 -55.50
CA SER B 538 10.02 67.45 -55.61
C SER B 538 9.84 68.82 -54.98
N PRO B 539 9.57 69.86 -55.78
CA PRO B 539 9.15 71.14 -55.18
C PRO B 539 7.75 71.10 -54.59
N TYR B 540 6.80 70.51 -55.31
CA TYR B 540 5.40 70.48 -54.88
C TYR B 540 5.08 69.22 -54.10
N SER B 558 8.61 76.56 -52.59
CA SER B 558 10.05 76.82 -52.63
C SER B 558 10.67 76.65 -51.25
N THR B 559 10.02 75.84 -50.41
CA THR B 559 10.45 75.61 -49.03
C THR B 559 10.69 74.12 -48.85
N ASN B 560 11.93 73.68 -49.04
CA ASN B 560 12.31 72.30 -48.80
C ASN B 560 12.89 72.22 -47.39
N GLU B 561 12.00 72.03 -46.41
CA GLU B 561 12.39 72.00 -45.00
C GLU B 561 13.02 70.68 -44.59
N PHE B 562 13.10 69.71 -45.49
CA PHE B 562 13.71 68.42 -45.21
C PHE B 562 15.18 68.52 -45.55
N GLY B 563 15.99 68.87 -44.55
CA GLY B 563 17.42 68.76 -44.67
C GLY B 563 17.88 67.39 -44.23
N ILE B 564 19.20 67.18 -44.30
CA ILE B 564 19.78 65.96 -43.77
C ILE B 564 19.75 65.98 -42.25
N PHE B 565 19.57 67.16 -41.67
CA PHE B 565 19.54 67.30 -40.23
C PHE B 565 18.10 67.30 -39.70
N ASN B 566 17.14 67.58 -40.57
CA ASN B 566 15.73 67.45 -40.18
C ASN B 566 15.18 66.05 -40.43
N SER B 567 15.71 65.34 -41.42
CA SER B 567 15.22 63.99 -41.72
C SER B 567 15.54 63.01 -40.60
N LEU B 568 16.61 63.27 -39.84
CA LEU B 568 16.84 62.51 -38.62
C LEU B 568 15.78 62.82 -37.59
N TRP B 569 15.37 64.09 -37.53
CA TRP B 569 14.54 64.57 -36.42
C TRP B 569 13.08 64.21 -36.60
N PHE B 570 12.60 64.16 -37.85
CA PHE B 570 11.28 63.61 -38.10
C PHE B 570 11.24 62.13 -37.79
N SER B 571 12.28 61.41 -38.18
CA SER B 571 12.31 59.97 -37.99
C SER B 571 12.50 59.58 -36.53
N LEU B 572 13.14 60.45 -35.73
CA LEU B 572 13.47 60.08 -34.36
C LEU B 572 12.24 60.13 -33.46
N GLY B 573 11.51 61.23 -33.48
CA GLY B 573 10.31 61.33 -32.66
C GLY B 573 9.20 60.41 -33.13
N ALA B 574 9.24 60.05 -34.40
CA ALA B 574 8.39 58.98 -34.89
C ALA B 574 8.77 57.64 -34.29
N PHE B 575 10.05 57.45 -33.95
CA PHE B 575 10.42 56.24 -33.23
C PHE B 575 10.12 56.36 -31.75
N MET B 576 10.14 57.57 -31.21
CA MET B 576 9.94 57.78 -29.80
C MET B 576 8.50 58.14 -29.44
N GLN B 577 7.55 57.85 -30.33
CA GLN B 577 6.12 58.10 -30.20
C GLN B 577 5.79 59.59 -30.05
N GLN B 578 6.65 60.47 -30.55
CA GLN B 578 6.48 61.90 -30.31
C GLN B 578 5.89 62.58 -31.54
N GLY B 579 5.14 63.64 -31.31
CA GLY B 579 4.52 64.39 -32.39
C GLY B 579 5.51 65.34 -33.01
N CYS B 580 5.63 65.28 -34.32
CA CYS B 580 6.57 66.13 -35.05
C CYS B 580 5.86 67.31 -35.69
N ASP B 581 6.54 68.44 -35.71
CA ASP B 581 6.01 69.61 -36.40
C ASP B 581 6.15 69.48 -37.91
N ILE B 582 7.12 68.70 -38.36
CA ILE B 582 7.40 68.57 -39.79
C ILE B 582 6.57 67.42 -40.34
N SER B 583 5.88 67.66 -41.45
CA SER B 583 5.10 66.63 -42.11
C SER B 583 5.48 66.57 -43.57
N PRO B 584 5.55 65.38 -44.16
CA PRO B 584 5.77 65.29 -45.60
C PRO B 584 4.56 65.79 -46.37
N ARG B 585 4.84 66.44 -47.49
CA ARG B 585 3.80 67.09 -48.29
C ARG B 585 3.83 66.59 -49.72
N SER B 586 4.09 65.30 -49.91
CA SER B 586 4.10 64.71 -51.23
C SER B 586 3.74 63.25 -51.11
N LEU B 587 3.22 62.70 -52.20
CA LEU B 587 2.88 61.28 -52.22
C LEU B 587 4.14 60.43 -52.15
N SER B 588 5.23 60.89 -52.76
CA SER B 588 6.49 60.20 -52.61
C SER B 588 7.09 60.39 -51.22
N GLY B 589 6.67 61.42 -50.49
CA GLY B 589 7.22 61.64 -49.16
C GLY B 589 6.44 60.93 -48.08
N ARG B 590 5.11 60.95 -48.18
CA ARG B 590 4.27 60.43 -47.11
C ARG B 590 4.27 58.91 -47.04
N ILE B 591 4.58 58.22 -48.15
CA ILE B 591 4.76 56.77 -48.11
C ILE B 591 5.97 56.41 -47.26
N VAL B 592 6.98 57.27 -47.23
CA VAL B 592 8.12 57.04 -46.35
C VAL B 592 7.70 57.19 -44.90
N GLY B 593 7.04 58.30 -44.56
CA GLY B 593 6.59 58.51 -43.20
C GLY B 593 5.49 57.59 -42.76
N GLY B 594 4.71 57.06 -43.70
CA GLY B 594 3.66 56.12 -43.35
C GLY B 594 4.19 54.81 -42.82
N VAL B 595 5.06 54.16 -43.61
CA VAL B 595 5.55 52.84 -43.20
C VAL B 595 6.55 52.95 -42.07
N TRP B 596 7.16 54.12 -41.88
CA TRP B 596 8.01 54.30 -40.71
C TRP B 596 7.18 54.45 -39.45
N TRP B 597 5.97 54.97 -39.58
CA TRP B 597 5.07 55.03 -38.44
C TRP B 597 4.57 53.66 -38.06
N PHE B 598 4.17 52.85 -39.05
CA PHE B 598 3.71 51.50 -38.78
C PHE B 598 4.83 50.60 -38.28
N PHE B 599 6.07 50.91 -38.61
CA PHE B 599 7.21 50.16 -38.07
C PHE B 599 7.31 50.32 -36.57
N THR B 600 7.29 51.56 -36.09
CA THR B 600 7.56 51.81 -34.67
C THR B 600 6.36 51.42 -33.82
N LEU B 601 5.18 51.37 -34.42
CA LEU B 601 4.00 50.91 -33.72
C LEU B 601 4.13 49.44 -33.32
N ILE B 602 4.75 48.63 -34.16
CA ILE B 602 4.94 47.23 -33.82
C ILE B 602 6.04 47.07 -32.80
N ILE B 603 7.12 47.84 -32.94
CA ILE B 603 8.33 47.57 -32.17
C ILE B 603 8.15 47.95 -30.71
N ILE B 604 7.52 49.10 -30.44
CA ILE B 604 7.32 49.53 -29.07
C ILE B 604 6.33 48.62 -28.37
N SER B 605 5.32 48.15 -29.12
CA SER B 605 4.43 47.15 -28.57
C SER B 605 5.15 45.81 -28.39
N SER B 606 6.12 45.52 -29.24
CA SER B 606 6.91 44.31 -29.06
C SER B 606 7.79 44.41 -27.84
N TYR B 607 8.34 45.60 -27.58
CA TYR B 607 9.19 45.78 -26.41
C TYR B 607 8.37 45.73 -25.12
N THR B 608 7.15 46.26 -25.17
CA THR B 608 6.30 46.25 -23.98
C THR B 608 5.81 44.83 -23.68
N ALA B 609 5.51 44.06 -24.73
CA ALA B 609 4.94 42.73 -24.54
C ALA B 609 5.95 41.78 -23.92
N ASN B 610 7.17 41.77 -24.45
CA ASN B 610 8.16 40.81 -23.99
C ASN B 610 8.64 41.13 -22.58
N LEU B 611 8.73 42.41 -22.24
CA LEU B 611 9.24 42.78 -20.93
C LEU B 611 8.24 42.42 -19.85
N ALA B 612 6.96 42.41 -20.20
CA ALA B 612 5.96 41.85 -19.31
C ALA B 612 6.18 40.37 -19.12
N ALA B 613 6.52 39.66 -20.20
CA ALA B 613 6.67 38.22 -20.12
C ALA B 613 7.91 37.83 -19.32
N PHE B 614 8.92 38.69 -19.30
CA PHE B 614 10.03 38.47 -18.36
C PHE B 614 9.57 38.63 -16.93
N LEU B 615 8.76 39.66 -16.66
CA LEU B 615 8.42 39.94 -15.28
C LEU B 615 7.30 39.06 -14.78
N THR B 616 6.42 38.62 -15.68
CA THR B 616 5.36 37.70 -15.28
C THR B 616 5.93 36.31 -15.00
N VAL B 617 6.59 35.73 -15.97
CA VAL B 617 7.19 34.41 -15.81
C VAL B 617 8.68 34.57 -15.59
N GLU B 618 9.13 34.23 -14.39
CA GLU B 618 10.55 34.21 -14.08
C GLU B 618 11.13 32.86 -14.47
N ARG B 619 12.42 32.84 -14.79
CA ARG B 619 13.10 31.60 -15.14
C ARG B 619 14.56 31.76 -14.78
N MET B 620 14.96 31.17 -13.66
CA MET B 620 16.29 31.35 -13.11
C MET B 620 17.24 30.33 -13.73
N VAL B 621 18.35 30.81 -14.28
CA VAL B 621 19.19 30.00 -15.15
C VAL B 621 20.07 29.08 -14.31
N SER B 622 20.45 27.95 -14.91
CA SER B 622 21.37 27.01 -14.29
C SER B 622 22.79 27.36 -14.71
N PRO B 623 23.68 27.69 -13.78
CA PRO B 623 25.06 28.00 -14.18
C PRO B 623 25.83 26.78 -14.65
N ILE B 624 25.67 25.64 -13.99
CA ILE B 624 26.49 24.46 -14.25
C ILE B 624 25.58 23.24 -14.33
N GLU B 625 25.94 22.28 -15.17
CA GLU B 625 25.06 21.17 -15.50
C GLU B 625 25.87 20.02 -16.11
N SER B 626 25.72 18.83 -15.54
CA SER B 626 26.03 17.54 -16.20
C SER B 626 27.52 17.36 -16.49
N ALA B 627 28.37 18.09 -15.76
CA ALA B 627 29.82 17.93 -15.67
C ALA B 627 30.60 18.24 -16.95
N GLU B 628 29.92 18.53 -18.05
CA GLU B 628 30.59 19.12 -19.19
C GLU B 628 30.75 20.62 -19.00
N ASP B 629 29.75 21.27 -18.39
CA ASP B 629 29.85 22.66 -18.01
C ASP B 629 30.87 22.88 -16.90
N LEU B 630 31.14 21.86 -16.09
CA LEU B 630 32.11 22.01 -15.02
C LEU B 630 33.52 22.13 -15.59
N SER B 631 33.79 21.46 -16.69
CA SER B 631 35.11 21.52 -17.31
C SER B 631 35.37 22.87 -17.97
N LYS B 632 34.37 23.46 -18.61
CA LYS B 632 34.54 24.74 -19.29
C LYS B 632 34.51 25.92 -18.35
N GLN B 633 33.76 25.82 -17.25
CA GLN B 633 33.70 26.91 -16.28
C GLN B 633 34.95 26.89 -15.41
N THR B 634 35.60 28.05 -15.31
CA THR B 634 36.80 28.23 -14.49
C THR B 634 36.62 29.47 -13.62
N GLU B 635 35.38 29.65 -13.13
CA GLU B 635 35.08 30.64 -12.11
C GLU B 635 34.79 30.00 -10.77
N ILE B 636 34.26 28.79 -10.76
CA ILE B 636 33.83 28.10 -9.56
C ILE B 636 34.98 27.30 -8.99
N ALA B 637 34.87 26.96 -7.71
CA ALA B 637 35.84 26.11 -7.03
C ALA B 637 35.11 24.88 -6.53
N TYR B 638 35.70 23.72 -6.75
CA TYR B 638 35.03 22.48 -6.41
C TYR B 638 35.32 22.10 -4.96
N GLY B 639 34.49 21.21 -4.43
CA GLY B 639 34.68 20.75 -3.07
C GLY B 639 34.47 19.28 -2.86
N THR B 640 35.40 18.65 -2.14
CA THR B 640 35.41 17.22 -1.88
C THR B 640 35.76 16.99 -0.42
N LEU B 641 35.50 15.78 0.05
CA LEU B 641 35.75 15.44 1.44
C LEU B 641 36.95 14.51 1.57
N ASP B 642 37.91 14.91 2.38
CA ASP B 642 39.09 14.08 2.59
C ASP B 642 38.78 12.92 3.53
N SER B 643 39.67 11.93 3.53
CA SER B 643 39.49 10.64 4.20
C SER B 643 38.17 9.96 3.76
N GLY B 644 37.88 10.07 2.47
CA GLY B 644 36.63 9.55 1.94
C GLY B 644 36.86 8.99 0.56
N SER B 645 35.81 8.35 0.05
CA SER B 645 35.91 7.64 -1.22
C SER B 645 35.98 8.60 -2.40
N THR B 646 35.36 9.78 -2.27
CA THR B 646 35.39 10.78 -3.32
C THR B 646 36.78 11.37 -3.49
N LYS B 647 37.60 11.32 -2.45
CA LYS B 647 38.98 11.76 -2.55
C LYS B 647 39.79 10.85 -3.47
N GLU B 648 39.66 9.53 -3.28
CA GLU B 648 40.49 8.59 -4.00
C GLU B 648 40.01 8.37 -5.43
N PHE B 649 38.69 8.47 -5.66
CA PHE B 649 38.16 8.22 -7.01
C PHE B 649 38.60 9.29 -7.99
N PHE B 650 38.70 10.53 -7.54
CA PHE B 650 39.27 11.54 -8.43
C PHE B 650 40.78 11.50 -8.44
N ARG B 651 41.40 10.79 -7.49
CA ARG B 651 42.81 10.45 -7.66
C ARG B 651 42.95 9.28 -8.63
N ARG B 652 41.87 8.54 -8.86
CA ARG B 652 41.76 7.53 -9.90
C ARG B 652 41.17 8.13 -11.20
N SER B 653 41.47 9.40 -11.45
CA SER B 653 41.00 10.07 -12.66
C SER B 653 41.67 9.49 -13.90
N LYS B 654 40.87 9.01 -14.84
CA LYS B 654 41.40 8.46 -16.08
C LYS B 654 40.69 9.08 -17.28
N ILE B 655 39.40 9.40 -17.11
CA ILE B 655 38.63 10.05 -18.16
C ILE B 655 39.09 11.49 -18.29
N ALA B 656 39.08 12.01 -19.52
CA ALA B 656 39.64 13.34 -19.80
C ALA B 656 38.88 14.46 -19.11
N VAL B 657 37.57 14.27 -18.89
CA VAL B 657 36.83 15.24 -18.10
C VAL B 657 37.21 15.11 -16.62
N PHE B 658 37.57 13.91 -16.18
CA PHE B 658 37.95 13.71 -14.79
C PHE B 658 39.40 14.10 -14.53
N ASP B 659 40.25 14.03 -15.55
CA ASP B 659 41.64 14.45 -15.40
C ASP B 659 41.75 15.96 -15.25
N LYS B 660 40.83 16.71 -15.82
CA LYS B 660 40.82 18.15 -15.61
C LYS B 660 40.38 18.51 -14.20
N MET B 661 39.64 17.62 -13.55
CA MET B 661 39.21 17.87 -12.18
C MET B 661 40.38 17.79 -11.21
N TRP B 662 41.12 16.67 -11.24
CA TRP B 662 42.13 16.39 -10.22
C TRP B 662 43.32 17.34 -10.34
N THR B 663 43.56 17.90 -11.53
CA THR B 663 44.50 19.01 -11.65
C THR B 663 44.01 20.22 -10.87
N TYR B 664 42.75 20.60 -11.08
CA TYR B 664 42.22 21.79 -10.43
C TYR B 664 41.79 21.51 -8.99
N MET B 665 41.52 20.26 -8.65
CA MET B 665 41.21 19.93 -7.26
C MET B 665 42.41 20.14 -6.35
N ARG B 666 43.59 19.72 -6.79
CA ARG B 666 44.80 19.97 -6.02
C ARG B 666 45.22 21.43 -6.13
N SER B 667 45.19 21.99 -7.34
CA SER B 667 45.52 23.40 -7.55
C SER B 667 44.27 24.22 -7.25
N ALA B 668 43.99 24.40 -5.97
CA ALA B 668 42.86 25.20 -5.52
C ALA B 668 43.23 25.84 -4.19
N GLU B 669 42.43 26.80 -3.77
CA GLU B 669 42.75 27.58 -2.59
C GLU B 669 41.50 28.20 -1.99
N PRO B 670 41.25 28.03 -0.68
CA PRO B 670 42.01 27.17 0.23
C PRO B 670 41.39 25.79 0.39
N SER B 671 40.14 25.64 -0.05
CA SER B 671 39.37 24.43 0.19
C SER B 671 39.65 23.40 -0.90
N VAL B 672 40.83 22.79 -0.81
CA VAL B 672 41.07 21.56 -1.53
C VAL B 672 40.16 20.46 -0.98
N PHE B 673 39.97 20.45 0.34
CA PHE B 673 38.98 19.60 0.99
C PHE B 673 38.31 20.39 2.11
N VAL B 674 37.31 19.75 2.71
CA VAL B 674 36.76 20.13 4.01
C VAL B 674 36.79 18.88 4.89
N ARG B 675 36.27 19.01 6.12
CA ARG B 675 36.39 17.92 7.08
C ARG B 675 35.07 17.31 7.54
N THR B 676 33.93 17.83 7.10
CA THR B 676 32.63 17.26 7.42
C THR B 676 31.71 17.54 6.24
N THR B 677 30.74 16.65 6.01
CA THR B 677 29.67 16.94 5.07
C THR B 677 28.88 18.17 5.49
N ALA B 678 28.56 18.28 6.79
CA ALA B 678 27.85 19.44 7.29
C ALA B 678 28.70 20.70 7.22
N GLU B 679 30.03 20.54 7.28
CA GLU B 679 30.93 21.64 6.97
C GLU B 679 30.77 22.09 5.52
N GLY B 680 30.64 21.12 4.61
CA GLY B 680 30.44 21.45 3.21
C GLY B 680 29.07 22.02 2.91
N VAL B 681 28.09 21.76 3.79
CA VAL B 681 26.75 22.31 3.60
C VAL B 681 26.76 23.82 3.81
N ALA B 682 27.23 24.27 4.97
CA ALA B 682 27.23 25.70 5.27
C ALA B 682 28.26 26.46 4.43
N ARG B 683 29.29 25.78 3.95
CA ARG B 683 30.28 26.44 3.11
C ARG B 683 29.70 26.82 1.76
N VAL B 684 28.84 25.98 1.19
CA VAL B 684 28.11 26.33 -0.02
C VAL B 684 27.16 27.48 0.26
N ARG B 685 26.51 27.47 1.43
CA ARG B 685 25.52 28.49 1.77
C ARG B 685 26.13 29.87 1.96
N LYS B 686 27.42 29.94 2.29
CA LYS B 686 28.12 31.20 2.36
C LYS B 686 28.92 31.50 1.09
N SER B 687 28.90 30.58 0.12
CA SER B 687 29.67 30.74 -1.10
C SER B 687 28.90 31.51 -2.17
N LYS B 688 27.60 31.22 -2.28
CA LYS B 688 26.64 31.97 -3.10
C LYS B 688 26.98 31.90 -4.60
N GLY B 689 27.44 30.73 -5.05
CA GLY B 689 27.70 30.49 -6.46
C GLY B 689 29.16 30.52 -6.84
N LYS B 690 30.07 30.76 -5.90
CA LYS B 690 31.48 30.79 -6.20
C LYS B 690 32.16 29.44 -5.94
N TYR B 691 31.51 28.56 -5.20
CA TYR B 691 32.10 27.34 -4.71
C TYR B 691 31.06 26.23 -4.70
N ALA B 692 31.48 25.03 -5.11
CA ALA B 692 30.62 23.86 -5.15
C ALA B 692 31.24 22.78 -4.28
N TYR B 693 30.42 21.81 -3.89
CA TYR B 693 30.83 20.74 -3.00
C TYR B 693 30.26 19.41 -3.50
N LEU B 694 31.11 18.59 -4.10
CA LEU B 694 30.68 17.28 -4.57
C LEU B 694 30.60 16.31 -3.41
N LEU B 695 29.58 15.47 -3.42
CA LEU B 695 29.35 14.53 -2.32
C LEU B 695 28.44 13.40 -2.78
N GLU B 696 27.99 12.61 -1.82
CA GLU B 696 27.06 11.51 -2.05
C GLU B 696 25.73 12.05 -2.56
N SER B 697 25.07 11.25 -3.41
CA SER B 697 23.88 11.72 -4.11
C SER B 697 22.68 11.83 -3.18
N THR B 698 22.32 10.74 -2.49
CA THR B 698 21.17 10.78 -1.60
C THR B 698 21.43 11.63 -0.36
N MET B 699 22.70 11.83 0.02
CA MET B 699 23.02 12.84 1.02
C MET B 699 22.76 14.24 0.47
N ASN B 700 23.08 14.45 -0.80
CA ASN B 700 22.75 15.72 -1.45
C ASN B 700 21.25 15.85 -1.67
N GLU B 701 20.56 14.73 -1.86
CA GLU B 701 19.11 14.77 -2.07
C GLU B 701 18.36 15.08 -0.77
N TYR B 702 18.92 14.69 0.37
CA TYR B 702 18.23 14.90 1.64
C TYR B 702 18.21 16.37 2.04
N ILE B 703 19.31 17.07 1.77
CA ILE B 703 19.39 18.49 2.13
C ILE B 703 18.48 19.32 1.24
N GLU B 704 18.24 18.85 0.02
CA GLU B 704 17.35 19.54 -0.91
C GLU B 704 15.89 19.45 -0.48
N GLN B 705 15.49 18.38 0.20
CA GLN B 705 14.13 18.24 0.69
C GLN B 705 13.93 18.82 2.08
N ARG B 706 14.99 18.81 2.89
CA ARG B 706 14.99 19.55 4.15
C ARG B 706 14.86 21.04 3.85
N LYS B 707 14.31 21.79 4.81
CA LYS B 707 13.84 23.11 4.45
C LYS B 707 14.65 24.30 4.99
N PRO B 708 15.96 24.36 4.71
CA PRO B 708 16.54 25.66 4.34
C PRO B 708 16.41 25.95 2.86
N CYS B 709 16.28 24.92 2.03
CA CYS B 709 15.88 24.97 0.63
C CYS B 709 16.83 25.75 -0.29
N ASP B 710 18.02 26.11 0.18
CA ASP B 710 18.95 26.88 -0.64
C ASP B 710 20.00 26.00 -1.31
N THR B 711 19.75 24.70 -1.39
CA THR B 711 20.69 23.74 -1.95
C THR B 711 20.07 23.09 -3.18
N MET B 712 20.92 22.60 -4.08
CA MET B 712 20.43 22.12 -5.37
C MET B 712 21.32 21.01 -5.89
N LYS B 713 20.70 19.85 -6.17
CA LYS B 713 21.38 18.81 -6.93
C LYS B 713 21.29 19.11 -8.41
N VAL B 714 22.44 19.23 -9.06
CA VAL B 714 22.52 19.60 -10.46
C VAL B 714 23.15 18.44 -11.24
N GLY B 715 22.79 18.35 -12.52
CA GLY B 715 23.24 17.26 -13.37
C GLY B 715 22.69 15.92 -12.96
N GLY B 716 23.57 14.98 -12.65
CA GLY B 716 23.18 13.67 -12.18
C GLY B 716 24.32 13.02 -11.43
N ASN B 717 24.25 11.70 -11.31
CA ASN B 717 25.33 10.92 -10.74
C ASN B 717 26.56 11.01 -11.61
N LEU B 718 27.73 11.06 -10.98
CA LEU B 718 29.00 11.03 -11.70
C LEU B 718 29.78 9.76 -11.45
N ASP B 719 29.22 8.81 -10.70
CA ASP B 719 29.90 7.55 -10.42
C ASP B 719 28.82 6.54 -10.06
N SER B 720 29.25 5.35 -9.64
CA SER B 720 28.37 4.39 -9.00
C SER B 720 29.13 3.73 -7.85
N LYS B 721 28.57 3.85 -6.64
CA LYS B 721 29.18 3.29 -5.45
C LYS B 721 28.12 2.55 -4.66
N GLY B 722 28.56 1.82 -3.65
CA GLY B 722 27.65 0.95 -2.93
C GLY B 722 27.71 1.11 -1.42
N TYR B 723 26.54 1.12 -0.80
CA TYR B 723 26.43 1.19 0.65
C TYR B 723 26.26 -0.21 1.21
N GLY B 724 27.38 -0.82 1.63
CA GLY B 724 27.35 -2.15 2.15
C GLY B 724 27.81 -2.16 3.61
N ILE B 725 27.32 -3.16 4.34
CA ILE B 725 27.69 -3.32 5.74
C ILE B 725 29.12 -3.82 5.81
N ALA B 726 29.97 -3.08 6.52
CA ALA B 726 31.33 -3.51 6.75
C ALA B 726 31.34 -4.63 7.80
N THR B 727 31.85 -5.78 7.39
CA THR B 727 31.93 -6.99 8.21
C THR B 727 33.39 -7.38 8.28
N PRO B 728 33.81 -8.17 9.27
CA PRO B 728 35.20 -8.62 9.29
C PRO B 728 35.48 -9.60 8.16
N LYS B 729 36.75 -9.67 7.77
CA LYS B 729 37.13 -10.55 6.67
C LYS B 729 37.02 -12.01 7.12
N GLY B 730 36.09 -12.74 6.53
CA GLY B 730 35.69 -14.01 7.09
C GLY B 730 34.81 -13.76 8.30
N SER B 731 33.64 -13.16 8.06
CA SER B 731 32.82 -12.64 9.13
C SER B 731 32.08 -13.75 9.88
N SER B 732 31.85 -13.50 11.17
CA SER B 732 31.00 -14.37 11.96
C SER B 732 29.52 -14.14 11.67
N LEU B 733 29.19 -13.06 10.96
CA LEU B 733 27.82 -12.67 10.72
C LEU B 733 27.50 -12.38 9.27
N GLY B 734 28.50 -12.37 8.39
CA GLY B 734 28.33 -11.77 7.08
C GLY B 734 27.44 -12.57 6.15
N THR B 735 27.67 -13.87 6.08
CA THR B 735 26.85 -14.77 5.27
C THR B 735 25.38 -14.85 5.74
N PRO B 736 25.05 -14.81 7.05
CA PRO B 736 23.65 -14.54 7.40
C PRO B 736 23.19 -13.14 7.03
N VAL B 737 24.08 -12.14 7.11
CA VAL B 737 23.71 -10.77 6.73
C VAL B 737 23.46 -10.67 5.22
N ASN B 738 24.27 -11.38 4.41
CA ASN B 738 24.26 -11.21 2.96
C ASN B 738 22.93 -11.62 2.34
N LEU B 739 22.28 -12.65 2.89
CA LEU B 739 20.94 -12.97 2.43
C LEU B 739 19.92 -12.04 3.06
N ALA B 740 20.10 -11.70 4.35
CA ALA B 740 19.15 -10.84 5.04
C ALA B 740 19.20 -9.39 4.57
N VAL B 741 20.34 -8.97 4.00
CA VAL B 741 20.35 -7.75 3.18
C VAL B 741 19.47 -7.94 1.96
N LEU B 742 19.68 -9.06 1.24
CA LEU B 742 18.93 -9.31 0.02
C LEU B 742 17.48 -9.67 0.30
N LYS B 743 17.18 -10.18 1.50
CA LYS B 743 15.81 -10.62 1.80
C LYS B 743 14.86 -9.44 1.90
N LEU B 744 15.33 -8.34 2.47
CA LEU B 744 14.49 -7.14 2.59
C LEU B 744 14.42 -6.38 1.27
N SER B 745 15.40 -6.59 0.38
CA SER B 745 15.44 -5.85 -0.87
C SER B 745 14.62 -6.53 -1.96
N GLU B 746 14.59 -7.86 -1.96
CA GLU B 746 13.82 -8.60 -2.96
C GLU B 746 12.31 -8.44 -2.76
N GLN B 747 11.89 -8.10 -1.55
CA GLN B 747 10.48 -7.83 -1.27
C GLN B 747 10.20 -6.36 -1.01
N GLY B 748 11.24 -5.52 -1.04
CA GLY B 748 11.06 -4.08 -1.01
C GLY B 748 10.79 -3.48 0.35
N VAL B 749 11.24 -4.12 1.43
CA VAL B 749 11.14 -3.49 2.75
C VAL B 749 12.12 -2.32 2.84
N LEU B 750 13.33 -2.50 2.31
CA LEU B 750 14.32 -1.43 2.30
C LEU B 750 13.91 -0.30 1.38
N ASP B 751 13.27 -0.62 0.26
CA ASP B 751 12.77 0.43 -0.63
C ASP B 751 11.64 1.22 0.00
N LYS B 752 10.79 0.56 0.78
CA LYS B 752 9.76 1.27 1.52
C LYS B 752 10.37 2.13 2.63
N LEU B 753 11.45 1.64 3.25
CA LEU B 753 12.18 2.46 4.20
C LEU B 753 12.87 3.63 3.50
N LYS B 754 13.26 3.45 2.23
CA LYS B 754 13.70 4.59 1.43
C LYS B 754 12.53 5.52 1.14
N ASN B 755 11.34 4.95 0.92
CA ASN B 755 10.14 5.77 0.82
C ASN B 755 9.73 6.34 2.17
N LYS B 756 10.22 5.75 3.27
CA LYS B 756 9.84 6.23 4.59
C LYS B 756 10.62 7.49 4.95
N TRP B 757 11.95 7.40 4.98
CA TRP B 757 12.73 8.40 5.68
C TRP B 757 12.97 9.67 4.86
N TRP B 758 12.99 9.56 3.53
CA TRP B 758 13.20 10.77 2.75
C TRP B 758 11.90 11.46 2.38
N TYR B 759 10.75 10.84 2.66
CA TYR B 759 9.49 11.48 2.29
C TYR B 759 8.76 12.05 3.49
N ASP B 760 9.08 11.57 4.70
CA ASP B 760 8.39 12.03 5.90
C ASP B 760 8.96 13.33 6.46
N LYS B 761 10.15 13.75 6.02
CA LYS B 761 10.81 14.90 6.63
C LYS B 761 10.25 16.24 6.18
N GLY B 762 9.12 16.26 5.50
CA GLY B 762 8.67 17.48 4.87
C GLY B 762 9.37 17.70 3.54
N GLU B 763 8.67 18.35 2.63
CA GLU B 763 9.18 18.48 1.28
C GLU B 763 9.41 19.94 0.94
N CYS B 764 10.26 20.15 -0.06
CA CYS B 764 10.55 21.47 -0.63
C CYS B 764 10.56 21.25 -2.14
N GLY B 765 9.39 21.35 -2.74
CA GLY B 765 9.25 21.03 -4.15
C GLY B 765 8.49 22.12 -4.90
N ALA B 766 7.34 21.76 -5.45
CA ALA B 766 6.46 22.75 -6.05
C ALA B 766 5.55 23.43 -5.04
N LYS B 767 5.63 23.06 -3.76
CA LYS B 767 4.75 23.64 -2.76
C LYS B 767 5.13 25.09 -2.44
N ASP B 768 6.41 25.42 -2.57
CA ASP B 768 6.83 26.81 -2.43
C ASP B 768 7.14 27.47 -3.77
N SER B 769 7.24 26.68 -4.84
CA SER B 769 7.33 27.24 -6.18
C SER B 769 5.95 27.52 -6.78
N GLY B 770 4.89 27.02 -6.14
CA GLY B 770 3.54 27.16 -6.65
C GLY B 770 2.83 28.44 -6.30
N SER B 771 2.71 28.74 -5.00
CA SER B 771 1.98 29.93 -4.58
C SER B 771 2.73 30.74 -3.53
N LYS B 772 4.04 30.57 -3.40
CA LYS B 772 4.84 31.41 -2.51
C LYS B 772 5.65 32.41 -3.33
N GLU B 773 5.05 32.94 -4.39
CA GLU B 773 5.64 34.02 -5.16
C GLU B 773 4.61 35.10 -5.41
N LYS B 774 5.01 36.34 -5.17
CA LYS B 774 4.33 37.51 -5.70
C LYS B 774 5.41 38.36 -6.33
N THR B 775 5.09 39.04 -7.42
CA THR B 775 6.10 39.80 -8.11
C THR B 775 6.33 41.14 -7.43
N SER B 776 7.58 41.57 -7.44
CA SER B 776 7.98 42.81 -6.80
C SER B 776 7.72 44.00 -7.72
N ALA B 777 7.85 45.19 -7.15
CA ALA B 777 7.99 46.38 -7.96
C ALA B 777 9.34 46.38 -8.65
N LEU B 778 9.47 47.19 -9.69
CA LEU B 778 10.77 47.39 -10.29
C LEU B 778 11.68 48.15 -9.34
N SER B 779 12.93 47.70 -9.25
CA SER B 779 13.93 48.43 -8.52
C SER B 779 14.47 49.55 -9.40
N LEU B 780 15.27 50.42 -8.82
CA LEU B 780 15.99 51.39 -9.64
C LEU B 780 17.02 50.69 -10.51
N SER B 781 17.62 49.61 -9.99
CA SER B 781 18.71 48.94 -10.68
C SER B 781 18.24 48.22 -11.94
N ASN B 782 16.95 47.91 -12.02
CA ASN B 782 16.42 47.34 -13.25
C ASN B 782 16.41 48.36 -14.37
N VAL B 783 16.26 49.64 -14.04
CA VAL B 783 16.11 50.70 -15.02
C VAL B 783 17.19 51.76 -14.81
N ALA B 784 18.30 51.37 -14.18
CA ALA B 784 19.33 52.34 -13.82
C ALA B 784 20.07 52.87 -15.04
N GLY B 785 20.36 51.99 -16.00
CA GLY B 785 21.18 52.36 -17.14
C GLY B 785 20.55 53.36 -18.09
N VAL B 786 19.23 53.53 -18.00
CA VAL B 786 18.57 54.57 -18.76
C VAL B 786 18.99 55.93 -18.24
N PHE B 787 19.16 56.06 -16.92
CA PHE B 787 19.60 57.33 -16.33
C PHE B 787 21.03 57.66 -16.71
N TYR B 788 21.89 56.65 -16.83
CA TYR B 788 23.26 56.89 -17.24
C TYR B 788 23.33 57.37 -18.68
N ILE B 789 22.46 56.83 -19.55
CA ILE B 789 22.35 57.34 -20.90
C ILE B 789 21.72 58.73 -20.89
N LEU B 790 20.80 58.96 -19.96
CA LEU B 790 20.14 60.26 -19.88
C LEU B 790 21.11 61.34 -19.40
N VAL B 791 21.69 61.16 -18.22
CA VAL B 791 22.60 62.16 -17.67
C VAL B 791 23.88 62.22 -18.48
N GLY B 792 24.29 61.10 -19.08
CA GLY B 792 25.37 61.14 -20.05
C GLY B 792 25.00 61.87 -21.31
N GLY B 793 23.73 61.78 -21.71
CA GLY B 793 23.25 62.61 -22.81
C GLY B 793 23.12 64.06 -22.43
N LEU B 794 22.95 64.35 -21.14
CA LEU B 794 22.95 65.73 -20.68
C LEU B 794 24.31 66.36 -20.82
N GLY B 795 25.38 65.62 -20.50
CA GLY B 795 26.71 66.14 -20.65
C GLY B 795 27.14 66.26 -22.10
N LEU B 796 26.73 65.30 -22.93
CA LEU B 796 27.12 65.31 -24.34
C LEU B 796 26.42 66.42 -25.10
N ALA B 797 25.24 66.85 -24.62
CA ALA B 797 24.64 68.06 -25.16
C ALA B 797 25.45 69.28 -24.78
N MET B 798 26.05 69.28 -23.59
CA MET B 798 26.80 70.44 -23.13
C MET B 798 28.12 70.60 -23.89
N LEU B 799 28.69 69.51 -24.38
CA LEU B 799 29.96 69.62 -25.08
C LEU B 799 29.78 70.13 -26.50
N VAL B 800 28.69 69.73 -27.16
CA VAL B 800 28.41 70.23 -28.50
C VAL B 800 27.97 71.69 -28.49
N ALA B 801 27.34 72.13 -27.39
CA ALA B 801 27.02 73.55 -27.25
C ALA B 801 28.27 74.40 -27.12
N LEU B 802 29.32 73.85 -26.51
CA LEU B 802 30.58 74.57 -26.40
C LEU B 802 31.37 74.56 -27.71
N ILE B 803 31.20 73.53 -28.53
CA ILE B 803 31.93 73.52 -29.79
C ILE B 803 31.18 74.33 -30.85
N GLU B 804 29.91 74.66 -30.60
CA GLU B 804 29.25 75.66 -31.44
C GLU B 804 29.80 77.05 -31.16
N PHE B 805 30.23 77.30 -29.92
CA PHE B 805 30.83 78.58 -29.54
C PHE B 805 32.13 78.84 -30.31
N CYS B 806 32.86 77.78 -30.67
CA CYS B 806 34.02 77.94 -31.55
C CYS B 806 33.59 78.26 -32.98
N TYR B 807 32.65 77.48 -33.52
CA TYR B 807 32.21 77.70 -34.89
C TYR B 807 31.28 78.90 -35.04
N LYS B 808 30.83 79.51 -33.94
CA LYS B 808 30.15 80.79 -34.03
C LYS B 808 31.15 81.94 -34.05
N SER B 809 32.20 81.84 -33.24
CA SER B 809 33.20 82.90 -33.13
C SER B 809 34.07 83.00 -34.38
N ASN C 1 43.68 -82.43 -9.61
CA ASN C 1 42.30 -82.89 -9.70
C ASN C 1 41.45 -82.03 -10.64
N SER C 2 40.22 -82.49 -10.90
CA SER C 2 39.32 -81.82 -11.84
C SER C 2 38.05 -81.42 -11.10
N ILE C 3 37.75 -80.13 -11.09
CA ILE C 3 36.57 -79.66 -10.39
C ILE C 3 35.52 -79.20 -11.40
N GLN C 4 34.26 -79.22 -10.95
CA GLN C 4 33.11 -79.07 -11.82
C GLN C 4 32.37 -77.79 -11.49
N ILE C 5 32.13 -76.96 -12.50
CA ILE C 5 31.33 -75.74 -12.34
C ILE C 5 30.22 -75.76 -13.39
N GLY C 6 29.22 -74.92 -13.16
CA GLY C 6 28.07 -74.83 -14.04
C GLY C 6 27.95 -73.47 -14.67
N GLY C 7 27.54 -73.46 -15.94
CA GLY C 7 27.46 -72.24 -16.72
C GLY C 7 26.07 -71.95 -17.24
N LEU C 8 25.59 -70.71 -17.07
CA LEU C 8 24.27 -70.31 -17.52
C LEU C 8 24.44 -69.11 -18.45
N PHE C 9 24.19 -69.33 -19.72
CA PHE C 9 24.47 -68.34 -20.73
C PHE C 9 23.25 -68.04 -21.56
N PRO C 10 22.99 -66.77 -21.85
CA PRO C 10 21.83 -66.42 -22.67
C PRO C 10 22.07 -66.76 -24.13
N ARG C 11 20.98 -67.02 -24.82
CA ARG C 11 21.05 -67.15 -26.27
C ARG C 11 21.20 -65.77 -26.88
N GLY C 12 22.17 -65.61 -27.77
CA GLY C 12 22.56 -64.31 -28.25
C GLY C 12 23.78 -63.74 -27.54
N ALA C 13 24.24 -64.39 -26.47
CA ALA C 13 25.44 -63.95 -25.76
C ALA C 13 26.64 -64.69 -26.30
N ASP C 14 27.03 -64.32 -27.52
CA ASP C 14 28.11 -65.00 -28.21
C ASP C 14 29.46 -64.64 -27.61
N GLN C 15 29.74 -63.33 -27.48
CA GLN C 15 31.07 -62.86 -27.10
C GLN C 15 31.46 -63.29 -25.70
N GLU C 16 30.50 -63.33 -24.77
CA GLU C 16 30.82 -63.67 -23.39
C GLU C 16 31.22 -65.13 -23.27
N TYR C 17 30.53 -66.00 -24.01
CA TYR C 17 30.93 -67.39 -24.05
C TYR C 17 32.26 -67.57 -24.75
N SER C 18 32.52 -66.73 -25.77
CA SER C 18 33.85 -66.71 -26.37
C SER C 18 34.87 -66.17 -25.39
N ALA C 19 34.49 -65.17 -24.59
CA ALA C 19 35.35 -64.70 -23.53
C ALA C 19 35.47 -65.71 -22.41
N PHE C 20 34.53 -66.66 -22.32
CA PHE C 20 34.64 -67.68 -21.28
C PHE C 20 35.71 -68.70 -21.63
N ARG C 21 35.84 -69.04 -22.91
CA ARG C 21 36.82 -70.04 -23.32
C ARG C 21 38.24 -69.47 -23.24
N VAL C 22 38.40 -68.19 -23.57
CA VAL C 22 39.71 -67.56 -23.52
C VAL C 22 40.21 -67.48 -22.09
N GLY C 23 39.29 -67.27 -21.15
CA GLY C 23 39.67 -67.27 -19.75
C GLY C 23 40.08 -68.64 -19.24
N MET C 24 39.44 -69.70 -19.74
CA MET C 24 39.75 -71.03 -19.24
C MET C 24 41.11 -71.51 -19.72
N VAL C 25 41.44 -71.25 -20.99
CA VAL C 25 42.70 -71.69 -21.55
C VAL C 25 43.86 -70.96 -20.91
N GLN C 26 43.70 -69.65 -20.67
CA GLN C 26 44.78 -68.89 -20.09
C GLN C 26 44.96 -69.17 -18.60
N PHE C 27 43.89 -69.19 -17.82
CA PHE C 27 44.02 -69.38 -16.39
C PHE C 27 44.06 -70.86 -15.99
N SER C 28 44.22 -71.76 -16.97
CA SER C 28 44.39 -73.16 -16.63
C SER C 28 45.75 -73.40 -16.00
N THR C 29 45.80 -74.38 -15.11
CA THR C 29 47.03 -74.86 -14.52
C THR C 29 47.24 -76.31 -14.91
N SER C 30 48.43 -76.82 -14.61
CA SER C 30 48.69 -78.24 -14.80
C SER C 30 48.19 -79.06 -13.62
N GLU C 31 48.24 -78.49 -12.41
CA GLU C 31 47.91 -79.26 -11.22
C GLU C 31 46.39 -79.44 -11.09
N PHE C 32 45.67 -78.35 -10.90
CA PHE C 32 44.23 -78.39 -10.73
C PHE C 32 43.56 -77.78 -11.95
N ARG C 33 42.48 -78.40 -12.39
CA ARG C 33 41.77 -77.99 -13.59
C ARG C 33 40.29 -77.82 -13.28
N LEU C 34 39.66 -76.88 -13.98
CA LEU C 34 38.24 -76.62 -13.83
C LEU C 34 37.50 -77.17 -15.05
N THR C 35 36.38 -77.84 -14.79
CA THR C 35 35.57 -78.41 -15.86
C THR C 35 34.23 -77.70 -15.90
N PRO C 36 33.91 -77.03 -17.00
CA PRO C 36 32.60 -76.36 -17.09
C PRO C 36 31.52 -77.33 -17.54
N HIS C 37 30.29 -77.03 -17.17
CA HIS C 37 29.10 -77.53 -17.85
C HIS C 37 28.29 -76.33 -18.31
N ILE C 38 28.22 -76.14 -19.63
CA ILE C 38 27.62 -74.96 -20.23
C ILE C 38 26.17 -75.28 -20.53
N ASP C 39 25.29 -74.34 -20.25
CA ASP C 39 23.91 -74.43 -20.68
C ASP C 39 23.51 -73.13 -21.35
N ASN C 40 22.75 -73.24 -22.44
CA ASN C 40 22.23 -72.09 -23.15
C ASN C 40 20.73 -72.01 -22.90
N LEU C 41 20.25 -70.81 -22.59
CA LEU C 41 18.86 -70.65 -22.19
C LEU C 41 18.38 -69.25 -22.52
N GLU C 42 17.07 -69.10 -22.55
CA GLU C 42 16.50 -67.79 -22.34
C GLU C 42 16.63 -67.44 -20.87
N VAL C 43 16.95 -66.17 -20.60
CA VAL C 43 17.22 -65.75 -19.23
C VAL C 43 16.00 -65.08 -18.59
N ALA C 44 15.01 -64.65 -19.37
CA ALA C 44 13.81 -64.09 -18.78
C ALA C 44 12.85 -65.17 -18.31
N ASN C 45 12.92 -66.36 -18.90
CA ASN C 45 12.06 -67.45 -18.48
C ASN C 45 12.58 -68.02 -17.18
N SER C 46 11.91 -67.71 -16.08
CA SER C 46 12.37 -68.16 -14.78
C SER C 46 12.13 -69.63 -14.54
N PHE C 47 11.26 -70.27 -15.33
CA PHE C 47 11.23 -71.73 -15.35
C PHE C 47 12.55 -72.28 -15.84
N ALA C 48 13.02 -71.77 -16.97
CA ALA C 48 14.26 -72.27 -17.56
C ALA C 48 15.46 -71.93 -16.71
N VAL C 49 15.42 -70.79 -16.02
CA VAL C 49 16.46 -70.46 -15.05
C VAL C 49 16.41 -71.44 -13.90
N THR C 50 15.22 -71.80 -13.46
CA THR C 50 15.07 -72.82 -12.43
C THR C 50 15.47 -74.19 -12.95
N ASN C 51 15.08 -74.48 -14.20
CA ASN C 51 15.36 -75.80 -14.78
C ASN C 51 16.85 -75.99 -14.99
N ALA C 52 17.54 -74.92 -15.42
CA ALA C 52 18.98 -75.02 -15.56
C ALA C 52 19.68 -75.07 -14.21
N PHE C 53 19.08 -74.48 -13.17
CA PHE C 53 19.72 -74.47 -11.88
C PHE C 53 19.68 -75.85 -11.24
N CYS C 54 18.51 -76.47 -11.19
CA CYS C 54 18.37 -77.74 -10.50
C CYS C 54 19.01 -78.87 -11.28
N SER C 55 19.14 -78.72 -12.59
CA SER C 55 19.88 -79.70 -13.38
C SER C 55 21.35 -79.71 -13.00
N GLN C 56 21.91 -78.55 -12.68
CA GLN C 56 23.31 -78.49 -12.34
C GLN C 56 23.54 -78.74 -10.86
N PHE C 57 22.51 -78.61 -10.03
CA PHE C 57 22.67 -79.07 -8.66
C PHE C 57 22.59 -80.59 -8.60
N SER C 58 21.95 -81.21 -9.59
CA SER C 58 21.99 -82.66 -9.69
C SER C 58 23.36 -83.14 -10.13
N ARG C 59 24.10 -82.33 -10.88
CA ARG C 59 25.44 -82.71 -11.29
C ARG C 59 26.43 -82.68 -10.14
N GLY C 60 26.16 -81.88 -9.11
CA GLY C 60 27.07 -81.72 -8.00
C GLY C 60 28.21 -80.80 -8.34
N VAL C 61 27.89 -79.61 -8.81
CA VAL C 61 28.90 -78.61 -9.16
C VAL C 61 29.37 -77.95 -7.88
N TYR C 62 30.52 -77.29 -7.96
CA TYR C 62 31.09 -76.65 -6.78
C TYR C 62 30.71 -75.19 -6.70
N ALA C 63 30.68 -74.51 -7.85
CA ALA C 63 30.14 -73.17 -7.94
C ALA C 63 29.50 -73.02 -9.31
N ILE C 64 28.73 -71.94 -9.47
CA ILE C 64 27.95 -71.72 -10.68
C ILE C 64 28.30 -70.35 -11.23
N PHE C 65 28.57 -70.31 -12.54
CA PHE C 65 28.67 -69.05 -13.26
C PHE C 65 27.38 -68.87 -14.06
N GLY C 66 26.90 -67.64 -14.12
CA GLY C 66 25.71 -67.40 -14.91
C GLY C 66 25.32 -65.94 -14.87
N PHE C 67 24.31 -65.62 -15.66
CA PHE C 67 23.78 -64.27 -15.71
C PHE C 67 22.38 -64.30 -15.11
N TYR C 68 21.81 -63.12 -14.92
CA TYR C 68 20.39 -63.03 -14.59
C TYR C 68 19.84 -61.71 -15.13
N ASP C 69 18.53 -61.67 -15.25
CA ASP C 69 17.81 -60.49 -15.68
C ASP C 69 16.97 -60.02 -14.50
N LYS C 70 16.13 -59.00 -14.73
CA LYS C 70 15.15 -58.59 -13.72
C LYS C 70 14.17 -59.71 -13.40
N LYS C 71 13.83 -60.52 -14.40
CA LYS C 71 12.85 -61.58 -14.18
C LYS C 71 13.41 -62.69 -13.30
N SER C 72 14.71 -62.90 -13.34
CA SER C 72 15.28 -64.08 -12.72
C SER C 72 16.17 -63.78 -11.53
N VAL C 73 16.31 -62.50 -11.17
CA VAL C 73 17.24 -62.14 -10.11
C VAL C 73 16.76 -62.66 -8.76
N ASN C 74 15.46 -62.67 -8.53
CA ASN C 74 14.96 -63.20 -7.27
C ASN C 74 15.01 -64.71 -7.26
N THR C 75 15.01 -65.34 -8.43
CA THR C 75 15.04 -66.79 -8.50
C THR C 75 16.40 -67.32 -8.05
N ILE C 76 17.47 -66.63 -8.42
CA ILE C 76 18.80 -67.10 -8.08
C ILE C 76 19.09 -66.87 -6.61
N THR C 77 18.80 -65.67 -6.11
CA THR C 77 19.15 -65.30 -4.75
C THR C 77 18.36 -66.09 -3.71
N SER C 78 17.14 -66.50 -4.05
CA SER C 78 16.40 -67.36 -3.15
C SER C 78 16.95 -68.78 -3.17
N PHE C 79 17.54 -69.19 -4.29
CA PHE C 79 18.11 -70.53 -4.39
C PHE C 79 19.48 -70.61 -3.74
N CYS C 80 20.35 -69.66 -4.03
CA CYS C 80 21.72 -69.73 -3.52
C CYS C 80 21.78 -69.44 -2.04
N GLY C 81 20.83 -68.67 -1.52
CA GLY C 81 20.73 -68.52 -0.08
C GLY C 81 20.23 -69.77 0.61
N THR C 82 19.38 -70.53 -0.08
CA THR C 82 18.87 -71.78 0.49
C THR C 82 19.85 -72.92 0.26
N LEU C 83 20.19 -73.21 -0.99
CA LEU C 83 20.98 -74.38 -1.29
C LEU C 83 22.47 -74.18 -1.09
N HIS C 84 22.88 -73.00 -0.61
CA HIS C 84 24.23 -72.72 -0.10
C HIS C 84 25.30 -72.91 -1.17
N VAL C 85 24.94 -72.69 -2.42
CA VAL C 85 25.90 -72.78 -3.52
C VAL C 85 26.24 -71.38 -3.97
N SER C 86 27.48 -71.18 -4.40
CA SER C 86 27.94 -69.85 -4.73
C SER C 86 27.68 -69.54 -6.20
N PHE C 87 27.34 -68.29 -6.47
CA PHE C 87 26.97 -67.84 -7.81
C PHE C 87 27.76 -66.59 -8.12
N ILE C 88 28.49 -66.62 -9.23
CA ILE C 88 29.35 -65.52 -9.65
C ILE C 88 28.76 -64.93 -10.93
N THR C 89 28.60 -63.62 -10.96
CA THR C 89 27.84 -63.02 -12.03
C THR C 89 28.27 -61.64 -12.51
N PRO C 90 28.27 -61.42 -13.81
CA PRO C 90 28.46 -60.08 -14.38
C PRO C 90 27.19 -59.27 -14.56
N SER C 91 26.07 -59.70 -13.99
CA SER C 91 24.83 -58.98 -14.16
C SER C 91 24.81 -57.76 -13.26
N PHE C 92 23.74 -56.99 -13.33
CA PHE C 92 23.58 -55.82 -12.48
C PHE C 92 23.46 -56.27 -11.02
N PRO C 93 24.00 -55.49 -10.09
CA PRO C 93 24.05 -55.93 -8.70
C PRO C 93 22.67 -55.93 -8.06
N THR C 94 22.48 -56.84 -7.12
CA THR C 94 21.25 -56.86 -6.38
C THR C 94 21.24 -55.75 -5.36
N ASP C 95 20.13 -55.04 -5.28
CA ASP C 95 19.92 -54.11 -4.18
C ASP C 95 19.66 -54.89 -2.89
N GLY C 96 20.22 -54.40 -1.80
CA GLY C 96 20.26 -55.17 -0.57
C GLY C 96 21.40 -56.17 -0.59
N THR C 97 21.47 -56.97 0.46
CA THR C 97 22.51 -57.94 0.61
C THR C 97 21.95 -59.34 0.45
N HIS C 98 22.68 -60.20 -0.25
CA HIS C 98 22.27 -61.57 -0.45
C HIS C 98 23.50 -62.44 -0.29
N PRO C 99 23.44 -63.49 0.51
CA PRO C 99 24.57 -64.41 0.63
C PRO C 99 24.72 -65.23 -0.63
N PHE C 100 25.91 -65.81 -0.79
CA PHE C 100 26.26 -66.78 -1.82
C PHE C 100 26.18 -66.22 -3.23
N VAL C 101 26.18 -64.91 -3.39
CA VAL C 101 26.08 -64.28 -4.71
C VAL C 101 27.25 -63.32 -4.87
N ILE C 102 28.04 -63.52 -5.91
CA ILE C 102 29.25 -62.74 -6.15
C ILE C 102 28.99 -61.84 -7.35
N GLN C 103 28.71 -60.58 -7.07
CA GLN C 103 28.54 -59.60 -8.13
C GLN C 103 29.90 -59.23 -8.68
N MET C 104 30.09 -59.42 -9.97
CA MET C 104 31.33 -59.00 -10.61
C MET C 104 31.23 -57.60 -11.18
N ARG C 105 30.04 -57.16 -11.53
CA ARG C 105 29.85 -55.81 -12.01
C ARG C 105 29.85 -54.85 -10.83
N PRO C 106 30.67 -53.80 -10.85
CA PRO C 106 30.71 -52.89 -9.71
C PRO C 106 29.50 -51.97 -9.72
N ASP C 107 29.39 -51.22 -8.63
CA ASP C 107 28.28 -50.30 -8.43
C ASP C 107 28.40 -49.13 -9.41
N LEU C 108 27.29 -48.41 -9.57
CA LEU C 108 27.22 -47.33 -10.52
C LEU C 108 26.69 -46.04 -9.95
N LYS C 109 25.98 -46.08 -8.82
CA LYS C 109 25.18 -44.95 -8.38
C LYS C 109 26.03 -43.76 -7.96
N GLY C 110 27.10 -44.03 -7.20
CA GLY C 110 27.93 -42.95 -6.71
C GLY C 110 28.70 -42.24 -7.79
N ALA C 111 29.00 -42.93 -8.90
CA ALA C 111 29.67 -42.26 -9.99
C ALA C 111 28.73 -41.33 -10.73
N LEU C 112 27.45 -41.70 -10.85
CA LEU C 112 26.48 -40.81 -11.46
C LEU C 112 26.24 -39.57 -10.62
N LEU C 113 26.16 -39.73 -9.31
CA LEU C 113 25.95 -38.59 -8.43
C LEU C 113 27.16 -37.67 -8.41
N SER C 114 28.35 -38.20 -8.64
CA SER C 114 29.52 -37.34 -8.73
C SER C 114 29.50 -36.52 -10.00
N LEU C 115 29.18 -37.15 -11.13
CA LEU C 115 29.27 -36.48 -12.42
C LEU C 115 28.23 -35.38 -12.57
N ILE C 116 27.02 -35.60 -12.06
CA ILE C 116 26.00 -34.55 -12.08
C ILE C 116 26.42 -33.39 -11.21
N GLU C 117 26.99 -33.69 -10.04
CA GLU C 117 27.49 -32.65 -9.15
C GLU C 117 28.69 -31.93 -9.76
N TYR C 118 29.55 -32.66 -10.46
CA TYR C 118 30.69 -32.04 -11.12
C TYR C 118 30.24 -31.15 -12.27
N TYR C 119 29.23 -31.57 -13.02
CA TYR C 119 28.72 -30.70 -14.07
C TYR C 119 27.74 -29.67 -13.55
N GLN C 120 27.37 -29.76 -12.26
CA GLN C 120 26.55 -28.77 -11.56
C GLN C 120 25.19 -28.60 -12.22
N TRP C 121 24.40 -29.67 -12.18
CA TRP C 121 23.09 -29.68 -12.79
C TRP C 121 21.99 -29.65 -11.74
N ASP C 122 20.87 -29.04 -12.10
CA ASP C 122 19.65 -29.11 -11.33
C ASP C 122 18.42 -29.34 -12.17
N LYS C 123 18.49 -29.07 -13.47
CA LYS C 123 17.37 -29.27 -14.38
C LYS C 123 17.82 -30.18 -15.50
N PHE C 124 17.33 -31.42 -15.49
CA PHE C 124 17.71 -32.36 -16.53
C PHE C 124 16.62 -33.42 -16.65
N ALA C 125 16.81 -34.30 -17.63
CA ALA C 125 15.91 -35.42 -17.89
C ALA C 125 16.65 -36.71 -17.63
N TYR C 126 15.90 -37.80 -17.52
CA TYR C 126 16.46 -39.11 -17.23
C TYR C 126 15.67 -40.14 -18.00
N LEU C 127 16.35 -40.89 -18.85
CA LEU C 127 15.68 -41.90 -19.66
C LEU C 127 16.21 -43.26 -19.27
N TYR C 128 15.31 -44.14 -18.82
CA TYR C 128 15.74 -45.40 -18.25
C TYR C 128 15.09 -46.56 -18.99
N ASP C 129 15.71 -47.72 -18.87
CA ASP C 129 15.16 -48.97 -19.33
C ASP C 129 14.61 -49.73 -18.13
N SER C 130 13.51 -50.42 -18.35
CA SER C 130 12.86 -51.18 -17.29
C SER C 130 13.44 -52.58 -17.12
N ASP C 131 14.64 -52.84 -17.65
CA ASP C 131 15.08 -54.23 -17.74
C ASP C 131 16.17 -54.56 -16.73
N ARG C 132 16.94 -53.58 -16.29
CA ARG C 132 18.00 -53.82 -15.33
C ARG C 132 17.56 -53.46 -13.91
N GLY C 133 16.27 -53.48 -13.65
CA GLY C 133 15.77 -53.00 -12.39
C GLY C 133 15.74 -51.49 -12.36
N LEU C 134 15.32 -50.96 -11.22
CA LEU C 134 15.12 -49.53 -11.09
C LEU C 134 15.95 -48.94 -9.97
N SER C 135 17.02 -49.63 -9.57
CA SER C 135 17.82 -49.22 -8.42
C SER C 135 18.54 -47.92 -8.68
N THR C 136 18.94 -47.66 -9.91
CA THR C 136 19.57 -46.39 -10.22
C THR C 136 18.56 -45.26 -10.17
N LEU C 137 17.34 -45.53 -10.63
CA LEU C 137 16.31 -44.50 -10.65
C LEU C 137 15.89 -44.10 -9.24
N GLN C 138 15.79 -45.08 -8.35
CA GLN C 138 15.43 -44.79 -6.97
C GLN C 138 16.52 -44.01 -6.25
N ALA C 139 17.77 -44.16 -6.67
CA ALA C 139 18.82 -43.39 -6.03
C ALA C 139 18.80 -41.95 -6.45
N VAL C 140 18.67 -41.69 -7.76
CA VAL C 140 18.74 -40.32 -8.24
C VAL C 140 17.48 -39.53 -7.93
N LEU C 141 16.32 -40.19 -7.80
CA LEU C 141 15.14 -39.48 -7.33
C LEU C 141 15.24 -39.13 -5.87
N ASP C 142 15.92 -39.96 -5.09
CA ASP C 142 16.15 -39.65 -3.69
C ASP C 142 17.10 -38.48 -3.53
N SER C 143 18.22 -38.49 -4.26
CA SER C 143 19.18 -37.41 -4.13
C SER C 143 18.71 -36.13 -4.79
N ALA C 144 17.74 -36.20 -5.70
CA ALA C 144 17.16 -34.99 -6.26
C ALA C 144 16.36 -34.23 -5.22
N ALA C 145 15.74 -34.96 -4.29
CA ALA C 145 15.02 -34.31 -3.20
C ALA C 145 15.98 -33.60 -2.26
N GLU C 146 17.12 -34.22 -1.97
CA GLU C 146 18.02 -33.64 -1.00
C GLU C 146 18.80 -32.47 -1.59
N LYS C 147 19.12 -32.54 -2.87
CA LYS C 147 19.96 -31.51 -3.49
C LYS C 147 19.20 -30.64 -4.47
N LYS C 148 17.86 -30.65 -4.42
CA LYS C 148 16.97 -29.77 -5.16
C LYS C 148 17.17 -29.83 -6.67
N TRP C 149 16.93 -31.00 -7.26
CA TRP C 149 17.06 -31.18 -8.68
C TRP C 149 15.69 -31.40 -9.30
N GLN C 150 15.50 -30.93 -10.52
CA GLN C 150 14.25 -31.07 -11.23
C GLN C 150 14.42 -32.19 -12.26
N VAL C 151 14.11 -33.41 -11.85
CA VAL C 151 14.33 -34.58 -12.68
C VAL C 151 13.06 -34.88 -13.44
N THR C 152 13.18 -35.09 -14.74
CA THR C 152 12.11 -35.67 -15.54
C THR C 152 12.52 -37.08 -15.92
N ALA C 153 11.93 -38.06 -15.26
CA ALA C 153 12.25 -39.46 -15.49
C ALA C 153 11.19 -40.06 -16.40
N ILE C 154 11.62 -40.66 -17.50
CA ILE C 154 10.71 -41.17 -18.52
C ILE C 154 11.12 -42.59 -18.89
N ASN C 155 10.18 -43.52 -18.79
CA ASN C 155 10.42 -44.89 -19.21
C ASN C 155 10.46 -44.92 -20.73
N VAL C 156 11.60 -45.35 -21.27
CA VAL C 156 11.71 -45.66 -22.68
C VAL C 156 11.77 -47.16 -22.91
N GLY C 157 11.55 -47.97 -21.87
CA GLY C 157 11.74 -49.40 -21.99
C GLY C 157 10.66 -50.12 -22.78
N ASN C 158 9.40 -49.69 -22.65
CA ASN C 158 8.27 -50.38 -23.26
C ASN C 158 8.05 -50.01 -24.71
N ILE C 159 9.03 -49.40 -25.37
CA ILE C 159 8.83 -48.99 -26.76
C ILE C 159 9.09 -50.17 -27.67
N ASN C 160 8.18 -50.41 -28.60
CA ASN C 160 8.25 -51.56 -29.49
C ASN C 160 8.63 -51.11 -30.89
N ASN C 161 8.95 -52.10 -31.72
CA ASN C 161 9.69 -51.86 -32.95
C ASN C 161 8.81 -51.22 -34.03
N ASP C 162 7.50 -51.36 -33.92
CA ASP C 162 6.64 -50.80 -34.95
C ASP C 162 6.54 -49.28 -34.86
N LYS C 163 6.54 -48.74 -33.64
CA LYS C 163 6.16 -47.36 -33.43
C LYS C 163 7.31 -46.50 -32.96
N LYS C 164 8.54 -46.86 -33.36
CA LYS C 164 9.72 -46.19 -32.85
C LYS C 164 9.84 -44.75 -33.33
N ASP C 165 9.72 -44.51 -34.63
CA ASP C 165 9.94 -43.17 -35.15
C ASP C 165 8.79 -42.21 -34.85
N GLU C 166 7.65 -42.72 -34.38
CA GLU C 166 6.59 -41.84 -33.91
C GLU C 166 6.63 -41.63 -32.41
N THR C 167 7.29 -42.51 -31.67
CA THR C 167 7.31 -42.36 -30.22
C THR C 167 8.62 -41.73 -29.75
N TYR C 168 9.74 -42.08 -30.38
CA TYR C 168 10.98 -41.37 -30.12
C TYR C 168 10.91 -39.93 -30.60
N ARG C 169 10.10 -39.64 -31.60
CA ARG C 169 9.81 -38.26 -31.95
C ARG C 169 8.82 -37.63 -30.98
N SER C 170 8.04 -38.45 -30.28
CA SER C 170 6.99 -37.90 -29.41
C SER C 170 7.56 -37.30 -28.14
N LEU C 171 8.57 -37.93 -27.54
CA LEU C 171 9.02 -37.43 -26.25
C LEU C 171 10.00 -36.27 -26.40
N PHE C 172 10.79 -36.24 -27.47
CA PHE C 172 11.79 -35.18 -27.60
C PHE C 172 11.15 -33.85 -27.92
N GLN C 173 10.04 -33.85 -28.66
CA GLN C 173 9.30 -32.60 -28.83
C GLN C 173 8.67 -32.18 -27.52
N ASP C 174 8.24 -33.16 -26.70
CA ASP C 174 7.76 -32.83 -25.37
C ASP C 174 8.89 -32.32 -24.48
N LEU C 175 10.11 -32.82 -24.72
CA LEU C 175 11.26 -32.17 -24.12
C LEU C 175 11.49 -30.80 -24.75
N GLU C 176 11.24 -30.67 -26.06
CA GLU C 176 11.50 -29.42 -26.73
C GLU C 176 10.40 -28.40 -26.44
N LEU C 177 9.20 -28.88 -26.10
CA LEU C 177 8.17 -27.98 -25.59
C LEU C 177 8.52 -27.44 -24.21
N LYS C 178 9.45 -28.08 -23.50
CA LYS C 178 9.97 -27.57 -22.24
C LYS C 178 11.40 -27.01 -22.39
N LYS C 179 12.06 -27.32 -23.50
CA LYS C 179 13.49 -27.05 -23.73
C LYS C 179 14.35 -27.65 -22.60
N GLU C 180 14.29 -28.97 -22.55
CA GLU C 180 15.22 -29.75 -21.76
C GLU C 180 16.53 -29.88 -22.51
N ARG C 181 17.64 -29.64 -21.81
CA ARG C 181 18.94 -29.51 -22.43
C ARG C 181 19.94 -30.57 -22.02
N ARG C 182 19.62 -31.40 -21.04
CA ARG C 182 20.58 -32.28 -20.39
C ARG C 182 19.92 -33.64 -20.20
N VAL C 183 20.49 -34.68 -20.78
CA VAL C 183 19.86 -36.00 -20.82
C VAL C 183 20.82 -37.03 -20.24
N ILE C 184 20.34 -37.85 -19.32
CA ILE C 184 21.04 -39.03 -18.85
C ILE C 184 20.38 -40.24 -19.51
N LEU C 185 21.19 -41.14 -20.05
CA LEU C 185 20.69 -42.37 -20.62
C LEU C 185 21.11 -43.53 -19.73
N ASP C 186 20.13 -44.26 -19.22
CA ASP C 186 20.37 -45.44 -18.39
C ASP C 186 19.79 -46.61 -19.16
N CYS C 187 20.58 -47.13 -20.09
CA CYS C 187 20.09 -48.20 -20.95
C CYS C 187 21.22 -49.18 -21.19
N GLU C 188 20.89 -50.24 -21.92
CA GLU C 188 21.90 -51.11 -22.49
C GLU C 188 22.21 -50.64 -23.90
N ARG C 189 23.32 -51.15 -24.45
CA ARG C 189 23.90 -50.61 -25.67
C ARG C 189 23.00 -50.79 -26.88
N ASP C 190 22.12 -51.81 -26.82
CA ASP C 190 21.13 -51.99 -27.88
C ASP C 190 20.12 -50.86 -27.86
N LYS C 191 19.71 -50.44 -26.68
CA LYS C 191 18.79 -49.32 -26.58
C LYS C 191 19.53 -47.99 -26.76
N VAL C 192 20.81 -47.95 -26.38
CA VAL C 192 21.59 -46.71 -26.49
C VAL C 192 21.79 -46.34 -27.96
N ASN C 193 22.28 -47.29 -28.75
CA ASN C 193 22.47 -47.03 -30.17
C ASN C 193 21.14 -46.85 -30.91
N ASP C 194 20.06 -47.41 -30.38
CA ASP C 194 18.73 -47.09 -30.91
C ASP C 194 18.38 -45.64 -30.65
N ILE C 195 18.73 -45.12 -29.47
CA ILE C 195 18.38 -43.74 -29.14
C ILE C 195 19.25 -42.76 -29.89
N VAL C 196 20.55 -43.03 -29.97
CA VAL C 196 21.50 -42.13 -30.64
C VAL C 196 21.18 -42.01 -32.12
N ASP C 197 20.69 -43.09 -32.73
CA ASP C 197 20.18 -43.01 -34.10
C ASP C 197 18.94 -42.12 -34.19
N GLN C 198 18.07 -42.18 -33.18
CA GLN C 198 16.91 -41.31 -33.16
C GLN C 198 17.26 -39.87 -32.85
N VAL C 199 18.41 -39.61 -32.23
CA VAL C 199 18.81 -38.24 -31.92
C VAL C 199 19.21 -37.50 -33.19
N ILE C 200 20.11 -38.09 -33.97
CA ILE C 200 20.62 -37.45 -35.18
C ILE C 200 19.55 -37.42 -36.26
N THR C 201 18.60 -38.36 -36.22
CA THR C 201 17.48 -38.36 -37.14
C THR C 201 16.61 -37.12 -36.96
N ILE C 202 16.44 -36.67 -35.73
CA ILE C 202 15.72 -35.42 -35.48
C ILE C 202 16.73 -34.32 -35.22
N GLY C 203 18.01 -34.65 -35.36
CA GLY C 203 19.07 -33.67 -35.43
C GLY C 203 19.32 -32.91 -34.16
N LYS C 204 19.17 -33.57 -33.02
CA LYS C 204 19.42 -32.94 -31.72
C LYS C 204 20.78 -33.33 -31.17
N HIS C 205 21.77 -33.39 -32.06
CA HIS C 205 23.15 -33.71 -31.69
C HIS C 205 24.06 -32.49 -31.76
N VAL C 206 23.49 -31.29 -31.85
CA VAL C 206 24.26 -30.06 -32.00
C VAL C 206 24.81 -29.64 -30.65
N LYS C 207 25.67 -28.62 -30.66
CA LYS C 207 26.09 -27.97 -29.44
C LYS C 207 24.89 -27.33 -28.74
N GLY C 208 24.89 -27.42 -27.42
CA GLY C 208 23.77 -26.98 -26.60
C GLY C 208 22.98 -28.10 -25.98
N TYR C 209 23.25 -29.33 -26.37
CA TYR C 209 22.64 -30.51 -25.77
C TYR C 209 23.75 -31.33 -25.13
N HIS C 210 23.42 -31.99 -24.03
CA HIS C 210 24.42 -32.77 -23.32
C HIS C 210 23.86 -34.17 -23.13
N TYR C 211 24.73 -35.17 -23.15
CA TYR C 211 24.32 -36.56 -23.00
C TYR C 211 25.27 -37.27 -22.06
N ILE C 212 24.71 -38.10 -21.18
CA ILE C 212 25.50 -38.99 -20.34
C ILE C 212 24.94 -40.38 -20.52
N ILE C 213 25.78 -41.31 -20.94
CA ILE C 213 25.37 -42.70 -21.15
C ILE C 213 25.81 -43.48 -19.92
N ALA C 214 24.85 -43.77 -19.05
CA ALA C 214 25.17 -44.32 -17.73
C ALA C 214 25.26 -45.84 -17.80
N ASN C 215 26.38 -46.30 -18.33
CA ASN C 215 26.75 -47.70 -18.23
C ASN C 215 28.26 -47.79 -18.22
N LEU C 216 28.76 -49.00 -18.04
CA LEU C 216 30.19 -49.18 -17.85
C LEU C 216 30.92 -49.50 -19.14
N GLY C 217 30.26 -49.35 -20.28
CA GLY C 217 30.83 -49.69 -21.57
C GLY C 217 30.79 -48.56 -22.58
N PHE C 218 31.15 -47.35 -22.15
CA PHE C 218 30.91 -46.12 -22.93
C PHE C 218 31.62 -46.13 -24.28
N THR C 219 32.76 -46.80 -24.37
CA THR C 219 33.47 -46.87 -25.64
C THR C 219 32.82 -47.82 -26.63
N ASP C 220 31.91 -48.70 -26.18
CA ASP C 220 31.45 -49.78 -27.04
C ASP C 220 30.37 -49.31 -28.01
N GLY C 221 29.71 -48.21 -27.71
CA GLY C 221 28.67 -47.70 -28.59
C GLY C 221 29.25 -47.07 -29.85
N ASP C 222 28.38 -46.86 -30.82
CA ASP C 222 28.78 -46.20 -32.06
C ASP C 222 28.81 -44.70 -31.80
N LEU C 223 29.92 -44.24 -31.23
CA LEU C 223 30.05 -42.83 -30.88
C LEU C 223 30.59 -42.01 -32.03
N LEU C 224 30.91 -42.65 -33.16
CA LEU C 224 31.39 -41.92 -34.32
C LEU C 224 30.28 -41.11 -34.96
N LYS C 225 29.02 -41.50 -34.77
CA LYS C 225 27.91 -40.78 -35.36
C LYS C 225 27.70 -39.45 -34.66
N ILE C 226 27.75 -39.45 -33.32
CA ILE C 226 27.45 -38.25 -32.56
C ILE C 226 28.68 -37.39 -32.34
N GLN C 227 29.86 -37.87 -32.75
CA GLN C 227 31.12 -37.18 -32.48
C GLN C 227 31.21 -35.84 -33.20
N PHE C 228 30.57 -35.72 -34.36
CA PHE C 228 30.78 -34.58 -35.24
C PHE C 228 29.60 -33.62 -35.20
N GLY C 229 28.91 -33.54 -34.07
CA GLY C 229 27.74 -32.68 -33.97
C GLY C 229 27.91 -31.53 -33.02
N GLY C 230 28.73 -31.71 -32.00
CA GLY C 230 28.98 -30.66 -31.02
C GLY C 230 28.33 -30.90 -29.68
N ALA C 231 27.45 -31.88 -29.55
CA ALA C 231 26.91 -32.24 -28.25
C ALA C 231 27.95 -32.96 -27.43
N GLU C 232 28.02 -32.61 -26.15
CA GLU C 232 29.02 -33.17 -25.24
C GLU C 232 28.47 -34.45 -24.65
N VAL C 233 29.10 -35.58 -25.01
CA VAL C 233 28.65 -36.90 -24.60
C VAL C 233 29.70 -37.49 -23.68
N SER C 234 29.39 -37.58 -22.40
CA SER C 234 30.30 -38.16 -21.44
C SER C 234 29.90 -39.62 -21.21
N GLY C 235 30.65 -40.27 -20.34
CA GLY C 235 30.34 -41.66 -20.06
C GLY C 235 31.30 -42.24 -19.05
N PHE C 236 31.05 -43.49 -18.69
CA PHE C 236 31.82 -44.18 -17.67
C PHE C 236 32.50 -45.38 -18.29
N GLN C 237 33.71 -45.65 -17.84
CA GLN C 237 34.49 -46.72 -18.43
C GLN C 237 35.25 -47.47 -17.34
N ILE C 238 35.26 -48.79 -17.45
CA ILE C 238 35.83 -49.64 -16.43
C ILE C 238 37.14 -50.29 -16.88
N VAL C 239 37.27 -50.70 -18.14
CA VAL C 239 38.51 -51.26 -18.63
C VAL C 239 39.25 -50.18 -19.41
N ASP C 240 40.55 -50.07 -19.16
CA ASP C 240 41.35 -48.99 -19.71
C ASP C 240 42.31 -49.60 -20.73
N TYR C 241 42.11 -49.25 -22.00
CA TYR C 241 42.92 -49.80 -23.08
C TYR C 241 44.36 -49.33 -23.05
N ASP C 242 44.65 -48.25 -22.31
CA ASP C 242 46.01 -47.75 -22.20
C ASP C 242 46.87 -48.61 -21.29
N ASP C 243 46.26 -49.48 -20.50
CA ASP C 243 47.04 -50.31 -19.59
C ASP C 243 47.59 -51.54 -20.31
N SER C 244 48.67 -52.08 -19.73
CA SER C 244 49.45 -53.11 -20.40
C SER C 244 48.72 -54.45 -20.42
N LEU C 245 48.19 -54.86 -19.26
CA LEU C 245 47.50 -56.14 -19.15
C LEU C 245 46.27 -56.19 -20.02
N VAL C 246 45.63 -55.05 -20.24
CA VAL C 246 44.59 -54.96 -21.24
C VAL C 246 45.17 -55.14 -22.64
N SER C 247 46.28 -54.47 -22.91
CA SER C 247 46.89 -54.55 -24.24
C SER C 247 47.55 -55.90 -24.45
N LYS C 248 47.87 -56.61 -23.37
CA LYS C 248 48.24 -58.02 -23.49
C LYS C 248 47.06 -58.84 -23.98
N PHE C 249 45.86 -58.50 -23.53
CA PHE C 249 44.68 -59.24 -23.94
C PHE C 249 44.29 -58.89 -25.38
N ILE C 250 44.30 -57.60 -25.72
CA ILE C 250 43.79 -57.13 -27.02
C ILE C 250 44.67 -57.61 -28.16
N GLU C 251 45.98 -57.72 -27.94
CA GLU C 251 46.83 -58.39 -28.91
C GLU C 251 46.43 -59.84 -29.09
N ARG C 252 46.15 -60.54 -28.00
CA ARG C 252 45.70 -61.92 -28.11
C ARG C 252 44.28 -61.98 -28.66
N TRP C 253 43.44 -61.02 -28.28
CA TRP C 253 42.06 -60.98 -28.74
C TRP C 253 41.96 -60.74 -30.25
N SER C 254 42.81 -59.86 -30.77
CA SER C 254 42.78 -59.60 -32.20
C SER C 254 43.48 -60.71 -33.01
N THR C 255 44.24 -61.58 -32.34
CA THR C 255 44.78 -62.74 -33.04
C THR C 255 43.88 -63.95 -32.99
N LEU C 256 42.64 -63.81 -32.53
CA LEU C 256 41.72 -64.92 -32.55
C LEU C 256 40.91 -64.90 -33.84
N GLU C 257 40.42 -66.07 -34.24
CA GLU C 257 39.75 -66.23 -35.52
C GLU C 257 38.26 -66.39 -35.30
N GLU C 258 37.47 -65.83 -36.22
CA GLU C 258 36.05 -65.58 -35.98
C GLU C 258 35.22 -66.86 -35.94
N LYS C 259 35.68 -67.94 -36.56
CA LYS C 259 34.82 -69.11 -36.67
C LYS C 259 34.72 -69.87 -35.36
N GLU C 260 35.85 -70.31 -34.81
CA GLU C 260 35.81 -71.04 -33.54
C GLU C 260 35.48 -70.10 -32.39
N TYR C 261 35.95 -68.86 -32.47
CA TYR C 261 35.67 -67.86 -31.45
C TYR C 261 34.85 -66.75 -32.06
N PRO C 262 33.52 -66.82 -32.02
CA PRO C 262 32.71 -65.75 -32.61
C PRO C 262 32.74 -64.50 -31.73
N GLY C 263 32.60 -63.35 -32.39
CA GLY C 263 32.64 -62.06 -31.73
C GLY C 263 33.97 -61.77 -31.06
N ALA C 264 35.06 -62.29 -31.60
CA ALA C 264 36.34 -62.18 -30.92
C ALA C 264 37.37 -61.34 -31.66
N HIS C 265 37.25 -61.19 -32.97
CA HIS C 265 38.31 -60.56 -33.76
C HIS C 265 37.99 -59.08 -33.97
N THR C 266 38.09 -58.34 -32.86
CA THR C 266 38.08 -56.88 -32.90
C THR C 266 39.24 -56.38 -32.03
N ALA C 267 39.26 -55.08 -31.81
CA ALA C 267 40.16 -54.46 -30.86
C ALA C 267 39.46 -54.08 -29.57
N THR C 268 38.13 -54.20 -29.53
CA THR C 268 37.34 -53.81 -28.37
C THR C 268 36.64 -55.02 -27.80
N ILE C 269 36.16 -54.87 -26.57
CA ILE C 269 35.50 -55.92 -25.83
C ILE C 269 34.36 -55.30 -25.04
N LYS C 270 33.24 -56.00 -24.93
CA LYS C 270 32.17 -55.48 -24.10
C LYS C 270 32.52 -55.69 -22.63
N TYR C 271 32.04 -54.77 -21.79
CA TYR C 271 32.41 -54.79 -20.37
C TYR C 271 31.81 -55.99 -19.67
N THR C 272 30.68 -56.48 -20.16
CA THR C 272 30.16 -57.75 -19.69
C THR C 272 31.10 -58.88 -20.06
N SER C 273 31.59 -58.87 -21.29
CA SER C 273 32.54 -59.89 -21.72
C SER C 273 33.86 -59.77 -21.01
N ALA C 274 34.23 -58.55 -20.61
CA ALA C 274 35.48 -58.36 -19.91
C ALA C 274 35.45 -58.98 -18.51
N LEU C 275 34.32 -58.83 -17.82
CA LEU C 275 34.22 -59.40 -16.47
C LEU C 275 34.11 -60.90 -16.52
N THR C 276 33.71 -61.46 -17.66
CA THR C 276 33.72 -62.90 -17.83
C THR C 276 35.14 -63.44 -17.74
N TYR C 277 36.08 -62.76 -18.40
CA TYR C 277 37.49 -63.13 -18.29
C TYR C 277 37.99 -62.95 -16.88
N ASP C 278 37.52 -61.92 -16.20
CA ASP C 278 37.95 -61.70 -14.83
C ASP C 278 37.32 -62.70 -13.88
N ALA C 279 36.18 -63.25 -14.25
CA ALA C 279 35.49 -64.19 -13.36
C ALA C 279 36.23 -65.51 -13.28
N VAL C 280 36.85 -65.93 -14.38
CA VAL C 280 37.56 -67.20 -14.41
C VAL C 280 38.79 -67.14 -13.52
N GLN C 281 39.43 -65.97 -13.47
CA GLN C 281 40.54 -65.74 -12.56
C GLN C 281 40.11 -65.88 -11.10
N VAL C 282 38.88 -65.46 -10.80
CA VAL C 282 38.37 -65.59 -9.44
C VAL C 282 38.13 -67.05 -9.10
N MET C 283 37.54 -67.80 -10.03
CA MET C 283 37.25 -69.20 -9.78
C MET C 283 38.53 -70.03 -9.75
N THR C 284 39.55 -69.59 -10.49
CA THR C 284 40.84 -70.25 -10.40
C THR C 284 41.48 -70.00 -9.05
N GLU C 285 41.37 -68.76 -8.55
CA GLU C 285 42.10 -68.35 -7.35
C GLU C 285 41.51 -68.98 -6.09
N ALA C 286 40.21 -69.27 -6.09
CA ALA C 286 39.58 -69.80 -4.88
C ALA C 286 39.95 -71.26 -4.66
N PHE C 287 39.85 -72.08 -5.70
CA PHE C 287 40.23 -73.48 -5.55
C PHE C 287 41.74 -73.64 -5.49
N ARG C 288 42.49 -72.63 -5.94
CA ARG C 288 43.90 -72.58 -5.64
C ARG C 288 44.13 -72.39 -4.15
N ASN C 289 43.32 -71.54 -3.52
CA ASN C 289 43.57 -71.19 -2.13
C ASN C 289 42.82 -72.08 -1.16
N LEU C 290 41.73 -72.71 -1.60
CA LEU C 290 40.99 -73.59 -0.69
C LEU C 290 41.77 -74.87 -0.39
N ARG C 291 42.40 -75.45 -1.41
CA ARG C 291 43.23 -76.61 -1.18
C ARG C 291 44.52 -76.24 -0.46
N LYS C 292 44.99 -75.00 -0.65
CA LYS C 292 46.26 -74.56 -0.07
C LYS C 292 46.22 -74.49 1.45
N GLN C 293 45.08 -74.17 2.05
CA GLN C 293 44.96 -74.21 3.50
C GLN C 293 44.69 -75.61 4.04
N ARG C 294 44.85 -76.65 3.22
CA ARG C 294 44.76 -78.07 3.58
C ARG C 294 43.40 -78.49 4.12
N ILE C 295 42.38 -77.65 3.97
CA ILE C 295 41.01 -78.08 4.12
C ILE C 295 40.49 -78.53 2.77
N GLU C 296 40.78 -79.78 2.40
CA GLU C 296 40.28 -80.33 1.15
C GLU C 296 38.87 -80.89 1.39
N ILE C 297 37.93 -79.96 1.49
CA ILE C 297 36.53 -80.32 1.35
C ILE C 297 36.33 -80.80 -0.08
N SER C 298 35.37 -81.70 -0.27
CA SER C 298 35.40 -82.51 -1.48
C SER C 298 34.00 -82.84 -1.95
N ARG C 299 33.93 -83.90 -2.77
CA ARG C 299 32.67 -84.36 -3.33
C ARG C 299 31.68 -84.74 -2.25
N ARG C 300 30.60 -83.97 -2.16
CA ARG C 300 29.48 -84.26 -1.28
C ARG C 300 28.51 -85.27 -1.89
N GLY C 301 28.88 -85.90 -2.99
CA GLY C 301 28.04 -86.90 -3.62
C GLY C 301 26.96 -86.23 -4.45
N ASN C 302 26.05 -87.06 -4.94
CA ASN C 302 24.83 -86.56 -5.54
C ASN C 302 23.83 -86.31 -4.43
N ALA C 303 23.69 -85.04 -4.04
CA ALA C 303 22.81 -84.69 -2.93
C ALA C 303 21.35 -84.93 -3.29
N GLY C 304 21.01 -84.85 -4.57
CA GLY C 304 19.69 -85.24 -4.99
C GLY C 304 18.93 -84.12 -5.66
N ASP C 305 17.66 -83.97 -5.30
CA ASP C 305 16.82 -82.97 -5.90
C ASP C 305 17.00 -81.63 -5.20
N CYS C 306 16.80 -80.55 -5.95
CA CYS C 306 16.74 -79.22 -5.36
C CYS C 306 15.42 -79.02 -4.63
N LEU C 307 14.43 -79.83 -4.96
CA LEU C 307 13.12 -79.77 -4.32
C LEU C 307 13.06 -80.71 -3.13
N ALA C 308 14.23 -81.02 -2.56
CA ALA C 308 14.31 -81.90 -1.40
C ALA C 308 13.68 -81.24 -0.19
N ASN C 309 12.75 -81.95 0.45
CA ASN C 309 11.98 -81.41 1.55
C ASN C 309 12.28 -82.24 2.79
N PRO C 310 12.90 -81.68 3.84
CA PRO C 310 13.41 -80.31 3.99
C PRO C 310 14.68 -80.05 3.20
N ALA C 311 14.98 -78.78 2.95
CA ALA C 311 16.17 -78.41 2.22
C ALA C 311 17.41 -78.70 3.05
N VAL C 312 18.23 -79.63 2.57
CA VAL C 312 19.42 -80.08 3.27
C VAL C 312 20.64 -79.37 2.70
N PRO C 313 21.37 -78.60 3.49
CA PRO C 313 22.59 -78.00 2.99
C PRO C 313 23.79 -78.90 3.19
N TRP C 314 24.65 -79.00 2.17
CA TRP C 314 25.91 -79.69 2.35
C TRP C 314 26.92 -78.75 2.99
N GLY C 315 27.32 -79.07 4.22
CA GLY C 315 28.08 -78.16 5.04
C GLY C 315 29.52 -77.98 4.67
N GLN C 316 29.77 -77.58 3.42
CA GLN C 316 31.09 -77.23 2.94
C GLN C 316 31.09 -75.97 2.08
N GLY C 317 29.92 -75.54 1.59
CA GLY C 317 29.88 -74.43 0.67
C GLY C 317 30.13 -73.10 1.34
N VAL C 318 29.99 -73.05 2.67
CA VAL C 318 30.28 -71.83 3.41
C VAL C 318 31.76 -71.50 3.30
N GLU C 319 32.61 -72.53 3.28
CA GLU C 319 34.03 -72.33 3.10
C GLU C 319 34.36 -71.89 1.68
N ILE C 320 33.54 -72.29 0.71
CA ILE C 320 33.82 -71.94 -0.68
C ILE C 320 33.61 -70.44 -0.91
N GLU C 321 32.48 -69.90 -0.42
CA GLU C 321 32.26 -68.48 -0.56
C GLU C 321 33.20 -67.68 0.32
N ARG C 322 33.71 -68.29 1.40
CA ARG C 322 34.70 -67.63 2.24
C ARG C 322 35.98 -67.41 1.46
N ALA C 323 36.38 -68.39 0.65
CA ALA C 323 37.54 -68.23 -0.20
C ALA C 323 37.26 -67.24 -1.31
N LEU C 324 36.04 -67.27 -1.87
CA LEU C 324 35.68 -66.38 -2.96
C LEU C 324 35.64 -64.93 -2.55
N LYS C 325 35.16 -64.65 -1.34
CA LYS C 325 35.15 -63.28 -0.85
C LYS C 325 36.53 -62.79 -0.46
N GLN C 326 37.48 -63.71 -0.23
CA GLN C 326 38.84 -63.36 0.08
C GLN C 326 39.73 -63.24 -1.14
N VAL C 327 39.17 -63.27 -2.35
CA VAL C 327 40.00 -63.20 -3.54
C VAL C 327 40.47 -61.76 -3.74
N GLN C 328 41.79 -61.59 -3.81
CA GLN C 328 42.40 -60.30 -4.10
C GLN C 328 43.29 -60.52 -5.32
N VAL C 329 42.79 -60.15 -6.50
CA VAL C 329 43.53 -60.29 -7.75
C VAL C 329 43.43 -58.99 -8.53
N GLU C 330 44.02 -59.00 -9.72
CA GLU C 330 43.89 -57.91 -10.67
C GLU C 330 43.37 -58.47 -11.98
N GLY C 331 42.52 -57.70 -12.65
CA GLY C 331 41.93 -58.17 -13.88
C GLY C 331 41.89 -57.10 -14.95
N LEU C 332 41.11 -57.33 -16.00
CA LEU C 332 40.96 -56.34 -17.05
C LEU C 332 40.26 -55.09 -16.52
N SER C 333 39.28 -55.27 -15.64
CA SER C 333 38.67 -54.15 -14.96
C SER C 333 39.60 -53.58 -13.89
N GLY C 334 40.46 -54.42 -13.32
CA GLY C 334 41.43 -53.96 -12.36
C GLY C 334 41.33 -54.62 -11.01
N ASN C 335 41.38 -53.80 -9.96
CA ASN C 335 41.40 -54.28 -8.59
C ASN C 335 40.08 -54.93 -8.22
N ILE C 336 40.14 -56.17 -7.76
CA ILE C 336 38.97 -56.94 -7.40
C ILE C 336 39.06 -57.30 -5.92
N LYS C 337 38.15 -56.77 -5.12
CA LYS C 337 38.09 -57.04 -3.70
C LYS C 337 36.62 -57.09 -3.29
N PHE C 338 36.31 -58.00 -2.39
CA PHE C 338 34.93 -58.33 -2.05
C PHE C 338 34.68 -58.11 -0.56
N ASP C 339 33.48 -57.64 -0.23
CA ASP C 339 33.05 -57.51 1.15
C ASP C 339 32.38 -58.82 1.58
N GLN C 340 31.89 -58.87 2.82
CA GLN C 340 31.12 -60.02 3.25
C GLN C 340 29.78 -60.11 2.54
N ASN C 341 29.26 -58.97 2.08
CA ASN C 341 28.03 -58.97 1.32
C ASN C 341 28.22 -59.61 -0.05
N GLY C 342 29.38 -59.43 -0.67
CA GLY C 342 29.65 -59.93 -1.99
C GLY C 342 29.77 -58.85 -3.03
N LYS C 343 29.47 -57.61 -2.69
CA LYS C 343 29.60 -56.52 -3.64
C LYS C 343 31.07 -56.13 -3.78
N ARG C 344 31.47 -55.89 -5.03
CA ARG C 344 32.85 -55.60 -5.34
C ARG C 344 33.25 -54.22 -4.81
N ILE C 345 34.33 -54.17 -4.04
CA ILE C 345 34.79 -52.95 -3.39
C ILE C 345 36.20 -52.64 -3.86
N ASN C 346 36.62 -51.41 -3.56
CA ASN C 346 37.98 -50.90 -3.80
C ASN C 346 38.35 -50.98 -5.28
N TYR C 347 37.62 -50.22 -6.08
CA TYR C 347 37.79 -50.23 -7.52
C TYR C 347 37.84 -48.81 -8.04
N THR C 348 37.87 -48.67 -9.36
CA THR C 348 38.01 -47.37 -10.00
C THR C 348 37.22 -47.36 -11.28
N ILE C 349 36.44 -46.32 -11.50
CA ILE C 349 35.70 -46.11 -12.75
C ILE C 349 36.27 -44.89 -13.43
N ASN C 350 36.67 -45.06 -14.68
CA ASN C 350 37.34 -44.00 -15.42
C ASN C 350 36.30 -43.22 -16.22
N ILE C 351 36.02 -41.99 -15.79
CA ILE C 351 35.06 -41.14 -16.49
C ILE C 351 35.65 -40.72 -17.83
N MET C 352 34.92 -40.95 -18.90
CA MET C 352 35.38 -40.55 -20.20
C MET C 352 34.45 -39.51 -20.81
N GLU C 353 34.91 -38.93 -21.93
CA GLU C 353 34.20 -37.86 -22.60
C GLU C 353 34.59 -37.87 -24.07
N LEU C 354 33.60 -37.73 -24.94
CA LEU C 354 33.82 -37.80 -26.37
C LEU C 354 34.26 -36.44 -26.89
N LYS C 355 35.36 -36.42 -27.63
CA LYS C 355 35.93 -35.24 -28.24
C LYS C 355 36.03 -35.43 -29.76
N THR C 356 36.50 -34.38 -30.43
CA THR C 356 36.58 -34.39 -31.89
C THR C 356 37.61 -35.40 -32.39
N ASN C 357 38.68 -35.63 -31.63
CA ASN C 357 39.56 -36.74 -31.96
C ASN C 357 38.95 -38.07 -31.56
N GLY C 358 38.15 -38.09 -30.50
CA GLY C 358 37.53 -39.30 -30.04
C GLY C 358 37.37 -39.31 -28.53
N PRO C 359 37.07 -40.47 -27.96
CA PRO C 359 36.91 -40.55 -26.51
C PRO C 359 38.24 -40.46 -25.79
N ARG C 360 38.21 -39.80 -24.63
CA ARG C 360 39.40 -39.65 -23.82
C ARG C 360 38.99 -39.62 -22.35
N LYS C 361 39.94 -39.98 -21.48
CA LYS C 361 39.72 -39.97 -20.04
C LYS C 361 39.82 -38.55 -19.53
N ILE C 362 38.95 -38.18 -18.59
CA ILE C 362 38.97 -36.86 -17.99
C ILE C 362 39.06 -36.96 -16.48
N GLY C 363 39.37 -38.14 -15.98
CA GLY C 363 39.45 -38.35 -14.54
C GLY C 363 38.88 -39.70 -14.18
N TYR C 364 38.91 -39.98 -12.87
CA TYR C 364 38.53 -41.29 -12.37
C TYR C 364 37.62 -41.15 -11.17
N TRP C 365 36.75 -42.14 -10.98
CA TRP C 365 35.86 -42.21 -9.83
C TRP C 365 36.37 -43.27 -8.88
N SER C 366 36.14 -43.07 -7.59
CA SER C 366 36.44 -44.08 -6.59
C SER C 366 35.41 -43.98 -5.47
N GLU C 367 35.54 -44.87 -4.50
CA GLU C 367 34.64 -44.83 -3.36
C GLU C 367 35.14 -43.86 -2.29
N VAL C 368 36.38 -44.03 -1.84
CA VAL C 368 36.90 -43.16 -0.81
C VAL C 368 37.42 -41.85 -1.40
N ASP C 369 37.68 -41.85 -2.70
CA ASP C 369 38.40 -40.77 -3.36
C ASP C 369 37.56 -40.03 -4.39
N LYS C 370 36.35 -39.62 -4.01
CA LYS C 370 35.06 -39.62 -4.74
C LYS C 370 35.28 -39.36 -6.23
N MET C 371 35.79 -38.21 -6.62
CA MET C 371 35.93 -37.91 -8.04
C MET C 371 37.10 -36.96 -8.26
N VAL C 372 38.18 -37.51 -8.81
CA VAL C 372 39.44 -36.81 -8.98
C VAL C 372 39.78 -36.81 -10.46
N LEU C 373 40.16 -35.65 -10.97
CA LEU C 373 40.47 -35.50 -12.38
C LEU C 373 41.93 -35.86 -12.60
N THR C 374 42.23 -36.36 -13.80
CA THR C 374 43.59 -36.37 -14.30
C THR C 374 43.87 -34.97 -14.82
N GLU C 375 45.16 -34.65 -15.04
CA GLU C 375 45.53 -33.28 -15.37
C GLU C 375 44.96 -32.84 -16.72
N ASP C 376 45.61 -33.25 -17.82
CA ASP C 376 45.12 -33.52 -19.18
C ASP C 376 46.39 -33.77 -19.98
N ASP C 377 46.25 -34.08 -21.27
CA ASP C 377 47.32 -33.86 -22.23
C ASP C 377 47.08 -32.54 -22.96
N THR C 378 48.16 -31.81 -23.22
CA THR C 378 48.04 -30.41 -23.67
C THR C 378 47.49 -30.32 -25.09
N SER C 379 48.09 -31.01 -26.05
CA SER C 379 47.61 -30.96 -27.41
C SER C 379 46.60 -32.04 -27.74
N GLY C 380 46.21 -32.86 -26.76
CA GLY C 380 45.06 -33.73 -26.95
C GLY C 380 43.76 -32.95 -27.07
N LEU C 381 43.71 -31.78 -26.45
CA LEU C 381 42.66 -30.77 -26.65
C LEU C 381 43.37 -29.43 -26.40
N GLU C 382 43.79 -28.79 -27.49
CA GLU C 382 44.49 -27.50 -27.38
C GLU C 382 43.57 -26.44 -26.81
N GLN C 383 42.53 -26.07 -27.56
CA GLN C 383 41.41 -25.29 -27.06
C GLN C 383 40.21 -25.51 -27.98
N LYS C 384 39.01 -25.49 -27.43
CA LYS C 384 37.79 -25.48 -28.22
C LYS C 384 37.40 -24.03 -28.46
N THR C 385 37.04 -23.71 -29.71
CA THR C 385 36.59 -22.36 -30.05
C THR C 385 35.32 -21.96 -29.29
N VAL C 386 35.42 -20.91 -28.49
CA VAL C 386 34.28 -20.44 -27.72
C VAL C 386 33.32 -19.72 -28.66
N VAL C 387 32.04 -19.73 -28.32
CA VAL C 387 31.02 -19.14 -29.17
C VAL C 387 30.43 -17.95 -28.45
N VAL C 388 30.65 -16.76 -29.02
CA VAL C 388 30.17 -15.52 -28.45
C VAL C 388 29.05 -15.00 -29.34
N THR C 389 27.89 -14.80 -28.76
CA THR C 389 26.79 -14.13 -29.43
C THR C 389 26.80 -12.65 -29.05
N THR C 390 26.26 -11.83 -29.94
CA THR C 390 26.16 -10.39 -29.72
C THR C 390 24.80 -9.92 -30.21
N ILE C 391 24.56 -8.62 -30.06
CA ILE C 391 23.37 -7.98 -30.58
C ILE C 391 23.81 -6.72 -31.35
N LEU C 392 23.16 -6.46 -32.47
CA LEU C 392 23.54 -5.35 -33.35
C LEU C 392 23.06 -4.04 -32.72
N GLU C 393 23.96 -3.43 -31.96
CA GLU C 393 23.64 -2.18 -31.27
C GLU C 393 24.83 -1.23 -31.37
N SER C 394 24.56 -0.03 -31.87
CA SER C 394 25.57 1.02 -31.86
C SER C 394 25.77 1.51 -30.43
N PRO C 395 27.01 1.81 -30.04
CA PRO C 395 28.27 1.65 -30.79
C PRO C 395 28.95 0.34 -30.46
N TYR C 396 28.21 -0.57 -29.83
CA TYR C 396 28.82 -1.77 -29.29
C TYR C 396 29.17 -2.78 -30.38
N VAL C 397 28.22 -3.02 -31.28
CA VAL C 397 28.44 -3.91 -32.43
C VAL C 397 27.89 -3.23 -33.66
N MET C 398 28.74 -3.05 -34.67
CA MET C 398 28.37 -2.39 -35.91
C MET C 398 28.78 -3.25 -37.10
N MET C 399 28.32 -2.84 -38.27
CA MET C 399 28.59 -3.53 -39.53
C MET C 399 29.97 -3.17 -40.07
N LYS C 400 30.19 -3.55 -41.32
CA LYS C 400 31.44 -3.30 -42.03
C LYS C 400 31.11 -2.78 -43.43
N LYS C 401 32.01 -1.95 -43.96
CA LYS C 401 31.95 -1.54 -45.36
C LYS C 401 31.99 -2.76 -46.28
N ASN C 402 32.91 -3.69 -46.01
CA ASN C 402 32.83 -5.04 -46.58
C ASN C 402 31.79 -5.82 -45.78
N HIS C 403 30.53 -5.54 -46.10
CA HIS C 403 29.42 -6.17 -45.38
C HIS C 403 29.33 -7.66 -45.68
N GLU C 404 29.74 -8.07 -46.87
CA GLU C 404 29.72 -9.47 -47.25
C GLU C 404 31.07 -9.97 -47.71
N MET C 405 31.99 -9.09 -48.07
CA MET C 405 33.32 -9.51 -48.53
C MET C 405 34.18 -10.04 -47.38
N LEU C 406 34.33 -9.26 -46.32
CA LEU C 406 35.21 -9.66 -45.23
C LEU C 406 34.54 -10.75 -44.40
N GLU C 407 35.36 -11.66 -43.89
CA GLU C 407 34.91 -12.95 -43.39
C GLU C 407 35.17 -13.05 -41.89
N GLY C 408 34.29 -13.79 -41.20
CA GLY C 408 34.54 -14.20 -39.85
C GLY C 408 34.30 -13.09 -38.84
N ASN C 409 35.20 -13.04 -37.85
CA ASN C 409 35.05 -12.13 -36.72
C ASN C 409 35.26 -10.68 -37.10
N GLU C 410 35.94 -10.42 -38.22
CA GLU C 410 36.15 -9.05 -38.66
C GLU C 410 34.98 -8.50 -39.46
N ARG C 411 33.93 -9.29 -39.67
CA ARG C 411 32.73 -8.79 -40.35
C ARG C 411 32.00 -7.76 -39.50
N TYR C 412 32.17 -7.82 -38.18
CA TYR C 412 31.57 -6.84 -37.28
C TYR C 412 32.67 -6.06 -36.57
N GLU C 413 32.29 -4.90 -36.07
CA GLU C 413 33.24 -4.01 -35.42
C GLU C 413 32.48 -3.17 -34.41
N GLY C 414 33.17 -2.71 -33.38
CA GLY C 414 32.52 -1.84 -32.41
C GLY C 414 33.28 -1.86 -31.10
N TYR C 415 32.60 -1.31 -30.09
CA TYR C 415 33.15 -1.30 -28.74
C TYR C 415 33.34 -2.71 -28.20
N CYS C 416 32.30 -3.53 -28.30
CA CYS C 416 32.38 -4.88 -27.78
C CYS C 416 33.25 -5.77 -28.64
N VAL C 417 33.28 -5.52 -29.95
CA VAL C 417 34.11 -6.32 -30.85
C VAL C 417 35.58 -6.08 -30.57
N ASP C 418 35.95 -4.83 -30.36
CA ASP C 418 37.32 -4.51 -29.95
C ASP C 418 37.58 -4.97 -28.53
N LEU C 419 36.55 -5.05 -27.70
CA LEU C 419 36.70 -5.62 -26.38
C LEU C 419 36.90 -7.12 -26.45
N ALA C 420 36.24 -7.77 -27.41
CA ALA C 420 36.31 -9.23 -27.53
C ALA C 420 37.72 -9.69 -27.92
N ALA C 421 38.45 -8.87 -28.68
CA ALA C 421 39.86 -9.17 -28.92
C ALA C 421 40.67 -8.98 -27.64
N GLU C 422 40.33 -7.96 -26.84
CA GLU C 422 41.09 -7.67 -25.63
C GLU C 422 40.91 -8.76 -24.58
N ILE C 423 39.70 -9.31 -24.49
CA ILE C 423 39.47 -10.42 -23.56
C ILE C 423 40.19 -11.67 -24.05
N ALA C 424 40.33 -11.82 -25.37
CA ALA C 424 40.98 -13.00 -25.94
C ALA C 424 42.48 -13.01 -25.66
N LYS C 425 43.12 -11.84 -25.74
CA LYS C 425 44.57 -11.78 -25.60
C LYS C 425 45.01 -12.01 -24.16
N HIS C 426 44.32 -11.40 -23.20
CA HIS C 426 44.78 -11.45 -21.81
C HIS C 426 44.46 -12.77 -21.15
N CYS C 427 43.41 -13.45 -21.59
CA CYS C 427 43.15 -14.79 -21.10
C CYS C 427 43.89 -15.85 -21.91
N GLY C 428 43.88 -15.71 -23.24
CA GLY C 428 44.66 -16.60 -24.06
C GLY C 428 43.88 -17.60 -24.88
N PHE C 429 42.73 -17.19 -25.40
CA PHE C 429 41.84 -18.09 -26.12
C PHE C 429 41.47 -17.51 -27.47
N LYS C 430 41.05 -18.39 -28.38
CA LYS C 430 40.48 -17.97 -29.65
C LYS C 430 38.97 -17.89 -29.54
N TYR C 431 38.40 -16.80 -30.06
CA TYR C 431 36.97 -16.57 -29.98
C TYR C 431 36.34 -16.71 -31.37
N LYS C 432 35.02 -16.77 -31.40
CA LYS C 432 34.25 -16.77 -32.63
C LYS C 432 32.97 -15.99 -32.39
N LEU C 433 32.72 -14.97 -33.21
CA LEU C 433 31.56 -14.12 -32.98
C LEU C 433 30.34 -14.63 -33.74
N THR C 434 29.21 -14.63 -33.05
CA THR C 434 27.93 -15.01 -33.64
C THR C 434 26.90 -13.95 -33.29
N ILE C 435 25.71 -14.10 -33.87
CA ILE C 435 24.59 -13.20 -33.65
C ILE C 435 23.45 -14.01 -33.07
N VAL C 436 22.76 -13.43 -32.09
CA VAL C 436 21.53 -14.05 -31.57
C VAL C 436 20.49 -14.12 -32.67
N GLY C 437 19.74 -15.22 -32.69
CA GLY C 437 18.82 -15.46 -33.80
C GLY C 437 17.59 -14.56 -33.74
N ASP C 438 17.15 -14.21 -32.53
CA ASP C 438 15.95 -13.39 -32.41
C ASP C 438 16.28 -11.90 -32.56
N GLY C 439 17.29 -11.44 -31.86
CA GLY C 439 17.60 -10.02 -31.80
C GLY C 439 17.09 -9.32 -30.57
N LYS C 440 16.79 -10.06 -29.50
CA LYS C 440 16.29 -9.50 -28.26
C LYS C 440 17.25 -9.85 -27.13
N TYR C 441 17.28 -9.00 -26.11
CA TYR C 441 18.29 -9.15 -25.06
C TYR C 441 18.00 -10.36 -24.17
N GLY C 442 16.89 -10.32 -23.44
CA GLY C 442 16.52 -11.47 -22.65
C GLY C 442 15.35 -11.19 -21.73
N ALA C 443 14.42 -12.15 -21.65
CA ALA C 443 13.22 -11.94 -20.85
C ALA C 443 12.74 -13.30 -20.37
N ARG C 444 12.80 -13.50 -19.06
CA ARG C 444 12.09 -14.60 -18.43
C ARG C 444 10.59 -14.45 -18.69
N ASP C 445 9.96 -15.52 -19.14
CA ASP C 445 8.52 -15.54 -19.33
C ASP C 445 7.87 -16.27 -18.16
N ALA C 446 6.76 -15.73 -17.66
CA ALA C 446 6.01 -16.41 -16.60
C ALA C 446 5.29 -17.64 -17.15
N ASP C 447 5.05 -17.65 -18.46
CA ASP C 447 4.42 -18.80 -19.09
C ASP C 447 5.37 -19.98 -19.16
N THR C 448 6.63 -19.73 -19.50
CA THR C 448 7.54 -20.81 -19.84
C THR C 448 8.78 -20.95 -18.95
N LYS C 449 9.15 -19.90 -18.20
CA LYS C 449 10.46 -19.78 -17.54
C LYS C 449 11.59 -20.01 -18.56
N ILE C 450 11.47 -19.32 -19.69
CA ILE C 450 12.45 -19.38 -20.77
C ILE C 450 12.84 -17.95 -21.14
N TRP C 451 14.14 -17.74 -21.27
CA TRP C 451 14.71 -16.43 -21.59
C TRP C 451 14.84 -16.33 -23.10
N ASN C 452 13.82 -15.75 -23.73
CA ASN C 452 13.82 -15.58 -25.18
C ASN C 452 14.83 -14.50 -25.53
N GLY C 453 15.89 -14.87 -26.21
CA GLY C 453 16.82 -13.90 -26.73
C GLY C 453 18.24 -14.33 -26.44
N MET C 454 19.09 -13.33 -26.17
CA MET C 454 20.51 -13.57 -25.99
C MET C 454 20.80 -14.30 -24.68
N VAL C 455 20.00 -14.04 -23.64
CA VAL C 455 20.27 -14.61 -22.33
C VAL C 455 20.05 -16.11 -22.34
N GLY C 456 18.96 -16.57 -22.97
CA GLY C 456 18.74 -18.00 -23.10
C GLY C 456 19.74 -18.67 -24.03
N GLU C 457 20.31 -17.91 -24.97
CA GLU C 457 21.44 -18.42 -25.72
C GLU C 457 22.67 -18.58 -24.83
N LEU C 458 22.74 -17.82 -23.74
CA LEU C 458 23.83 -17.95 -22.80
C LEU C 458 23.47 -18.92 -21.67
N VAL C 459 22.18 -19.07 -21.35
CA VAL C 459 21.77 -20.01 -20.32
C VAL C 459 21.82 -21.44 -20.85
N TYR C 460 21.14 -21.68 -21.97
CA TYR C 460 20.88 -23.03 -22.45
C TYR C 460 22.09 -23.66 -23.15
N GLY C 461 23.21 -22.96 -23.23
CA GLY C 461 24.46 -23.54 -23.67
C GLY C 461 24.82 -23.38 -25.12
N LYS C 462 24.00 -22.69 -25.92
CA LYS C 462 24.33 -22.54 -27.33
C LYS C 462 25.43 -21.52 -27.55
N ALA C 463 25.72 -20.69 -26.55
CA ALA C 463 26.85 -19.79 -26.57
C ALA C 463 27.74 -20.11 -25.39
N ASP C 464 28.84 -19.38 -25.27
CA ASP C 464 29.74 -19.54 -24.13
C ASP C 464 29.94 -18.24 -23.36
N ILE C 465 30.27 -17.15 -24.05
CA ILE C 465 30.59 -15.89 -23.40
C ILE C 465 29.72 -14.80 -24.01
N ALA C 466 29.12 -13.98 -23.16
CA ALA C 466 28.25 -12.89 -23.57
C ALA C 466 29.05 -11.59 -23.61
N ILE C 467 29.19 -11.03 -24.80
CA ILE C 467 29.90 -9.77 -25.00
C ILE C 467 28.89 -8.80 -25.63
N ALA C 468 28.28 -7.97 -24.80
CA ALA C 468 27.18 -7.11 -25.22
C ALA C 468 26.97 -6.05 -24.15
N PRO C 469 26.17 -5.01 -24.44
CA PRO C 469 25.63 -4.19 -23.34
C PRO C 469 24.59 -4.94 -22.52
N LEU C 470 25.07 -5.80 -21.63
CA LEU C 470 24.23 -6.76 -20.93
C LEU C 470 24.09 -6.34 -19.48
N THR C 471 22.87 -5.99 -19.08
CA THR C 471 22.65 -5.35 -17.79
C THR C 471 22.69 -6.35 -16.65
N ILE C 472 23.50 -6.04 -15.64
CA ILE C 472 23.53 -6.82 -14.42
C ILE C 472 22.30 -6.45 -13.59
N THR C 473 21.37 -7.39 -13.46
CA THR C 473 20.20 -7.23 -12.62
C THR C 473 20.01 -8.47 -11.77
N LEU C 474 19.15 -8.34 -10.75
CA LEU C 474 19.02 -9.41 -9.76
C LEU C 474 18.32 -10.64 -10.31
N VAL C 475 17.46 -10.47 -11.31
CA VAL C 475 16.82 -11.61 -11.95
C VAL C 475 17.84 -12.37 -12.79
N ARG C 476 18.69 -11.64 -13.52
CA ARG C 476 19.78 -12.26 -14.24
C ARG C 476 20.92 -12.70 -13.33
N GLU C 477 20.96 -12.19 -12.10
CA GLU C 477 22.03 -12.56 -11.18
C GLU C 477 21.94 -14.02 -10.74
N GLU C 478 20.72 -14.55 -10.61
CA GLU C 478 20.57 -15.88 -10.04
C GLU C 478 20.62 -16.99 -11.09
N VAL C 479 20.58 -16.65 -12.37
CA VAL C 479 20.48 -17.69 -13.39
C VAL C 479 21.78 -17.87 -14.14
N ILE C 480 22.62 -16.83 -14.16
CA ILE C 480 23.95 -16.88 -14.73
C ILE C 480 24.92 -16.12 -13.83
N ASP C 481 26.17 -16.05 -14.25
CA ASP C 481 27.21 -15.36 -13.51
C ASP C 481 27.67 -14.16 -14.31
N PHE C 482 28.06 -13.10 -13.61
CA PHE C 482 28.50 -11.86 -14.24
C PHE C 482 29.90 -11.49 -13.81
N SER C 483 30.53 -10.64 -14.60
CA SER C 483 31.79 -10.02 -14.22
C SER C 483 31.51 -8.83 -13.31
N LYS C 484 32.57 -8.12 -12.92
CA LYS C 484 32.39 -6.84 -12.26
C LYS C 484 31.87 -5.82 -13.27
N PRO C 485 31.09 -4.84 -12.81
CA PRO C 485 30.57 -3.83 -13.75
C PRO C 485 31.67 -2.92 -14.28
N PHE C 486 31.87 -3.00 -15.59
CA PHE C 486 32.90 -2.23 -16.27
C PHE C 486 32.38 -0.90 -16.77
N MET C 487 31.08 -0.66 -16.67
CA MET C 487 30.49 0.56 -17.22
C MET C 487 29.23 0.88 -16.44
N SER C 488 29.22 2.05 -15.84
CA SER C 488 28.09 2.53 -15.07
C SER C 488 27.12 3.24 -16.00
N LEU C 489 25.85 3.22 -15.65
CA LEU C 489 24.81 3.65 -16.57
C LEU C 489 23.55 4.01 -15.79
N GLY C 490 22.47 4.22 -16.52
CA GLY C 490 21.19 4.52 -15.89
C GLY C 490 20.10 4.61 -16.93
N ILE C 491 18.87 4.45 -16.45
CA ILE C 491 17.71 4.76 -17.27
C ILE C 491 17.70 6.25 -17.56
N SER C 492 17.57 6.60 -18.84
CA SER C 492 17.52 7.99 -19.23
C SER C 492 16.39 8.19 -20.21
N ILE C 493 15.92 9.42 -20.33
CA ILE C 493 14.81 9.76 -21.20
C ILE C 493 15.36 10.30 -22.51
N MET C 494 14.79 9.89 -23.62
CA MET C 494 15.11 10.48 -24.91
C MET C 494 13.86 11.07 -25.53
N ILE C 495 13.95 12.31 -25.99
CA ILE C 495 12.87 12.97 -26.71
C ILE C 495 13.42 13.54 -28.01
N LYS C 496 12.51 13.93 -28.87
CA LYS C 496 12.86 14.76 -30.02
C LYS C 496 13.30 16.12 -29.52
N LYS C 497 14.45 16.59 -29.96
CA LYS C 497 14.95 17.87 -29.49
C LYS C 497 14.13 18.98 -30.11
N PRO C 498 13.42 19.78 -29.33
CA PRO C 498 12.46 20.74 -29.92
C PRO C 498 13.12 21.97 -30.50
N GLN C 499 13.61 21.89 -31.73
CA GLN C 499 14.06 23.09 -32.41
C GLN C 499 12.85 23.96 -32.72
N LYS C 500 13.04 25.28 -32.68
CA LYS C 500 11.88 26.17 -32.81
C LYS C 500 11.43 26.23 -34.26
N SER C 501 10.11 26.23 -34.44
CA SER C 501 9.56 26.45 -35.76
C SER C 501 9.69 27.93 -36.12
N LYS C 502 10.29 28.21 -37.26
CA LYS C 502 10.43 29.58 -37.70
C LYS C 502 9.07 30.14 -38.11
N PRO C 503 8.70 31.32 -37.64
CA PRO C 503 7.43 31.92 -38.05
C PRO C 503 7.48 32.42 -39.47
N GLY C 504 6.30 32.75 -39.99
CA GLY C 504 6.23 33.44 -41.26
C GLY C 504 6.68 34.88 -41.12
N VAL C 505 6.94 35.51 -42.27
CA VAL C 505 7.31 36.92 -42.24
C VAL C 505 6.10 37.79 -41.91
N PHE C 506 4.90 37.27 -42.16
CA PHE C 506 3.66 37.96 -41.80
C PHE C 506 3.09 37.43 -40.49
N SER C 507 3.95 37.07 -39.55
CA SER C 507 3.51 36.54 -38.27
C SER C 507 3.44 37.59 -37.17
N PHE C 508 3.88 38.83 -37.44
CA PHE C 508 3.76 39.89 -36.46
C PHE C 508 2.32 40.26 -36.18
N LEU C 509 1.45 40.12 -37.17
CA LEU C 509 0.04 40.47 -37.06
C LEU C 509 -0.81 39.34 -36.50
N ASP C 510 -0.17 38.26 -36.06
CA ASP C 510 -0.90 37.15 -35.43
C ASP C 510 -1.70 37.46 -34.15
N PRO C 511 -1.40 38.48 -33.32
CA PRO C 511 -2.35 38.79 -32.23
C PRO C 511 -3.73 39.18 -32.68
N LEU C 512 -3.86 39.91 -33.76
CA LEU C 512 -5.19 40.09 -34.30
C LEU C 512 -5.48 38.98 -35.30
N ALA C 513 -6.75 38.83 -35.65
CA ALA C 513 -7.12 37.97 -36.76
C ALA C 513 -7.03 38.76 -38.05
N TYR C 514 -6.78 38.06 -39.15
CA TYR C 514 -6.70 38.75 -40.44
C TYR C 514 -8.06 39.19 -40.94
N GLU C 515 -9.14 38.72 -40.31
CA GLU C 515 -10.45 39.30 -40.56
C GLU C 515 -10.58 40.67 -39.91
N ILE C 516 -9.85 40.92 -38.82
CA ILE C 516 -9.87 42.24 -38.20
C ILE C 516 -9.16 43.24 -39.09
N TRP C 517 -7.95 42.89 -39.54
CA TRP C 517 -7.11 43.79 -40.33
C TRP C 517 -7.78 44.26 -41.61
N MET C 518 -8.53 43.40 -42.28
CA MET C 518 -9.29 43.81 -43.45
C MET C 518 -10.41 44.78 -43.07
N CYS C 519 -11.01 44.58 -41.89
CA CYS C 519 -12.02 45.52 -41.44
C CYS C 519 -11.41 46.83 -40.95
N ILE C 520 -10.13 46.83 -40.57
CA ILE C 520 -9.46 48.07 -40.22
C ILE C 520 -9.28 48.94 -41.46
N VAL C 521 -8.87 48.32 -42.57
CA VAL C 521 -8.60 49.05 -43.79
C VAL C 521 -9.89 49.60 -44.39
N PHE C 522 -10.97 48.80 -44.35
CA PHE C 522 -12.27 49.28 -44.81
C PHE C 522 -12.77 50.42 -43.94
N ALA C 523 -12.42 50.41 -42.65
CA ALA C 523 -12.78 51.53 -41.79
C ALA C 523 -11.92 52.75 -42.07
N TYR C 524 -10.64 52.55 -42.36
CA TYR C 524 -9.75 53.66 -42.67
C TYR C 524 -10.17 54.36 -43.96
N ILE C 525 -10.71 53.61 -44.91
CA ILE C 525 -11.19 54.20 -46.15
C ILE C 525 -12.45 55.03 -45.89
N GLY C 526 -13.41 54.46 -45.16
CA GLY C 526 -14.69 55.12 -45.01
C GLY C 526 -14.63 56.36 -44.15
N VAL C 527 -13.79 56.36 -43.11
CA VAL C 527 -13.66 57.50 -42.21
C VAL C 527 -13.08 58.70 -42.93
N SER C 528 -12.13 58.48 -43.83
CA SER C 528 -11.54 59.60 -44.58
C SER C 528 -12.54 60.20 -45.55
N VAL C 529 -13.41 59.37 -46.13
CA VAL C 529 -14.37 59.85 -47.12
C VAL C 529 -15.52 60.58 -46.44
N VAL C 530 -15.93 60.10 -45.26
CA VAL C 530 -16.97 60.79 -44.50
C VAL C 530 -16.48 62.16 -44.06
N LEU C 531 -15.22 62.25 -43.61
CA LEU C 531 -14.63 63.55 -43.32
C LEU C 531 -14.46 64.39 -44.57
N PHE C 532 -14.25 63.75 -45.72
CA PHE C 532 -14.13 64.47 -46.98
C PHE C 532 -15.44 65.15 -47.36
N LEU C 533 -16.56 64.45 -47.18
CA LEU C 533 -17.87 65.04 -47.48
C LEU C 533 -18.25 66.11 -46.47
N VAL C 534 -17.87 65.92 -45.20
CA VAL C 534 -18.10 66.94 -44.19
C VAL C 534 -17.27 68.19 -44.50
N SER C 535 -16.01 68.00 -44.84
CA SER C 535 -15.12 69.13 -45.09
C SER C 535 -15.50 69.85 -46.38
N ARG C 536 -15.56 69.11 -47.48
CA ARG C 536 -15.88 69.70 -48.79
C ARG C 536 -17.40 69.81 -48.91
N PHE C 537 -17.93 70.81 -48.21
CA PHE C 537 -19.36 71.10 -48.22
C PHE C 537 -19.57 72.35 -49.06
N SER C 538 -20.82 72.62 -49.45
CA SER C 538 -21.04 73.59 -50.52
C SER C 538 -20.86 75.06 -50.07
N PRO C 539 -21.27 75.49 -48.88
CA PRO C 539 -20.70 76.73 -48.34
C PRO C 539 -19.46 76.53 -47.48
N TYR C 540 -18.96 75.29 -47.37
CA TYR C 540 -17.80 74.90 -46.55
C TYR C 540 -17.93 75.33 -45.08
N SER C 558 -15.09 78.98 -44.45
CA SER C 558 -13.93 79.38 -45.24
C SER C 558 -12.67 78.65 -44.77
N THR C 559 -11.72 78.51 -45.71
CA THR C 559 -10.37 77.95 -45.47
C THR C 559 -10.47 76.54 -44.88
N ASN C 560 -10.98 75.61 -45.69
CA ASN C 560 -11.18 74.24 -45.25
C ASN C 560 -10.29 73.34 -46.12
N GLU C 561 -9.10 73.04 -45.62
CA GLU C 561 -8.04 72.43 -46.41
C GLU C 561 -8.16 70.93 -46.55
N PHE C 562 -9.15 70.31 -45.94
CA PHE C 562 -9.20 68.85 -45.86
C PHE C 562 -9.74 68.28 -47.16
N GLY C 563 -8.85 68.13 -48.14
CA GLY C 563 -9.17 67.45 -49.37
C GLY C 563 -9.01 65.97 -49.24
N ILE C 564 -9.14 65.28 -50.38
CA ILE C 564 -9.00 63.83 -50.40
C ILE C 564 -7.54 63.44 -50.22
N PHE C 565 -6.62 64.37 -50.45
CA PHE C 565 -5.22 64.12 -50.18
C PHE C 565 -4.88 64.40 -48.72
N ASN C 566 -5.64 65.29 -48.07
CA ASN C 566 -5.41 65.59 -46.66
C ASN C 566 -6.16 64.64 -45.75
N SER C 567 -7.43 64.36 -46.05
CA SER C 567 -8.23 63.53 -45.18
C SER C 567 -7.79 62.08 -45.22
N LEU C 568 -7.19 61.64 -46.33
CA LEU C 568 -6.52 60.36 -46.34
C LEU C 568 -5.28 60.39 -45.46
N TRP C 569 -4.61 61.54 -45.39
CA TRP C 569 -3.40 61.63 -44.60
C TRP C 569 -3.66 61.94 -43.14
N PHE C 570 -4.73 62.68 -42.84
CA PHE C 570 -5.05 63.00 -41.45
C PHE C 570 -5.49 61.76 -40.68
N SER C 571 -6.28 60.89 -41.31
CA SER C 571 -6.73 59.69 -40.64
C SER C 571 -5.59 58.71 -40.43
N LEU C 572 -4.60 58.72 -41.32
CA LEU C 572 -3.44 57.84 -41.13
C LEU C 572 -2.61 58.31 -39.95
N GLY C 573 -2.40 59.62 -39.83
CA GLY C 573 -1.65 60.14 -38.70
C GLY C 573 -2.38 59.98 -37.39
N ALA C 574 -3.72 60.01 -37.43
CA ALA C 574 -4.49 59.78 -36.23
C ALA C 574 -4.48 58.31 -35.85
N PHE C 575 -4.46 57.42 -36.84
CA PHE C 575 -4.43 55.99 -36.55
C PHE C 575 -3.09 55.54 -36.01
N MET C 576 -2.01 56.18 -36.41
CA MET C 576 -0.70 55.76 -35.93
C MET C 576 -0.28 56.49 -34.67
N GLN C 577 -1.15 57.34 -34.13
CA GLN C 577 -0.95 58.11 -32.89
C GLN C 577 0.27 59.03 -32.95
N GLN C 578 0.70 59.42 -34.14
CA GLN C 578 1.84 60.31 -34.28
C GLN C 578 1.42 61.74 -34.55
N GLY C 579 0.27 62.15 -34.04
CA GLY C 579 -0.18 63.50 -34.23
C GLY C 579 -0.74 63.72 -35.62
N CYS C 580 -0.72 64.98 -36.02
CA CYS C 580 -1.23 65.38 -37.32
C CYS C 580 -0.61 66.73 -37.67
N ASP C 581 -0.87 67.17 -38.91
CA ASP C 581 -0.53 68.54 -39.27
C ASP C 581 -1.56 69.50 -38.70
N ILE C 582 -2.84 69.32 -39.06
CA ILE C 582 -3.91 70.17 -38.58
C ILE C 582 -5.08 69.30 -38.14
N SER C 583 -5.94 69.90 -37.34
CA SER C 583 -7.16 69.31 -36.79
C SER C 583 -8.38 69.91 -37.48
N PRO C 584 -9.49 69.17 -37.55
CA PRO C 584 -10.69 69.71 -38.21
C PRO C 584 -11.35 70.80 -37.38
N ARG C 585 -11.49 71.98 -37.97
CA ARG C 585 -12.08 73.14 -37.30
C ARG C 585 -13.58 73.25 -37.60
N SER C 586 -14.27 72.14 -37.39
CA SER C 586 -15.71 72.08 -37.63
C SER C 586 -16.29 70.98 -36.75
N LEU C 587 -17.52 71.20 -36.29
CA LEU C 587 -18.10 70.34 -35.26
C LEU C 587 -18.33 68.93 -35.79
N SER C 588 -18.87 68.81 -37.00
CA SER C 588 -19.02 67.49 -37.60
C SER C 588 -17.67 66.88 -37.95
N GLY C 589 -16.67 67.72 -38.22
CA GLY C 589 -15.32 67.21 -38.40
C GLY C 589 -14.70 66.75 -37.11
N ARG C 590 -15.07 67.36 -36.00
CA ARG C 590 -14.56 66.94 -34.70
C ARG C 590 -15.22 65.65 -34.23
N ILE C 591 -16.44 65.37 -34.69
CA ILE C 591 -17.11 64.12 -34.34
C ILE C 591 -16.40 62.93 -34.97
N VAL C 592 -16.17 63.00 -36.27
CA VAL C 592 -15.45 61.93 -36.96
C VAL C 592 -13.98 61.90 -36.52
N GLY C 593 -13.41 63.05 -36.19
CA GLY C 593 -12.10 63.06 -35.55
C GLY C 593 -12.15 62.50 -34.15
N GLY C 594 -13.29 62.61 -33.48
CA GLY C 594 -13.41 62.06 -32.15
C GLY C 594 -13.52 60.54 -32.15
N VAL C 595 -14.43 60.01 -32.97
CA VAL C 595 -14.72 58.58 -32.90
C VAL C 595 -13.60 57.76 -33.53
N TRP C 596 -12.85 58.35 -34.46
CA TRP C 596 -11.68 57.67 -34.98
C TRP C 596 -10.59 57.59 -33.93
N TRP C 597 -10.49 58.61 -33.07
CA TRP C 597 -9.53 58.58 -31.98
C TRP C 597 -9.88 57.52 -30.95
N PHE C 598 -11.16 57.38 -30.63
CA PHE C 598 -11.54 56.31 -29.71
C PHE C 598 -11.47 54.95 -30.40
N PHE C 599 -11.60 54.93 -31.72
CA PHE C 599 -11.32 53.71 -32.46
C PHE C 599 -9.86 53.32 -32.33
N THR C 600 -8.95 54.21 -32.72
CA THR C 600 -7.54 53.85 -32.73
C THR C 600 -6.93 53.78 -31.34
N LEU C 601 -7.63 54.25 -30.32
CA LEU C 601 -7.18 54.01 -28.96
C LEU C 601 -7.33 52.54 -28.59
N ILE C 602 -8.44 51.93 -28.98
CA ILE C 602 -8.72 50.58 -28.54
C ILE C 602 -7.93 49.57 -29.35
N ILE C 603 -7.86 49.77 -30.67
CA ILE C 603 -7.28 48.77 -31.55
C ILE C 603 -5.78 48.64 -31.32
N ILE C 604 -5.12 49.75 -31.03
CA ILE C 604 -3.70 49.70 -30.69
C ILE C 604 -3.52 49.06 -29.32
N SER C 605 -4.37 49.42 -28.36
CA SER C 605 -4.23 48.87 -27.02
C SER C 605 -4.60 47.40 -26.97
N SER C 606 -5.56 46.98 -27.79
CA SER C 606 -5.92 45.57 -27.82
C SER C 606 -4.82 44.74 -28.47
N TYR C 607 -4.09 45.34 -29.40
CA TYR C 607 -2.97 44.64 -30.03
C TYR C 607 -1.84 44.44 -29.04
N THR C 608 -1.65 45.39 -28.14
CA THR C 608 -0.57 45.30 -27.17
C THR C 608 -0.85 44.20 -26.16
N ALA C 609 -2.12 43.99 -25.83
CA ALA C 609 -2.46 42.99 -24.83
C ALA C 609 -2.32 41.59 -25.38
N ASN C 610 -2.84 41.34 -26.58
CA ASN C 610 -2.77 39.99 -27.13
C ASN C 610 -1.35 39.62 -27.53
N LEU C 611 -0.54 40.60 -27.93
CA LEU C 611 0.86 40.31 -28.17
C LEU C 611 1.59 40.03 -26.87
N ALA C 612 1.19 40.68 -25.78
CA ALA C 612 1.68 40.25 -24.48
C ALA C 612 1.08 38.91 -24.09
N ALA C 613 -0.13 38.62 -24.55
CA ALA C 613 -0.76 37.36 -24.18
C ALA C 613 -0.09 36.17 -24.85
N PHE C 614 0.39 36.34 -26.08
CA PHE C 614 1.17 35.29 -26.72
C PHE C 614 2.47 35.01 -25.96
N LEU C 615 3.14 36.07 -25.53
CA LEU C 615 4.46 35.88 -24.97
C LEU C 615 4.42 35.41 -23.52
N THR C 616 3.37 35.77 -22.78
CA THR C 616 3.26 35.28 -21.41
C THR C 616 2.89 33.81 -21.38
N VAL C 617 2.11 33.35 -22.36
CA VAL C 617 1.82 31.93 -22.47
C VAL C 617 3.06 31.16 -22.90
N GLU C 618 3.87 31.76 -23.78
CA GLU C 618 4.98 31.04 -24.38
C GLU C 618 6.09 30.77 -23.37
N ARG C 619 6.26 31.66 -22.38
CA ARG C 619 7.26 31.39 -21.36
C ARG C 619 6.74 30.44 -20.30
N MET C 620 5.42 30.30 -20.17
CA MET C 620 4.89 29.26 -19.31
C MET C 620 5.02 27.87 -19.92
N VAL C 621 5.28 27.78 -21.22
CA VAL C 621 5.51 26.49 -21.86
C VAL C 621 6.83 25.92 -21.36
N SER C 622 6.75 24.88 -20.54
CA SER C 622 7.93 24.30 -19.94
C SER C 622 8.20 22.93 -20.54
N PRO C 623 9.46 22.60 -20.84
CA PRO C 623 9.76 21.26 -21.35
C PRO C 623 9.73 20.23 -20.25
N ILE C 624 9.14 19.09 -20.57
CA ILE C 624 9.00 17.99 -19.62
C ILE C 624 10.36 17.33 -19.43
N GLU C 625 10.91 17.41 -18.22
CA GLU C 625 12.29 16.96 -18.04
C GLU C 625 12.56 16.10 -16.82
N SER C 626 11.77 16.17 -15.76
CA SER C 626 12.16 15.57 -14.49
C SER C 626 11.58 14.18 -14.28
N ALA C 627 10.80 13.67 -15.25
CA ALA C 627 10.12 12.38 -15.32
C ALA C 627 8.93 12.28 -14.37
N GLU C 628 8.78 13.25 -13.48
CA GLU C 628 7.47 13.47 -12.89
C GLU C 628 6.56 14.17 -13.87
N ASP C 629 7.10 15.14 -14.60
CA ASP C 629 6.39 15.77 -15.70
C ASP C 629 6.02 14.77 -16.77
N LEU C 630 6.92 13.81 -17.03
CA LEU C 630 6.61 12.74 -17.95
C LEU C 630 5.54 11.82 -17.38
N SER C 631 5.44 11.73 -16.05
CA SER C 631 4.40 10.90 -15.46
C SER C 631 3.05 11.59 -15.49
N LYS C 632 3.01 12.88 -15.79
CA LYS C 632 1.76 13.61 -15.80
C LYS C 632 1.32 14.05 -17.19
N GLN C 633 2.19 13.99 -18.18
CA GLN C 633 1.90 14.55 -19.49
C GLN C 633 1.39 13.44 -20.40
N THR C 634 0.07 13.27 -20.44
CA THR C 634 -0.54 12.25 -21.28
C THR C 634 -0.54 12.64 -22.75
N GLU C 635 -0.24 13.89 -23.08
CA GLU C 635 -0.17 14.29 -24.49
C GLU C 635 1.01 13.64 -25.18
N ILE C 636 2.17 13.60 -24.52
CA ILE C 636 3.31 12.88 -25.08
C ILE C 636 3.28 11.45 -24.55
N ALA C 637 3.14 10.50 -25.47
CA ALA C 637 3.17 9.08 -25.10
C ALA C 637 4.62 8.67 -24.89
N TYR C 638 4.81 7.65 -24.07
CA TYR C 638 6.15 7.18 -23.73
C TYR C 638 6.16 5.67 -23.65
N GLY C 639 7.22 5.07 -24.20
CA GLY C 639 7.39 3.64 -24.18
C GLY C 639 8.85 3.27 -24.01
N THR C 640 9.09 1.97 -23.85
CA THR C 640 10.42 1.43 -23.60
C THR C 640 10.74 0.32 -24.58
N LEU C 641 12.00 -0.09 -24.56
CA LEU C 641 12.40 -1.31 -25.22
C LEU C 641 11.91 -2.51 -24.44
N ASP C 642 11.00 -3.28 -25.03
CA ASP C 642 10.50 -4.46 -24.34
C ASP C 642 11.53 -5.58 -24.36
N SER C 643 11.38 -6.52 -23.41
CA SER C 643 12.29 -7.64 -23.21
C SER C 643 13.72 -7.18 -22.95
N GLY C 644 13.88 -6.23 -22.06
CA GLY C 644 15.21 -5.80 -21.68
C GLY C 644 15.36 -5.71 -20.18
N SER C 645 16.05 -4.68 -19.70
CA SER C 645 16.11 -4.40 -18.28
C SER C 645 15.29 -3.19 -17.88
N THR C 646 14.92 -2.32 -18.82
CA THR C 646 14.09 -1.18 -18.52
C THR C 646 12.67 -1.61 -18.16
N LYS C 647 12.10 -2.48 -18.98
CA LYS C 647 10.71 -2.90 -18.79
C LYS C 647 10.54 -3.70 -17.50
N GLU C 648 11.56 -4.46 -17.13
CA GLU C 648 11.50 -5.18 -15.87
C GLU C 648 11.73 -4.26 -14.68
N PHE C 649 12.47 -3.17 -14.88
CA PHE C 649 12.71 -2.22 -13.80
C PHE C 649 11.43 -1.49 -13.42
N PHE C 650 10.56 -1.24 -14.39
CA PHE C 650 9.26 -0.69 -14.05
C PHE C 650 8.27 -1.76 -13.61
N ARG C 651 8.55 -3.03 -13.88
CA ARG C 651 7.66 -4.10 -13.44
C ARG C 651 7.66 -4.23 -11.92
N ARG C 652 8.83 -4.39 -11.34
CA ARG C 652 8.97 -4.47 -9.89
C ARG C 652 9.31 -3.08 -9.33
N SER C 653 8.40 -2.15 -9.59
CA SER C 653 8.60 -0.76 -9.21
C SER C 653 8.00 -0.49 -7.84
N LYS C 654 8.72 0.31 -7.05
CA LYS C 654 8.32 0.64 -5.69
C LYS C 654 8.19 2.14 -5.47
N ILE C 655 8.28 2.93 -6.52
CA ILE C 655 8.12 4.38 -6.44
C ILE C 655 6.86 4.74 -7.19
N ALA C 656 6.05 5.62 -6.60
CA ALA C 656 4.72 5.91 -7.15
C ALA C 656 4.79 6.63 -8.49
N VAL C 657 5.81 7.46 -8.69
CA VAL C 657 6.01 8.09 -10.00
C VAL C 657 6.43 7.06 -11.04
N PHE C 658 7.15 6.01 -10.60
CA PHE C 658 7.41 4.89 -11.48
C PHE C 658 6.20 3.99 -11.63
N ASP C 659 5.38 3.90 -10.56
CA ASP C 659 4.19 3.05 -10.58
C ASP C 659 3.16 3.54 -11.58
N LYS C 660 3.07 4.86 -11.75
CA LYS C 660 2.11 5.44 -12.69
C LYS C 660 2.47 5.11 -14.13
N MET C 661 3.78 5.06 -14.42
CA MET C 661 4.23 4.70 -15.76
C MET C 661 3.90 3.26 -16.08
N TRP C 662 4.20 2.34 -15.15
CA TRP C 662 3.91 0.94 -15.37
C TRP C 662 2.41 0.67 -15.34
N THR C 663 1.65 1.54 -14.69
CA THR C 663 0.21 1.51 -14.87
C THR C 663 -0.15 1.95 -16.29
N TYR C 664 0.55 2.96 -16.80
CA TYR C 664 0.22 3.50 -18.12
C TYR C 664 0.78 2.63 -19.24
N MET C 665 2.04 2.22 -19.13
CA MET C 665 2.72 1.52 -20.23
C MET C 665 2.12 0.16 -20.50
N ARG C 666 1.53 -0.48 -19.52
CA ARG C 666 0.76 -1.68 -19.77
C ARG C 666 -0.60 -1.39 -20.37
N SER C 667 -1.11 -0.18 -20.19
CA SER C 667 -2.49 0.14 -20.52
C SER C 667 -2.61 1.14 -21.67
N ALA C 668 -1.49 1.58 -22.24
CA ALA C 668 -1.56 2.53 -23.33
C ALA C 668 -1.89 1.82 -24.65
N GLU C 669 -2.63 2.52 -25.50
CA GLU C 669 -3.04 1.96 -26.78
C GLU C 669 -2.52 2.85 -27.91
N PRO C 670 -1.87 2.27 -28.93
CA PRO C 670 -1.42 0.88 -29.04
C PRO C 670 -0.14 0.60 -28.23
N SER C 671 0.58 -0.45 -28.61
CA SER C 671 1.78 -0.87 -27.89
C SER C 671 2.86 0.20 -27.91
N VAL C 672 3.13 0.78 -26.74
CA VAL C 672 4.24 1.72 -26.61
C VAL C 672 5.57 1.00 -26.49
N PHE C 673 5.56 -0.31 -26.24
CA PHE C 673 6.79 -1.08 -26.23
C PHE C 673 7.25 -1.33 -27.66
N VAL C 674 8.55 -1.16 -27.90
CA VAL C 674 9.13 -1.25 -29.23
C VAL C 674 10.18 -2.35 -29.22
N ARG C 675 10.15 -3.20 -30.25
CA ARG C 675 10.96 -4.42 -30.26
C ARG C 675 12.46 -4.12 -30.36
N THR C 676 12.86 -3.16 -31.18
CA THR C 676 14.26 -2.82 -31.34
C THR C 676 14.47 -1.35 -31.05
N THR C 677 15.71 -0.98 -30.75
CA THR C 677 16.01 0.40 -30.39
C THR C 677 15.99 1.31 -31.60
N ALA C 678 16.30 0.77 -32.78
CA ALA C 678 16.30 1.59 -33.99
C ALA C 678 14.89 2.03 -34.35
N GLU C 679 13.91 1.16 -34.15
CA GLU C 679 12.53 1.58 -34.27
C GLU C 679 12.12 2.41 -33.07
N GLY C 680 12.75 2.19 -31.92
CA GLY C 680 12.49 3.02 -30.75
C GLY C 680 12.96 4.45 -30.93
N VAL C 681 14.05 4.64 -31.67
CA VAL C 681 14.43 5.99 -32.07
C VAL C 681 13.49 6.50 -33.15
N ALA C 682 12.98 5.59 -33.99
CA ALA C 682 12.15 6.00 -35.11
C ALA C 682 10.78 6.50 -34.68
N ARG C 683 10.22 5.95 -33.60
CA ARG C 683 8.92 6.47 -33.14
C ARG C 683 9.06 7.81 -32.44
N VAL C 684 10.28 8.16 -32.02
CA VAL C 684 10.55 9.54 -31.64
C VAL C 684 10.61 10.42 -32.88
N ARG C 685 11.33 9.98 -33.91
CA ARG C 685 11.54 10.78 -35.10
C ARG C 685 10.25 10.96 -35.89
N LYS C 686 9.39 9.95 -35.90
CA LYS C 686 8.15 10.05 -36.65
C LYS C 686 7.16 10.98 -35.98
N SER C 687 7.10 10.94 -34.64
CA SER C 687 6.08 11.72 -33.93
C SER C 687 6.48 13.17 -33.74
N LYS C 688 7.76 13.50 -33.95
CA LYS C 688 8.30 14.87 -33.91
C LYS C 688 8.07 15.53 -32.56
N GLY C 689 8.17 14.74 -31.49
CA GLY C 689 7.94 15.23 -30.15
C GLY C 689 6.62 14.83 -29.54
N LYS C 690 5.78 14.10 -30.26
CA LYS C 690 4.57 13.57 -29.66
C LYS C 690 4.84 12.30 -28.87
N TYR C 691 6.01 11.70 -29.03
CA TYR C 691 6.33 10.42 -28.41
C TYR C 691 7.63 10.55 -27.63
N ALA C 692 7.71 9.83 -26.51
CA ALA C 692 8.91 9.77 -25.71
C ALA C 692 9.38 8.32 -25.64
N TYR C 693 10.67 8.17 -25.36
CA TYR C 693 11.29 6.85 -25.37
C TYR C 693 12.33 6.78 -24.27
N LEU C 694 12.38 5.63 -23.60
CA LEU C 694 13.31 5.39 -22.52
C LEU C 694 14.37 4.41 -22.97
N LEU C 695 15.62 4.68 -22.59
CA LEU C 695 16.72 3.79 -22.91
C LEU C 695 17.84 4.08 -21.93
N GLU C 696 18.95 3.36 -22.08
CA GLU C 696 20.04 3.50 -21.16
C GLU C 696 20.81 4.79 -21.43
N SER C 697 21.66 5.15 -20.49
CA SER C 697 22.35 6.44 -20.53
C SER C 697 23.33 6.52 -21.69
N THR C 698 24.15 5.49 -21.85
CA THR C 698 25.23 5.53 -22.83
C THR C 698 24.67 5.38 -24.24
N MET C 699 23.59 4.61 -24.38
CA MET C 699 22.92 4.51 -25.67
C MET C 699 22.26 5.83 -26.04
N ASN C 700 21.81 6.60 -25.05
CA ASN C 700 21.18 7.88 -25.35
C ASN C 700 22.21 8.91 -25.78
N GLU C 701 23.46 8.77 -25.32
CA GLU C 701 24.49 9.73 -25.71
C GLU C 701 24.93 9.51 -27.14
N TYR C 702 25.11 8.25 -27.54
CA TYR C 702 25.75 7.98 -28.83
C TYR C 702 24.83 8.31 -29.99
N ILE C 703 23.52 8.18 -29.80
CA ILE C 703 22.57 8.61 -30.82
C ILE C 703 22.58 10.13 -30.91
N GLU C 704 22.78 10.81 -29.78
CA GLU C 704 22.86 12.26 -29.77
C GLU C 704 24.15 12.75 -30.42
N GLN C 705 25.20 11.91 -30.38
CA GLN C 705 26.46 12.31 -30.97
C GLN C 705 26.49 12.08 -32.48
N ARG C 706 25.61 11.23 -33.00
CA ARG C 706 25.51 11.09 -34.45
C ARG C 706 24.83 12.31 -35.04
N LYS C 707 24.86 12.41 -36.36
CA LYS C 707 24.46 13.70 -36.92
C LYS C 707 23.14 13.70 -37.70
N PRO C 708 22.02 13.31 -37.05
CA PRO C 708 20.84 14.08 -37.45
C PRO C 708 20.59 15.16 -36.42
N CYS C 709 21.16 14.98 -35.23
CA CYS C 709 21.25 15.99 -34.18
C CYS C 709 19.87 16.47 -33.70
N ASP C 710 18.93 15.55 -33.54
CA ASP C 710 17.55 15.91 -33.27
C ASP C 710 17.00 15.28 -31.99
N THR C 711 17.84 14.59 -31.23
CA THR C 711 17.41 13.90 -30.02
C THR C 711 18.19 14.46 -28.84
N MET C 712 17.48 14.80 -27.77
CA MET C 712 18.14 15.28 -26.57
C MET C 712 17.70 14.48 -25.36
N LYS C 713 18.60 14.41 -24.38
CA LYS C 713 18.36 13.73 -23.12
C LYS C 713 17.87 14.74 -22.10
N VAL C 714 16.79 14.41 -21.39
CA VAL C 714 16.31 15.22 -20.29
C VAL C 714 16.47 14.45 -19.00
N GLY C 715 16.57 15.18 -17.91
CA GLY C 715 16.73 14.56 -16.62
C GLY C 715 18.12 13.95 -16.44
N GLY C 716 18.23 13.12 -15.41
CA GLY C 716 19.46 12.43 -15.12
C GLY C 716 19.28 10.94 -15.12
N ASN C 717 20.18 10.20 -14.49
CA ASN C 717 20.03 8.77 -14.35
C ASN C 717 18.91 8.46 -13.37
N LEU C 718 17.94 7.66 -13.82
CA LEU C 718 16.86 7.27 -12.91
C LEU C 718 17.36 6.26 -11.89
N ASP C 719 18.36 5.46 -12.25
CA ASP C 719 18.99 4.50 -11.35
C ASP C 719 20.44 4.30 -11.82
N SER C 720 21.10 3.27 -11.29
CA SER C 720 22.45 2.93 -11.73
C SER C 720 22.59 1.41 -11.78
N LYS C 721 22.36 0.85 -12.95
CA LYS C 721 22.65 -0.56 -13.19
C LYS C 721 24.06 -0.65 -13.76
N GLY C 722 24.44 -1.84 -14.21
CA GLY C 722 25.79 -2.05 -14.71
C GLY C 722 25.83 -3.09 -15.80
N TYR C 723 26.77 -2.90 -16.73
CA TYR C 723 27.05 -3.87 -17.76
C TYR C 723 28.17 -4.81 -17.32
N GLY C 724 28.04 -6.08 -17.66
CA GLY C 724 29.04 -7.05 -17.30
C GLY C 724 29.13 -8.20 -18.28
N ILE C 725 30.33 -8.74 -18.46
CA ILE C 725 30.51 -9.91 -19.31
C ILE C 725 29.99 -11.13 -18.57
N ALA C 726 29.09 -11.87 -19.22
CA ALA C 726 28.35 -12.94 -18.57
C ALA C 726 28.73 -14.30 -19.13
N THR C 727 28.88 -15.26 -18.23
CA THR C 727 29.12 -16.66 -18.51
C THR C 727 28.11 -17.47 -17.73
N PRO C 728 27.68 -18.62 -18.24
CA PRO C 728 26.64 -19.41 -17.55
C PRO C 728 27.17 -20.06 -16.29
N LYS C 729 26.26 -20.72 -15.60
CA LYS C 729 26.63 -21.49 -14.41
C LYS C 729 27.48 -22.68 -14.80
N GLY C 730 28.55 -22.90 -14.04
CA GLY C 730 29.47 -23.97 -14.34
C GLY C 730 30.55 -23.62 -15.35
N SER C 731 30.51 -22.42 -15.92
CA SER C 731 31.54 -22.00 -16.86
C SER C 731 32.83 -21.70 -16.11
N SER C 732 33.88 -22.47 -16.40
CA SER C 732 35.15 -22.29 -15.73
C SER C 732 35.88 -21.05 -16.21
N LEU C 733 35.48 -20.49 -17.35
CA LEU C 733 36.08 -19.25 -17.83
C LEU C 733 35.61 -18.01 -17.08
N GLY C 734 34.59 -18.14 -16.22
CA GLY C 734 33.99 -16.96 -15.62
C GLY C 734 34.91 -16.22 -14.67
N THR C 735 35.59 -16.96 -13.80
CA THR C 735 36.52 -16.35 -12.84
C THR C 735 37.80 -15.78 -13.47
N PRO C 736 38.47 -16.41 -14.46
CA PRO C 736 39.61 -15.70 -15.09
C PRO C 736 39.21 -14.45 -15.87
N VAL C 737 38.07 -14.48 -16.55
CA VAL C 737 37.62 -13.30 -17.29
C VAL C 737 37.18 -12.20 -16.33
N ASN C 738 36.63 -12.58 -15.18
CA ASN C 738 36.27 -11.60 -14.15
C ASN C 738 37.50 -10.87 -13.62
N LEU C 739 38.61 -11.59 -13.47
CA LEU C 739 39.86 -10.90 -13.15
C LEU C 739 40.45 -10.21 -14.37
N ALA C 740 40.14 -10.68 -15.57
CA ALA C 740 40.63 -10.02 -16.78
C ALA C 740 39.94 -8.68 -16.99
N VAL C 741 38.67 -8.57 -16.63
CA VAL C 741 37.98 -7.28 -16.68
C VAL C 741 38.60 -6.32 -15.67
N LEU C 742 38.87 -6.80 -14.46
CA LEU C 742 39.55 -6.00 -13.45
C LEU C 742 41.01 -5.75 -13.80
N LYS C 743 41.60 -6.59 -14.65
CA LYS C 743 42.92 -6.31 -15.19
C LYS C 743 42.88 -5.10 -16.11
N LEU C 744 41.89 -5.06 -16.99
CA LEU C 744 41.80 -3.95 -17.94
C LEU C 744 41.29 -2.67 -17.30
N SER C 745 40.68 -2.76 -16.11
CA SER C 745 40.19 -1.58 -15.43
C SER C 745 41.34 -0.78 -14.83
N GLU C 746 42.31 -1.45 -14.22
CA GLU C 746 43.45 -0.79 -13.59
C GLU C 746 44.52 -0.37 -14.58
N GLN C 747 44.30 -0.61 -15.88
CA GLN C 747 45.19 -0.10 -16.90
C GLN C 747 44.43 0.89 -17.79
N GLY C 748 43.11 0.94 -17.64
CA GLY C 748 42.30 1.84 -18.43
C GLY C 748 42.14 1.38 -19.85
N VAL C 749 42.37 0.09 -20.11
CA VAL C 749 42.16 -0.47 -21.43
C VAL C 749 40.68 -0.47 -21.76
N LEU C 750 39.83 -0.71 -20.76
CA LEU C 750 38.41 -0.46 -20.88
C LEU C 750 38.13 1.02 -21.14
N ASP C 751 38.70 1.88 -20.30
CA ASP C 751 38.37 3.29 -20.30
C ASP C 751 39.00 4.03 -21.48
N LYS C 752 40.02 3.44 -22.10
CA LYS C 752 40.49 3.97 -23.38
C LYS C 752 39.45 3.73 -24.48
N LEU C 753 38.93 2.51 -24.54
CA LEU C 753 37.88 2.19 -25.50
C LEU C 753 36.59 2.89 -25.15
N LYS C 754 36.28 2.99 -23.85
CA LYS C 754 35.11 3.74 -23.39
C LYS C 754 35.26 5.21 -23.71
N ASN C 755 36.48 5.70 -23.80
CA ASN C 755 36.65 7.03 -24.38
C ASN C 755 36.45 6.99 -25.89
N LYS C 756 37.02 5.97 -26.56
CA LYS C 756 37.39 6.08 -27.98
C LYS C 756 36.18 6.23 -28.89
N TRP C 757 35.15 5.41 -28.71
CA TRP C 757 34.04 5.42 -29.67
C TRP C 757 33.02 6.52 -29.43
N TRP C 758 33.32 7.49 -28.57
CA TRP C 758 32.35 8.53 -28.23
C TRP C 758 32.76 9.93 -28.67
N TYR C 759 33.99 10.36 -28.37
CA TYR C 759 34.43 11.68 -28.84
C TYR C 759 34.79 11.65 -30.32
N ASP C 760 35.13 10.47 -30.86
CA ASP C 760 35.41 10.32 -32.27
C ASP C 760 34.18 10.64 -33.11
N LYS C 761 33.00 10.31 -32.59
CA LYS C 761 31.75 10.69 -33.24
C LYS C 761 31.31 12.05 -32.69
N GLY C 762 32.11 13.06 -33.02
CA GLY C 762 31.73 14.44 -32.76
C GLY C 762 31.15 15.05 -34.02
N GLU C 763 30.54 14.21 -34.84
CA GLU C 763 30.08 14.60 -36.16
C GLU C 763 28.80 15.43 -36.12
N CYS C 764 28.17 15.54 -34.95
CA CYS C 764 27.00 16.41 -34.80
C CYS C 764 27.38 17.87 -34.89
N GLY C 765 28.64 18.23 -34.59
CA GLY C 765 29.08 19.60 -34.68
C GLY C 765 28.93 20.38 -33.40
N ALA C 766 28.74 19.70 -32.27
CA ALA C 766 28.50 20.27 -30.94
C ALA C 766 27.33 21.26 -30.98
N LYS C 767 26.17 20.75 -31.41
CA LYS C 767 24.98 21.59 -31.52
C LYS C 767 24.43 21.96 -30.15
N ASP C 768 24.68 21.14 -29.14
CA ASP C 768 24.24 21.47 -27.79
C ASP C 768 25.04 22.64 -27.21
N SER C 769 26.26 22.84 -27.68
CA SER C 769 27.08 23.95 -27.19
C SER C 769 26.62 25.27 -27.81
N GLY C 770 25.81 25.22 -28.87
CA GLY C 770 25.41 26.44 -29.56
C GLY C 770 23.91 26.71 -29.61
N SER C 771 23.10 25.87 -28.96
CA SER C 771 21.66 26.05 -29.00
C SER C 771 21.01 25.88 -27.63
N LYS C 772 21.74 26.15 -26.54
CA LYS C 772 21.18 26.07 -25.19
C LYS C 772 21.29 27.41 -24.46
N GLU C 773 21.74 28.46 -25.13
CA GLU C 773 21.75 29.79 -24.54
C GLU C 773 20.31 30.29 -24.47
N LYS C 774 19.70 30.12 -23.31
CA LYS C 774 18.26 30.29 -23.13
C LYS C 774 17.90 31.76 -23.22
N THR C 775 17.28 32.14 -24.32
CA THR C 775 16.88 33.52 -24.53
C THR C 775 15.51 33.53 -25.16
N SER C 776 14.56 34.19 -24.50
CA SER C 776 13.20 34.31 -25.02
C SER C 776 12.92 35.69 -25.59
N ALA C 777 13.95 36.53 -25.75
CA ALA C 777 13.81 37.79 -26.45
C ALA C 777 13.47 37.53 -27.91
N LEU C 778 12.80 38.50 -28.53
CA LEU C 778 12.34 38.32 -29.90
C LEU C 778 13.51 38.34 -30.88
N SER C 779 13.37 37.53 -31.92
CA SER C 779 14.34 37.49 -33.00
C SER C 779 13.90 38.43 -34.10
N LEU C 780 14.76 38.58 -35.10
CA LEU C 780 14.35 39.28 -36.31
C LEU C 780 13.29 38.50 -37.07
N SER C 781 13.27 37.16 -36.91
CA SER C 781 12.21 36.34 -37.49
C SER C 781 10.84 36.67 -36.92
N ASN C 782 10.78 37.19 -35.70
CA ASN C 782 9.51 37.60 -35.11
C ASN C 782 8.99 38.87 -35.78
N VAL C 783 9.90 39.71 -36.27
CA VAL C 783 9.56 41.03 -36.78
C VAL C 783 10.04 41.21 -38.21
N ALA C 784 10.00 40.13 -38.99
CA ALA C 784 10.66 40.14 -40.30
C ALA C 784 9.92 41.01 -41.30
N GLY C 785 8.62 40.76 -41.50
CA GLY C 785 7.86 41.49 -42.50
C GLY C 785 7.61 42.94 -42.14
N VAL C 786 7.82 43.31 -40.88
CA VAL C 786 7.71 44.71 -40.49
C VAL C 786 8.80 45.53 -41.17
N PHE C 787 10.01 45.00 -41.24
CA PHE C 787 11.04 45.60 -42.06
C PHE C 787 10.69 45.50 -43.54
N TYR C 788 10.08 44.38 -43.94
CA TYR C 788 9.83 44.17 -45.36
C TYR C 788 8.71 45.06 -45.86
N ILE C 789 7.75 45.40 -44.99
CA ILE C 789 6.80 46.45 -45.34
C ILE C 789 7.49 47.81 -45.27
N LEU C 790 8.45 47.97 -44.37
CA LEU C 790 9.20 49.22 -44.29
C LEU C 790 10.08 49.42 -45.51
N VAL C 791 10.86 48.40 -45.88
CA VAL C 791 11.67 48.49 -47.09
C VAL C 791 10.75 48.48 -48.32
N GLY C 792 9.70 47.67 -48.29
CA GLY C 792 8.73 47.69 -49.37
C GLY C 792 7.93 48.98 -49.45
N GLY C 793 7.87 49.72 -48.33
CA GLY C 793 7.33 51.06 -48.41
C GLY C 793 8.27 52.02 -49.09
N LEU C 794 9.57 51.86 -48.86
CA LEU C 794 10.56 52.76 -49.45
C LEU C 794 10.68 52.55 -50.95
N GLY C 795 10.68 51.29 -51.39
CA GLY C 795 10.72 51.01 -52.81
C GLY C 795 9.47 51.44 -53.54
N LEU C 796 8.32 51.39 -52.86
CA LEU C 796 7.11 51.93 -53.46
C LEU C 796 7.12 53.45 -53.43
N ALA C 797 7.85 54.04 -52.48
CA ALA C 797 7.96 55.49 -52.43
C ALA C 797 8.89 56.03 -53.50
N MET C 798 9.93 55.26 -53.86
CA MET C 798 10.87 55.72 -54.88
C MET C 798 10.21 55.77 -56.25
N LEU C 799 9.29 54.85 -56.52
CA LEU C 799 8.61 54.84 -57.82
C LEU C 799 7.67 56.03 -57.98
N VAL C 800 7.08 56.50 -56.89
CA VAL C 800 6.21 57.66 -56.96
C VAL C 800 7.04 58.92 -57.22
N ALA C 801 8.28 58.95 -56.73
CA ALA C 801 9.17 60.07 -56.96
C ALA C 801 9.55 60.20 -58.43
N LEU C 802 9.64 59.08 -59.14
CA LEU C 802 10.00 59.13 -60.55
C LEU C 802 8.79 59.44 -61.42
N ILE C 803 7.61 58.91 -61.07
CA ILE C 803 6.46 59.15 -61.95
C ILE C 803 5.91 60.55 -61.73
N GLU C 804 6.09 61.13 -60.54
CA GLU C 804 5.70 62.51 -60.33
C GLU C 804 6.63 63.47 -61.06
N PHE C 805 7.94 63.17 -61.04
CA PHE C 805 8.92 64.04 -61.71
C PHE C 805 8.75 64.00 -63.22
N CYS C 806 8.33 62.85 -63.76
CA CYS C 806 8.04 62.79 -65.18
C CYS C 806 6.74 63.50 -65.51
N TYR C 807 5.73 63.40 -64.63
CA TYR C 807 4.45 64.03 -64.90
C TYR C 807 4.50 65.54 -64.67
N LYS C 808 5.39 66.01 -63.79
CA LYS C 808 5.42 67.44 -63.47
C LYS C 808 6.04 68.26 -64.59
N SER C 809 7.13 67.78 -65.20
CA SER C 809 7.76 68.54 -66.27
C SER C 809 6.97 68.51 -67.57
N ARG C 810 6.00 67.61 -67.70
CA ARG C 810 5.14 67.59 -68.88
C ARG C 810 3.87 68.38 -68.69
N ALA C 811 3.45 68.61 -67.44
CA ALA C 811 2.29 69.46 -67.19
C ALA C 811 2.68 70.93 -67.16
N GLU C 812 3.88 71.23 -66.66
CA GLU C 812 4.37 72.60 -66.67
C GLU C 812 4.77 73.04 -68.08
N ALA C 813 5.11 72.09 -68.95
CA ALA C 813 5.44 72.40 -70.33
C ALA C 813 4.18 72.74 -71.11
N ALA C 822 -10.76 70.98 -68.92
CA ALA C 822 -11.39 70.25 -70.03
C ALA C 822 -11.15 68.75 -69.89
N CYS C 823 -9.86 68.38 -69.82
CA CYS C 823 -9.51 66.98 -69.59
C CYS C 823 -9.87 66.54 -68.18
N GLY C 824 -9.81 67.45 -67.21
CA GLY C 824 -10.17 67.10 -65.85
C GLY C 824 -11.65 66.89 -65.65
N ARG C 825 -12.47 67.52 -66.49
CA ARG C 825 -13.92 67.35 -66.38
C ARG C 825 -14.39 66.09 -67.09
N LYS C 826 -13.78 65.76 -68.22
CA LYS C 826 -14.28 64.67 -69.05
C LYS C 826 -13.87 63.31 -68.50
N ALA C 827 -12.59 63.16 -68.14
CA ALA C 827 -12.09 61.87 -67.69
C ALA C 827 -12.61 61.52 -66.30
N LEU C 828 -12.81 62.54 -65.46
CA LEU C 828 -13.38 62.29 -64.14
C LEU C 828 -14.85 61.91 -64.23
N THR C 829 -15.54 62.37 -65.27
CA THR C 829 -16.97 62.07 -65.41
C THR C 829 -17.18 60.61 -65.81
N LEU C 830 -16.48 60.16 -66.84
CA LEU C 830 -16.79 58.85 -67.43
C LEU C 830 -16.14 57.71 -66.66
N LEU C 831 -14.94 57.91 -66.12
CA LEU C 831 -14.25 56.82 -65.42
C LEU C 831 -14.92 56.52 -64.07
N SER C 832 -15.49 57.54 -63.43
CA SER C 832 -16.33 57.30 -62.26
C SER C 832 -17.60 56.56 -62.65
N SER C 833 -18.12 56.84 -63.85
CA SER C 833 -19.33 56.16 -64.30
C SER C 833 -19.04 54.70 -64.61
N VAL C 834 -17.83 54.38 -65.07
CA VAL C 834 -17.41 52.99 -65.18
C VAL C 834 -17.27 52.37 -63.80
N PHE C 835 -16.85 53.16 -62.82
CA PHE C 835 -16.71 52.67 -61.45
C PHE C 835 -18.08 52.44 -60.80
N ALA C 836 -19.07 53.24 -61.16
CA ALA C 836 -20.41 53.04 -60.61
C ALA C 836 -21.10 51.82 -61.20
N VAL C 837 -20.87 51.55 -62.49
CA VAL C 837 -21.40 50.33 -63.11
C VAL C 837 -20.68 49.12 -62.55
N CYS C 838 -19.34 49.20 -62.41
CA CYS C 838 -18.58 48.14 -61.76
C CYS C 838 -18.96 48.01 -60.29
N GLY C 839 -19.42 49.09 -59.67
CA GLY C 839 -19.89 49.00 -58.29
C GLY C 839 -21.20 48.24 -58.17
N LEU C 840 -22.20 48.63 -58.96
CA LEU C 840 -23.50 47.96 -58.88
C LEU C 840 -23.44 46.56 -59.49
N GLY C 841 -22.57 46.36 -60.49
CA GLY C 841 -22.50 45.09 -61.16
C GLY C 841 -21.88 44.00 -60.32
N LEU C 842 -20.84 44.34 -59.56
CA LEU C 842 -20.15 43.33 -58.76
C LEU C 842 -20.98 42.88 -57.56
N LEU C 843 -21.79 43.78 -56.99
CA LEU C 843 -22.67 43.34 -55.92
C LEU C 843 -23.89 42.63 -56.47
N GLY C 844 -24.32 42.99 -57.69
CA GLY C 844 -25.39 42.27 -58.34
C GLY C 844 -25.02 40.84 -58.69
N ILE C 845 -23.75 40.58 -58.99
CA ILE C 845 -23.30 39.22 -59.24
C ILE C 845 -23.14 38.46 -57.92
N ALA C 846 -22.71 39.17 -56.86
CA ALA C 846 -22.33 38.51 -55.62
C ALA C 846 -23.53 37.98 -54.85
N VAL C 847 -24.65 38.72 -54.87
CA VAL C 847 -25.80 38.33 -54.05
C VAL C 847 -26.48 37.08 -54.63
N SER C 848 -26.62 37.03 -55.96
CA SER C 848 -27.20 35.85 -56.59
C SER C 848 -26.23 34.66 -56.54
N THR C 849 -24.94 34.93 -56.41
CA THR C 849 -23.96 33.87 -56.24
C THR C 849 -24.07 33.29 -54.82
N ASP C 850 -24.11 31.97 -54.73
CA ASP C 850 -24.16 31.28 -53.45
C ASP C 850 -22.85 30.58 -53.16
N TYR C 851 -21.74 31.26 -53.48
CA TYR C 851 -20.38 30.82 -53.19
C TYR C 851 -19.71 31.80 -52.24
N TRP C 852 -20.43 32.19 -51.18
CA TRP C 852 -19.91 33.16 -50.21
C TRP C 852 -18.80 32.56 -49.36
N LEU C 853 -19.03 31.36 -48.83
CA LEU C 853 -18.14 30.79 -47.83
C LEU C 853 -18.13 29.28 -47.95
N TYR C 854 -16.96 28.68 -47.73
CA TYR C 854 -16.78 27.23 -47.79
C TYR C 854 -16.71 26.66 -46.38
N LEU C 855 -17.15 25.42 -46.22
CA LEU C 855 -16.96 24.70 -44.98
C LEU C 855 -16.50 23.29 -45.29
N GLU C 856 -15.62 22.76 -44.44
CA GLU C 856 -15.10 21.40 -44.57
C GLU C 856 -15.14 20.75 -43.20
N GLU C 857 -16.27 20.13 -42.87
CA GLU C 857 -16.39 19.36 -41.64
C GLU C 857 -15.64 18.05 -41.79
N GLY C 858 -14.69 17.80 -40.89
CA GLY C 858 -13.86 16.63 -41.06
C GLY C 858 -13.34 16.11 -39.74
N ILE C 859 -12.82 14.89 -39.79
CA ILE C 859 -12.32 14.18 -38.62
C ILE C 859 -10.84 13.87 -38.85
N ILE C 860 -10.03 14.07 -37.81
CA ILE C 860 -8.59 13.90 -37.97
C ILE C 860 -8.26 12.41 -37.99
N LEU C 861 -7.03 12.10 -38.34
CA LEU C 861 -6.53 10.75 -38.29
C LEU C 861 -5.18 10.82 -37.57
N PRO C 862 -4.94 9.94 -36.59
CA PRO C 862 -3.83 10.16 -35.66
C PRO C 862 -2.41 10.00 -36.20
N GLN C 863 -2.06 8.84 -36.76
CA GLN C 863 -0.66 8.55 -37.02
C GLN C 863 -0.53 7.52 -38.14
N ASN C 864 0.40 7.79 -39.07
CA ASN C 864 0.52 7.12 -40.39
C ASN C 864 -0.80 7.19 -41.16
N GLN C 865 -1.55 8.25 -40.89
CA GLN C 865 -2.92 8.54 -41.28
C GLN C 865 -3.08 10.01 -40.91
N SER C 866 -3.54 10.88 -41.80
CA SER C 866 -3.48 12.30 -41.49
C SER C 866 -4.85 12.95 -41.34
N THR C 867 -5.68 12.96 -42.38
CA THR C 867 -6.95 13.68 -42.35
C THR C 867 -8.00 12.89 -43.09
N GLU C 868 -9.27 13.19 -42.77
CA GLU C 868 -10.40 12.59 -43.47
C GLU C 868 -11.58 13.53 -43.38
N VAL C 869 -12.02 14.03 -44.54
CA VAL C 869 -13.18 14.92 -44.57
C VAL C 869 -14.45 14.12 -44.31
N LYS C 870 -15.47 14.83 -43.82
CA LYS C 870 -16.77 14.22 -43.56
C LYS C 870 -17.93 14.99 -44.17
N MET C 871 -17.86 16.31 -44.28
CA MET C 871 -18.96 17.07 -44.85
C MET C 871 -18.37 18.32 -45.49
N SER C 872 -19.04 18.81 -46.53
CA SER C 872 -18.60 20.01 -47.24
C SER C 872 -19.80 20.68 -47.88
N LEU C 873 -19.82 22.01 -47.84
CA LEU C 873 -20.85 22.80 -48.51
C LEU C 873 -20.33 24.21 -48.73
N HIS C 874 -20.70 24.80 -49.86
CA HIS C 874 -20.56 26.24 -50.01
C HIS C 874 -21.89 26.92 -49.73
N SER C 875 -21.82 28.10 -49.12
CA SER C 875 -23.01 28.69 -48.52
C SER C 875 -23.42 29.94 -49.27
N GLY C 876 -24.69 30.31 -49.10
CA GLY C 876 -25.22 31.50 -49.72
C GLY C 876 -26.08 32.29 -48.74
N LEU C 877 -26.29 33.55 -49.08
CA LEU C 877 -27.06 34.43 -48.20
C LEU C 877 -28.56 34.20 -48.36
N TRP C 878 -29.03 34.06 -49.60
CA TRP C 878 -30.42 33.67 -49.84
C TRP C 878 -30.66 32.21 -49.48
N ARG C 879 -29.94 31.31 -50.15
CA ARG C 879 -30.18 29.88 -50.04
C ARG C 879 -28.83 29.17 -50.13
N VAL C 880 -28.78 28.00 -49.54
CA VAL C 880 -27.58 27.16 -49.59
C VAL C 880 -27.62 26.32 -50.85
N CYS C 881 -26.51 26.22 -51.56
CA CYS C 881 -26.34 25.15 -52.54
C CYS C 881 -25.30 24.19 -51.98
N PHE C 882 -25.78 23.06 -51.44
CA PHE C 882 -24.98 22.06 -50.76
C PHE C 882 -24.03 21.38 -51.75
N LEU C 883 -23.00 20.73 -51.23
CA LEU C 883 -21.86 20.31 -52.05
C LEU C 883 -21.56 18.86 -51.69
N ALA C 884 -20.38 18.37 -52.09
CA ALA C 884 -20.05 16.95 -52.25
C ALA C 884 -20.01 16.14 -50.95
N GLY C 885 -20.46 16.69 -49.81
CA GLY C 885 -20.80 15.87 -48.67
C GLY C 885 -21.85 14.84 -49.06
N GLU C 886 -21.45 13.57 -49.08
CA GLU C 886 -22.16 12.39 -49.58
C GLU C 886 -22.75 12.58 -51.00
N GLU C 887 -22.18 13.49 -51.80
CA GLU C 887 -22.50 13.71 -53.22
C GLU C 887 -23.98 14.03 -53.45
N ARG C 888 -24.56 14.84 -52.57
CA ARG C 888 -25.95 15.25 -52.70
C ARG C 888 -26.00 16.73 -53.09
N GLY C 889 -26.38 17.01 -54.33
CA GLY C 889 -26.43 18.38 -54.82
C GLY C 889 -27.71 19.12 -54.49
N ARG C 890 -27.84 19.58 -53.23
CA ARG C 890 -29.01 20.31 -52.79
C ARG C 890 -28.78 21.81 -52.88
N CYS C 891 -29.43 22.47 -53.85
CA CYS C 891 -29.62 23.91 -53.73
C CYS C 891 -30.80 24.17 -52.80
N PHE C 892 -30.45 24.21 -51.52
CA PHE C 892 -31.39 24.03 -50.42
C PHE C 892 -31.68 25.37 -49.74
N THR C 893 -32.96 25.70 -49.60
CA THR C 893 -33.35 26.95 -48.97
C THR C 893 -33.07 26.91 -47.47
N ILE C 894 -32.58 28.03 -46.94
CA ILE C 894 -32.25 28.15 -45.51
C ILE C 894 -33.51 28.04 -44.65
N GLU C 895 -34.64 28.53 -45.16
CA GLU C 895 -35.90 28.51 -44.40
C GLU C 895 -36.44 27.08 -44.19
N TYR C 896 -35.94 26.11 -44.94
CA TYR C 896 -36.22 24.70 -44.68
C TYR C 896 -35.06 24.13 -43.87
N VAL C 897 -35.35 23.13 -43.03
CA VAL C 897 -34.35 22.60 -42.13
C VAL C 897 -33.59 21.44 -42.79
N MET C 898 -32.27 21.42 -42.63
CA MET C 898 -31.36 20.33 -43.01
C MET C 898 -31.36 19.98 -44.49
N GLU C 907 -27.91 20.51 -36.88
CA GLU C 907 -26.65 20.44 -36.14
C GLU C 907 -26.01 21.81 -36.01
N SER C 908 -24.73 21.83 -35.62
CA SER C 908 -24.03 23.09 -35.41
C SER C 908 -23.69 23.78 -36.72
N THR C 909 -23.46 23.03 -37.79
CA THR C 909 -23.24 23.66 -39.09
C THR C 909 -24.53 24.20 -39.68
N VAL C 910 -25.67 23.63 -39.30
CA VAL C 910 -26.95 24.24 -39.61
C VAL C 910 -27.14 25.49 -38.76
N ASN C 911 -26.63 25.47 -37.52
CA ASN C 911 -26.67 26.64 -36.66
C ASN C 911 -25.77 27.75 -37.19
N VAL C 912 -24.72 27.39 -37.93
CA VAL C 912 -23.99 28.38 -38.72
C VAL C 912 -24.91 29.01 -39.75
N LEU C 913 -25.70 28.17 -40.44
CA LEU C 913 -26.45 28.61 -41.60
C LEU C 913 -27.62 29.51 -41.24
N LYS C 914 -28.22 29.28 -40.07
CA LYS C 914 -29.34 30.11 -39.63
C LYS C 914 -28.88 31.50 -39.20
N MET C 915 -27.68 31.58 -38.63
CA MET C 915 -27.16 32.87 -38.17
C MET C 915 -26.68 33.76 -39.31
N ILE C 916 -26.53 33.21 -40.52
CA ILE C 916 -26.16 34.02 -41.68
C ILE C 916 -27.31 34.94 -42.07
N ARG C 917 -28.55 34.53 -41.78
CA ARG C 917 -29.73 35.33 -42.09
C ARG C 917 -29.79 36.62 -41.29
N SER C 918 -29.12 36.68 -40.13
CA SER C 918 -29.07 37.91 -39.36
C SER C 918 -28.28 39.02 -40.05
N ALA C 919 -27.44 38.66 -41.02
CA ALA C 919 -26.69 39.64 -41.81
C ALA C 919 -27.20 39.72 -43.25
N THR C 920 -28.38 39.16 -43.53
CA THR C 920 -29.00 39.32 -44.84
C THR C 920 -29.39 40.74 -45.23
N PRO C 921 -30.11 41.55 -44.41
CA PRO C 921 -30.72 42.78 -44.96
C PRO C 921 -29.73 43.85 -45.39
N PHE C 922 -28.58 43.97 -44.72
CA PHE C 922 -27.67 45.09 -45.01
C PHE C 922 -27.02 45.05 -46.39
N PRO C 923 -26.60 43.91 -46.97
CA PRO C 923 -26.23 43.96 -48.40
C PRO C 923 -27.41 44.22 -49.31
N LEU C 924 -28.61 43.78 -48.94
CA LEU C 924 -29.81 44.16 -49.70
C LEU C 924 -30.10 45.64 -49.54
N VAL C 925 -29.80 46.21 -48.37
CA VAL C 925 -29.81 47.66 -48.22
C VAL C 925 -28.71 48.29 -49.06
N SER C 926 -27.55 47.63 -49.13
CA SER C 926 -26.40 48.18 -49.83
C SER C 926 -26.58 48.15 -51.34
N LEU C 927 -27.29 47.15 -51.86
CA LEU C 927 -27.46 47.05 -53.31
C LEU C 927 -28.45 48.09 -53.82
N PHE C 928 -29.41 48.48 -52.98
CA PHE C 928 -30.40 49.48 -53.39
C PHE C 928 -29.80 50.87 -53.43
N PHE C 929 -28.75 51.12 -52.63
CA PHE C 929 -28.22 52.47 -52.55
C PHE C 929 -27.27 52.80 -53.70
N MET C 930 -26.72 51.78 -54.37
CA MET C 930 -26.09 52.03 -55.66
C MET C 930 -27.12 52.06 -56.78
N PHE C 931 -28.30 51.46 -56.55
CA PHE C 931 -29.37 51.56 -57.52
C PHE C 931 -29.95 52.97 -57.55
N ILE C 932 -30.07 53.61 -56.39
CA ILE C 932 -30.50 55.00 -56.36
C ILE C 932 -29.34 55.94 -56.64
N GLY C 933 -28.11 55.49 -56.47
CA GLY C 933 -26.95 56.34 -56.69
C GLY C 933 -26.58 56.49 -58.15
N PHE C 934 -26.74 55.41 -58.93
CA PHE C 934 -26.30 55.43 -60.32
C PHE C 934 -27.35 56.05 -61.24
N ILE C 935 -28.64 55.88 -60.95
CA ILE C 935 -29.68 56.40 -61.83
C ILE C 935 -29.71 57.94 -61.75
N LEU C 936 -29.44 58.50 -60.58
CA LEU C 936 -29.30 59.95 -60.48
C LEU C 936 -27.97 60.43 -61.04
N SER C 937 -27.01 59.52 -61.25
CA SER C 937 -25.78 59.90 -61.94
C SER C 937 -26.02 59.99 -63.46
N ASN C 938 -26.99 59.23 -63.98
CA ASN C 938 -27.33 59.34 -65.39
C ASN C 938 -28.01 60.66 -65.70
N ILE C 939 -28.63 61.29 -64.71
CA ILE C 939 -29.35 62.55 -64.93
C ILE C 939 -28.35 63.68 -65.18
N GLY C 940 -27.21 63.64 -64.50
CA GLY C 940 -26.20 64.69 -64.67
C GLY C 940 -25.45 64.63 -65.98
N HIS C 941 -25.58 63.52 -66.72
CA HIS C 941 -24.87 63.39 -67.99
C HIS C 941 -25.63 64.05 -69.13
N ILE C 942 -26.94 63.85 -69.20
CA ILE C 942 -27.76 64.49 -70.24
C ILE C 942 -27.96 65.96 -69.93
N ARG C 943 -28.44 66.26 -68.72
CA ARG C 943 -28.68 67.64 -68.32
C ARG C 943 -27.67 68.03 -67.25
N PRO C 944 -26.59 68.73 -67.60
CA PRO C 944 -25.58 69.08 -66.59
C PRO C 944 -25.98 70.23 -65.69
N HIS C 945 -26.85 71.13 -66.16
CA HIS C 945 -27.20 72.30 -65.37
C HIS C 945 -28.18 71.93 -64.26
N ARG C 946 -28.36 72.88 -63.34
CA ARG C 946 -29.07 72.70 -62.06
C ARG C 946 -28.44 71.54 -61.28
N THR C 947 -27.19 71.76 -60.89
CA THR C 947 -26.20 70.76 -60.53
C THR C 947 -26.39 70.16 -59.14
N ILE C 948 -27.54 70.39 -58.50
CA ILE C 948 -27.72 70.00 -57.10
C ILE C 948 -27.89 68.47 -57.00
N LEU C 949 -28.38 67.84 -58.07
CA LEU C 949 -28.65 66.40 -58.07
C LEU C 949 -27.39 65.55 -57.94
N ALA C 950 -26.25 66.08 -58.40
CA ALA C 950 -25.00 65.31 -58.31
C ALA C 950 -24.49 65.26 -56.87
N PHE C 951 -24.52 66.40 -56.18
CA PHE C 951 -24.01 66.49 -54.81
C PHE C 951 -24.87 65.69 -53.83
N VAL C 952 -26.15 65.50 -54.14
CA VAL C 952 -27.00 64.66 -53.31
C VAL C 952 -26.75 63.18 -53.63
N SER C 953 -26.57 62.86 -54.90
CA SER C 953 -26.38 61.46 -55.30
C SER C 953 -25.03 60.93 -54.88
N GLY C 954 -24.04 61.81 -54.71
CA GLY C 954 -22.74 61.38 -54.22
C GLY C 954 -22.76 60.94 -52.77
N ILE C 955 -23.72 61.47 -51.99
CA ILE C 955 -23.93 61.00 -50.62
C ILE C 955 -24.38 59.55 -50.63
N PHE C 956 -25.24 59.19 -51.59
CA PHE C 956 -25.74 57.81 -51.67
C PHE C 956 -24.69 56.85 -52.21
N PHE C 957 -23.59 57.35 -52.77
CA PHE C 957 -22.43 56.50 -52.99
C PHE C 957 -21.68 56.25 -51.70
N ILE C 958 -21.54 57.29 -50.87
CA ILE C 958 -20.79 57.18 -49.63
C ILE C 958 -21.59 56.38 -48.61
N LEU C 959 -22.89 56.63 -48.54
CA LEU C 959 -23.73 55.93 -47.56
C LEU C 959 -24.01 54.50 -47.98
N SER C 960 -23.72 54.13 -49.23
CA SER C 960 -23.92 52.77 -49.71
C SER C 960 -22.93 51.80 -49.06
N GLY C 961 -21.64 52.14 -49.09
CA GLY C 961 -20.65 51.23 -48.56
C GLY C 961 -20.59 51.23 -47.04
N LEU C 962 -21.20 52.21 -46.39
CA LEU C 962 -21.31 52.21 -44.94
C LEU C 962 -22.14 51.04 -44.45
N SER C 963 -23.22 50.72 -45.16
CA SER C 963 -24.00 49.54 -44.82
C SER C 963 -23.25 48.26 -45.18
N LEU C 964 -22.33 48.33 -46.14
CA LEU C 964 -21.54 47.16 -46.50
C LEU C 964 -20.53 46.82 -45.41
N VAL C 965 -19.93 47.83 -44.78
CA VAL C 965 -19.05 47.58 -43.64
C VAL C 965 -19.85 47.03 -42.47
N VAL C 966 -21.05 47.60 -42.24
CA VAL C 966 -22.00 47.02 -41.30
C VAL C 966 -22.44 45.64 -41.78
N GLY C 967 -22.53 45.46 -43.10
CA GLY C 967 -22.87 44.15 -43.64
C GLY C 967 -21.80 43.10 -43.39
N LEU C 968 -20.53 43.49 -43.48
CA LEU C 968 -19.46 42.52 -43.27
C LEU C 968 -19.21 42.27 -41.79
N VAL C 969 -19.40 43.30 -40.95
CA VAL C 969 -19.22 43.13 -39.51
C VAL C 969 -20.29 42.21 -38.94
N LEU C 970 -21.54 42.36 -39.39
CA LEU C 970 -22.59 41.43 -38.99
C LEU C 970 -22.37 40.04 -39.59
N TYR C 971 -21.69 39.98 -40.74
CA TYR C 971 -21.48 38.68 -41.38
C TYR C 971 -20.33 37.92 -40.73
N ILE C 972 -19.16 38.56 -40.63
CA ILE C 972 -17.94 37.86 -40.19
C ILE C 972 -18.03 37.52 -38.71
N SER C 973 -18.66 38.38 -37.92
CA SER C 973 -18.90 38.04 -36.52
C SER C 973 -19.91 36.92 -36.37
N SER C 974 -20.82 36.76 -37.34
CA SER C 974 -21.73 35.63 -37.30
C SER C 974 -21.07 34.33 -37.71
N ILE C 975 -19.90 34.40 -38.36
CA ILE C 975 -19.14 33.20 -38.68
C ILE C 975 -18.28 32.77 -37.51
N ASN C 976 -17.62 33.74 -36.87
CA ASN C 976 -16.56 33.41 -35.92
C ASN C 976 -17.12 32.96 -34.58
N ASP C 977 -18.30 33.43 -34.21
CA ASP C 977 -18.89 32.97 -32.96
C ASP C 977 -19.39 31.54 -33.08
N GLU C 978 -19.89 31.17 -34.26
CA GLU C 978 -20.27 29.78 -34.49
C GLU C 978 -19.04 28.91 -34.74
N MET C 979 -17.95 29.52 -35.21
CA MET C 979 -16.64 28.87 -35.12
C MET C 979 -16.26 28.61 -33.66
N LEU C 980 -16.57 29.56 -32.78
CA LEU C 980 -16.34 29.34 -31.36
C LEU C 980 -17.37 28.38 -30.78
N ASN C 981 -18.58 28.34 -31.34
CA ASN C 981 -19.68 27.66 -30.67
C ASN C 981 -19.64 26.14 -30.85
N ARG C 982 -18.75 25.61 -31.68
CA ARG C 982 -18.56 24.17 -31.70
C ARG C 982 -17.86 23.72 -30.43
N THR C 983 -18.28 22.57 -29.90
CA THR C 983 -17.60 21.99 -28.76
C THR C 983 -16.27 21.43 -29.21
N LYS C 984 -15.18 21.93 -28.61
CA LYS C 984 -13.83 21.67 -29.11
C LYS C 984 -13.44 20.23 -28.78
N ASP C 985 -13.57 19.36 -29.77
CA ASP C 985 -13.13 17.97 -29.67
C ASP C 985 -11.87 17.82 -30.51
N ALA C 986 -10.90 17.07 -29.97
CA ALA C 986 -9.60 16.99 -30.62
C ALA C 986 -9.64 16.17 -31.90
N GLU C 987 -10.60 15.26 -32.04
CA GLU C 987 -10.61 14.36 -33.17
C GLU C 987 -11.25 14.98 -34.42
N THR C 988 -12.02 16.06 -34.25
CA THR C 988 -12.70 16.70 -35.37
C THR C 988 -11.99 18.00 -35.71
N TYR C 989 -11.32 18.04 -36.86
CA TYR C 989 -10.78 19.32 -37.32
C TYR C 989 -11.87 20.09 -38.06
N PHE C 990 -11.52 21.30 -38.47
CA PHE C 990 -12.50 22.20 -39.07
C PHE C 990 -11.79 23.14 -40.02
N ASN C 991 -12.41 23.38 -41.18
CA ASN C 991 -11.90 24.35 -42.14
C ASN C 991 -13.04 25.26 -42.57
N TYR C 992 -12.73 26.56 -42.65
CA TYR C 992 -13.67 27.52 -43.20
C TYR C 992 -12.89 28.49 -44.06
N LYS C 993 -13.54 29.01 -45.09
CA LYS C 993 -12.87 29.82 -46.09
C LYS C 993 -13.92 30.63 -46.82
N TYR C 994 -13.65 31.93 -46.96
CA TYR C 994 -14.54 32.79 -47.71
C TYR C 994 -14.40 32.51 -49.20
N GLY C 995 -15.37 32.99 -49.98
CA GLY C 995 -15.41 32.65 -51.38
C GLY C 995 -15.16 33.82 -52.32
N TRP C 996 -15.54 33.63 -53.58
CA TRP C 996 -15.32 34.65 -54.59
C TRP C 996 -16.30 35.81 -54.43
N SER C 997 -17.57 35.50 -54.11
CA SER C 997 -18.57 36.55 -53.99
C SER C 997 -18.34 37.42 -52.76
N PHE C 998 -17.70 36.86 -51.73
CA PHE C 998 -17.23 37.69 -50.62
C PHE C 998 -16.15 38.66 -51.10
N ALA C 999 -15.22 38.18 -51.93
CA ALA C 999 -14.23 39.06 -52.53
C ALA C 999 -14.85 39.98 -53.57
N PHE C 1000 -15.94 39.55 -54.20
CA PHE C 1000 -16.65 40.42 -55.13
C PHE C 1000 -17.37 41.53 -54.38
N ALA C 1001 -17.95 41.20 -53.22
CA ALA C 1001 -18.58 42.22 -52.39
C ALA C 1001 -17.55 43.12 -51.71
N ALA C 1002 -16.33 42.60 -51.52
CA ALA C 1002 -15.26 43.41 -50.94
C ALA C 1002 -14.81 44.50 -51.91
N ILE C 1003 -14.56 44.13 -53.17
CA ILE C 1003 -14.06 45.11 -54.14
C ILE C 1003 -15.17 46.06 -54.55
N SER C 1004 -16.42 45.61 -54.48
CA SER C 1004 -17.58 46.47 -54.77
C SER C 1004 -17.70 47.62 -53.79
N PHE C 1005 -17.17 47.48 -52.58
CA PHE C 1005 -17.02 48.63 -51.69
C PHE C 1005 -16.05 49.65 -52.26
N LEU C 1006 -14.97 49.17 -52.89
CA LEU C 1006 -13.86 50.05 -53.25
C LEU C 1006 -14.22 50.95 -54.43
N LEU C 1007 -15.02 50.45 -55.37
CA LEU C 1007 -15.39 51.26 -56.51
C LEU C 1007 -16.54 52.19 -56.18
N THR C 1008 -17.35 51.85 -55.18
CA THR C 1008 -18.49 52.67 -54.82
C THR C 1008 -18.05 53.95 -54.11
N GLU C 1009 -17.13 53.84 -53.17
CA GLU C 1009 -16.69 54.99 -52.41
C GLU C 1009 -15.76 55.88 -53.22
N SER C 1010 -15.03 55.29 -54.16
CA SER C 1010 -14.13 56.07 -55.01
C SER C 1010 -14.90 56.91 -56.01
N ALA C 1011 -16.08 56.44 -56.42
CA ALA C 1011 -16.90 57.24 -57.32
C ALA C 1011 -17.56 58.40 -56.59
N GLY C 1012 -17.90 58.21 -55.31
CA GLY C 1012 -18.52 59.29 -54.55
C GLY C 1012 -17.55 60.43 -54.27
N VAL C 1013 -16.26 60.12 -54.20
CA VAL C 1013 -15.25 61.17 -54.22
C VAL C 1013 -15.28 61.92 -55.53
N MET C 1014 -15.39 61.18 -56.63
CA MET C 1014 -15.47 61.80 -57.96
C MET C 1014 -16.85 62.38 -58.21
N SER C 1015 -17.88 61.91 -57.49
CA SER C 1015 -19.20 62.51 -57.60
C SER C 1015 -19.26 63.89 -56.98
N VAL C 1016 -18.54 64.12 -55.89
CA VAL C 1016 -18.42 65.47 -55.36
C VAL C 1016 -17.50 66.30 -56.25
N TYR C 1017 -16.41 65.68 -56.75
CA TYR C 1017 -15.54 66.34 -57.72
C TYR C 1017 -16.26 66.69 -59.01
N LEU C 1018 -17.24 65.88 -59.42
CA LEU C 1018 -18.09 66.28 -60.54
C LEU C 1018 -18.96 67.48 -60.16
N PHE C 1019 -19.38 67.54 -58.89
CA PHE C 1019 -20.10 68.71 -58.42
C PHE C 1019 -19.15 69.89 -58.21
N MET C 1020 -17.97 69.63 -57.62
CA MET C 1020 -17.06 70.72 -57.24
C MET C 1020 -16.49 71.44 -58.46
N LYS C 1021 -16.44 70.77 -59.61
CA LYS C 1021 -16.01 71.45 -60.83
C LYS C 1021 -17.18 72.16 -61.51
N ARG C 1022 -18.39 71.60 -61.40
CA ARG C 1022 -19.53 72.15 -62.13
C ARG C 1022 -20.31 73.17 -61.31
N TYR C 1023 -20.19 73.15 -59.97
CA TYR C 1023 -20.71 74.27 -59.18
C TYR C 1023 -19.91 75.53 -59.41
N THR C 1024 -18.63 75.39 -59.75
CA THR C 1024 -17.84 76.52 -60.21
C THR C 1024 -18.27 76.95 -61.61
N ALA C 1025 -18.76 76.00 -62.42
CA ALA C 1025 -19.08 76.29 -63.82
C ALA C 1025 -20.35 77.11 -63.96
N GLU C 1026 -21.18 77.18 -62.93
CA GLU C 1026 -22.40 77.98 -62.98
C GLU C 1026 -22.11 79.42 -62.57
N ASN D 1 -18.65 -84.78 -6.85
CA ASN D 1 -17.62 -84.27 -7.74
C ASN D 1 -16.66 -83.39 -6.95
N SER D 2 -15.61 -84.01 -6.41
CA SER D 2 -14.64 -83.31 -5.56
C SER D 2 -13.48 -82.80 -6.41
N ILE D 3 -13.62 -81.55 -6.86
CA ILE D 3 -12.57 -80.85 -7.60
C ILE D 3 -11.46 -80.47 -6.63
N GLN D 4 -10.23 -80.90 -6.91
CA GLN D 4 -9.13 -80.61 -6.01
C GLN D 4 -8.31 -79.44 -6.54
N ILE D 5 -8.14 -78.40 -5.71
CA ILE D 5 -7.35 -77.23 -6.04
C ILE D 5 -6.25 -77.11 -5.00
N GLY D 6 -5.45 -76.04 -5.09
CA GLY D 6 -4.36 -75.86 -4.15
C GLY D 6 -4.29 -74.49 -3.51
N GLY D 7 -3.68 -74.41 -2.33
CA GLY D 7 -3.60 -73.16 -1.60
C GLY D 7 -2.21 -72.78 -1.15
N LEU D 8 -1.78 -71.57 -1.48
CA LEU D 8 -0.48 -71.05 -1.07
C LEU D 8 -0.69 -69.80 -0.25
N PHE D 9 -0.73 -69.96 1.07
CA PHE D 9 -1.03 -68.80 1.89
C PHE D 9 0.18 -68.33 2.68
N PRO D 10 0.33 -67.02 2.85
CA PRO D 10 1.45 -66.49 3.62
C PRO D 10 1.30 -66.78 5.09
N ARG D 11 2.44 -66.83 5.77
CA ARG D 11 2.43 -67.00 7.21
C ARG D 11 1.98 -65.70 7.87
N GLY D 12 0.99 -65.80 8.74
CA GLY D 12 0.44 -64.62 9.36
C GLY D 12 -0.62 -63.93 8.54
N ALA D 13 -1.08 -64.54 7.46
CA ALA D 13 -2.20 -63.99 6.68
C ALA D 13 -3.52 -64.57 7.20
N ASP D 14 -3.89 -64.13 8.40
CA ASP D 14 -4.92 -64.83 9.16
C ASP D 14 -6.32 -64.51 8.64
N GLN D 15 -6.62 -63.23 8.43
CA GLN D 15 -7.97 -62.83 8.04
C GLN D 15 -8.30 -63.28 6.63
N GLU D 16 -7.30 -63.36 5.76
CA GLU D 16 -7.55 -63.91 4.43
C GLU D 16 -7.83 -65.41 4.50
N TYR D 17 -7.21 -66.11 5.44
CA TYR D 17 -7.45 -67.54 5.59
C TYR D 17 -8.84 -67.80 6.13
N SER D 18 -9.31 -66.97 7.05
CA SER D 18 -10.68 -67.08 7.52
C SER D 18 -11.67 -66.73 6.42
N ALA D 19 -11.41 -65.64 5.68
CA ALA D 19 -12.27 -65.28 4.57
C ALA D 19 -12.18 -66.26 3.42
N PHE D 20 -11.16 -67.11 3.40
CA PHE D 20 -11.17 -68.23 2.47
C PHE D 20 -12.23 -69.26 2.87
N ARG D 21 -12.32 -69.59 4.15
CA ARG D 21 -13.22 -70.67 4.57
C ARG D 21 -14.67 -70.23 4.54
N VAL D 22 -14.92 -68.92 4.61
CA VAL D 22 -16.28 -68.41 4.59
C VAL D 22 -16.95 -68.67 3.25
N GLY D 23 -16.24 -68.41 2.16
CA GLY D 23 -16.75 -68.78 0.85
C GLY D 23 -16.81 -70.28 0.62
N MET D 24 -15.93 -71.04 1.26
CA MET D 24 -15.95 -72.49 1.12
C MET D 24 -17.19 -73.10 1.75
N VAL D 25 -17.75 -72.43 2.77
CA VAL D 25 -18.98 -72.92 3.38
C VAL D 25 -20.19 -72.40 2.60
N GLN D 26 -20.21 -71.09 2.29
CA GLN D 26 -21.38 -70.52 1.63
C GLN D 26 -21.48 -70.96 0.18
N PHE D 27 -20.43 -70.77 -0.60
CA PHE D 27 -20.50 -71.11 -2.01
C PHE D 27 -20.27 -72.59 -2.29
N SER D 28 -20.24 -73.43 -1.26
CA SER D 28 -20.34 -74.86 -1.48
C SER D 28 -21.74 -75.18 -2.00
N THR D 29 -21.79 -75.97 -3.06
CA THR D 29 -23.04 -76.35 -3.68
C THR D 29 -23.22 -77.86 -3.54
N SER D 30 -24.45 -78.31 -3.77
CA SER D 30 -24.77 -79.72 -3.61
C SER D 30 -24.19 -80.58 -4.71
N GLU D 31 -23.88 -79.99 -5.87
CA GLU D 31 -23.58 -80.79 -7.05
C GLU D 31 -22.09 -81.03 -7.24
N PHE D 32 -21.24 -80.22 -6.61
CA PHE D 32 -19.81 -80.51 -6.60
C PHE D 32 -19.16 -79.91 -5.36
N ARG D 33 -17.92 -80.33 -5.14
CA ARG D 33 -17.15 -79.99 -3.94
C ARG D 33 -15.76 -79.50 -4.36
N LEU D 34 -15.23 -78.51 -3.65
CA LEU D 34 -13.91 -77.97 -3.90
C LEU D 34 -12.97 -78.40 -2.79
N THR D 35 -11.86 -79.07 -3.16
CA THR D 35 -10.93 -79.55 -2.17
C THR D 35 -9.77 -78.58 -2.04
N PRO D 36 -9.62 -77.89 -0.91
CA PRO D 36 -8.63 -76.82 -0.81
C PRO D 36 -7.16 -77.25 -0.81
N HIS D 37 -6.77 -78.15 0.09
CA HIS D 37 -5.38 -78.59 0.28
C HIS D 37 -4.41 -77.41 0.45
N ILE D 38 -4.59 -76.72 1.56
CA ILE D 38 -3.94 -75.43 1.80
C ILE D 38 -2.56 -75.68 2.39
N ASP D 39 -1.57 -74.95 1.89
CA ASP D 39 -0.22 -74.97 2.41
C ASP D 39 0.15 -73.59 2.95
N ASN D 40 1.08 -73.58 3.91
CA ASN D 40 1.53 -72.35 4.54
C ASN D 40 3.00 -72.13 4.25
N LEU D 41 3.37 -70.87 4.05
CA LEU D 41 4.69 -70.54 3.54
C LEU D 41 5.00 -69.08 3.82
N GLU D 42 6.23 -68.71 3.49
CA GLU D 42 6.67 -67.31 3.49
C GLU D 42 6.80 -66.86 2.05
N VAL D 43 6.01 -65.86 1.66
CA VAL D 43 5.73 -65.64 0.25
C VAL D 43 6.87 -64.92 -0.46
N ALA D 44 7.80 -64.31 0.26
CA ALA D 44 8.88 -63.60 -0.41
C ALA D 44 10.06 -64.50 -0.76
N ASN D 45 10.05 -65.74 -0.30
CA ASN D 45 11.16 -66.67 -0.57
C ASN D 45 10.82 -67.49 -1.80
N SER D 46 11.47 -67.19 -2.92
CA SER D 46 11.09 -67.81 -4.18
C SER D 46 11.48 -69.28 -4.25
N PHE D 47 12.43 -69.73 -3.43
CA PHE D 47 12.58 -71.16 -3.20
C PHE D 47 11.33 -71.74 -2.58
N ALA D 48 10.81 -71.07 -1.55
CA ALA D 48 9.69 -71.60 -0.80
C ALA D 48 8.41 -71.53 -1.61
N VAL D 49 8.33 -70.59 -2.54
CA VAL D 49 7.20 -70.60 -3.47
C VAL D 49 7.33 -71.75 -4.44
N THR D 50 8.57 -72.08 -4.82
CA THR D 50 8.80 -73.06 -5.88
C THR D 50 8.45 -74.47 -5.44
N ASN D 51 9.00 -74.93 -4.32
CA ASN D 51 8.75 -76.30 -3.90
C ASN D 51 7.34 -76.48 -3.35
N ALA D 52 6.70 -75.39 -2.93
CA ALA D 52 5.27 -75.48 -2.64
C ALA D 52 4.45 -75.47 -3.91
N PHE D 53 4.98 -74.91 -5.00
CA PHE D 53 4.28 -75.02 -6.27
C PHE D 53 4.42 -76.42 -6.85
N CYS D 54 5.63 -76.97 -6.84
CA CYS D 54 5.85 -78.29 -7.41
C CYS D 54 5.28 -79.40 -6.54
N SER D 55 5.02 -79.15 -5.26
CA SER D 55 4.34 -80.14 -4.45
C SER D 55 2.92 -80.34 -4.91
N GLN D 56 2.18 -79.24 -5.06
CA GLN D 56 0.80 -79.34 -5.48
C GLN D 56 0.67 -79.76 -6.93
N PHE D 57 1.66 -79.45 -7.76
CA PHE D 57 1.61 -79.94 -9.13
C PHE D 57 1.98 -81.42 -9.19
N SER D 58 2.71 -81.90 -8.20
CA SER D 58 2.89 -83.35 -8.08
C SER D 58 1.62 -84.02 -7.58
N ARG D 59 0.84 -83.33 -6.74
CA ARG D 59 -0.46 -83.85 -6.33
C ARG D 59 -1.47 -83.82 -7.46
N GLY D 60 -1.39 -82.82 -8.34
CA GLY D 60 -2.34 -82.69 -9.41
C GLY D 60 -3.48 -81.81 -8.96
N VAL D 61 -3.59 -80.63 -9.54
CA VAL D 61 -4.65 -79.69 -9.23
C VAL D 61 -5.18 -79.13 -10.54
N TYR D 62 -6.35 -78.50 -10.48
CA TYR D 62 -6.92 -77.87 -11.66
C TYR D 62 -6.70 -76.38 -11.67
N ALA D 63 -6.60 -75.77 -10.49
CA ALA D 63 -6.26 -74.37 -10.36
C ALA D 63 -5.61 -74.18 -8.99
N ILE D 64 -4.91 -73.06 -8.84
CA ILE D 64 -4.26 -72.73 -7.58
C ILE D 64 -4.62 -71.30 -7.19
N PHE D 65 -5.15 -71.15 -5.99
CA PHE D 65 -5.34 -69.87 -5.36
C PHE D 65 -4.20 -69.64 -4.39
N GLY D 66 -3.73 -68.41 -4.32
CA GLY D 66 -2.59 -68.10 -3.47
C GLY D 66 -2.17 -66.67 -3.68
N PHE D 67 -1.21 -66.23 -2.87
CA PHE D 67 -0.69 -64.88 -2.97
C PHE D 67 0.71 -64.93 -3.54
N TYR D 68 1.12 -63.83 -4.17
CA TYR D 68 2.54 -63.63 -4.46
C TYR D 68 2.96 -62.31 -3.87
N ASP D 69 4.22 -61.97 -4.10
CA ASP D 69 4.80 -60.74 -3.62
C ASP D 69 5.67 -60.20 -4.75
N LYS D 70 6.37 -59.09 -4.50
CA LYS D 70 7.25 -58.57 -5.52
C LYS D 70 8.45 -59.45 -5.78
N LYS D 71 9.01 -60.07 -4.73
CA LYS D 71 10.19 -60.92 -4.88
C LYS D 71 9.86 -62.33 -5.31
N SER D 72 8.62 -62.58 -5.75
CA SER D 72 8.26 -63.94 -6.17
C SER D 72 7.33 -63.94 -7.35
N VAL D 73 7.00 -62.76 -7.89
CA VAL D 73 5.95 -62.68 -8.90
C VAL D 73 6.40 -63.31 -10.21
N ASN D 74 7.67 -63.20 -10.55
CA ASN D 74 8.11 -63.78 -11.82
C ASN D 74 8.33 -65.27 -11.71
N THR D 75 8.44 -65.80 -10.50
CA THR D 75 8.44 -67.24 -10.32
C THR D 75 7.06 -67.81 -10.64
N ILE D 76 6.02 -67.04 -10.33
CA ILE D 76 4.66 -67.49 -10.58
C ILE D 76 4.33 -67.38 -12.06
N THR D 77 4.53 -66.19 -12.64
CA THR D 77 4.11 -65.95 -14.02
C THR D 77 4.93 -66.73 -15.04
N SER D 78 6.09 -67.24 -14.66
CA SER D 78 6.80 -68.14 -15.56
C SER D 78 6.22 -69.54 -15.51
N PHE D 79 5.91 -70.03 -14.30
CA PHE D 79 5.44 -71.41 -14.17
C PHE D 79 4.05 -71.59 -14.75
N CYS D 80 3.18 -70.61 -14.56
CA CYS D 80 1.82 -70.72 -15.07
C CYS D 80 1.79 -70.55 -16.59
N GLY D 81 2.76 -69.86 -17.16
CA GLY D 81 2.92 -69.89 -18.60
C GLY D 81 3.43 -71.23 -19.09
N THR D 82 4.28 -71.88 -18.29
CA THR D 82 4.89 -73.13 -18.71
C THR D 82 3.94 -74.30 -18.52
N LEU D 83 3.56 -74.59 -17.28
CA LEU D 83 2.75 -75.77 -17.00
C LEU D 83 1.26 -75.53 -17.23
N HIS D 84 0.88 -74.32 -17.66
CA HIS D 84 -0.48 -74.00 -18.10
C HIS D 84 -1.51 -74.19 -16.99
N VAL D 85 -1.09 -74.00 -15.75
CA VAL D 85 -1.94 -74.11 -14.58
C VAL D 85 -2.41 -72.70 -14.25
N SER D 86 -3.72 -72.51 -14.22
CA SER D 86 -4.25 -71.17 -13.96
C SER D 86 -4.06 -70.79 -12.50
N PHE D 87 -4.01 -69.49 -12.25
CA PHE D 87 -3.62 -68.97 -10.95
C PHE D 87 -4.49 -67.75 -10.66
N ILE D 88 -5.34 -67.87 -9.65
CA ILE D 88 -6.24 -66.80 -9.25
C ILE D 88 -5.66 -66.17 -8.00
N THR D 89 -5.59 -64.86 -7.97
CA THR D 89 -4.87 -64.20 -6.88
C THR D 89 -5.40 -62.80 -6.65
N PRO D 90 -5.39 -62.35 -5.39
CA PRO D 90 -5.77 -60.97 -5.06
C PRO D 90 -4.63 -59.97 -5.01
N SER D 91 -3.41 -60.36 -5.36
CA SER D 91 -2.25 -59.50 -5.15
C SER D 91 -2.22 -58.38 -6.19
N PHE D 92 -1.14 -57.63 -6.20
CA PHE D 92 -1.00 -56.48 -7.06
C PHE D 92 -0.92 -56.93 -8.52
N PRO D 93 -1.41 -56.11 -9.46
CA PRO D 93 -1.49 -56.55 -10.85
C PRO D 93 -0.12 -56.61 -11.50
N THR D 94 0.13 -57.70 -12.19
CA THR D 94 1.35 -57.80 -12.99
C THR D 94 1.22 -56.92 -14.22
N ASP D 95 2.33 -56.31 -14.61
CA ASP D 95 2.36 -55.47 -15.79
C ASP D 95 2.76 -56.32 -16.98
N GLY D 96 1.97 -56.24 -18.04
CA GLY D 96 2.18 -57.09 -19.19
C GLY D 96 0.96 -57.92 -19.48
N THR D 97 1.10 -58.90 -20.37
CA THR D 97 -0.01 -59.73 -20.80
C THR D 97 0.33 -61.16 -20.40
N HIS D 98 -0.08 -61.55 -19.23
CA HIS D 98 0.34 -62.85 -18.76
C HIS D 98 -0.80 -63.85 -18.87
N PRO D 99 -0.59 -64.99 -19.51
CA PRO D 99 -1.62 -66.03 -19.52
C PRO D 99 -1.70 -66.71 -18.17
N PHE D 100 -2.87 -67.32 -17.93
CA PHE D 100 -3.15 -68.21 -16.79
C PHE D 100 -3.06 -67.50 -15.44
N VAL D 101 -3.19 -66.19 -15.41
CA VAL D 101 -3.13 -65.44 -14.16
C VAL D 101 -4.38 -64.59 -14.04
N ILE D 102 -5.15 -64.83 -12.98
CA ILE D 102 -6.35 -64.06 -12.70
C ILE D 102 -6.04 -63.11 -11.56
N GLN D 103 -5.91 -61.82 -11.88
CA GLN D 103 -5.76 -60.79 -10.88
C GLN D 103 -7.13 -60.43 -10.34
N MET D 104 -7.37 -60.71 -9.06
CA MET D 104 -8.61 -60.30 -8.44
C MET D 104 -8.58 -58.85 -7.99
N ARG D 105 -7.41 -58.22 -7.97
CA ARG D 105 -7.33 -56.84 -7.55
C ARG D 105 -7.55 -55.95 -8.75
N PRO D 106 -8.35 -54.91 -8.65
CA PRO D 106 -8.45 -53.96 -9.75
C PRO D 106 -7.21 -53.10 -9.86
N ASP D 107 -7.00 -52.54 -11.04
CA ASP D 107 -5.97 -51.55 -11.21
C ASP D 107 -6.37 -50.28 -10.47
N LEU D 108 -5.38 -49.46 -10.16
CA LEU D 108 -5.59 -48.24 -9.41
C LEU D 108 -5.14 -46.99 -10.14
N LYS D 109 -4.18 -47.11 -11.06
CA LYS D 109 -3.37 -45.98 -11.50
C LYS D 109 -4.18 -44.93 -12.25
N GLY D 110 -5.25 -45.34 -12.92
CA GLY D 110 -6.10 -44.35 -13.58
C GLY D 110 -6.89 -43.54 -12.58
N ALA D 111 -7.44 -44.19 -11.56
CA ALA D 111 -8.20 -43.50 -10.54
C ALA D 111 -7.32 -42.56 -9.73
N LEU D 112 -6.08 -42.97 -9.47
CA LEU D 112 -5.17 -42.11 -8.71
C LEU D 112 -4.78 -40.88 -9.53
N LEU D 113 -4.55 -41.07 -10.83
CA LEU D 113 -4.24 -39.93 -11.67
C LEU D 113 -5.45 -39.03 -11.85
N SER D 114 -6.65 -39.61 -11.96
CA SER D 114 -7.86 -38.81 -12.10
C SER D 114 -8.15 -37.97 -10.88
N LEU D 115 -7.69 -38.41 -9.70
CA LEU D 115 -8.00 -37.68 -8.48
C LEU D 115 -7.19 -36.40 -8.37
N ILE D 116 -5.97 -36.41 -8.92
CA ILE D 116 -5.03 -35.33 -8.65
C ILE D 116 -5.44 -34.05 -9.39
N GLU D 117 -5.94 -34.18 -10.61
CA GLU D 117 -6.43 -33.00 -11.30
C GLU D 117 -7.73 -32.51 -10.70
N TYR D 118 -8.48 -33.39 -10.04
CA TYR D 118 -9.70 -32.97 -9.36
C TYR D 118 -9.38 -32.01 -8.22
N TYR D 119 -8.28 -32.25 -7.53
CA TYR D 119 -7.78 -31.29 -6.56
C TYR D 119 -6.92 -30.22 -7.18
N GLN D 120 -6.59 -30.35 -8.47
CA GLN D 120 -5.79 -29.39 -9.25
C GLN D 120 -4.43 -29.15 -8.61
N TRP D 121 -3.66 -30.23 -8.48
CA TRP D 121 -2.35 -30.14 -7.86
C TRP D 121 -1.27 -29.89 -8.91
N ASP D 122 -0.26 -29.13 -8.51
CA ASP D 122 0.88 -28.83 -9.34
C ASP D 122 2.21 -29.25 -8.74
N LYS D 123 2.31 -29.28 -7.41
CA LYS D 123 3.55 -29.60 -6.73
C LYS D 123 3.22 -30.44 -5.51
N PHE D 124 3.69 -31.68 -5.49
CA PHE D 124 3.42 -32.57 -4.37
C PHE D 124 4.56 -33.57 -4.24
N ALA D 125 4.57 -34.26 -3.12
CA ALA D 125 5.51 -35.34 -2.89
C ALA D 125 4.78 -36.67 -3.03
N TYR D 126 5.54 -37.75 -3.09
CA TYR D 126 4.98 -39.06 -3.36
C TYR D 126 5.78 -40.10 -2.59
N LEU D 127 5.33 -40.45 -1.41
CA LEU D 127 6.03 -41.42 -0.58
C LEU D 127 5.59 -42.80 -1.00
N TYR D 128 6.50 -43.57 -1.60
CA TYR D 128 6.16 -44.86 -2.15
C TYR D 128 6.91 -45.95 -1.44
N ASP D 129 6.45 -47.18 -1.66
CA ASP D 129 7.03 -48.36 -1.08
C ASP D 129 7.35 -49.36 -2.18
N SER D 130 8.42 -50.10 -1.99
CA SER D 130 8.91 -51.03 -2.99
C SER D 130 8.20 -52.37 -2.97
N ASP D 131 7.29 -52.58 -2.01
CA ASP D 131 6.81 -53.92 -1.75
C ASP D 131 5.79 -54.38 -2.78
N ARG D 132 5.11 -53.45 -3.42
CA ARG D 132 4.06 -53.78 -4.38
C ARG D 132 4.48 -53.47 -5.81
N GLY D 133 5.77 -53.53 -6.10
CA GLY D 133 6.23 -53.13 -7.41
C GLY D 133 6.40 -51.64 -7.49
N LEU D 134 6.77 -51.13 -8.66
CA LEU D 134 6.96 -49.70 -8.86
C LEU D 134 6.02 -49.16 -9.92
N SER D 135 4.94 -49.90 -10.20
CA SER D 135 4.06 -49.58 -11.32
C SER D 135 3.34 -48.26 -11.11
N THR D 136 2.87 -48.00 -9.90
CA THR D 136 2.18 -46.77 -9.61
C THR D 136 3.13 -45.59 -9.68
N LEU D 137 4.38 -45.80 -9.29
CA LEU D 137 5.39 -44.76 -9.42
C LEU D 137 5.70 -44.45 -10.87
N GLN D 138 5.82 -45.49 -11.69
CA GLN D 138 6.17 -45.28 -13.10
C GLN D 138 5.06 -44.60 -13.87
N ALA D 139 3.81 -44.80 -13.48
CA ALA D 139 2.72 -44.14 -14.17
C ALA D 139 2.71 -42.65 -13.88
N VAL D 140 2.88 -42.27 -12.62
CA VAL D 140 2.81 -40.86 -12.28
C VAL D 140 4.08 -40.15 -12.69
N LEU D 141 5.18 -40.87 -12.87
CA LEU D 141 6.35 -40.23 -13.45
C LEU D 141 6.21 -40.08 -14.95
N ASP D 142 5.43 -40.94 -15.60
CA ASP D 142 5.06 -40.68 -16.98
C ASP D 142 4.10 -39.51 -17.07
N SER D 143 3.20 -39.41 -16.10
CA SER D 143 2.18 -38.38 -16.18
C SER D 143 2.69 -37.01 -15.77
N ALA D 144 3.77 -36.95 -14.98
CA ALA D 144 4.21 -35.67 -14.44
C ALA D 144 4.91 -34.82 -15.49
N ALA D 145 5.43 -35.44 -16.54
CA ALA D 145 6.08 -34.66 -17.59
C ALA D 145 5.06 -33.87 -18.40
N GLU D 146 4.06 -34.56 -18.94
CA GLU D 146 3.18 -33.93 -19.91
C GLU D 146 2.15 -33.02 -19.27
N LYS D 147 1.87 -33.19 -17.98
CA LYS D 147 0.86 -32.36 -17.33
C LYS D 147 1.45 -31.46 -16.26
N LYS D 148 2.76 -31.17 -16.34
CA LYS D 148 3.43 -30.09 -15.61
C LYS D 148 3.29 -30.25 -14.09
N TRP D 149 3.91 -31.29 -13.54
CA TRP D 149 3.92 -31.52 -12.10
C TRP D 149 5.35 -31.38 -11.59
N GLN D 150 5.50 -31.32 -10.27
CA GLN D 150 6.81 -31.35 -9.64
C GLN D 150 6.75 -32.42 -8.57
N VAL D 151 6.98 -33.67 -8.96
CA VAL D 151 6.81 -34.82 -8.09
C VAL D 151 8.12 -35.10 -7.39
N THR D 152 8.11 -35.02 -6.07
CA THR D 152 9.28 -35.34 -5.26
C THR D 152 9.03 -36.72 -4.69
N ALA D 153 9.41 -37.75 -5.42
CA ALA D 153 9.11 -39.12 -5.05
C ALA D 153 10.23 -39.64 -4.17
N ILE D 154 9.87 -40.17 -3.00
CA ILE D 154 10.84 -40.62 -2.02
C ILE D 154 10.51 -42.04 -1.63
N ASN D 155 11.48 -42.94 -1.78
CA ASN D 155 11.29 -44.31 -1.32
C ASN D 155 11.36 -44.32 0.19
N VAL D 156 10.60 -45.22 0.81
CA VAL D 156 10.47 -45.25 2.26
C VAL D 156 10.54 -46.67 2.80
N GLY D 157 10.51 -47.68 1.94
CA GLY D 157 10.46 -49.06 2.38
C GLY D 157 11.68 -49.57 3.11
N ASN D 158 12.86 -49.20 2.62
CA ASN D 158 14.11 -49.66 3.22
C ASN D 158 14.45 -48.92 4.51
N ILE D 159 13.66 -49.14 5.56
CA ILE D 159 13.89 -48.55 6.87
C ILE D 159 13.75 -49.64 7.93
N ASN D 160 14.76 -49.78 8.78
CA ASN D 160 14.76 -50.77 9.84
C ASN D 160 14.16 -50.20 11.11
N ASN D 161 13.50 -51.07 11.89
CA ASN D 161 12.68 -50.64 13.02
C ASN D 161 13.48 -50.04 14.16
N ASP D 162 14.79 -50.29 14.21
CA ASP D 162 15.62 -49.68 15.25
C ASP D 162 15.75 -48.17 15.05
N LYS D 163 15.61 -47.72 13.81
CA LYS D 163 15.84 -46.31 13.51
C LYS D 163 14.72 -45.69 12.69
N LYS D 164 13.47 -46.11 12.94
CA LYS D 164 12.34 -45.50 12.25
C LYS D 164 12.20 -44.02 12.59
N ASP D 165 12.11 -43.71 13.88
CA ASP D 165 11.75 -42.37 14.34
C ASP D 165 12.81 -41.35 13.98
N GLU D 166 14.07 -41.75 13.90
CA GLU D 166 15.10 -40.81 13.47
C GLU D 166 14.98 -40.50 11.98
N THR D 167 14.47 -41.44 11.19
CA THR D 167 14.42 -41.23 9.74
C THR D 167 13.23 -40.38 9.32
N TYR D 168 12.06 -40.60 9.92
CA TYR D 168 10.86 -39.93 9.45
C TYR D 168 10.88 -38.45 9.79
N ARG D 169 11.50 -38.08 10.92
CA ARG D 169 11.78 -36.67 11.18
C ARG D 169 12.66 -36.10 10.10
N SER D 170 13.75 -36.82 9.79
CA SER D 170 14.67 -36.41 8.73
C SER D 170 14.01 -36.45 7.36
N LEU D 171 12.97 -37.28 7.21
CA LEU D 171 12.18 -37.27 6.00
C LEU D 171 11.37 -35.98 5.90
N PHE D 172 10.55 -35.70 6.90
CA PHE D 172 9.63 -34.58 6.77
C PHE D 172 10.28 -33.23 7.06
N GLN D 173 11.45 -33.19 7.71
CA GLN D 173 12.18 -31.92 7.79
C GLN D 173 12.68 -31.50 6.43
N ASP D 174 12.94 -32.46 5.54
CA ASP D 174 13.28 -32.13 4.16
C ASP D 174 12.10 -31.52 3.43
N LEU D 175 10.89 -32.02 3.68
CA LEU D 175 9.73 -31.53 2.96
C LEU D 175 9.33 -30.14 3.42
N GLU D 176 9.66 -29.77 4.66
CA GLU D 176 9.39 -28.41 5.11
C GLU D 176 10.31 -27.41 4.44
N LEU D 177 11.56 -27.81 4.17
CA LEU D 177 12.47 -26.95 3.42
C LEU D 177 12.02 -26.81 1.97
N LYS D 178 11.28 -27.79 1.47
CA LYS D 178 10.62 -27.69 0.18
C LYS D 178 9.24 -27.05 0.31
N LYS D 179 8.76 -26.90 1.54
CA LYS D 179 7.42 -26.40 1.87
C LYS D 179 6.34 -27.22 1.18
N GLU D 180 6.39 -28.52 1.38
CA GLU D 180 5.42 -29.42 0.76
C GLU D 180 4.19 -29.52 1.65
N ARG D 181 3.05 -29.21 1.07
CA ARG D 181 1.76 -29.33 1.74
C ARG D 181 1.00 -30.58 1.35
N ARG D 182 1.34 -31.17 0.21
CA ARG D 182 0.57 -32.25 -0.38
C ARG D 182 1.42 -33.50 -0.46
N VAL D 183 0.85 -34.63 -0.05
CA VAL D 183 1.57 -35.88 0.05
C VAL D 183 0.66 -37.01 -0.42
N ILE D 184 1.16 -37.87 -1.30
CA ILE D 184 0.50 -39.13 -1.61
C ILE D 184 1.24 -40.25 -0.89
N LEU D 185 0.54 -40.98 -0.04
CA LEU D 185 1.08 -42.19 0.56
C LEU D 185 0.68 -43.36 -0.31
N ASP D 186 1.63 -44.23 -0.61
CA ASP D 186 1.39 -45.35 -1.51
C ASP D 186 1.98 -46.58 -0.85
N CYS D 187 1.22 -47.19 0.05
CA CYS D 187 1.74 -48.29 0.83
C CYS D 187 0.62 -49.28 1.12
N GLU D 188 0.98 -50.34 1.84
CA GLU D 188 0.01 -51.26 2.41
C GLU D 188 -0.50 -50.72 3.73
N ARG D 189 -1.15 -51.56 4.55
CA ARG D 189 -1.69 -51.11 5.83
C ARG D 189 -0.60 -50.63 6.77
N ASP D 190 0.45 -51.44 6.94
CA ASP D 190 1.35 -51.24 8.06
C ASP D 190 2.22 -50.02 7.87
N LYS D 191 2.63 -49.74 6.63
CA LYS D 191 3.44 -48.57 6.41
C LYS D 191 2.60 -47.31 6.39
N VAL D 192 1.29 -47.44 6.21
CA VAL D 192 0.44 -46.27 6.41
C VAL D 192 0.32 -45.97 7.90
N ASN D 193 0.07 -47.00 8.71
CA ASN D 193 -0.09 -46.79 10.14
C ASN D 193 1.22 -46.37 10.80
N ASP D 194 2.37 -46.73 10.23
CA ASP D 194 3.62 -46.22 10.75
C ASP D 194 3.79 -44.75 10.43
N ILE D 195 3.53 -44.36 9.18
CA ILE D 195 3.78 -42.99 8.75
C ILE D 195 2.81 -42.04 9.39
N VAL D 196 1.54 -42.43 9.48
CA VAL D 196 0.52 -41.58 10.09
C VAL D 196 0.83 -41.38 11.57
N ASP D 197 1.35 -42.41 12.24
CA ASP D 197 1.81 -42.22 13.62
C ASP D 197 3.03 -41.31 13.69
N GLN D 198 3.81 -41.22 12.62
CA GLN D 198 4.92 -40.28 12.62
C GLN D 198 4.52 -38.91 12.10
N VAL D 199 3.44 -38.83 11.33
CA VAL D 199 2.92 -37.52 10.93
C VAL D 199 2.36 -36.80 12.15
N ILE D 200 1.66 -37.54 13.00
CA ILE D 200 1.01 -36.95 14.16
C ILE D 200 2.04 -36.49 15.18
N THR D 201 3.08 -37.29 15.39
CA THR D 201 4.06 -37.01 16.44
C THR D 201 4.87 -35.76 16.14
N ILE D 202 5.19 -35.53 14.87
CA ILE D 202 5.80 -34.26 14.49
C ILE D 202 4.76 -33.19 14.26
N GLY D 203 3.48 -33.54 14.27
CA GLY D 203 2.44 -32.54 14.11
C GLY D 203 2.35 -31.99 12.71
N LYS D 204 2.05 -32.84 11.75
CA LYS D 204 1.95 -32.44 10.37
C LYS D 204 0.62 -32.90 9.77
N HIS D 205 -0.45 -32.80 10.57
CA HIS D 205 -1.79 -33.12 10.11
C HIS D 205 -2.78 -32.03 10.45
N VAL D 206 -2.32 -30.81 10.68
CA VAL D 206 -3.19 -29.66 10.87
C VAL D 206 -3.68 -29.17 9.53
N LYS D 207 -4.63 -28.24 9.57
CA LYS D 207 -5.18 -27.62 8.37
C LYS D 207 -4.09 -26.92 7.57
N GLY D 208 -4.16 -27.10 6.25
CA GLY D 208 -3.10 -26.71 5.35
C GLY D 208 -2.42 -27.87 4.64
N TYR D 209 -2.59 -29.07 5.17
CA TYR D 209 -1.97 -30.28 4.63
C TYR D 209 -3.03 -31.13 3.96
N HIS D 210 -2.60 -32.06 3.12
CA HIS D 210 -3.53 -32.93 2.44
C HIS D 210 -2.84 -34.24 2.12
N TYR D 211 -3.57 -35.33 2.28
CA TYR D 211 -3.00 -36.66 2.12
C TYR D 211 -3.91 -37.47 1.22
N ILE D 212 -3.32 -38.41 0.48
CA ILE D 212 -4.06 -39.37 -0.33
C ILE D 212 -3.47 -40.74 -0.07
N ILE D 213 -4.21 -41.60 0.59
CA ILE D 213 -3.74 -42.94 0.91
C ILE D 213 -4.06 -43.82 -0.28
N ALA D 214 -3.05 -44.10 -1.11
CA ALA D 214 -3.28 -44.68 -2.42
C ALA D 214 -3.20 -46.21 -2.35
N ASN D 215 -4.25 -46.78 -1.78
CA ASN D 215 -4.51 -48.20 -1.90
C ASN D 215 -6.01 -48.43 -1.76
N LEU D 216 -6.40 -49.70 -1.82
CA LEU D 216 -7.82 -49.96 -1.95
C LEU D 216 -8.54 -50.06 -0.61
N GLY D 217 -7.82 -50.04 0.50
CA GLY D 217 -8.50 -49.91 1.78
C GLY D 217 -8.31 -48.56 2.42
N PHE D 218 -9.31 -47.69 2.32
CA PHE D 218 -9.17 -46.39 2.96
C PHE D 218 -9.67 -46.41 4.39
N THR D 219 -10.77 -47.11 4.65
CA THR D 219 -11.23 -47.31 6.00
C THR D 219 -10.60 -48.52 6.66
N ASP D 220 -9.65 -49.16 6.00
CA ASP D 220 -9.06 -50.38 6.52
C ASP D 220 -8.15 -50.10 7.70
N GLY D 221 -7.21 -49.17 7.55
CA GLY D 221 -6.31 -48.81 8.62
C GLY D 221 -6.99 -47.92 9.65
N ASP D 222 -6.27 -47.70 10.75
CA ASP D 222 -6.76 -46.81 11.79
C ASP D 222 -6.75 -45.39 11.27
N LEU D 223 -7.87 -44.72 11.43
CA LEU D 223 -8.09 -43.44 10.80
C LEU D 223 -8.64 -42.42 11.78
N LEU D 224 -9.06 -42.87 12.96
CA LEU D 224 -9.57 -41.96 13.99
C LEU D 224 -8.51 -40.97 14.43
N LYS D 225 -7.25 -41.39 14.47
CA LYS D 225 -6.17 -40.56 14.97
C LYS D 225 -5.82 -39.38 14.06
N ILE D 226 -6.33 -39.34 12.83
CA ILE D 226 -6.24 -38.14 12.01
C ILE D 226 -7.61 -37.66 11.57
N GLN D 227 -8.68 -38.14 12.18
CA GLN D 227 -10.00 -37.68 11.79
C GLN D 227 -10.24 -36.23 12.19
N PHE D 228 -9.66 -35.81 13.30
CA PHE D 228 -9.99 -34.53 13.89
C PHE D 228 -8.87 -33.51 13.76
N GLY D 229 -7.89 -33.76 12.91
CA GLY D 229 -6.72 -32.91 12.85
C GLY D 229 -6.96 -31.57 12.20
N GLY D 230 -7.36 -31.60 10.94
CA GLY D 230 -7.54 -30.37 10.19
C GLY D 230 -7.09 -30.56 8.76
N ALA D 231 -6.21 -31.51 8.54
CA ALA D 231 -5.74 -31.84 7.20
C ALA D 231 -6.73 -32.77 6.52
N GLU D 232 -7.05 -32.46 5.28
CA GLU D 232 -8.01 -33.26 4.55
C GLU D 232 -7.35 -34.52 4.02
N VAL D 233 -7.97 -35.66 4.26
CA VAL D 233 -7.42 -36.95 3.88
C VAL D 233 -8.37 -37.61 2.90
N SER D 234 -7.89 -37.90 1.71
CA SER D 234 -8.69 -38.54 0.67
C SER D 234 -8.23 -39.97 0.50
N GLY D 235 -9.01 -40.76 -0.22
CA GLY D 235 -8.64 -42.15 -0.37
C GLY D 235 -9.56 -42.91 -1.29
N PHE D 236 -9.30 -44.21 -1.37
CA PHE D 236 -9.87 -45.10 -2.37
C PHE D 236 -10.39 -46.36 -1.69
N GLN D 237 -11.61 -46.77 -2.03
CA GLN D 237 -12.15 -47.99 -1.45
C GLN D 237 -13.05 -48.69 -2.45
N ILE D 238 -12.93 -50.00 -2.53
CA ILE D 238 -13.78 -50.79 -3.42
C ILE D 238 -14.91 -51.51 -2.69
N VAL D 239 -14.81 -51.68 -1.38
CA VAL D 239 -15.83 -52.41 -0.63
C VAL D 239 -16.76 -51.39 0.01
N ASP D 240 -17.88 -51.11 -0.65
CA ASP D 240 -18.84 -50.17 -0.08
C ASP D 240 -19.82 -50.92 0.81
N TYR D 241 -19.90 -50.50 2.06
CA TYR D 241 -20.76 -51.16 3.02
C TYR D 241 -22.23 -50.74 2.87
N ASP D 242 -22.49 -49.70 2.07
CA ASP D 242 -23.86 -49.29 1.80
C ASP D 242 -24.58 -50.27 0.89
N ASP D 243 -23.85 -51.15 0.22
CA ASP D 243 -24.49 -52.17 -0.61
C ASP D 243 -25.09 -53.25 0.27
N SER D 244 -26.22 -53.78 -0.17
CA SER D 244 -26.95 -54.79 0.61
C SER D 244 -26.19 -56.10 0.69
N LEU D 245 -25.60 -56.54 -0.43
CA LEU D 245 -24.87 -57.80 -0.46
C LEU D 245 -23.63 -57.76 0.43
N VAL D 246 -23.03 -56.57 0.56
CA VAL D 246 -21.98 -56.39 1.54
C VAL D 246 -22.55 -56.43 2.95
N SER D 247 -23.70 -55.80 3.14
CA SER D 247 -24.31 -55.70 4.46
C SER D 247 -24.79 -57.07 4.93
N LYS D 248 -25.24 -57.91 4.00
CA LYS D 248 -25.58 -59.28 4.32
C LYS D 248 -24.34 -60.07 4.74
N PHE D 249 -23.19 -59.71 4.17
CA PHE D 249 -21.96 -60.41 4.54
C PHE D 249 -21.48 -59.96 5.92
N ILE D 250 -21.48 -58.65 6.19
CA ILE D 250 -20.94 -58.09 7.42
C ILE D 250 -21.70 -58.57 8.64
N GLU D 251 -23.04 -58.61 8.54
CA GLU D 251 -23.84 -59.16 9.62
C GLU D 251 -23.57 -60.65 9.82
N ARG D 252 -23.24 -61.38 8.75
CA ARG D 252 -22.70 -62.71 8.96
C ARG D 252 -21.26 -62.67 9.45
N TRP D 253 -20.49 -61.68 9.01
CA TRP D 253 -19.08 -61.63 9.33
C TRP D 253 -18.84 -61.25 10.79
N SER D 254 -19.64 -60.32 11.30
CA SER D 254 -19.41 -59.83 12.66
C SER D 254 -19.76 -60.88 13.72
N THR D 255 -20.67 -61.79 13.40
CA THR D 255 -21.18 -62.75 14.36
C THR D 255 -20.26 -63.94 14.60
N LEU D 256 -19.13 -64.02 13.91
CA LEU D 256 -18.39 -65.27 13.93
C LEU D 256 -17.51 -65.36 15.18
N GLU D 257 -16.88 -66.52 15.33
CA GLU D 257 -16.08 -66.85 16.50
C GLU D 257 -14.60 -66.55 16.26
N GLU D 258 -13.93 -66.03 17.28
CA GLU D 258 -12.53 -65.66 17.16
C GLU D 258 -11.63 -66.88 17.02
N LYS D 259 -11.79 -67.88 17.89
CA LYS D 259 -10.90 -69.03 17.81
C LYS D 259 -11.27 -69.93 16.65
N GLU D 260 -12.50 -69.81 16.14
CA GLU D 260 -12.86 -70.54 14.94
C GLU D 260 -12.43 -69.79 13.69
N TYR D 261 -12.55 -68.47 13.70
CA TYR D 261 -12.11 -67.63 12.58
C TYR D 261 -11.42 -66.39 13.15
N PRO D 262 -10.08 -66.39 13.20
CA PRO D 262 -9.36 -65.24 13.76
C PRO D 262 -9.50 -63.97 12.95
N GLY D 263 -9.95 -62.90 13.60
CA GLY D 263 -10.19 -61.64 12.94
C GLY D 263 -11.55 -61.49 12.32
N ALA D 264 -12.46 -62.42 12.56
CA ALA D 264 -13.76 -62.36 11.90
C ALA D 264 -14.71 -61.39 12.61
N HIS D 265 -14.80 -61.49 13.94
CA HIS D 265 -15.73 -60.65 14.71
C HIS D 265 -15.18 -59.24 14.74
N THR D 266 -15.42 -58.52 13.64
CA THR D 266 -15.09 -57.12 13.49
C THR D 266 -16.28 -56.43 12.85
N ALA D 267 -16.17 -55.11 12.69
CA ALA D 267 -17.16 -54.35 11.97
C ALA D 267 -16.82 -54.17 10.50
N THR D 268 -15.54 -54.09 10.17
CA THR D 268 -15.10 -53.94 8.80
C THR D 268 -14.27 -55.13 8.39
N ILE D 269 -14.08 -55.27 7.08
CA ILE D 269 -13.23 -56.32 6.52
C ILE D 269 -12.27 -55.66 5.54
N LYS D 270 -11.04 -56.16 5.51
CA LYS D 270 -10.00 -55.58 4.69
C LYS D 270 -10.14 -56.05 3.24
N TYR D 271 -9.72 -55.19 2.30
CA TYR D 271 -9.97 -55.44 0.88
C TYR D 271 -9.22 -56.65 0.38
N THR D 272 -8.06 -56.94 0.98
CA THR D 272 -7.32 -58.14 0.64
C THR D 272 -8.12 -59.39 0.99
N SER D 273 -8.69 -59.43 2.20
CA SER D 273 -9.56 -60.55 2.55
C SER D 273 -10.89 -60.47 1.82
N ALA D 274 -11.27 -59.28 1.37
CA ALA D 274 -12.54 -59.15 0.65
C ALA D 274 -12.47 -59.81 -0.71
N LEU D 275 -11.36 -59.63 -1.42
CA LEU D 275 -11.19 -60.31 -2.69
C LEU D 275 -10.93 -61.79 -2.52
N THR D 276 -10.41 -62.19 -1.36
CA THR D 276 -10.25 -63.60 -1.05
C THR D 276 -11.60 -64.29 -0.99
N TYR D 277 -12.60 -63.63 -0.41
CA TYR D 277 -13.94 -64.16 -0.44
C TYR D 277 -14.54 -64.05 -1.83
N ASP D 278 -14.16 -63.03 -2.60
CA ASP D 278 -14.75 -62.84 -3.91
C ASP D 278 -14.26 -63.89 -4.91
N ALA D 279 -13.05 -64.40 -4.73
CA ALA D 279 -12.51 -65.32 -5.72
C ALA D 279 -13.10 -66.71 -5.59
N VAL D 280 -13.52 -67.09 -4.39
CA VAL D 280 -14.09 -68.41 -4.17
C VAL D 280 -15.44 -68.51 -4.86
N GLN D 281 -16.16 -67.39 -4.95
CA GLN D 281 -17.31 -67.31 -5.85
C GLN D 281 -16.89 -67.52 -7.30
N VAL D 282 -15.76 -66.95 -7.70
CA VAL D 282 -15.33 -67.06 -9.10
C VAL D 282 -14.80 -68.46 -9.38
N MET D 283 -14.10 -69.05 -8.41
CA MET D 283 -13.62 -70.42 -8.56
C MET D 283 -14.77 -71.42 -8.63
N THR D 284 -15.83 -71.16 -7.88
CA THR D 284 -16.98 -72.05 -7.91
C THR D 284 -17.77 -71.88 -9.21
N GLU D 285 -17.85 -70.64 -9.70
CA GLU D 285 -18.62 -70.33 -10.91
C GLU D 285 -18.06 -71.02 -12.14
N ALA D 286 -16.75 -71.27 -12.16
CA ALA D 286 -16.14 -71.95 -13.30
C ALA D 286 -16.62 -73.38 -13.43
N PHE D 287 -16.59 -74.13 -12.33
CA PHE D 287 -16.95 -75.53 -12.41
C PHE D 287 -18.45 -75.74 -12.49
N ARG D 288 -19.24 -74.71 -12.17
CA ARG D 288 -20.63 -74.71 -12.61
C ARG D 288 -20.70 -74.59 -14.12
N ASN D 289 -19.97 -73.62 -14.68
CA ASN D 289 -20.03 -73.36 -16.12
C ASN D 289 -19.34 -74.46 -16.91
N LEU D 290 -18.40 -75.16 -16.29
CA LEU D 290 -17.62 -76.16 -17.02
C LEU D 290 -18.44 -77.41 -17.33
N ARG D 291 -19.15 -77.93 -16.34
CA ARG D 291 -19.98 -79.11 -16.57
C ARG D 291 -21.28 -78.75 -17.27
N LYS D 292 -21.69 -77.48 -17.19
CA LYS D 292 -22.83 -77.02 -17.98
C LYS D 292 -22.53 -77.08 -19.47
N GLN D 293 -21.28 -76.84 -19.85
CA GLN D 293 -20.84 -77.06 -21.22
C GLN D 293 -20.44 -78.50 -21.48
N ARG D 294 -20.47 -79.34 -20.43
CA ARG D 294 -20.14 -80.76 -20.44
C ARG D 294 -18.75 -81.03 -21.02
N ILE D 295 -17.77 -80.22 -20.65
CA ILE D 295 -16.40 -80.47 -21.07
C ILE D 295 -15.70 -81.19 -19.92
N GLU D 296 -15.77 -82.52 -19.92
CA GLU D 296 -15.13 -83.30 -18.88
C GLU D 296 -13.62 -83.25 -19.06
N ILE D 297 -12.94 -82.68 -18.07
CA ILE D 297 -11.52 -82.39 -18.15
C ILE D 297 -10.79 -83.17 -17.06
N SER D 298 -11.36 -84.30 -16.66
CA SER D 298 -10.81 -85.07 -15.56
C SER D 298 -9.54 -85.76 -16.04
N ARG D 299 -8.41 -85.07 -15.90
CA ARG D 299 -7.12 -85.62 -16.28
C ARG D 299 -6.56 -86.51 -15.15
N ARG D 300 -7.16 -87.70 -15.06
CA ARG D 300 -6.74 -88.67 -14.05
C ARG D 300 -5.38 -89.27 -14.34
N GLY D 301 -4.83 -89.04 -15.53
CA GLY D 301 -3.43 -89.35 -15.77
C GLY D 301 -2.53 -88.54 -14.85
N ASN D 302 -1.52 -89.22 -14.30
CA ASN D 302 -0.68 -88.66 -13.24
C ASN D 302 0.16 -87.51 -13.77
N ALA D 303 0.09 -86.39 -13.05
CA ALA D 303 0.71 -85.15 -13.51
C ALA D 303 2.24 -85.26 -13.51
N GLY D 304 2.79 -86.05 -12.60
CA GLY D 304 4.23 -86.14 -12.48
C GLY D 304 4.81 -84.89 -11.86
N ASP D 305 6.12 -84.77 -11.99
CA ASP D 305 6.83 -83.66 -11.39
C ASP D 305 6.71 -82.40 -12.26
N CYS D 306 7.30 -81.31 -11.78
CA CYS D 306 7.43 -80.08 -12.52
C CYS D 306 8.74 -79.99 -13.30
N LEU D 307 9.72 -80.83 -12.95
CA LEU D 307 11.00 -80.85 -13.64
C LEU D 307 11.01 -81.98 -14.67
N ALA D 308 10.23 -81.77 -15.72
CA ALA D 308 10.19 -82.69 -16.85
C ALA D 308 11.05 -82.14 -17.98
N ASN D 309 11.76 -83.04 -18.66
CA ASN D 309 12.67 -82.63 -19.74
C ASN D 309 12.24 -83.35 -21.01
N PRO D 310 11.53 -82.69 -21.94
CA PRO D 310 10.99 -81.32 -21.86
C PRO D 310 9.73 -81.27 -21.01
N ALA D 311 9.48 -80.13 -20.39
CA ALA D 311 8.23 -79.94 -19.66
C ALA D 311 7.08 -79.85 -20.65
N VAL D 312 6.04 -80.63 -20.40
CA VAL D 312 4.91 -80.78 -21.30
C VAL D 312 3.67 -80.21 -20.62
N PRO D 313 2.86 -79.41 -21.31
CA PRO D 313 1.56 -79.01 -20.76
C PRO D 313 0.55 -80.14 -20.83
N TRP D 314 -0.69 -79.78 -20.51
CA TRP D 314 -1.83 -80.66 -20.72
C TRP D 314 -3.00 -79.79 -21.18
N GLY D 315 -3.50 -80.10 -22.39
CA GLY D 315 -4.38 -79.23 -23.16
C GLY D 315 -5.74 -78.98 -22.54
N GLN D 316 -6.13 -79.73 -21.52
CA GLN D 316 -7.34 -79.39 -20.80
C GLN D 316 -7.12 -78.21 -19.87
N GLY D 317 -5.86 -77.80 -19.66
CA GLY D 317 -5.61 -76.56 -18.96
C GLY D 317 -6.00 -75.35 -19.78
N VAL D 318 -6.01 -75.49 -21.10
CA VAL D 318 -6.47 -74.40 -21.96
C VAL D 318 -7.97 -74.23 -21.79
N GLU D 319 -8.68 -75.32 -21.51
CA GLU D 319 -10.11 -75.28 -21.28
C GLU D 319 -10.47 -74.51 -20.02
N ILE D 320 -9.59 -74.52 -19.03
CA ILE D 320 -9.95 -74.00 -17.71
C ILE D 320 -9.97 -72.48 -17.72
N GLU D 321 -8.92 -71.85 -18.26
CA GLU D 321 -8.81 -70.40 -18.16
C GLU D 321 -9.82 -69.68 -19.03
N ARG D 322 -10.29 -70.31 -20.11
CA ARG D 322 -11.32 -69.70 -20.92
C ARG D 322 -12.64 -69.65 -20.16
N ALA D 323 -12.88 -70.66 -19.33
CA ALA D 323 -14.00 -70.58 -18.40
C ALA D 323 -13.76 -69.52 -17.35
N LEU D 324 -12.50 -69.36 -16.91
CA LEU D 324 -12.21 -68.42 -15.83
C LEU D 324 -12.33 -66.98 -16.30
N LYS D 325 -11.98 -66.71 -17.55
CA LYS D 325 -12.10 -65.36 -18.07
C LYS D 325 -13.54 -65.01 -18.43
N GLN D 326 -14.33 -66.01 -18.82
CA GLN D 326 -15.72 -65.79 -19.21
C GLN D 326 -16.65 -65.97 -18.01
N VAL D 327 -16.34 -65.24 -16.94
CA VAL D 327 -17.18 -65.22 -15.75
C VAL D 327 -17.49 -63.76 -15.44
N GLN D 328 -18.77 -63.43 -15.36
CA GLN D 328 -19.23 -62.13 -14.88
C GLN D 328 -20.26 -62.37 -13.79
N VAL D 329 -19.83 -62.26 -12.55
CA VAL D 329 -20.69 -62.42 -11.39
C VAL D 329 -20.62 -61.13 -10.57
N GLU D 330 -21.35 -61.12 -9.46
CA GLU D 330 -21.35 -60.00 -8.55
C GLU D 330 -20.81 -60.44 -7.20
N GLY D 331 -19.95 -59.61 -6.62
CA GLY D 331 -19.35 -59.92 -5.34
C GLY D 331 -19.26 -58.70 -4.46
N LEU D 332 -18.32 -58.71 -3.53
CA LEU D 332 -18.23 -57.62 -2.56
C LEU D 332 -17.75 -56.33 -3.20
N SER D 333 -16.84 -56.43 -4.17
CA SER D 333 -16.31 -55.22 -4.79
C SER D 333 -17.25 -54.66 -5.85
N GLY D 334 -18.03 -55.53 -6.49
CA GLY D 334 -18.94 -55.07 -7.52
C GLY D 334 -18.99 -55.97 -8.73
N ASN D 335 -19.00 -55.36 -9.92
CA ASN D 335 -19.03 -56.14 -11.14
C ASN D 335 -17.64 -56.73 -11.41
N ILE D 336 -17.56 -58.05 -11.47
CA ILE D 336 -16.31 -58.75 -11.73
C ILE D 336 -16.30 -59.12 -13.20
N LYS D 337 -15.68 -58.27 -14.02
CA LYS D 337 -15.57 -58.53 -15.45
C LYS D 337 -14.10 -58.55 -15.85
N PHE D 338 -13.72 -59.57 -16.60
CA PHE D 338 -12.33 -59.85 -16.89
C PHE D 338 -11.99 -59.46 -18.31
N ASP D 339 -10.71 -59.54 -18.63
CA ASP D 339 -10.21 -59.32 -19.97
C ASP D 339 -9.71 -60.66 -20.52
N GLN D 340 -9.13 -60.64 -21.71
CA GLN D 340 -8.43 -61.82 -22.21
C GLN D 340 -7.13 -62.02 -21.44
N ASN D 341 -6.62 -60.96 -20.81
CA ASN D 341 -5.35 -61.03 -20.13
C ASN D 341 -5.48 -61.73 -18.78
N GLY D 342 -6.55 -61.43 -18.05
CA GLY D 342 -6.68 -61.82 -16.66
C GLY D 342 -6.90 -60.66 -15.73
N LYS D 343 -6.84 -59.44 -16.22
CA LYS D 343 -7.08 -58.23 -15.45
C LYS D 343 -8.57 -57.93 -15.42
N ARG D 344 -8.96 -57.12 -14.46
CA ARG D 344 -10.38 -56.80 -14.28
C ARG D 344 -10.76 -55.56 -15.06
N ILE D 345 -11.98 -55.56 -15.60
CA ILE D 345 -12.58 -54.40 -16.24
C ILE D 345 -14.02 -54.27 -15.75
N ASN D 346 -14.66 -53.16 -16.16
CA ASN D 346 -16.01 -52.74 -15.76
C ASN D 346 -16.20 -52.82 -14.24
N TYR D 347 -15.37 -52.04 -13.54
CA TYR D 347 -15.43 -52.01 -12.08
C TYR D 347 -15.56 -50.58 -11.59
N THR D 348 -15.88 -50.45 -10.31
CA THR D 348 -16.10 -49.17 -9.66
C THR D 348 -15.19 -49.04 -8.45
N ILE D 349 -14.64 -47.85 -8.27
CA ILE D 349 -13.79 -47.54 -7.11
C ILE D 349 -14.30 -46.27 -6.47
N ASN D 350 -14.65 -46.36 -5.19
CA ASN D 350 -15.34 -45.27 -4.51
C ASN D 350 -14.31 -44.27 -4.00
N ILE D 351 -14.29 -43.09 -4.59
CA ILE D 351 -13.45 -42.01 -4.09
C ILE D 351 -14.06 -41.51 -2.80
N MET D 352 -13.37 -41.76 -1.68
CA MET D 352 -13.88 -41.38 -0.38
C MET D 352 -12.98 -40.32 0.22
N GLU D 353 -13.58 -39.46 1.03
CA GLU D 353 -12.88 -38.37 1.67
C GLU D 353 -13.28 -38.32 3.13
N LEU D 354 -12.35 -37.91 3.98
CA LEU D 354 -12.50 -38.02 5.43
C LEU D 354 -12.97 -36.70 6.02
N LYS D 355 -14.21 -36.67 6.47
CA LYS D 355 -14.74 -35.56 7.26
C LYS D 355 -14.78 -35.95 8.72
N THR D 356 -15.11 -34.97 9.56
CA THR D 356 -15.05 -35.14 11.01
C THR D 356 -16.06 -36.16 11.50
N ASN D 357 -17.16 -36.36 10.78
CA ASN D 357 -18.09 -37.42 11.13
C ASN D 357 -17.56 -38.78 10.72
N GLY D 358 -16.63 -38.80 9.77
CA GLY D 358 -16.03 -40.04 9.34
C GLY D 358 -15.81 -40.10 7.84
N PRO D 359 -15.65 -41.31 7.32
CA PRO D 359 -15.50 -41.48 5.88
C PRO D 359 -16.81 -41.21 5.15
N ARG D 360 -16.76 -40.30 4.18
CA ARG D 360 -17.93 -40.05 3.34
C ARG D 360 -17.62 -40.55 1.95
N LYS D 361 -18.54 -40.36 1.01
CA LYS D 361 -18.30 -40.85 -0.34
C LYS D 361 -18.61 -39.73 -1.31
N ILE D 362 -17.58 -39.23 -2.00
CA ILE D 362 -17.78 -38.14 -2.93
C ILE D 362 -17.82 -38.64 -4.38
N GLY D 363 -17.94 -39.94 -4.58
CA GLY D 363 -18.22 -40.45 -5.91
C GLY D 363 -17.50 -41.74 -6.18
N TYR D 364 -17.54 -42.15 -7.45
CA TYR D 364 -16.96 -43.40 -7.92
C TYR D 364 -16.22 -43.17 -9.23
N TRP D 365 -15.42 -44.17 -9.59
CA TRP D 365 -14.55 -44.12 -10.76
C TRP D 365 -14.80 -45.34 -11.62
N SER D 366 -14.54 -45.20 -12.92
CA SER D 366 -14.73 -46.32 -13.83
C SER D 366 -13.65 -46.29 -14.90
N GLU D 367 -13.77 -47.21 -15.85
CA GLU D 367 -12.90 -47.18 -17.02
C GLU D 367 -13.49 -46.28 -18.07
N VAL D 368 -14.81 -46.44 -18.30
CA VAL D 368 -15.51 -45.73 -19.36
C VAL D 368 -15.56 -44.24 -19.05
N ASP D 369 -15.75 -43.91 -17.78
CA ASP D 369 -15.77 -42.52 -17.35
C ASP D 369 -14.79 -42.36 -16.20
N LYS D 370 -14.36 -41.12 -15.98
CA LYS D 370 -13.44 -40.79 -14.90
C LYS D 370 -14.16 -40.71 -13.56
N MET D 371 -13.54 -40.01 -12.62
CA MET D 371 -14.14 -39.72 -11.32
C MET D 371 -15.51 -39.07 -11.51
N VAL D 372 -16.54 -39.82 -11.16
CA VAL D 372 -17.92 -39.34 -11.23
C VAL D 372 -18.26 -38.74 -9.88
N LEU D 373 -18.25 -37.41 -9.79
CA LEU D 373 -18.38 -36.71 -8.52
C LEU D 373 -19.82 -36.74 -7.99
N THR D 374 -20.20 -37.92 -7.49
CA THR D 374 -21.54 -38.16 -7.00
C THR D 374 -21.74 -37.50 -5.64
N GLU D 375 -22.17 -36.24 -5.64
CA GLU D 375 -22.46 -35.54 -4.41
C GLU D 375 -23.92 -35.76 -4.00
N ASP D 376 -24.24 -35.30 -2.79
CA ASP D 376 -25.57 -35.33 -2.18
C ASP D 376 -26.16 -36.74 -2.11
N THR D 385 -27.57 -21.29 -7.25
CA THR D 385 -27.80 -20.90 -5.86
C THR D 385 -28.53 -19.57 -5.77
N VAL D 386 -27.78 -18.48 -5.81
CA VAL D 386 -28.34 -17.15 -5.83
C VAL D 386 -28.48 -16.72 -7.28
N VAL D 387 -29.44 -15.83 -7.54
CA VAL D 387 -29.64 -15.22 -8.85
C VAL D 387 -29.52 -13.73 -8.68
N VAL D 388 -28.52 -13.12 -9.33
CA VAL D 388 -28.24 -11.70 -9.19
C VAL D 388 -29.09 -10.96 -10.21
N THR D 389 -30.02 -10.14 -9.72
CA THR D 389 -30.68 -9.17 -10.57
C THR D 389 -29.97 -7.82 -10.40
N THR D 390 -29.59 -7.22 -11.51
CA THR D 390 -28.85 -5.98 -11.53
C THR D 390 -29.05 -5.32 -12.88
N ILE D 391 -28.32 -4.23 -13.12
CA ILE D 391 -28.35 -3.53 -14.40
C ILE D 391 -26.94 -3.05 -14.68
N LEU D 392 -26.60 -2.97 -15.97
CA LEU D 392 -25.25 -2.60 -16.37
C LEU D 392 -25.12 -1.07 -16.37
N GLU D 393 -24.26 -0.56 -15.50
CA GLU D 393 -23.99 0.87 -15.42
C GLU D 393 -22.49 1.04 -15.24
N SER D 394 -21.94 2.07 -15.85
CA SER D 394 -20.51 2.32 -15.72
C SER D 394 -20.22 3.09 -14.44
N PRO D 395 -19.22 2.69 -13.64
CA PRO D 395 -18.39 1.50 -13.82
C PRO D 395 -18.83 0.36 -12.91
N TYR D 396 -20.13 0.28 -12.62
CA TYR D 396 -20.64 -0.78 -11.76
C TYR D 396 -20.60 -2.13 -12.48
N VAL D 397 -21.38 -2.26 -13.55
CA VAL D 397 -21.41 -3.45 -14.38
C VAL D 397 -21.25 -3.00 -15.82
N MET D 398 -20.28 -3.57 -16.53
CA MET D 398 -19.94 -3.13 -17.87
C MET D 398 -19.84 -4.32 -18.80
N MET D 399 -20.32 -4.12 -20.02
CA MET D 399 -20.30 -5.14 -21.07
C MET D 399 -18.92 -5.15 -21.72
N LYS D 400 -18.25 -6.30 -21.68
CA LYS D 400 -16.88 -6.40 -22.14
C LYS D 400 -16.82 -6.38 -23.66
N LYS D 401 -15.71 -5.84 -24.18
CA LYS D 401 -15.36 -5.97 -25.58
C LYS D 401 -15.15 -7.42 -26.01
N ASN D 402 -14.87 -8.32 -25.07
CA ASN D 402 -14.81 -9.75 -25.33
C ASN D 402 -16.15 -10.41 -24.99
N HIS D 403 -17.20 -9.87 -25.60
CA HIS D 403 -18.55 -10.38 -25.39
C HIS D 403 -18.74 -11.75 -26.03
N GLU D 404 -18.54 -11.84 -27.34
CA GLU D 404 -18.59 -13.13 -28.01
C GLU D 404 -17.29 -13.91 -27.85
N MET D 405 -16.19 -13.23 -27.53
CA MET D 405 -14.92 -13.93 -27.36
C MET D 405 -14.86 -14.65 -26.02
N LEU D 406 -14.97 -13.90 -24.92
CA LEU D 406 -14.91 -14.48 -23.59
C LEU D 406 -16.31 -14.92 -23.18
N GLU D 407 -16.48 -16.22 -22.99
CA GLU D 407 -17.75 -16.78 -22.55
C GLU D 407 -17.71 -17.04 -21.05
N GLY D 408 -18.89 -17.31 -20.50
CA GLY D 408 -19.04 -17.54 -19.08
C GLY D 408 -19.59 -16.32 -18.36
N ASN D 409 -19.23 -16.22 -17.07
CA ASN D 409 -19.76 -15.18 -16.20
C ASN D 409 -18.75 -14.07 -15.93
N GLU D 410 -17.60 -14.08 -16.61
CA GLU D 410 -16.73 -12.92 -16.64
C GLU D 410 -17.01 -12.07 -17.89
N ARG D 411 -18.17 -12.29 -18.52
CA ARG D 411 -18.59 -11.47 -19.65
C ARG D 411 -19.05 -10.09 -19.24
N TYR D 412 -19.25 -9.86 -17.94
CA TYR D 412 -19.47 -8.54 -17.40
C TYR D 412 -18.46 -8.25 -16.30
N GLU D 413 -18.02 -7.00 -16.23
CA GLU D 413 -17.00 -6.58 -15.28
C GLU D 413 -17.30 -5.16 -14.83
N GLY D 414 -16.66 -4.76 -13.75
CA GLY D 414 -16.88 -3.43 -13.19
C GLY D 414 -16.72 -3.46 -11.68
N TYR D 415 -16.95 -2.29 -11.08
CA TYR D 415 -16.81 -2.13 -9.64
C TYR D 415 -17.82 -2.98 -8.88
N CYS D 416 -19.09 -2.93 -9.30
CA CYS D 416 -20.10 -3.78 -8.69
C CYS D 416 -19.83 -5.25 -8.93
N VAL D 417 -19.20 -5.58 -10.05
CA VAL D 417 -18.97 -6.98 -10.41
C VAL D 417 -17.89 -7.60 -9.53
N ASP D 418 -16.86 -6.82 -9.16
CA ASP D 418 -15.91 -7.28 -8.16
C ASP D 418 -16.58 -7.43 -6.80
N LEU D 419 -17.40 -6.45 -6.42
CA LEU D 419 -18.01 -6.47 -5.11
C LEU D 419 -19.11 -7.53 -5.01
N ALA D 420 -19.76 -7.84 -6.13
CA ALA D 420 -20.68 -8.99 -6.14
C ALA D 420 -19.92 -10.29 -5.98
N ALA D 421 -18.73 -10.39 -6.59
CA ALA D 421 -17.92 -11.60 -6.44
C ALA D 421 -17.26 -11.68 -5.08
N GLU D 422 -16.98 -10.52 -4.45
CA GLU D 422 -16.50 -10.52 -3.09
C GLU D 422 -17.58 -10.95 -2.12
N ILE D 423 -18.83 -10.58 -2.38
CA ILE D 423 -19.89 -10.79 -1.39
C ILE D 423 -20.49 -12.19 -1.53
N ALA D 424 -20.30 -12.85 -2.67
CA ALA D 424 -20.83 -14.20 -2.82
C ALA D 424 -19.91 -15.24 -2.22
N LYS D 425 -18.59 -15.05 -2.37
CA LYS D 425 -17.64 -16.07 -1.94
C LYS D 425 -17.29 -15.98 -0.47
N HIS D 426 -17.26 -14.78 0.12
CA HIS D 426 -17.06 -14.70 1.57
C HIS D 426 -18.27 -15.21 2.33
N CYS D 427 -19.46 -15.15 1.71
CA CYS D 427 -20.64 -15.78 2.28
C CYS D 427 -20.71 -17.26 1.94
N GLY D 428 -20.31 -17.64 0.72
CA GLY D 428 -20.25 -19.03 0.31
C GLY D 428 -20.87 -19.30 -1.04
N PHE D 429 -21.73 -18.40 -1.52
CA PHE D 429 -22.46 -18.65 -2.75
C PHE D 429 -21.58 -18.46 -3.98
N LYS D 430 -22.17 -18.74 -5.14
CA LYS D 430 -21.62 -18.31 -6.42
C LYS D 430 -22.70 -17.54 -7.16
N TYR D 431 -22.29 -16.46 -7.80
CA TYR D 431 -23.20 -15.47 -8.36
C TYR D 431 -23.80 -15.95 -9.68
N LYS D 432 -24.95 -15.40 -10.03
CA LYS D 432 -25.57 -15.60 -11.33
C LYS D 432 -26.12 -14.25 -11.77
N LEU D 433 -25.29 -13.44 -12.43
CA LEU D 433 -25.75 -12.15 -12.91
C LEU D 433 -26.62 -12.29 -14.15
N THR D 434 -27.84 -11.78 -14.05
CA THR D 434 -28.74 -11.70 -15.19
C THR D 434 -29.43 -10.36 -15.13
N ILE D 435 -29.23 -9.55 -16.16
CA ILE D 435 -29.67 -8.15 -16.17
C ILE D 435 -30.99 -8.07 -16.91
N VAL D 436 -32.02 -7.59 -16.23
CA VAL D 436 -33.26 -7.22 -16.91
C VAL D 436 -33.06 -5.86 -17.56
N GLY D 437 -33.06 -5.83 -18.88
CA GLY D 437 -32.75 -4.63 -19.62
C GLY D 437 -33.90 -3.69 -19.88
N ASP D 438 -34.84 -3.61 -18.93
CA ASP D 438 -35.94 -2.65 -19.07
C ASP D 438 -35.49 -1.22 -18.78
N GLY D 439 -34.39 -1.05 -18.05
CA GLY D 439 -33.81 0.25 -17.82
C GLY D 439 -34.31 0.97 -16.58
N LYS D 440 -35.49 0.62 -16.08
CA LYS D 440 -36.08 1.30 -14.94
C LYS D 440 -35.47 0.77 -13.65
N TYR D 441 -35.07 1.69 -12.76
CA TYR D 441 -34.51 1.29 -11.48
C TYR D 441 -35.57 0.67 -10.58
N GLY D 442 -36.81 1.11 -10.73
CA GLY D 442 -37.91 0.44 -10.06
C GLY D 442 -38.32 1.03 -8.75
N ALA D 443 -39.61 1.29 -8.61
CA ALA D 443 -40.21 1.77 -7.36
C ALA D 443 -41.66 1.31 -7.33
N ARG D 444 -42.30 1.53 -6.19
CA ARG D 444 -43.72 1.19 -6.06
C ARG D 444 -44.54 2.23 -6.81
N ASP D 445 -45.15 1.82 -7.91
CA ASP D 445 -45.78 2.74 -8.85
C ASP D 445 -47.03 3.38 -8.25
N ALA D 446 -47.42 4.50 -8.85
CA ALA D 446 -48.69 5.12 -8.51
C ALA D 446 -49.83 4.33 -9.14
N ASP D 447 -50.91 4.16 -8.38
CA ASP D 447 -52.23 3.70 -8.81
C ASP D 447 -52.26 2.21 -9.14
N THR D 448 -51.09 1.57 -9.23
CA THR D 448 -51.01 0.14 -9.48
C THR D 448 -50.04 -0.58 -8.55
N LYS D 449 -48.98 0.11 -8.09
CA LYS D 449 -48.02 -0.38 -7.08
C LYS D 449 -47.30 -1.64 -7.56
N ILE D 450 -46.68 -1.55 -8.71
CA ILE D 450 -45.86 -2.61 -9.28
C ILE D 450 -44.40 -2.20 -9.21
N TRP D 451 -43.59 -3.05 -8.59
CA TRP D 451 -42.14 -2.86 -8.58
C TRP D 451 -41.62 -3.17 -9.98
N ASN D 452 -40.92 -2.21 -10.58
CA ASN D 452 -40.73 -2.21 -12.03
C ASN D 452 -39.53 -3.03 -12.46
N GLY D 453 -38.34 -2.66 -12.02
CA GLY D 453 -37.13 -3.16 -12.63
C GLY D 453 -36.40 -4.22 -11.83
N MET D 454 -35.33 -3.80 -11.16
CA MET D 454 -34.55 -4.73 -10.34
C MET D 454 -35.34 -5.18 -9.12
N VAL D 455 -36.20 -4.30 -8.59
CA VAL D 455 -37.08 -4.70 -7.50
C VAL D 455 -38.24 -5.55 -8.01
N GLY D 456 -38.52 -5.49 -9.31
CA GLY D 456 -39.52 -6.38 -9.89
C GLY D 456 -39.07 -7.83 -9.88
N GLU D 457 -37.76 -8.05 -9.98
CA GLU D 457 -37.22 -9.40 -9.82
C GLU D 457 -37.09 -9.78 -8.36
N LEU D 458 -36.87 -8.80 -7.49
CA LEU D 458 -36.45 -9.09 -6.12
C LEU D 458 -37.64 -9.23 -5.18
N VAL D 459 -38.61 -8.31 -5.26
CA VAL D 459 -39.77 -8.36 -4.39
C VAL D 459 -40.69 -9.52 -4.80
N TYR D 460 -40.86 -9.71 -6.10
CA TYR D 460 -41.69 -10.79 -6.63
C TYR D 460 -41.02 -12.15 -6.60
N GLY D 461 -39.79 -12.24 -6.09
CA GLY D 461 -39.14 -13.51 -5.85
C GLY D 461 -38.54 -14.18 -7.06
N LYS D 462 -38.39 -13.48 -8.18
CA LYS D 462 -37.75 -14.06 -9.34
C LYS D 462 -36.23 -14.01 -9.28
N ALA D 463 -35.67 -13.36 -8.25
CA ALA D 463 -34.24 -13.43 -7.98
C ALA D 463 -34.04 -13.41 -6.47
N ASP D 464 -32.83 -13.78 -6.05
CA ASP D 464 -32.52 -13.89 -4.63
C ASP D 464 -31.69 -12.71 -4.15
N ILE D 465 -30.54 -12.44 -4.74
CA ILE D 465 -29.67 -11.36 -4.32
C ILE D 465 -29.67 -10.30 -5.42
N ALA D 466 -29.45 -9.05 -5.04
CA ALA D 466 -29.39 -7.93 -5.98
C ALA D 466 -28.22 -7.04 -5.56
N ILE D 467 -27.07 -7.24 -6.20
CA ILE D 467 -25.91 -6.38 -6.00
C ILE D 467 -26.00 -5.29 -7.07
N ALA D 468 -26.32 -4.07 -6.65
CA ALA D 468 -26.61 -3.00 -7.59
C ALA D 468 -26.48 -1.67 -6.87
N PRO D 469 -26.23 -0.57 -7.59
CA PRO D 469 -26.33 0.75 -6.96
C PRO D 469 -27.78 1.16 -6.74
N LEU D 470 -28.38 0.60 -5.69
CA LEU D 470 -29.80 0.78 -5.42
C LEU D 470 -29.96 1.57 -4.12
N THR D 471 -30.97 2.42 -4.09
CA THR D 471 -31.19 3.32 -2.96
C THR D 471 -32.16 2.72 -1.95
N ILE D 472 -31.72 2.65 -0.70
CA ILE D 472 -32.56 2.24 0.42
C ILE D 472 -33.43 3.43 0.82
N THR D 473 -34.75 3.30 0.61
CA THR D 473 -35.69 4.35 0.96
C THR D 473 -36.71 3.71 1.91
N LEU D 474 -37.64 4.51 2.43
CA LEU D 474 -38.59 4.02 3.43
C LEU D 474 -39.55 2.99 2.83
N VAL D 475 -40.14 3.29 1.67
CA VAL D 475 -41.02 2.32 1.02
C VAL D 475 -40.23 1.19 0.38
N ARG D 476 -38.92 1.38 0.16
CA ARG D 476 -38.06 0.29 -0.24
C ARG D 476 -37.78 -0.65 0.92
N GLU D 477 -37.64 -0.09 2.13
CA GLU D 477 -37.25 -0.88 3.30
C GLU D 477 -38.37 -1.82 3.74
N GLU D 478 -39.62 -1.42 3.51
CA GLU D 478 -40.76 -2.17 4.02
C GLU D 478 -40.94 -3.50 3.31
N VAL D 479 -40.75 -3.53 1.99
CA VAL D 479 -41.10 -4.72 1.23
C VAL D 479 -40.02 -5.79 1.33
N ILE D 480 -38.75 -5.40 1.31
CA ILE D 480 -37.64 -6.35 1.28
C ILE D 480 -36.49 -5.79 2.10
N ASP D 481 -35.68 -6.70 2.64
CA ASP D 481 -34.57 -6.35 3.51
C ASP D 481 -33.43 -5.77 2.67
N PHE D 482 -32.53 -5.05 3.34
CA PHE D 482 -31.36 -4.50 2.68
C PHE D 482 -30.10 -4.83 3.44
N SER D 483 -28.96 -4.52 2.82
CA SER D 483 -27.68 -4.61 3.47
C SER D 483 -27.27 -3.22 3.98
N LYS D 484 -26.04 -3.11 4.40
CA LYS D 484 -25.44 -1.85 4.77
C LYS D 484 -25.11 -1.05 3.49
N PRO D 485 -25.02 0.28 3.58
CA PRO D 485 -24.66 1.06 2.40
C PRO D 485 -23.22 0.83 1.98
N PHE D 486 -23.02 0.70 0.66
CA PHE D 486 -21.67 0.63 0.10
C PHE D 486 -20.88 1.89 0.40
N MET D 487 -21.39 3.02 -0.08
CA MET D 487 -20.74 4.30 0.09
C MET D 487 -21.80 5.34 0.42
N SER D 488 -21.34 6.49 0.91
CA SER D 488 -22.20 7.61 1.24
C SER D 488 -22.20 8.58 0.06
N LEU D 489 -23.39 9.03 -0.33
CA LEU D 489 -23.52 9.78 -1.57
C LEU D 489 -24.59 10.85 -1.39
N GLY D 490 -24.96 11.50 -2.49
CA GLY D 490 -26.03 12.49 -2.46
C GLY D 490 -26.49 12.82 -3.86
N ILE D 491 -27.51 13.68 -3.91
CA ILE D 491 -27.99 14.14 -5.20
C ILE D 491 -27.09 15.25 -5.70
N SER D 492 -26.61 15.13 -6.93
CA SER D 492 -25.61 16.02 -7.50
C SER D 492 -26.08 16.58 -8.84
N ILE D 493 -25.73 17.83 -9.09
CA ILE D 493 -26.13 18.53 -10.31
C ILE D 493 -25.07 18.32 -11.38
N MET D 494 -25.51 18.00 -12.60
CA MET D 494 -24.62 17.76 -13.72
C MET D 494 -24.95 18.73 -14.85
N ILE D 495 -23.98 19.56 -15.22
CA ILE D 495 -24.15 20.54 -16.30
C ILE D 495 -23.00 20.41 -17.28
N LYS D 496 -23.13 21.16 -18.36
CA LYS D 496 -22.05 21.31 -19.34
C LYS D 496 -20.85 21.96 -18.66
N LYS D 497 -19.66 21.50 -19.02
CA LYS D 497 -18.45 22.21 -18.62
C LYS D 497 -18.45 23.57 -19.32
N PRO D 498 -18.39 24.68 -18.58
CA PRO D 498 -18.51 26.00 -19.22
C PRO D 498 -17.27 26.33 -20.04
N GLN D 499 -17.52 26.82 -21.24
CA GLN D 499 -16.50 27.11 -22.21
C GLN D 499 -16.18 28.60 -22.17
N LYS D 500 -15.39 29.06 -23.13
CA LYS D 500 -15.28 30.49 -23.35
C LYS D 500 -16.63 31.04 -23.79
N SER D 501 -17.13 32.01 -23.03
CA SER D 501 -18.45 32.58 -23.26
C SER D 501 -18.47 33.37 -24.56
N LYS D 502 -19.68 33.63 -25.04
CA LYS D 502 -19.86 34.51 -26.17
C LYS D 502 -19.47 35.93 -25.78
N PRO D 503 -18.54 36.58 -26.49
CA PRO D 503 -18.16 37.94 -26.13
C PRO D 503 -19.28 38.91 -26.41
N GLY D 504 -19.53 39.80 -25.45
CA GLY D 504 -20.54 40.81 -25.64
C GLY D 504 -20.12 41.86 -26.65
N VAL D 505 -21.10 42.65 -27.07
CA VAL D 505 -20.82 43.72 -28.03
C VAL D 505 -20.09 44.87 -27.36
N PHE D 506 -20.21 44.99 -26.04
CA PHE D 506 -19.45 45.97 -25.28
C PHE D 506 -18.33 45.34 -24.47
N SER D 507 -17.71 44.28 -24.99
CA SER D 507 -16.69 43.56 -24.24
C SER D 507 -15.34 44.28 -24.21
N PHE D 508 -15.19 45.37 -24.96
CA PHE D 508 -13.90 46.06 -24.95
C PHE D 508 -13.75 46.95 -23.72
N LEU D 509 -14.84 47.48 -23.20
CA LEU D 509 -14.81 48.30 -22.00
C LEU D 509 -14.86 47.47 -20.73
N ASP D 510 -14.73 46.15 -20.86
CA ASP D 510 -14.67 45.26 -19.70
C ASP D 510 -13.56 45.55 -18.67
N PRO D 511 -12.29 45.84 -19.04
CA PRO D 511 -11.26 45.94 -17.98
C PRO D 511 -11.38 47.16 -17.08
N LEU D 512 -12.24 48.11 -17.38
CA LEU D 512 -12.49 49.23 -16.49
C LEU D 512 -13.95 49.22 -16.09
N ALA D 513 -14.19 49.31 -14.78
CA ALA D 513 -15.54 49.15 -14.24
C ALA D 513 -16.39 50.35 -14.57
N TYR D 514 -17.70 50.20 -14.33
CA TYR D 514 -18.69 51.18 -14.76
C TYR D 514 -18.48 52.53 -14.09
N GLU D 515 -18.06 52.53 -12.82
CA GLU D 515 -17.93 53.80 -12.12
C GLU D 515 -16.71 54.58 -12.58
N ILE D 516 -15.73 53.92 -13.17
CA ILE D 516 -14.58 54.65 -13.68
C ILE D 516 -14.94 55.39 -14.96
N TRP D 517 -15.64 54.71 -15.88
CA TRP D 517 -16.00 55.30 -17.17
C TRP D 517 -16.90 56.52 -17.00
N MET D 518 -17.70 56.55 -15.94
CA MET D 518 -18.42 57.78 -15.62
C MET D 518 -17.47 58.84 -15.09
N CYS D 519 -16.56 58.44 -14.19
CA CYS D 519 -15.67 59.42 -13.57
C CYS D 519 -14.61 59.92 -14.52
N ILE D 520 -14.37 59.24 -15.64
CA ILE D 520 -13.50 59.79 -16.67
C ILE D 520 -14.20 60.93 -17.39
N VAL D 521 -15.42 60.67 -17.86
CA VAL D 521 -16.16 61.63 -18.67
C VAL D 521 -16.57 62.83 -17.84
N PHE D 522 -16.93 62.60 -16.58
CA PHE D 522 -17.26 63.70 -15.68
C PHE D 522 -16.04 64.55 -15.38
N ALA D 523 -14.85 63.94 -15.35
CA ALA D 523 -13.63 64.70 -15.26
C ALA D 523 -13.15 65.21 -16.61
N TYR D 524 -13.59 64.57 -17.70
CA TYR D 524 -13.34 65.12 -19.02
C TYR D 524 -14.06 66.45 -19.19
N ILE D 525 -15.28 66.54 -18.70
CA ILE D 525 -16.01 67.80 -18.73
C ILE D 525 -15.41 68.79 -17.75
N GLY D 526 -15.11 68.33 -16.53
CA GLY D 526 -14.74 69.24 -15.46
C GLY D 526 -13.39 69.92 -15.71
N VAL D 527 -12.44 69.17 -16.27
CA VAL D 527 -11.18 69.80 -16.65
C VAL D 527 -11.39 70.74 -17.83
N SER D 528 -12.26 70.35 -18.77
CA SER D 528 -12.52 71.19 -19.94
C SER D 528 -13.24 72.48 -19.55
N VAL D 529 -14.08 72.44 -18.53
CA VAL D 529 -14.76 73.66 -18.08
C VAL D 529 -13.75 74.60 -17.42
N VAL D 530 -12.91 74.08 -16.53
CA VAL D 530 -11.98 74.92 -15.78
C VAL D 530 -10.91 75.48 -16.70
N LEU D 531 -10.47 74.69 -17.69
CA LEU D 531 -9.52 75.17 -18.68
C LEU D 531 -10.09 76.32 -19.50
N PHE D 532 -11.40 76.31 -19.73
CA PHE D 532 -12.04 77.45 -20.38
C PHE D 532 -11.99 78.69 -19.48
N LEU D 533 -12.34 78.54 -18.20
CA LEU D 533 -12.46 79.70 -17.32
C LEU D 533 -11.10 80.27 -16.93
N VAL D 534 -10.03 79.48 -17.07
CA VAL D 534 -8.70 80.00 -16.79
C VAL D 534 -8.29 81.03 -17.84
N SER D 535 -8.53 80.71 -19.11
CA SER D 535 -8.06 81.57 -20.19
C SER D 535 -8.88 82.83 -20.37
N ARG D 536 -10.03 82.95 -19.69
CA ARG D 536 -10.81 84.18 -19.77
C ARG D 536 -10.12 85.32 -19.05
N PHE D 537 -9.66 85.09 -17.83
CA PHE D 537 -9.14 86.17 -17.00
C PHE D 537 -7.76 86.64 -17.45
N SER D 538 -7.03 85.83 -18.22
CA SER D 538 -5.64 86.13 -18.49
C SER D 538 -5.43 86.49 -19.96
N PRO D 539 -5.09 87.74 -20.27
CA PRO D 539 -4.65 88.05 -21.65
C PRO D 539 -3.28 87.50 -21.96
N TYR D 540 -2.32 87.66 -21.05
CA TYR D 540 -0.94 87.23 -21.28
C TYR D 540 -0.69 85.82 -20.78
N SER D 558 -4.00 89.37 -27.50
CA SER D 558 -5.43 89.63 -27.69
C SER D 558 -6.09 88.47 -28.42
N THR D 559 -5.50 87.28 -28.30
CA THR D 559 -5.98 86.08 -28.98
C THR D 559 -6.27 85.02 -27.93
N ASN D 560 -7.52 84.95 -27.49
CA ASN D 560 -7.96 83.93 -26.55
C ASN D 560 -8.58 82.81 -27.37
N GLU D 561 -7.74 81.87 -27.83
CA GLU D 561 -8.16 80.77 -28.68
C GLU D 561 -8.86 79.66 -27.91
N PHE D 562 -8.95 79.77 -26.60
CA PHE D 562 -9.60 78.77 -25.77
C PHE D 562 -11.07 79.17 -25.65
N GLY D 563 -11.88 78.65 -26.56
CA GLY D 563 -13.32 78.73 -26.40
C GLY D 563 -13.84 77.55 -25.60
N ILE D 564 -15.16 77.54 -25.41
CA ILE D 564 -15.81 76.40 -24.79
C ILE D 564 -15.82 75.22 -25.75
N PHE D 565 -15.61 75.48 -27.04
CA PHE D 565 -15.62 74.44 -28.04
C PHE D 565 -14.20 73.97 -28.36
N ASN D 566 -13.20 74.78 -28.03
CA ASN D 566 -11.82 74.33 -28.16
C ASN D 566 -11.31 73.63 -26.91
N SER D 567 -11.83 73.98 -25.73
CA SER D 567 -11.38 73.35 -24.50
C SER D 567 -11.77 71.89 -24.42
N LEU D 568 -12.85 71.51 -25.10
CA LEU D 568 -13.15 70.10 -25.27
C LEU D 568 -12.11 69.43 -26.15
N TRP D 569 -11.65 70.15 -27.17
CA TRP D 569 -10.84 69.54 -28.23
C TRP D 569 -9.39 69.39 -27.81
N PHE D 570 -8.88 70.33 -27.01
CA PHE D 570 -7.57 70.11 -26.41
C PHE D 570 -7.59 68.95 -25.43
N SER D 571 -8.65 68.85 -24.64
CA SER D 571 -8.74 67.81 -23.63
C SER D 571 -8.98 66.44 -24.24
N LEU D 572 -9.61 66.38 -25.42
CA LEU D 572 -9.99 65.10 -26.00
C LEU D 572 -8.80 64.36 -26.57
N GLY D 573 -8.02 65.03 -27.43
CA GLY D 573 -6.84 64.39 -28.00
C GLY D 573 -5.76 64.14 -26.97
N ALA D 574 -5.76 64.92 -25.90
CA ALA D 574 -4.94 64.59 -24.75
C ALA D 574 -5.39 63.30 -24.08
N PHE D 575 -6.68 62.98 -24.16
CA PHE D 575 -7.12 61.68 -23.65
C PHE D 575 -6.86 60.58 -24.67
N MET D 576 -6.85 60.91 -25.94
CA MET D 576 -6.69 59.93 -27.00
C MET D 576 -5.26 59.82 -27.49
N GLN D 577 -4.29 60.29 -26.69
CA GLN D 577 -2.85 60.27 -26.97
C GLN D 577 -2.47 61.06 -28.22
N GLN D 578 -3.28 62.04 -28.61
CA GLN D 578 -3.06 62.73 -29.86
C GLN D 578 -2.42 64.09 -29.62
N GLY D 579 -1.64 64.54 -30.60
CA GLY D 579 -0.96 65.81 -30.50
C GLY D 579 -1.91 66.94 -30.88
N CYS D 580 -1.98 67.94 -30.01
CA CYS D 580 -2.86 69.07 -30.23
C CYS D 580 -2.08 70.27 -30.75
N ASP D 581 -2.73 71.03 -31.64
CA ASP D 581 -2.14 72.27 -32.11
C ASP D 581 -2.24 73.37 -31.07
N ILE D 582 -3.22 73.29 -30.19
CA ILE D 582 -3.45 74.33 -29.20
C ILE D 582 -2.66 74.01 -27.93
N SER D 583 -1.93 75.01 -27.43
CA SER D 583 -1.17 74.82 -26.21
C SER D 583 -1.51 75.96 -25.26
N PRO D 584 -1.60 75.69 -23.96
CA PRO D 584 -1.78 76.76 -23.00
C PRO D 584 -0.53 77.62 -22.89
N ARG D 585 -0.74 78.92 -22.71
CA ARG D 585 0.34 79.90 -22.71
C ARG D 585 0.33 80.71 -21.43
N SER D 586 0.04 80.06 -20.30
CA SER D 586 0.04 80.73 -19.02
C SER D 586 0.33 79.71 -17.95
N LEU D 587 0.87 80.20 -16.83
CA LEU D 587 1.17 79.31 -15.71
C LEU D 587 -0.12 78.79 -15.10
N SER D 588 -1.18 79.60 -15.10
CA SER D 588 -2.48 79.11 -14.66
C SER D 588 -3.11 78.17 -15.68
N GLY D 589 -2.68 78.23 -16.94
CA GLY D 589 -3.25 77.35 -17.94
C GLY D 589 -2.53 76.03 -18.05
N ARG D 590 -1.20 76.06 -17.98
CA ARG D 590 -0.41 74.86 -18.24
C ARG D 590 -0.46 73.86 -17.09
N ILE D 591 -0.77 74.31 -15.88
CA ILE D 591 -0.99 73.39 -14.76
C ILE D 591 -2.24 72.55 -15.02
N VAL D 592 -3.23 73.11 -15.72
CA VAL D 592 -4.40 72.33 -16.10
C VAL D 592 -4.03 71.27 -17.12
N GLY D 593 -3.33 71.67 -18.18
CA GLY D 593 -2.92 70.71 -19.20
C GLY D 593 -1.85 69.74 -18.74
N GLY D 594 -1.07 70.12 -17.72
CA GLY D 594 -0.06 69.21 -17.21
C GLY D 594 -0.65 68.00 -16.50
N VAL D 595 -1.53 68.25 -15.52
CA VAL D 595 -2.07 67.14 -14.75
C VAL D 595 -3.12 66.37 -15.54
N TRP D 596 -3.67 66.98 -16.59
CA TRP D 596 -4.56 66.22 -17.46
C TRP D 596 -3.76 65.28 -18.35
N TRP D 597 -2.53 65.66 -18.67
CA TRP D 597 -1.66 64.76 -19.42
C TRP D 597 -1.22 63.59 -18.57
N PHE D 598 -0.83 63.84 -17.32
CA PHE D 598 -0.42 62.77 -16.42
C PHE D 598 -1.58 61.86 -16.05
N PHE D 599 -2.82 62.38 -16.10
CA PHE D 599 -3.99 61.55 -15.86
C PHE D 599 -4.12 60.47 -16.92
N THR D 600 -4.08 60.86 -18.19
CA THR D 600 -4.38 59.93 -19.26
C THR D 600 -3.22 58.96 -19.49
N LEU D 601 -2.02 59.35 -19.06
CA LEU D 601 -0.88 58.46 -19.11
C LEU D 601 -1.07 57.24 -18.22
N ILE D 602 -1.71 57.42 -17.08
CA ILE D 602 -1.95 56.30 -16.18
C ILE D 602 -3.09 55.44 -16.71
N ILE D 603 -4.14 56.07 -17.23
CA ILE D 603 -5.38 55.37 -17.53
C ILE D 603 -5.22 54.45 -18.72
N ILE D 604 -4.58 54.93 -19.78
CA ILE D 604 -4.39 54.12 -20.97
C ILE D 604 -3.45 52.96 -20.67
N SER D 605 -2.44 53.20 -19.85
CA SER D 605 -1.60 52.10 -19.38
C SER D 605 -2.37 51.17 -18.46
N SER D 606 -3.33 51.70 -17.71
CA SER D 606 -4.17 50.85 -16.87
C SER D 606 -5.08 49.98 -17.74
N TYR D 607 -5.60 50.55 -18.83
CA TYR D 607 -6.47 49.78 -19.71
C TYR D 607 -5.69 48.72 -20.47
N THR D 608 -4.45 49.02 -20.83
CA THR D 608 -3.65 48.05 -21.55
C THR D 608 -3.21 46.91 -20.64
N ALA D 609 -2.92 47.24 -19.38
CA ALA D 609 -2.40 46.24 -18.44
C ALA D 609 -3.46 45.20 -18.10
N ASN D 610 -4.66 45.67 -17.77
CA ASN D 610 -5.70 44.76 -17.31
C ASN D 610 -6.21 43.88 -18.44
N LEU D 611 -6.26 44.42 -19.66
CA LEU D 611 -6.80 43.64 -20.77
C LEU D 611 -5.84 42.53 -21.16
N ALA D 612 -4.55 42.73 -20.92
CA ALA D 612 -3.60 41.65 -21.03
C ALA D 612 -3.88 40.58 -19.98
N ALA D 613 -4.21 41.01 -18.76
CA ALA D 613 -4.42 40.06 -17.68
C ALA D 613 -5.69 39.24 -17.89
N PHE D 614 -6.68 39.81 -18.58
CA PHE D 614 -7.81 39.00 -19.00
C PHE D 614 -7.39 37.95 -20.02
N LEU D 615 -6.56 38.34 -20.98
CA LEU D 615 -6.25 37.42 -22.06
C LEU D 615 -5.17 36.43 -21.66
N THR D 616 -4.28 36.82 -20.75
CA THR D 616 -3.27 35.89 -20.27
C THR D 616 -3.90 34.83 -19.38
N VAL D 617 -4.56 35.26 -18.32
CA VAL D 617 -5.21 34.34 -17.38
C VAL D 617 -6.70 34.34 -17.67
N GLU D 618 -7.20 33.21 -18.15
CA GLU D 618 -8.63 33.02 -18.34
C GLU D 618 -9.23 32.51 -17.04
N ARG D 619 -10.51 32.81 -16.84
CA ARG D 619 -11.23 32.35 -15.66
C ARG D 619 -12.70 32.23 -16.03
N MET D 620 -13.15 31.00 -16.27
CA MET D 620 -14.49 30.75 -16.76
C MET D 620 -15.45 30.64 -15.59
N VAL D 621 -16.53 31.42 -15.64
CA VAL D 621 -17.37 31.63 -14.47
C VAL D 621 -18.30 30.45 -14.27
N SER D 622 -18.71 30.24 -13.02
CA SER D 622 -19.67 29.21 -12.68
C SER D 622 -21.07 29.81 -12.70
N PRO D 623 -21.98 29.33 -13.55
CA PRO D 623 -23.34 29.91 -13.56
C PRO D 623 -24.14 29.56 -12.32
N ILE D 624 -24.03 28.32 -11.83
CA ILE D 624 -24.89 27.83 -10.75
C ILE D 624 -24.02 27.09 -9.74
N GLU D 625 -24.40 27.17 -8.47
CA GLU D 625 -23.54 26.69 -7.38
C GLU D 625 -24.37 26.49 -6.12
N SER D 626 -24.28 25.29 -5.54
CA SER D 626 -24.62 25.02 -4.12
C SER D 626 -26.10 25.21 -3.81
N ALA D 627 -26.94 25.14 -4.85
CA ALA D 627 -28.40 25.03 -4.80
C ALA D 627 -29.14 26.25 -4.25
N GLU D 628 -28.41 27.26 -3.78
CA GLU D 628 -29.03 28.57 -3.55
C GLU D 628 -29.14 29.35 -4.84
N ASP D 629 -28.13 29.23 -5.71
CA ASP D 629 -28.20 29.80 -7.05
C ASP D 629 -29.24 29.12 -7.91
N LEU D 630 -29.57 27.86 -7.62
CA LEU D 630 -30.57 27.17 -8.41
C LEU D 630 -31.96 27.75 -8.18
N SER D 631 -32.22 28.20 -6.96
CA SER D 631 -33.52 28.79 -6.64
C SER D 631 -33.71 30.16 -7.27
N LYS D 632 -32.67 30.98 -7.33
CA LYS D 632 -32.77 32.31 -7.91
C LYS D 632 -32.72 32.31 -9.42
N GLN D 633 -32.01 31.35 -10.02
CA GLN D 633 -31.95 31.27 -11.48
C GLN D 633 -33.22 30.63 -12.01
N THR D 634 -33.83 31.30 -12.99
CA THR D 634 -35.05 30.83 -13.65
C THR D 634 -34.84 30.91 -15.17
N GLU D 635 -33.62 30.58 -15.59
CA GLU D 635 -33.31 30.38 -17.00
C GLU D 635 -33.09 28.93 -17.33
N ILE D 636 -32.60 28.15 -16.39
CA ILE D 636 -32.22 26.76 -16.59
C ILE D 636 -33.43 25.87 -16.33
N ALA D 637 -33.37 24.65 -16.87
CA ALA D 637 -34.39 23.64 -16.64
C ALA D 637 -33.73 22.44 -15.97
N TYR D 638 -34.35 21.92 -14.93
CA TYR D 638 -33.73 20.85 -14.16
C TYR D 638 -34.07 19.51 -14.78
N GLY D 639 -33.29 18.49 -14.40
CA GLY D 639 -33.54 17.15 -14.89
C GLY D 639 -33.40 16.06 -13.86
N THR D 640 -34.36 15.16 -13.83
CA THR D 640 -34.43 14.07 -12.87
C THR D 640 -34.83 12.79 -13.61
N LEU D 641 -34.63 11.66 -12.95
CA LEU D 641 -34.93 10.37 -13.56
C LEU D 641 -36.17 9.75 -12.91
N ASP D 642 -37.15 9.40 -13.75
CA ASP D 642 -38.36 8.78 -13.24
C ASP D 642 -38.11 7.31 -12.91
N SER D 643 -39.04 6.74 -12.15
CA SER D 643 -38.92 5.40 -11.54
C SER D 643 -37.63 5.26 -10.74
N GLY D 644 -37.28 6.33 -10.01
CA GLY D 644 -36.05 6.36 -9.26
C GLY D 644 -36.25 7.10 -7.96
N SER D 645 -35.21 7.05 -7.13
CA SER D 645 -35.30 7.61 -5.79
C SER D 645 -35.30 9.14 -5.81
N THR D 646 -34.63 9.73 -6.81
CA THR D 646 -34.60 11.19 -6.94
C THR D 646 -35.96 11.76 -7.31
N LYS D 647 -36.82 10.94 -7.92
CA LYS D 647 -38.18 11.36 -8.22
C LYS D 647 -38.99 11.54 -6.94
N GLU D 648 -38.91 10.57 -6.03
CA GLU D 648 -39.76 10.59 -4.84
C GLU D 648 -39.23 11.54 -3.77
N PHE D 649 -37.91 11.74 -3.70
CA PHE D 649 -37.35 12.60 -2.66
C PHE D 649 -37.72 14.06 -2.89
N PHE D 650 -37.78 14.50 -4.14
CA PHE D 650 -38.29 15.83 -4.39
C PHE D 650 -39.80 15.89 -4.36
N ARG D 651 -40.47 14.73 -4.41
CA ARG D 651 -41.89 14.71 -4.04
C ARG D 651 -42.05 14.76 -2.53
N ARG D 652 -40.98 14.42 -1.79
CA ARG D 652 -40.87 14.61 -0.35
C ARG D 652 -40.24 15.97 -0.02
N SER D 653 -40.49 16.97 -0.85
CA SER D 653 -39.94 18.30 -0.61
C SER D 653 -40.60 18.94 0.60
N LYS D 654 -39.78 19.34 1.57
CA LYS D 654 -40.30 19.99 2.77
C LYS D 654 -39.53 21.29 3.04
N ILE D 655 -38.24 21.29 2.70
CA ILE D 655 -37.42 22.49 2.86
C ILE D 655 -37.82 23.50 1.79
N ALA D 656 -37.75 24.80 2.14
CA ALA D 656 -38.26 25.86 1.28
C ALA D 656 -37.47 25.98 -0.01
N VAL D 657 -36.19 25.63 0.01
CA VAL D 657 -35.44 25.58 -1.24
C VAL D 657 -35.86 24.36 -2.07
N PHE D 658 -36.28 23.28 -1.40
CA PHE D 658 -36.71 22.09 -2.12
C PHE D 658 -38.15 22.20 -2.60
N ASP D 659 -38.97 23.00 -1.91
CA ASP D 659 -40.34 23.20 -2.35
C ASP D 659 -40.41 24.02 -3.63
N LYS D 660 -39.43 24.90 -3.85
CA LYS D 660 -39.39 25.63 -5.10
C LYS D 660 -38.98 24.72 -6.26
N MET D 661 -38.29 23.62 -5.97
CA MET D 661 -37.89 22.69 -7.01
C MET D 661 -39.09 21.95 -7.56
N TRP D 662 -39.87 21.30 -6.67
CA TRP D 662 -40.92 20.39 -7.09
C TRP D 662 -42.08 21.12 -7.78
N THR D 663 -42.26 22.41 -7.47
CA THR D 663 -43.16 23.22 -8.28
C THR D 663 -42.64 23.35 -9.71
N TYR D 664 -41.36 23.69 -9.86
CA TYR D 664 -40.81 23.91 -11.20
C TYR D 664 -40.44 22.59 -11.86
N MET D 665 -40.22 21.51 -11.09
CA MET D 665 -39.96 20.22 -11.70
C MET D 665 -41.18 19.70 -12.44
N ARG D 666 -42.36 19.84 -11.84
CA ARG D 666 -43.58 19.44 -12.54
C ARG D 666 -43.95 20.45 -13.62
N SER D 667 -43.87 21.75 -13.30
CA SER D 667 -44.14 22.80 -14.27
C SER D 667 -42.87 23.02 -15.09
N ALA D 668 -42.63 22.11 -16.03
CA ALA D 668 -41.48 22.21 -16.91
C ALA D 668 -41.87 21.58 -18.25
N GLU D 669 -41.04 21.81 -19.26
CA GLU D 669 -41.37 21.39 -20.61
C GLU D 669 -40.11 21.25 -21.45
N PRO D 670 -39.91 20.11 -22.14
CA PRO D 670 -40.74 18.90 -22.03
C PRO D 670 -40.17 17.89 -21.05
N SER D 671 -38.91 18.09 -20.65
CA SER D 671 -38.19 17.11 -19.84
C SER D 671 -38.47 17.33 -18.36
N VAL D 672 -39.68 16.94 -17.96
CA VAL D 672 -39.94 16.73 -16.54
C VAL D 672 -39.08 15.59 -16.01
N PHE D 673 -38.94 14.54 -16.83
CA PHE D 673 -37.99 13.47 -16.55
C PHE D 673 -37.33 13.04 -17.86
N VAL D 674 -36.37 12.13 -17.74
CA VAL D 674 -35.86 11.33 -18.83
C VAL D 674 -35.95 9.87 -18.41
N ARG D 675 -35.46 8.96 -19.26
CA ARG D 675 -35.65 7.54 -19.01
C ARG D 675 -34.37 6.74 -18.81
N THR D 676 -33.20 7.36 -18.93
CA THR D 676 -31.94 6.69 -18.67
C THR D 676 -30.96 7.74 -18.14
N THR D 677 -30.02 7.32 -17.29
CA THR D 677 -28.92 8.19 -16.92
C THR D 677 -28.10 8.59 -18.15
N ALA D 678 -27.81 7.63 -19.03
CA ALA D 678 -27.07 7.92 -20.25
C ALA D 678 -27.88 8.80 -21.20
N GLU D 679 -29.21 8.72 -21.13
CA GLU D 679 -30.06 9.68 -21.80
C GLU D 679 -29.85 11.08 -21.25
N GLY D 680 -29.72 11.19 -19.92
CA GLY D 680 -29.47 12.48 -19.30
C GLY D 680 -28.07 13.01 -19.56
N VAL D 681 -27.13 12.11 -19.88
CA VAL D 681 -25.76 12.54 -20.19
C VAL D 681 -25.72 13.32 -21.49
N ALA D 682 -26.21 12.71 -22.57
CA ALA D 682 -26.17 13.36 -23.88
C ALA D 682 -27.14 14.53 -23.97
N ARG D 683 -28.19 14.54 -23.14
CA ARG D 683 -29.12 15.65 -23.14
C ARG D 683 -28.50 16.92 -22.59
N VAL D 684 -27.65 16.80 -21.57
CA VAL D 684 -26.86 17.92 -21.09
C VAL D 684 -25.89 18.40 -22.16
N ARG D 685 -25.27 17.44 -22.87
CA ARG D 685 -24.26 17.76 -23.87
C ARG D 685 -24.83 18.49 -25.08
N LYS D 686 -26.11 18.33 -25.35
CA LYS D 686 -26.78 19.11 -26.38
C LYS D 686 -27.52 20.32 -25.83
N SER D 687 -27.50 20.50 -24.51
CA SER D 687 -28.24 21.59 -23.89
C SER D 687 -27.41 22.87 -23.82
N LYS D 688 -26.11 22.72 -23.51
CA LYS D 688 -25.10 23.79 -23.57
C LYS D 688 -25.40 24.92 -22.59
N GLY D 689 -25.89 24.57 -21.40
CA GLY D 689 -26.11 25.53 -20.34
C GLY D 689 -27.56 25.93 -20.13
N LYS D 690 -28.49 25.38 -20.92
CA LYS D 690 -29.90 25.69 -20.76
C LYS D 690 -30.62 24.69 -19.88
N TYR D 691 -30.02 23.52 -19.65
CA TYR D 691 -30.67 22.41 -18.99
C TYR D 691 -29.67 21.67 -18.12
N ALA D 692 -30.13 21.27 -16.94
CA ALA D 692 -29.32 20.53 -15.98
C ALA D 692 -29.99 19.20 -15.69
N TYR D 693 -29.22 18.25 -15.17
CA TYR D 693 -29.70 16.91 -14.89
C TYR D 693 -29.16 16.45 -13.54
N LEU D 694 -30.03 16.45 -12.52
CA LEU D 694 -29.63 15.99 -11.20
C LEU D 694 -29.62 14.47 -11.16
N LEU D 695 -28.62 13.91 -10.49
CA LEU D 695 -28.46 12.45 -10.44
C LEU D 695 -27.58 12.08 -9.25
N GLU D 696 -27.19 10.80 -9.23
CA GLU D 696 -26.29 10.26 -8.22
C GLU D 696 -24.93 10.93 -8.31
N SER D 697 -24.27 11.07 -7.15
CA SER D 697 -23.04 11.85 -7.07
C SER D 697 -21.86 11.14 -7.73
N THR D 698 -21.57 9.91 -7.30
CA THR D 698 -20.45 9.19 -7.88
C THR D 698 -20.72 8.75 -9.31
N MET D 699 -21.99 8.65 -9.72
CA MET D 699 -22.29 8.50 -11.13
C MET D 699 -21.97 9.79 -11.89
N ASN D 700 -22.24 10.93 -11.27
CA ASN D 700 -21.85 12.21 -11.85
C ASN D 700 -20.34 12.39 -11.80
N GLU D 701 -19.68 11.81 -10.79
CA GLU D 701 -18.23 11.94 -10.69
C GLU D 701 -17.52 11.08 -11.73
N TYR D 702 -18.12 9.96 -12.14
CA TYR D 702 -17.45 9.07 -13.08
C TYR D 702 -17.40 9.68 -14.48
N ILE D 703 -18.47 10.38 -14.88
CA ILE D 703 -18.50 10.97 -16.21
C ILE D 703 -17.54 12.14 -16.30
N GLU D 704 -17.29 12.80 -15.17
CA GLU D 704 -16.33 13.91 -15.12
C GLU D 704 -14.89 13.46 -15.31
N GLN D 705 -14.57 12.24 -14.88
CA GLN D 705 -13.21 11.72 -15.06
C GLN D 705 -13.05 10.98 -16.38
N ARG D 706 -14.11 10.38 -16.89
CA ARG D 706 -14.13 9.85 -18.25
C ARG D 706 -13.95 11.00 -19.23
N LYS D 707 -13.39 10.70 -20.41
CA LYS D 707 -12.86 11.79 -21.22
C LYS D 707 -13.65 12.13 -22.50
N PRO D 708 -14.94 12.46 -22.38
CA PRO D 708 -15.47 13.57 -23.18
C PRO D 708 -15.29 14.90 -22.48
N CYS D 709 -15.17 14.91 -21.15
CA CYS D 709 -14.72 16.02 -20.31
C CYS D 709 -15.61 17.26 -20.37
N ASP D 710 -16.80 17.18 -20.95
CA ASP D 710 -17.68 18.33 -21.05
C ASP D 710 -18.73 18.36 -19.95
N THR D 711 -18.54 17.60 -18.89
CA THR D 711 -19.49 17.50 -17.79
C THR D 711 -18.86 18.02 -16.51
N MET D 712 -19.69 18.46 -15.58
CA MET D 712 -19.19 19.14 -14.39
C MET D 712 -20.10 18.90 -13.21
N LYS D 713 -19.52 18.38 -12.13
CA LYS D 713 -20.21 18.35 -10.84
C LYS D 713 -20.07 19.70 -10.15
N VAL D 714 -21.19 20.33 -9.86
CA VAL D 714 -21.22 21.65 -9.27
C VAL D 714 -21.85 21.59 -7.89
N GLY D 715 -21.46 22.51 -7.01
CA GLY D 715 -21.94 22.52 -5.65
C GLY D 715 -21.44 21.33 -4.85
N GLY D 716 -22.36 20.54 -4.29
CA GLY D 716 -22.03 19.34 -3.57
C GLY D 716 -23.21 18.40 -3.54
N ASN D 717 -23.18 17.49 -2.58
CA ASN D 717 -24.32 16.61 -2.34
C ASN D 717 -25.52 17.41 -1.87
N LEU D 718 -26.71 17.00 -2.32
CA LEU D 718 -27.94 17.61 -1.85
C LEU D 718 -28.79 16.65 -1.03
N ASP D 719 -28.29 15.46 -0.74
CA ASP D 719 -29.01 14.49 0.07
C ASP D 719 -27.99 13.51 0.64
N SER D 720 -28.47 12.47 1.31
CA SER D 720 -27.65 11.33 1.67
C SER D 720 -28.46 10.07 1.46
N LYS D 721 -27.93 9.17 0.62
CA LYS D 721 -28.60 7.92 0.30
C LYS D 721 -27.59 6.78 0.40
N GLY D 722 -28.10 5.55 0.35
CA GLY D 722 -27.24 4.41 0.59
C GLY D 722 -27.33 3.34 -0.48
N TYR D 723 -26.18 2.80 -0.86
CA TYR D 723 -26.11 1.71 -1.82
C TYR D 723 -26.01 0.40 -1.07
N GLY D 724 -27.16 -0.26 -0.87
CA GLY D 724 -27.20 -1.51 -0.15
C GLY D 724 -27.71 -2.63 -1.04
N ILE D 725 -27.26 -3.84 -0.72
CA ILE D 725 -27.68 -5.02 -1.46
C ILE D 725 -29.14 -5.32 -1.13
N ALA D 726 -29.98 -5.37 -2.17
CA ALA D 726 -31.37 -5.76 -1.98
C ALA D 726 -31.44 -7.27 -1.76
N THR D 727 -31.98 -7.65 -0.61
CA THR D 727 -32.12 -9.03 -0.17
C THR D 727 -33.61 -9.26 0.08
N PRO D 728 -34.08 -10.52 0.07
CA PRO D 728 -35.49 -10.74 0.39
C PRO D 728 -35.77 -10.45 1.86
N LYS D 729 -37.03 -10.14 2.16
CA LYS D 729 -37.41 -9.81 3.52
C LYS D 729 -37.37 -11.07 4.37
N GLY D 730 -36.44 -11.10 5.34
CA GLY D 730 -36.10 -12.35 5.98
C GLY D 730 -35.25 -13.17 5.03
N SER D 731 -34.06 -12.68 4.74
CA SER D 731 -33.25 -13.24 3.66
C SER D 731 -32.58 -14.53 4.07
N SER D 732 -32.38 -15.40 3.08
CA SER D 732 -31.57 -16.61 3.27
C SER D 732 -30.09 -16.30 3.30
N LEU D 733 -29.70 -15.08 2.90
CA LEU D 733 -28.30 -14.73 2.75
C LEU D 733 -27.94 -13.42 3.43
N GLY D 734 -28.91 -12.68 3.95
CA GLY D 734 -28.68 -11.27 4.30
C GLY D 734 -27.78 -11.10 5.51
N THR D 735 -28.05 -11.85 6.58
CA THR D 735 -27.24 -11.81 7.79
C THR D 735 -25.80 -12.29 7.57
N PRO D 736 -25.51 -13.31 6.73
CA PRO D 736 -24.11 -13.48 6.32
C PRO D 736 -23.59 -12.34 5.45
N VAL D 737 -24.43 -11.73 4.62
CA VAL D 737 -24.01 -10.61 3.79
C VAL D 737 -23.71 -9.38 4.66
N ASN D 738 -24.52 -9.15 5.70
CA ASN D 738 -24.46 -7.91 6.47
C ASN D 738 -23.12 -7.75 7.19
N LEU D 739 -22.54 -8.85 7.66
CA LEU D 739 -21.19 -8.74 8.20
C LEU D 739 -20.16 -8.70 7.09
N ALA D 740 -20.36 -9.49 6.03
CA ALA D 740 -19.41 -9.54 4.92
C ALA D 740 -19.40 -8.27 4.08
N VAL D 741 -20.49 -7.50 4.10
CA VAL D 741 -20.44 -6.12 3.65
C VAL D 741 -19.54 -5.31 4.58
N LEU D 742 -19.76 -5.44 5.89
CA LEU D 742 -18.98 -4.67 6.86
C LEU D 742 -17.55 -5.17 6.98
N LYS D 743 -17.31 -6.45 6.64
CA LYS D 743 -15.97 -7.02 6.81
C LYS D 743 -14.98 -6.40 5.83
N LEU D 744 -15.42 -6.15 4.60
CA LEU D 744 -14.54 -5.54 3.61
C LEU D 744 -14.41 -4.03 3.84
N SER D 745 -15.38 -3.43 4.54
CA SER D 745 -15.34 -1.98 4.74
C SER D 745 -14.52 -1.59 5.96
N GLU D 746 -14.54 -2.42 7.01
CA GLU D 746 -13.76 -2.13 8.21
C GLU D 746 -12.26 -2.27 7.97
N GLN D 747 -11.85 -3.01 6.95
CA GLN D 747 -10.45 -3.14 6.59
C GLN D 747 -10.13 -2.43 5.28
N GLY D 748 -11.13 -1.84 4.63
CA GLY D 748 -10.90 -0.98 3.48
C GLY D 748 -10.64 -1.68 2.17
N VAL D 749 -11.15 -2.90 1.99
CA VAL D 749 -11.08 -3.55 0.69
C VAL D 749 -12.01 -2.84 -0.30
N LEU D 750 -13.21 -2.49 0.16
CA LEU D 750 -14.17 -1.77 -0.68
C LEU D 750 -13.68 -0.37 -1.00
N ASP D 751 -13.02 0.28 -0.04
CA ASP D 751 -12.46 1.61 -0.29
C ASP D 751 -11.32 1.56 -1.29
N LYS D 752 -10.52 0.49 -1.26
CA LYS D 752 -9.49 0.31 -2.27
C LYS D 752 -10.10 0.00 -3.62
N LEU D 753 -11.22 -0.73 -3.65
CA LEU D 753 -11.95 -0.93 -4.89
C LEU D 753 -12.57 0.36 -5.38
N LYS D 754 -12.92 1.27 -4.45
CA LYS D 754 -13.30 2.62 -4.84
C LYS D 754 -12.09 3.37 -5.38
N ASN D 755 -10.92 3.15 -4.79
CA ASN D 755 -9.68 3.67 -5.36
C ASN D 755 -9.30 2.95 -6.64
N LYS D 756 -9.84 1.75 -6.87
CA LYS D 756 -9.48 1.00 -8.06
C LYS D 756 -10.22 1.53 -9.28
N TRP D 757 -11.55 1.52 -9.24
CA TRP D 757 -12.32 1.63 -10.46
C TRP D 757 -12.49 3.07 -10.94
N TRP D 758 -12.47 4.05 -10.04
CA TRP D 758 -12.62 5.41 -10.51
C TRP D 758 -11.28 6.07 -10.79
N TYR D 759 -10.17 5.42 -10.47
CA TYR D 759 -8.87 6.03 -10.73
C TYR D 759 -8.16 5.41 -11.91
N ASP D 760 -8.53 4.20 -12.30
CA ASP D 760 -7.87 3.51 -13.40
C ASP D 760 -8.40 3.90 -14.77
N LYS D 761 -9.56 4.57 -14.84
CA LYS D 761 -10.20 4.84 -16.13
C LYS D 761 -9.57 6.00 -16.89
N GLY D 762 -8.42 6.49 -16.47
CA GLY D 762 -7.91 7.72 -17.04
C GLY D 762 -8.56 8.92 -16.39
N GLU D 763 -7.81 10.01 -16.32
CA GLU D 763 -8.29 11.17 -15.59
C GLU D 763 -8.44 12.36 -16.52
N CYS D 764 -9.25 13.31 -16.06
CA CYS D 764 -9.48 14.57 -16.75
C CYS D 764 -9.45 15.62 -15.64
N GLY D 765 -8.26 16.10 -15.32
CA GLY D 765 -8.09 17.01 -14.20
C GLY D 765 -7.28 18.23 -14.57
N ALA D 766 -6.12 18.39 -13.94
CA ALA D 766 -5.19 19.44 -14.33
C ALA D 766 -4.28 19.02 -15.48
N LYS D 767 -4.42 17.79 -16.00
CA LYS D 767 -3.55 17.33 -17.06
C LYS D 767 -3.89 18.00 -18.39
N ASP D 768 -5.15 18.38 -18.58
CA ASP D 768 -5.52 19.14 -19.76
C ASP D 768 -5.78 20.61 -19.44
N SER D 769 -5.87 20.97 -18.16
CA SER D 769 -5.89 22.37 -17.78
C SER D 769 -4.49 22.94 -17.60
N GLY D 770 -3.46 22.08 -17.61
CA GLY D 770 -2.10 22.50 -17.37
C GLY D 770 -1.35 22.99 -18.60
N SER D 771 -1.27 22.16 -19.64
CA SER D 771 -0.50 22.54 -20.83
C SER D 771 -1.25 22.25 -22.13
N LYS D 772 -2.57 22.11 -22.09
CA LYS D 772 -3.36 21.97 -23.30
C LYS D 772 -4.11 23.27 -23.58
N GLU D 773 -3.46 24.40 -23.33
CA GLU D 773 -4.00 25.70 -23.69
C GLU D 773 -2.91 26.52 -24.38
N LYS D 774 -3.27 27.13 -25.50
CA LYS D 774 -2.54 28.23 -26.09
C LYS D 774 -3.57 29.30 -26.37
N THR D 775 -3.19 30.56 -26.21
CA THR D 775 -4.16 31.63 -26.39
C THR D 775 -4.36 31.93 -27.86
N SER D 776 -5.59 32.27 -28.20
CA SER D 776 -5.95 32.56 -29.58
C SER D 776 -5.64 34.00 -29.93
N ALA D 777 -5.73 34.30 -31.21
CA ALA D 777 -5.80 35.68 -31.65
C ALA D 777 -7.14 36.28 -31.24
N LEU D 778 -7.20 37.60 -31.22
CA LEU D 778 -8.48 38.26 -31.02
C LEU D 778 -9.39 38.03 -32.21
N SER D 779 -10.65 37.73 -31.92
CA SER D 779 -11.65 37.66 -32.96
C SER D 779 -12.12 39.07 -33.28
N LEU D 780 -12.90 39.20 -34.35
CA LEU D 780 -13.57 40.47 -34.60
C LEU D 780 -14.60 40.76 -33.52
N SER D 781 -15.25 39.72 -33.00
CA SER D 781 -16.35 39.90 -32.06
C SER D 781 -15.87 40.41 -30.71
N ASN D 782 -14.58 40.22 -30.40
CA ASN D 782 -14.03 40.80 -29.19
C ASN D 782 -13.95 42.32 -29.29
N VAL D 783 -13.77 42.84 -30.50
CA VAL D 783 -13.56 44.26 -30.72
C VAL D 783 -14.60 44.81 -31.68
N ALA D 784 -15.74 44.12 -31.77
CA ALA D 784 -16.74 44.49 -32.78
C ALA D 784 -17.43 45.80 -32.44
N GLY D 785 -17.73 46.03 -31.15
CA GLY D 785 -18.50 47.18 -30.74
C GLY D 785 -17.80 48.51 -30.93
N VAL D 786 -16.48 48.49 -31.09
CA VAL D 786 -15.75 49.70 -31.44
C VAL D 786 -16.14 50.16 -32.83
N PHE D 787 -16.36 49.22 -33.76
CA PHE D 787 -16.75 49.56 -35.11
C PHE D 787 -18.17 50.13 -35.16
N TYR D 788 -19.05 49.63 -34.30
CA TYR D 788 -20.41 50.17 -34.25
C TYR D 788 -20.41 51.60 -33.72
N ILE D 789 -19.53 51.90 -32.76
CA ILE D 789 -19.38 53.27 -32.31
C ILE D 789 -18.69 54.10 -33.39
N LEU D 790 -17.79 53.47 -34.15
CA LEU D 790 -17.09 54.19 -35.21
C LEU D 790 -18.02 54.53 -36.35
N VAL D 791 -18.66 53.52 -36.96
CA VAL D 791 -19.54 53.75 -38.09
C VAL D 791 -20.80 54.48 -37.64
N GLY D 792 -21.23 54.27 -36.40
CA GLY D 792 -22.28 55.09 -35.84
C GLY D 792 -21.83 56.53 -35.63
N GLY D 793 -20.56 56.73 -35.29
CA GLY D 793 -20.02 58.07 -35.25
C GLY D 793 -19.86 58.68 -36.63
N LEU D 794 -19.71 57.84 -37.65
CA LEU D 794 -19.67 58.34 -39.02
C LEU D 794 -21.01 58.91 -39.44
N GLY D 795 -22.10 58.24 -39.06
CA GLY D 795 -23.41 58.75 -39.40
C GLY D 795 -23.79 59.96 -38.59
N LEU D 796 -23.40 60.00 -37.31
CA LEU D 796 -23.75 61.13 -36.45
C LEU D 796 -22.98 62.38 -36.85
N ALA D 797 -21.81 62.22 -37.47
CA ALA D 797 -21.14 63.37 -38.06
C ALA D 797 -21.91 63.87 -39.28
N MET D 798 -22.56 62.96 -40.02
CA MET D 798 -23.28 63.36 -41.21
C MET D 798 -24.56 64.11 -40.88
N LEU D 799 -25.15 63.85 -39.72
CA LEU D 799 -26.41 64.52 -39.38
C LEU D 799 -26.16 65.95 -38.89
N VAL D 800 -25.07 66.16 -38.17
CA VAL D 800 -24.73 67.51 -37.72
C VAL D 800 -24.24 68.38 -38.87
N ALA D 801 -23.62 67.77 -39.88
CA ALA D 801 -23.25 68.53 -41.08
C ALA D 801 -24.48 69.00 -41.84
N LEU D 802 -25.56 68.24 -41.80
CA LEU D 802 -26.80 68.66 -42.45
C LEU D 802 -27.55 69.71 -41.63
N ILE D 803 -27.39 69.70 -40.31
CA ILE D 803 -28.09 70.72 -39.53
C ILE D 803 -27.28 72.01 -39.49
N GLU D 804 -26.01 71.97 -39.90
CA GLU D 804 -25.28 73.21 -40.15
C GLU D 804 -25.80 73.89 -41.41
N PHE D 805 -26.26 73.10 -42.38
CA PHE D 805 -26.82 73.61 -43.63
C PHE D 805 -28.08 74.44 -43.37
N CYS D 806 -28.83 74.11 -42.32
CA CYS D 806 -29.96 74.94 -41.91
C CYS D 806 -29.49 76.23 -41.27
N TYR D 807 -28.55 76.13 -40.31
CA TYR D 807 -28.08 77.33 -39.63
C TYR D 807 -27.08 78.13 -40.46
N LYS D 808 -26.65 77.64 -41.62
CA LYS D 808 -25.93 78.48 -42.55
C LYS D 808 -26.88 79.25 -43.45
N SER D 809 -27.95 78.60 -43.88
CA SER D 809 -28.91 79.21 -44.79
C SER D 809 -29.74 80.29 -44.11
C01 QUS E . -19.84 13.80 17.03
C02 QUS E . -19.67 15.26 16.35
C03 QUS E . -18.33 15.85 16.82
C04 QUS E . -16.68 16.65 15.08
C05 QUS E . -17.59 18.52 14.59
NP3 QUS E . -20.71 16.09 16.74
N14 QUS E . -17.78 16.82 15.81
N15 QUS E . -16.56 17.73 14.30
O16 QUS E . -20.96 13.34 17.22
O17 QUS E . -18.83 13.15 17.35
O18 QUS E . -15.81 15.53 15.12
O19 QUS E . -17.88 19.81 13.99
O20 QUS E . -18.32 17.97 15.49
C01 QUS F . 32.90 5.58 3.39
C02 QUS F . 32.30 6.74 2.43
C03 QUS F . 33.36 7.85 2.30
C04 QUS F . 32.94 10.12 1.25
C05 QUS F . 31.36 10.79 2.55
NP3 QUS F . 31.15 7.28 3.02
N14 QUS F . 32.67 9.19 2.17
N15 QUS F . 32.11 11.14 1.49
O16 QUS F . 32.77 5.65 4.62
O17 QUS F . 33.49 4.62 2.88
O18 QUS F . 33.92 10.05 0.23
O19 QUS F . 30.32 11.60 3.14
O20 QUS F . 31.71 9.62 2.94
C01 QUS G . 19.98 -5.36 -21.11
C02 QUS G . 19.98 -3.94 -21.90
C03 QUS G . 18.68 -3.85 -22.72
C04 QUS G . 17.12 -1.95 -22.12
C05 QUS G . 18.03 -0.40 -23.29
NP3 QUS G . 21.08 -3.88 -22.74
N14 QUS G . 18.18 -2.44 -22.78
N15 QUS G . 17.03 -0.65 -22.44
O16 QUS G . 21.05 -5.94 -20.89
O17 QUS G . 18.91 -5.85 -20.71
O18 QUS G . 16.28 -2.68 -21.26
O19 QUS G . 18.33 0.88 -23.90
O20 QUS G . 18.72 -1.48 -23.48
C01 QUS H . -32.56 2.61 -6.88
C02 QUS H . -31.84 4.00 -7.31
C03 QUS H . -32.84 4.83 -8.12
C04 QUS H . -32.28 7.03 -9.21
C05 QUS H . -30.72 6.38 -10.53
NP3 QUS H . -30.72 3.73 -8.09
N14 QUS H . -32.09 5.73 -9.07
N15 QUS H . -31.40 7.46 -10.14
O16 QUS H . -32.69 1.69 -7.72
O17 QUS H . -32.96 2.47 -5.72
O18 QUS H . -33.21 7.84 -8.50
O19 QUS H . -29.67 6.37 -11.53
O20 QUS H . -31.14 5.35 -9.88
#